data_4FQM
#
_entry.id   4FQM
#
_cell.length_a   138.690
_cell.length_b   242.540
_cell.length_c   135.550
_cell.angle_alpha   90.00
_cell.angle_beta   90.00
_cell.angle_gamma   90.00
#
_symmetry.space_group_name_H-M   'P 21 21 2'
#
loop_
_entity.id
_entity.type
_entity.pdbx_description
1 polymer 'Hemagglutinin HA1'
2 polymer 'Hemagglutinin HA2'
3 branched beta-D-mannopyranose-(1-4)-2-acetamido-2-deoxy-beta-D-glucopyranose-(1-4)-2-acetamido-2-deoxy-beta-D-glucopyranose
4 branched 2-acetamido-2-deoxy-beta-D-glucopyranose-(1-4)-2-acetamido-2-deoxy-beta-D-glucopyranose
5 non-polymer 2-acetamido-2-deoxy-beta-D-glucopyranose
#
loop_
_entity_poly.entity_id
_entity_poly.type
_entity_poly.pdbx_seq_one_letter_code
_entity_poly.pdbx_strand_id
1 'polypeptide(L)'
;DRICTGITSSNSPHVVKTATQGEVNVTGVIPLTTTPTKSHFANLKGTETRGKLCPKCLNCTDLDVALGRPKCTGKIPSAR
VSILHEVRPVTSGCFPIMHDRTKIRQLPNLLRGYEHIRLSTHNVINAENAPGGPYKIGTSGSCPNITNGNGFFATMAWAV
PKNDKNKTATNPLTIEVPYICTEGEDQITVWGFHSDNETQMAKLYGDSKPQKFTSSANGVTTHYVSQIGGFPNQTEDGGL
PQSGRIVVDYMVQKSGKTGTITYQRGILLPQKVWCASGRSKVIKGSLPLIGEADCLHEKYGGLNKSKPYYTGEHAKAIGN
CPIWVKTPLKLANGTKYRPPAKLLKER
;
A,C,E,G,I,K
2 'polypeptide(L)'
;GFFGAIAGFLEGGWEGMIAGWHGYTSHGAHGVAVAADLKSTQEAINKITKNLNSLSELEVKNLQRLSGAMDELHNEILEL
DEKVDDLRADTISSQIELAVLLSNEGIINSEDEHLLALERKLKKMLGPSAVEIGNGCFETKHKCNQTCLDRIAAGTFDAG
EFSLPTFDSLNITAASSGR
;
B,D,F,H,J,L
#
# COMPACT_ATOMS: atom_id res chain seq x y z
N ASP A 1 -58.76 -26.76 28.21
CA ASP A 1 -57.67 -25.77 28.24
C ASP A 1 -57.27 -25.39 26.82
N ARG A 2 -57.03 -24.10 26.62
CA ARG A 2 -56.70 -23.52 25.32
C ARG A 2 -55.22 -23.12 25.26
N ILE A 3 -54.56 -23.51 24.18
CA ILE A 3 -53.21 -23.04 23.86
C ILE A 3 -53.01 -22.24 22.55
N CYS A 4 -52.62 -20.96 22.71
CA CYS A 4 -52.50 -20.02 21.60
C CYS A 4 -51.05 -19.58 21.29
N THR A 5 -50.87 -18.89 20.16
CA THR A 5 -49.62 -18.21 19.80
C THR A 5 -49.63 -16.70 20.10
N GLY A 6 -48.51 -16.18 20.62
CA GLY A 6 -48.34 -14.76 20.91
C GLY A 6 -46.94 -14.21 20.69
N ILE A 7 -46.83 -12.88 20.60
CA ILE A 7 -45.57 -12.13 20.56
C ILE A 7 -45.32 -11.23 21.77
N THR A 8 -44.08 -10.73 21.93
CA THR A 8 -43.76 -10.03 23.17
C THR A 8 -44.35 -8.63 23.31
N SER A 9 -44.41 -8.15 24.56
CA SER A 9 -44.65 -6.76 24.89
C SER A 9 -43.54 -6.21 25.79
N SER A 10 -43.03 -5.04 25.47
CA SER A 10 -41.92 -4.46 26.24
C SER A 10 -41.85 -2.96 25.94
N ASN A 11 -40.90 -2.28 26.58
CA ASN A 11 -40.60 -0.86 26.35
C ASN A 11 -40.12 -0.65 24.90
N SER A 12 -40.80 0.22 24.16
CA SER A 12 -40.49 0.42 22.75
C SER A 12 -40.31 1.89 22.35
N PRO A 13 -39.20 2.49 22.82
CA PRO A 13 -38.86 3.90 22.56
C PRO A 13 -38.38 4.22 21.14
N HIS A 14 -37.85 3.25 20.41
CA HIS A 14 -37.24 3.52 19.10
C HIS A 14 -38.28 3.55 18.00
N VAL A 15 -38.20 4.55 17.13
CA VAL A 15 -39.14 4.61 16.01
C VAL A 15 -38.57 4.28 14.62
N VAL A 16 -39.32 3.52 13.82
CA VAL A 16 -38.89 3.25 12.45
C VAL A 16 -39.98 3.54 11.36
N LYS A 17 -39.54 3.75 10.12
CA LYS A 17 -40.38 4.06 8.96
C LYS A 17 -40.70 2.80 8.15
N THR A 18 -41.95 2.64 7.71
CA THR A 18 -42.44 1.46 6.95
C THR A 18 -43.51 1.87 5.98
N ALA A 19 -43.40 1.39 4.76
CA ALA A 19 -44.30 1.83 3.70
C ALA A 19 -45.77 1.48 3.98
N THR A 20 -46.05 0.25 4.43
CA THR A 20 -47.43 -0.17 4.68
C THR A 20 -47.98 0.31 6.06
N GLN A 21 -47.19 0.32 7.15
CA GLN A 21 -47.74 0.54 8.50
C GLN A 21 -47.51 1.95 9.03
N GLY A 22 -46.95 2.80 8.20
CA GLY A 22 -46.52 4.12 8.63
C GLY A 22 -45.44 4.06 9.67
N GLU A 23 -45.28 5.13 10.45
CA GLU A 23 -44.19 5.19 11.43
C GLU A 23 -44.49 4.44 12.73
N VAL A 24 -43.74 3.39 13.04
CA VAL A 24 -44.07 2.57 14.22
C VAL A 24 -43.01 2.59 15.34
N ASN A 25 -43.47 2.42 16.58
CA ASN A 25 -42.57 2.19 17.73
C ASN A 25 -42.17 0.72 17.80
N VAL A 26 -40.91 0.48 18.15
CA VAL A 26 -40.26 -0.85 18.05
C VAL A 26 -39.33 -1.23 19.21
N THR A 27 -39.35 -2.50 19.60
CA THR A 27 -38.52 -3.05 20.68
C THR A 27 -37.04 -2.58 20.67
N GLY A 28 -36.32 -2.86 19.59
CA GLY A 28 -34.93 -2.44 19.43
C GLY A 28 -34.54 -1.99 18.03
N VAL A 29 -33.41 -1.32 17.88
CA VAL A 29 -32.93 -0.88 16.56
C VAL A 29 -31.41 -0.92 16.44
N ILE A 30 -30.94 -1.19 15.23
CA ILE A 30 -29.53 -1.13 14.90
C ILE A 30 -29.24 0.15 14.13
N PRO A 31 -28.55 1.10 14.77
CA PRO A 31 -28.33 2.38 14.07
C PRO A 31 -27.30 2.22 12.96
N LEU A 32 -27.52 2.88 11.83
CA LEU A 32 -26.68 2.78 10.65
C LEU A 32 -25.88 4.08 10.47
N THR A 33 -26.09 5.00 11.39
CA THR A 33 -25.65 6.38 11.28
C THR A 33 -24.68 6.82 12.38
N THR A 34 -23.97 7.91 12.11
CA THR A 34 -23.02 8.51 13.04
C THR A 34 -22.88 9.96 12.64
N THR A 35 -22.64 10.86 13.60
CA THR A 35 -22.28 12.23 13.25
C THR A 35 -20.83 12.36 13.67
N PRO A 36 -19.90 12.23 12.72
CA PRO A 36 -18.47 12.27 13.04
C PRO A 36 -18.00 13.58 13.68
N THR A 37 -16.79 13.59 14.26
CA THR A 37 -16.31 14.83 14.86
C THR A 37 -15.05 15.35 14.13
N LYS A 38 -14.98 16.66 14.02
CA LYS A 38 -13.88 17.42 13.41
C LYS A 38 -12.59 17.11 14.09
N SER A 39 -11.71 16.49 13.33
CA SER A 39 -10.34 16.25 13.72
C SER A 39 -9.32 16.71 12.71
N HIS A 40 -8.06 16.69 13.10
CA HIS A 40 -6.94 17.10 12.27
C HIS A 40 -6.75 16.18 11.06
N PHE A 41 -5.96 16.61 10.08
CA PHE A 41 -5.83 15.74 8.91
C PHE A 41 -4.76 14.67 9.06
N ALA A 42 -4.87 13.60 8.28
CA ALA A 42 -3.93 12.51 8.45
C ALA A 42 -3.55 11.84 7.16
N ASN A 43 -2.79 10.78 7.28
CA ASN A 43 -2.33 10.06 6.13
C ASN A 43 -3.36 9.03 5.69
N LEU A 44 -3.85 9.16 4.48
CA LEU A 44 -4.74 8.18 3.91
C LEU A 44 -4.22 6.75 3.85
N LYS A 45 -4.97 5.80 4.46
CA LYS A 45 -4.44 4.44 4.59
C LYS A 45 -3.69 3.83 3.46
N GLY A 46 -4.34 3.44 2.43
CA GLY A 46 -3.67 2.64 1.45
C GLY A 46 -2.65 3.37 0.57
N THR A 47 -2.54 4.68 0.74
CA THR A 47 -2.04 5.52 -0.34
C THR A 47 -0.99 6.59 0.02
N GLU A 48 -0.17 6.97 -0.95
CA GLU A 48 0.66 8.15 -0.81
C GLU A 48 -0.21 9.31 -0.46
N THR A 49 0.27 10.26 0.38
CA THR A 49 -0.48 11.50 0.56
C THR A 49 0.49 12.67 0.46
N ARG A 50 0.37 13.50 -0.56
CA ARG A 50 1.21 14.68 -0.70
C ARG A 50 0.86 15.94 -0.02
N GLY A 51 1.59 16.37 1.05
CA GLY A 51 1.26 17.71 1.54
C GLY A 51 1.99 18.84 0.85
N LYS A 52 3.30 18.74 0.92
CA LYS A 52 4.18 19.85 0.63
C LYS A 52 4.85 19.36 -0.61
N LEU A 53 5.13 20.27 -1.55
CA LEU A 53 5.55 19.87 -2.90
C LEU A 53 6.76 19.00 -2.80
N CYS A 54 7.84 19.59 -2.28
CA CYS A 54 8.93 18.79 -1.78
C CYS A 54 9.09 19.06 -0.31
N PRO A 55 8.97 18.03 0.52
CA PRO A 55 9.46 18.26 1.89
C PRO A 55 10.98 18.28 1.78
N LYS A 56 11.73 18.54 2.84
CA LYS A 56 13.20 18.55 2.71
C LYS A 56 13.79 19.70 1.90
N CYS A 57 12.93 20.51 1.33
CA CYS A 57 13.30 21.85 0.89
C CYS A 57 12.85 22.88 1.91
N LEU A 58 13.56 22.90 3.02
CA LEU A 58 13.23 23.61 4.26
C LEU A 58 13.20 25.16 4.06
N ASN A 59 12.32 25.91 4.73
CA ASN A 59 12.27 27.38 4.56
C ASN A 59 11.94 27.78 3.12
N CYS A 60 11.10 26.95 2.54
CA CYS A 60 10.63 26.99 1.13
C CYS A 60 9.20 26.65 1.28
N THR A 61 8.43 27.41 0.51
CA THR A 61 7.04 27.14 0.31
C THR A 61 6.88 26.43 -0.99
N ASP A 62 5.68 25.96 -1.27
CA ASP A 62 5.47 25.32 -2.56
C ASP A 62 5.65 26.28 -3.71
N LEU A 63 5.16 27.51 -3.60
CA LEU A 63 5.41 28.48 -4.67
C LEU A 63 6.93 28.62 -4.90
N ASP A 64 7.70 28.72 -3.83
CA ASP A 64 9.16 28.78 -3.91
C ASP A 64 9.75 27.65 -4.73
N VAL A 65 9.32 26.43 -4.41
CA VAL A 65 9.78 25.26 -5.15
C VAL A 65 9.40 25.32 -6.61
N ALA A 66 8.14 25.69 -6.88
CA ALA A 66 7.57 25.86 -8.22
C ALA A 66 8.36 26.89 -9.07
N LEU A 67 8.64 28.06 -8.49
CA LEU A 67 9.37 29.10 -9.22
C LEU A 67 10.84 28.78 -9.42
N GLY A 68 11.36 27.79 -8.67
CA GLY A 68 12.74 27.40 -8.87
C GLY A 68 13.68 28.33 -8.15
N ARG A 69 13.28 28.85 -6.97
CA ARG A 69 14.11 29.76 -6.19
C ARG A 69 15.34 29.06 -5.68
N PRO A 70 16.52 29.70 -5.83
CA PRO A 70 17.79 29.04 -5.52
C PRO A 70 17.77 28.37 -4.13
N LYS A 71 18.38 27.20 -4.00
CA LYS A 71 18.34 26.39 -2.77
C LYS A 71 16.98 25.74 -2.50
N CYS A 72 15.94 26.11 -3.22
CA CYS A 72 14.78 25.24 -3.14
C CYS A 72 14.79 24.42 -4.42
N THR A 73 15.35 23.26 -4.25
CA THR A 73 15.21 22.23 -5.30
C THR A 73 15.42 20.89 -4.65
N GLY A 74 14.72 19.88 -5.12
CA GLY A 74 14.75 18.60 -4.44
C GLY A 74 13.84 17.60 -5.10
N LYS A 75 13.77 16.39 -4.59
CA LYS A 75 12.88 15.44 -5.22
C LYS A 75 11.48 15.79 -4.80
N ILE A 76 10.66 16.07 -5.78
CA ILE A 76 9.22 16.16 -5.58
C ILE A 76 8.68 14.79 -5.90
N PRO A 77 8.36 14.02 -4.85
CA PRO A 77 7.95 12.62 -4.97
C PRO A 77 6.57 12.55 -5.56
N SER A 78 6.04 11.36 -5.78
CA SER A 78 4.74 11.29 -6.43
C SER A 78 3.57 10.83 -5.55
N ALA A 79 2.36 11.37 -5.73
CA ALA A 79 1.22 10.87 -4.97
C ALA A 79 -0.05 10.66 -5.74
N ARG A 80 -0.83 9.67 -5.33
CA ARG A 80 -2.14 9.43 -5.92
C ARG A 80 -3.18 10.28 -5.22
N VAL A 81 -2.78 10.93 -4.14
CA VAL A 81 -3.60 11.87 -3.35
C VAL A 81 -2.78 13.08 -2.92
N SER A 82 -3.28 14.28 -3.11
CA SER A 82 -2.59 15.47 -2.59
C SER A 82 -3.54 16.36 -1.85
N ILE A 83 -2.97 17.04 -0.86
CA ILE A 83 -3.71 18.01 -0.07
C ILE A 83 -3.29 19.44 -0.39
N LEU A 84 -4.32 20.26 -0.59
CA LEU A 84 -4.17 21.67 -0.90
C LEU A 84 -4.36 22.53 0.33
N HIS A 85 -3.19 22.99 0.83
CA HIS A 85 -3.14 23.66 2.13
C HIS A 85 -3.16 25.18 1.98
N GLU A 86 -2.57 25.65 0.87
CA GLU A 86 -2.57 27.08 0.61
C GLU A 86 -3.45 27.51 -0.52
N VAL A 87 -4.55 28.16 -0.14
CA VAL A 87 -5.50 28.67 -1.10
C VAL A 87 -4.92 29.86 -1.84
N ARG A 88 -4.12 30.68 -1.18
CA ARG A 88 -3.43 31.76 -1.89
C ARG A 88 -1.98 31.68 -1.59
N PRO A 89 -1.29 30.79 -2.33
CA PRO A 89 0.10 30.56 -1.94
C PRO A 89 1.07 31.73 -2.16
N VAL A 90 2.11 31.64 -1.35
CA VAL A 90 3.16 32.62 -1.17
C VAL A 90 4.64 32.30 -1.47
N THR A 91 5.45 33.33 -1.73
CA THR A 91 6.89 33.13 -1.90
C THR A 91 7.44 33.46 -0.51
N SER A 92 8.61 32.87 -0.22
CA SER A 92 9.34 33.05 1.02
C SER A 92 10.63 33.80 0.79
N GLY A 93 10.88 34.20 -0.44
CA GLY A 93 11.96 35.11 -0.72
C GLY A 93 12.31 35.33 -2.18
N CYS A 94 13.60 35.38 -2.43
CA CYS A 94 14.16 35.83 -3.72
C CYS A 94 13.68 37.26 -4.06
N PHE A 95 13.72 37.61 -5.33
CA PHE A 95 13.35 38.90 -5.94
C PHE A 95 11.86 39.28 -5.86
N PRO A 96 11.56 40.56 -5.52
CA PRO A 96 10.15 40.96 -5.44
C PRO A 96 9.27 40.77 -6.69
N ILE A 97 8.22 39.98 -6.51
CA ILE A 97 7.22 39.69 -7.55
C ILE A 97 5.98 40.53 -7.28
N MET A 98 5.31 41.01 -8.33
CA MET A 98 3.98 41.63 -8.26
C MET A 98 3.03 40.46 -8.53
N HIS A 99 2.71 39.70 -7.52
CA HIS A 99 2.03 38.42 -7.71
C HIS A 99 0.70 38.49 -8.39
N ASP A 100 -0.05 39.45 -7.88
CA ASP A 100 -1.44 39.53 -8.13
C ASP A 100 -1.83 39.98 -9.60
N ARG A 101 -0.79 40.31 -10.40
CA ARG A 101 -1.03 40.80 -11.76
C ARG A 101 -1.01 39.69 -12.82
N THR A 102 -0.91 38.45 -12.36
CA THR A 102 -0.98 37.23 -13.19
C THR A 102 -1.52 36.07 -12.38
N LYS A 103 -1.73 34.97 -13.05
CA LYS A 103 -2.26 33.81 -12.38
C LYS A 103 -1.24 32.99 -11.60
N ILE A 104 -0.02 33.53 -11.51
CA ILE A 104 1.15 32.77 -11.06
C ILE A 104 1.02 32.10 -9.71
N ARG A 105 0.27 32.72 -8.85
CA ARG A 105 0.04 32.27 -7.52
C ARG A 105 -0.42 30.77 -7.51
N GLN A 106 -1.28 30.37 -8.45
CA GLN A 106 -1.80 28.99 -8.41
C GLN A 106 -0.88 27.92 -8.96
N LEU A 107 0.25 28.32 -9.51
CA LEU A 107 1.13 27.32 -10.10
C LEU A 107 1.39 26.06 -9.27
N PRO A 108 1.69 26.20 -7.96
CA PRO A 108 1.84 25.02 -7.10
C PRO A 108 0.57 24.16 -7.03
N ASN A 109 -0.57 24.78 -6.77
CA ASN A 109 -1.82 24.02 -6.76
C ASN A 109 -2.08 23.33 -8.09
N LEU A 110 -1.61 23.94 -9.17
CA LEU A 110 -1.72 23.24 -10.45
C LEU A 110 -0.80 21.99 -10.47
N LEU A 111 0.47 22.17 -10.16
CA LEU A 111 1.37 21.06 -10.16
C LEU A 111 0.78 19.97 -9.30
N ARG A 112 0.39 20.32 -8.09
CA ARG A 112 -0.30 19.42 -7.16
C ARG A 112 -1.32 18.45 -7.73
N GLY A 113 -2.09 18.93 -8.71
CA GLY A 113 -3.10 18.12 -9.37
C GLY A 113 -2.66 16.84 -10.04
N TYR A 114 -1.39 16.83 -10.45
CA TYR A 114 -0.82 15.69 -11.12
C TYR A 114 -0.23 14.70 -10.16
N GLU A 115 -0.15 13.43 -10.60
CA GLU A 115 0.52 12.38 -9.82
C GLU A 115 2.04 12.55 -9.95
N HIS A 116 2.53 12.80 -11.15
CA HIS A 116 3.95 12.85 -11.32
C HIS A 116 4.43 14.23 -11.73
N ILE A 117 5.29 14.81 -10.91
CA ILE A 117 5.92 16.06 -11.27
C ILE A 117 7.43 16.09 -11.34
N ARG A 118 8.04 16.88 -12.23
CA ARG A 118 9.51 16.99 -12.19
C ARG A 118 10.06 18.22 -12.87
N LEU A 119 10.91 18.97 -12.23
CA LEU A 119 11.61 20.08 -12.87
C LEU A 119 12.26 19.44 -14.14
N SER A 120 12.69 20.18 -15.15
CA SER A 120 13.29 19.48 -16.32
C SER A 120 14.80 19.33 -16.15
N THR A 121 15.45 18.90 -17.23
CA THR A 121 16.87 19.12 -17.33
C THR A 121 17.17 19.98 -18.53
N HIS A 122 18.36 20.57 -18.52
CA HIS A 122 18.70 21.61 -19.46
C HIS A 122 17.65 22.71 -19.41
N ASN A 123 17.36 23.22 -20.57
CA ASN A 123 16.83 24.55 -20.79
C ASN A 123 15.96 24.62 -22.05
N VAL A 124 14.82 25.28 -22.04
CA VAL A 124 13.98 25.15 -23.18
C VAL A 124 14.41 26.14 -24.20
N ILE A 125 15.39 26.96 -23.85
CA ILE A 125 15.88 27.98 -24.80
C ILE A 125 17.14 28.67 -24.29
N ASN A 126 18.06 28.94 -25.22
CA ASN A 126 19.29 29.65 -24.90
C ASN A 126 19.01 31.16 -24.81
N ALA A 127 19.10 31.70 -23.61
CA ALA A 127 18.78 33.10 -23.37
C ALA A 127 19.78 34.05 -24.02
N GLU A 128 21.05 33.70 -23.96
CA GLU A 128 22.08 34.63 -24.44
C GLU A 128 22.02 34.83 -25.96
N ASN A 129 21.56 33.82 -26.69
CA ASN A 129 21.53 33.85 -28.16
C ASN A 129 20.13 34.26 -28.63
N ALA A 130 19.27 34.70 -27.70
CA ALA A 130 17.88 34.87 -28.09
C ALA A 130 17.80 36.07 -29.03
N PRO A 131 16.65 36.22 -29.69
CA PRO A 131 16.44 37.33 -30.63
C PRO A 131 16.42 38.68 -29.92
N GLY A 132 17.13 39.66 -30.47
CA GLY A 132 17.20 40.98 -29.88
C GLY A 132 18.60 41.39 -29.50
N GLY A 133 19.57 40.58 -29.91
CA GLY A 133 20.97 40.85 -29.61
C GLY A 133 21.48 40.04 -28.45
N PRO A 134 22.78 39.75 -28.45
CA PRO A 134 23.41 38.97 -27.38
C PRO A 134 23.04 39.51 -26.00
N TYR A 135 22.72 38.62 -25.07
CA TYR A 135 22.35 39.02 -23.70
C TYR A 135 23.31 38.53 -22.61
N LYS A 136 23.78 39.43 -21.76
CA LYS A 136 24.34 38.94 -20.52
C LYS A 136 23.18 38.50 -19.64
N ILE A 137 23.42 37.54 -18.77
CA ILE A 137 22.36 37.07 -17.90
C ILE A 137 22.40 37.69 -16.50
N GLY A 138 21.29 38.32 -16.10
CA GLY A 138 21.24 39.05 -14.86
C GLY A 138 20.95 38.18 -13.65
N THR A 139 21.59 38.57 -12.56
CA THR A 139 21.44 38.00 -11.22
C THR A 139 21.34 39.13 -10.18
N SER A 140 20.78 38.80 -9.04
CA SER A 140 20.53 39.81 -8.04
C SER A 140 20.77 39.20 -6.67
N GLY A 141 21.37 39.93 -5.73
CA GLY A 141 21.28 39.42 -4.37
C GLY A 141 19.82 39.24 -4.03
N SER A 142 19.47 38.83 -2.85
CA SER A 142 18.11 38.36 -2.52
C SER A 142 17.82 37.00 -3.17
N CYS A 143 18.69 36.60 -4.11
CA CYS A 143 18.63 35.27 -4.71
C CYS A 143 19.95 34.56 -4.58
N PRO A 144 20.31 34.15 -3.37
CA PRO A 144 21.58 33.45 -3.13
C PRO A 144 21.51 32.00 -3.58
N ASN A 145 22.66 31.42 -3.91
CA ASN A 145 22.73 30.04 -4.36
C ASN A 145 23.58 29.18 -3.44
N ILE A 146 23.65 27.88 -3.73
CA ILE A 146 24.43 26.95 -2.93
C ILE A 146 25.60 27.64 -2.25
N THR A 147 26.30 28.48 -3.01
CA THR A 147 27.46 29.21 -2.49
C THR A 147 26.81 30.28 -1.68
N ASN A 148 26.53 31.39 -2.34
CA ASN A 148 26.06 32.63 -1.78
C ASN A 148 26.44 33.63 -2.80
N GLY A 149 25.69 34.70 -2.89
CA GLY A 149 26.03 35.66 -3.90
C GLY A 149 24.89 35.63 -4.88
N ASN A 150 24.92 36.59 -5.77
CA ASN A 150 23.97 36.76 -6.83
C ASN A 150 23.62 35.56 -7.75
N GLY A 151 22.30 35.40 -7.87
CA GLY A 151 21.64 34.31 -8.56
C GLY A 151 20.26 34.75 -9.09
N PHE A 152 19.44 33.77 -9.46
CA PHE A 152 18.06 34.01 -9.90
C PHE A 152 17.25 32.72 -9.82
N PHE A 153 16.00 32.77 -10.28
CA PHE A 153 15.19 31.57 -10.37
C PHE A 153 15.80 30.61 -11.39
N ALA A 154 15.79 29.33 -11.07
CA ALA A 154 16.24 28.30 -12.01
C ALA A 154 15.37 28.39 -13.23
N THR A 155 14.08 28.52 -12.95
CA THR A 155 12.96 28.54 -13.89
C THR A 155 13.10 29.52 -15.06
N MET A 156 13.82 30.62 -14.89
CA MET A 156 13.98 31.59 -15.98
C MET A 156 15.27 32.39 -15.97
N ALA A 157 15.68 32.85 -17.14
CA ALA A 157 16.88 33.66 -17.34
C ALA A 157 16.55 35.15 -17.60
N TRP A 158 17.16 36.05 -16.85
CA TRP A 158 16.98 37.51 -16.95
C TRP A 158 17.81 38.24 -18.02
N ALA A 159 17.31 38.28 -19.23
CA ALA A 159 18.05 38.77 -20.39
C ALA A 159 18.40 40.26 -20.45
N VAL A 160 19.54 40.60 -19.95
CA VAL A 160 20.03 41.96 -19.96
C VAL A 160 20.91 42.23 -21.20
N PRO A 161 20.65 43.28 -21.99
CA PRO A 161 21.39 43.19 -23.26
C PRO A 161 22.83 43.68 -23.20
N LYS A 162 23.71 42.71 -22.85
CA LYS A 162 25.18 42.72 -23.04
C LYS A 162 25.55 44.07 -22.54
N ASN A 163 26.22 44.87 -23.38
CA ASN A 163 26.85 46.05 -22.81
C ASN A 163 26.57 47.05 -23.94
N ASP A 164 27.12 48.26 -23.85
CA ASP A 164 26.64 49.43 -24.60
C ASP A 164 26.27 49.16 -26.07
N LYS A 165 27.25 48.83 -26.89
CA LYS A 165 27.05 48.10 -28.15
C LYS A 165 25.84 48.55 -28.98
N ASN A 166 24.99 47.59 -29.28
CA ASN A 166 23.69 47.78 -29.94
C ASN A 166 22.49 47.93 -28.96
N LYS A 167 22.78 48.13 -27.66
CA LYS A 167 21.71 48.34 -26.66
C LYS A 167 20.76 49.55 -26.92
N THR A 168 19.49 49.22 -27.13
CA THR A 168 18.47 50.15 -27.59
C THR A 168 17.12 49.46 -27.50
N ALA A 169 16.06 50.16 -27.90
CA ALA A 169 14.72 49.56 -27.86
C ALA A 169 14.45 48.78 -29.15
N THR A 170 13.76 47.65 -29.03
CA THR A 170 13.36 46.90 -30.21
C THR A 170 11.86 46.77 -30.28
N ASN A 171 11.39 46.45 -31.48
CA ASN A 171 10.01 46.06 -31.68
C ASN A 171 9.90 44.64 -31.17
N PRO A 172 8.66 44.15 -30.93
CA PRO A 172 8.55 42.82 -30.35
C PRO A 172 9.31 41.74 -31.10
N LEU A 173 10.05 40.96 -30.33
CA LEU A 173 10.72 39.78 -30.85
C LEU A 173 9.86 38.59 -30.48
N THR A 174 9.85 37.60 -31.36
CA THR A 174 8.98 36.44 -31.16
C THR A 174 9.86 35.23 -30.90
N ILE A 175 9.36 34.31 -30.08
CA ILE A 175 10.13 33.14 -29.72
C ILE A 175 9.28 31.91 -29.56
N GLU A 176 9.77 30.80 -30.03
CA GLU A 176 9.08 29.53 -29.94
C GLU A 176 9.59 28.84 -28.69
N VAL A 177 8.69 28.20 -27.97
CA VAL A 177 9.10 27.39 -26.84
C VAL A 177 8.88 25.93 -27.17
N PRO A 178 9.97 25.22 -27.42
CA PRO A 178 10.06 23.79 -27.76
C PRO A 178 9.37 22.89 -26.75
N TYR A 179 9.05 21.65 -27.11
CA TYR A 179 8.32 20.81 -26.19
C TYR A 179 9.14 20.14 -25.03
N ILE A 180 10.29 19.56 -25.28
CA ILE A 180 11.26 19.21 -24.21
C ILE A 180 10.90 18.10 -23.21
N CYS A 181 9.61 17.76 -23.08
CA CYS A 181 9.21 16.73 -22.13
C CYS A 181 8.91 15.49 -22.89
N THR A 182 8.51 14.44 -22.18
CA THR A 182 8.38 13.13 -22.82
C THR A 182 6.94 12.76 -23.24
N GLU A 183 6.77 11.64 -23.94
CA GLU A 183 5.50 10.89 -23.95
C GLU A 183 4.24 11.73 -23.91
N GLY A 184 3.43 11.42 -22.90
CA GLY A 184 2.18 12.09 -22.57
C GLY A 184 2.23 13.09 -21.41
N GLU A 185 3.39 13.67 -21.18
CA GLU A 185 3.52 14.69 -20.16
C GLU A 185 3.02 16.09 -20.60
N ASP A 186 2.43 16.84 -19.68
CA ASP A 186 2.13 18.25 -19.88
C ASP A 186 3.37 19.06 -19.56
N GLN A 187 3.62 20.11 -20.33
CA GLN A 187 4.86 20.86 -20.11
C GLN A 187 4.50 22.26 -19.67
N ILE A 188 4.76 22.61 -18.40
CA ILE A 188 4.41 23.94 -17.90
C ILE A 188 5.57 24.92 -17.92
N THR A 189 5.43 25.96 -18.70
CA THR A 189 6.52 26.88 -18.92
C THR A 189 6.39 28.13 -18.05
N VAL A 190 7.43 28.45 -17.28
CA VAL A 190 7.39 29.67 -16.47
C VAL A 190 8.22 30.81 -17.09
N TRP A 191 7.62 32.00 -17.23
CA TRP A 191 8.29 33.15 -17.87
C TRP A 191 7.79 34.51 -17.29
N GLY A 192 8.36 35.62 -17.72
CA GLY A 192 7.92 36.90 -17.19
C GLY A 192 8.80 38.06 -17.60
N PHE A 193 8.69 39.17 -16.89
CA PHE A 193 9.50 40.35 -17.20
C PHE A 193 9.83 41.28 -16.01
N HIS A 194 10.62 42.31 -16.28
CA HIS A 194 11.22 43.12 -15.22
C HIS A 194 11.19 44.61 -15.60
N SER A 195 10.75 45.48 -14.68
CA SER A 195 10.79 46.96 -14.89
C SER A 195 11.52 47.65 -13.75
N ASP A 196 11.81 48.96 -13.90
CA ASP A 196 12.67 49.67 -12.95
C ASP A 196 12.47 51.19 -12.91
N ASN A 197 13.38 51.88 -12.23
CA ASN A 197 13.45 53.34 -12.28
C ASN A 197 13.46 53.78 -13.73
N GLU A 198 12.95 54.96 -14.00
CA GLU A 198 13.03 55.52 -15.33
C GLU A 198 14.47 55.62 -15.82
N THR A 199 15.38 56.00 -14.92
CA THR A 199 16.81 56.14 -15.26
C THR A 199 17.53 54.82 -15.29
N GLN A 200 17.17 53.95 -14.34
CA GLN A 200 17.67 52.58 -14.33
C GLN A 200 17.30 51.82 -15.59
N MET A 201 16.11 52.08 -16.11
CA MET A 201 15.65 51.42 -17.33
C MET A 201 16.57 51.79 -18.49
N ALA A 202 16.96 53.07 -18.54
CA ALA A 202 17.81 53.54 -19.63
C ALA A 202 19.24 53.13 -19.40
N LYS A 203 19.57 52.82 -18.16
CA LYS A 203 20.90 52.29 -17.86
C LYS A 203 21.01 50.83 -18.29
N LEU A 204 20.07 50.01 -17.83
CA LEU A 204 20.00 48.58 -18.17
C LEU A 204 19.82 48.26 -19.67
N TYR A 205 18.61 48.55 -20.16
CA TYR A 205 18.22 48.38 -21.56
C TYR A 205 18.32 49.74 -22.21
N GLY A 206 18.05 49.84 -23.50
CA GLY A 206 18.17 51.14 -24.13
C GLY A 206 17.00 52.12 -24.00
N ASP A 207 16.03 51.81 -23.15
CA ASP A 207 14.69 52.38 -23.29
C ASP A 207 13.98 52.80 -22.00
N SER A 208 13.41 54.01 -22.00
CA SER A 208 12.60 54.51 -20.89
C SER A 208 11.12 54.09 -20.87
N LYS A 209 10.47 54.05 -22.04
CA LYS A 209 9.03 53.79 -22.16
C LYS A 209 8.65 52.35 -21.81
N PRO A 210 7.36 52.08 -21.58
CA PRO A 210 7.00 50.70 -21.20
C PRO A 210 7.17 49.70 -22.35
N GLN A 211 7.34 48.44 -21.97
CA GLN A 211 7.58 47.35 -22.90
C GLN A 211 6.37 46.40 -22.82
N LYS A 212 6.13 45.65 -23.89
CA LYS A 212 4.89 44.87 -23.93
C LYS A 212 5.16 43.41 -24.27
N PHE A 213 4.34 42.50 -23.73
CA PHE A 213 4.59 41.05 -23.78
C PHE A 213 3.38 40.16 -24.13
N THR A 214 3.62 39.02 -24.78
CA THR A 214 2.52 38.11 -25.20
C THR A 214 2.80 36.62 -25.08
N SER A 215 1.90 35.84 -24.50
CA SER A 215 2.13 34.41 -24.47
C SER A 215 1.04 33.70 -25.23
N SER A 216 1.39 32.73 -26.08
CA SER A 216 0.34 31.93 -26.72
C SER A 216 0.64 30.46 -26.67
N ALA A 217 -0.20 29.71 -25.97
CA ALA A 217 -0.06 28.26 -25.97
C ALA A 217 -1.37 27.51 -26.16
N ASN A 218 -1.47 26.82 -27.30
CA ASN A 218 -2.65 26.04 -27.69
C ASN A 218 -3.99 26.63 -27.31
N GLY A 219 -4.30 27.77 -27.93
CA GLY A 219 -5.60 28.39 -27.79
C GLY A 219 -5.64 29.47 -26.74
N VAL A 220 -4.70 29.44 -25.81
CA VAL A 220 -4.74 30.42 -24.74
C VAL A 220 -3.76 31.57 -24.93
N THR A 221 -4.30 32.75 -25.18
CA THR A 221 -3.51 33.92 -25.48
C THR A 221 -3.54 34.85 -24.27
N THR A 222 -2.38 35.38 -23.87
CA THR A 222 -2.34 36.50 -22.87
C THR A 222 -1.41 37.68 -23.21
N HIS A 223 -1.78 38.87 -22.74
CA HIS A 223 -1.06 40.08 -23.05
C HIS A 223 -0.79 40.90 -21.81
N TYR A 224 0.42 41.48 -21.76
CA TYR A 224 0.93 42.24 -20.58
C TYR A 224 1.63 43.55 -21.02
N VAL A 225 1.55 44.56 -20.16
CA VAL A 225 2.32 45.78 -20.42
C VAL A 225 2.91 46.36 -19.12
N SER A 226 4.16 46.79 -19.22
CA SER A 226 4.95 47.13 -18.05
C SER A 226 4.60 48.47 -17.39
N GLN A 227 5.03 48.58 -16.12
CA GLN A 227 4.94 49.79 -15.29
C GLN A 227 6.31 50.42 -15.26
N ILE A 228 6.40 51.73 -15.39
CA ILE A 228 7.70 52.37 -15.28
C ILE A 228 7.94 52.97 -13.88
N GLY A 229 7.09 53.91 -13.47
CA GLY A 229 7.26 54.55 -12.18
C GLY A 229 7.00 53.66 -10.98
N GLY A 230 6.93 54.29 -9.80
CA GLY A 230 6.89 53.61 -8.52
C GLY A 230 5.91 52.46 -8.37
N PHE A 231 6.44 51.37 -7.82
CA PHE A 231 5.69 50.14 -7.72
C PHE A 231 5.21 50.03 -6.29
N PRO A 232 4.40 49.01 -6.00
CA PRO A 232 4.01 48.57 -4.66
C PRO A 232 5.20 48.31 -3.76
N ASN A 233 5.04 48.52 -2.46
CA ASN A 233 6.10 48.12 -1.54
C ASN A 233 6.38 46.61 -1.69
N GLN A 234 7.67 46.23 -1.65
CA GLN A 234 8.12 44.88 -1.93
C GLN A 234 7.46 43.92 -0.97
N THR A 235 7.18 42.71 -1.41
CA THR A 235 6.59 41.78 -0.48
C THR A 235 6.85 40.33 -0.82
N GLU A 236 6.93 39.53 0.24
CA GLU A 236 7.25 38.12 0.15
C GLU A 236 8.61 37.91 -0.51
N ASP A 237 9.46 38.93 -0.47
CA ASP A 237 10.71 38.90 -1.20
C ASP A 237 11.85 38.43 -0.29
N GLY A 238 13.08 38.45 -0.82
CA GLY A 238 14.25 37.96 -0.11
C GLY A 238 14.78 38.95 0.89
N GLY A 239 14.30 40.18 0.85
CA GLY A 239 14.61 41.14 1.90
C GLY A 239 15.50 42.34 1.58
N LEU A 240 16.17 42.28 0.44
CA LEU A 240 16.99 43.41 0.04
C LEU A 240 16.16 44.37 -0.82
N PRO A 241 16.30 45.67 -0.54
CA PRO A 241 15.58 46.71 -1.29
C PRO A 241 16.09 46.81 -2.72
N GLN A 242 15.15 46.79 -3.67
CA GLN A 242 15.46 47.01 -5.07
C GLN A 242 14.48 48.04 -5.64
N SER A 243 14.89 48.77 -6.67
CA SER A 243 14.03 49.77 -7.27
C SER A 243 13.06 49.15 -8.25
N GLY A 244 13.37 47.96 -8.75
CA GLY A 244 12.55 47.33 -9.76
C GLY A 244 11.67 46.21 -9.26
N ARG A 245 10.75 45.75 -10.12
CA ARG A 245 9.95 44.59 -9.79
C ARG A 245 9.83 43.64 -10.98
N ILE A 246 9.17 42.53 -10.71
CA ILE A 246 9.15 41.41 -11.62
C ILE A 246 7.75 40.88 -11.74
N VAL A 247 7.31 40.61 -12.98
CA VAL A 247 6.04 39.93 -13.24
C VAL A 247 6.26 38.50 -13.81
N VAL A 248 5.56 37.53 -13.22
CA VAL A 248 5.79 36.13 -13.54
C VAL A 248 4.46 35.48 -13.85
N ASP A 249 4.46 34.70 -14.93
CA ASP A 249 3.28 34.02 -15.41
C ASP A 249 3.76 32.65 -15.82
N TYR A 250 2.88 31.68 -15.80
CA TYR A 250 3.17 30.44 -16.46
C TYR A 250 2.21 30.21 -17.65
N MET A 251 2.60 29.37 -18.62
CA MET A 251 1.75 28.92 -19.74
C MET A 251 1.83 27.38 -19.93
N VAL A 252 0.68 26.71 -19.91
CA VAL A 252 0.71 25.26 -20.02
C VAL A 252 0.79 24.90 -21.50
N GLN A 253 1.59 23.91 -21.85
CA GLN A 253 1.67 23.40 -23.22
C GLN A 253 1.18 21.96 -23.27
N LYS A 254 0.10 21.74 -24.02
CA LYS A 254 -0.52 20.43 -24.14
C LYS A 254 0.50 19.32 -24.40
N SER A 255 0.00 18.10 -24.60
CA SER A 255 0.85 16.96 -24.86
C SER A 255 1.37 16.97 -26.30
N GLY A 256 2.58 17.48 -26.48
CA GLY A 256 3.20 17.54 -27.77
C GLY A 256 3.32 18.94 -28.33
N LYS A 257 2.39 19.85 -27.91
CA LYS A 257 2.35 21.10 -28.65
C LYS A 257 3.39 22.13 -28.19
N THR A 258 3.89 22.91 -29.14
CA THR A 258 4.81 24.02 -28.87
C THR A 258 4.09 25.29 -28.38
N GLY A 259 4.84 26.35 -28.07
CA GLY A 259 4.30 27.57 -27.48
C GLY A 259 5.04 28.83 -27.91
N THR A 260 4.49 30.00 -27.68
CA THR A 260 5.10 31.21 -28.23
C THR A 260 5.13 32.32 -27.19
N ILE A 261 6.17 33.17 -27.27
CA ILE A 261 6.29 34.35 -26.40
C ILE A 261 6.80 35.57 -27.19
N THR A 262 6.18 36.73 -27.05
CA THR A 262 6.73 37.87 -27.71
C THR A 262 7.10 38.85 -26.65
N TYR A 263 8.18 39.57 -26.92
CA TYR A 263 8.76 40.41 -25.88
C TYR A 263 9.59 41.60 -26.41
N GLN A 264 9.78 42.58 -25.52
CA GLN A 264 10.67 43.70 -25.75
C GLN A 264 11.64 43.66 -24.56
N ARG A 265 12.43 44.72 -24.33
CA ARG A 265 13.43 44.74 -23.24
C ARG A 265 12.96 44.37 -21.84
N GLY A 266 13.76 43.56 -21.14
CA GLY A 266 13.46 43.14 -19.78
C GLY A 266 12.84 41.75 -19.65
N ILE A 267 12.93 40.96 -20.71
CA ILE A 267 12.25 39.68 -20.73
C ILE A 267 12.96 38.68 -19.84
N LEU A 268 12.20 37.87 -19.09
CA LEU A 268 12.79 36.67 -18.49
C LEU A 268 12.39 35.46 -19.31
N LEU A 269 13.33 34.92 -20.08
CA LEU A 269 13.03 33.82 -21.00
C LEU A 269 13.03 32.57 -20.19
N PRO A 270 12.11 31.64 -20.45
CA PRO A 270 12.05 30.48 -19.56
C PRO A 270 13.30 29.60 -19.71
N GLN A 271 13.82 29.03 -18.61
CA GLN A 271 14.88 28.06 -18.77
C GLN A 271 14.42 26.66 -18.37
N LYS A 272 14.45 26.31 -17.08
CA LYS A 272 14.00 24.98 -16.69
C LYS A 272 12.51 25.02 -16.68
N VAL A 273 11.85 23.88 -16.77
CA VAL A 273 10.43 23.83 -17.13
C VAL A 273 9.70 22.65 -16.47
N TRP A 274 8.48 22.82 -16.02
CA TRP A 274 7.82 21.71 -15.32
C TRP A 274 7.34 20.56 -16.22
N CYS A 275 7.52 19.32 -15.80
CA CYS A 275 7.04 18.21 -16.60
C CYS A 275 6.19 17.27 -15.79
N ALA A 276 4.91 17.21 -16.16
CA ALA A 276 3.87 16.57 -15.34
C ALA A 276 3.02 15.52 -16.03
N SER A 277 2.57 14.49 -15.34
CA SER A 277 1.72 13.48 -15.97
C SER A 277 0.93 12.83 -14.86
N GLY A 278 0.01 11.93 -15.17
CA GLY A 278 -0.75 11.23 -14.14
C GLY A 278 -1.70 12.17 -13.44
N ARG A 279 -2.57 11.67 -12.56
CA ARG A 279 -3.36 12.62 -11.79
C ARG A 279 -3.63 12.20 -10.36
N SER A 280 -3.53 13.19 -9.48
CA SER A 280 -3.67 12.98 -8.05
C SER A 280 -4.98 13.55 -7.57
N LYS A 281 -5.63 12.86 -6.62
CA LYS A 281 -6.93 13.30 -6.18
C LYS A 281 -6.79 14.24 -4.99
N VAL A 282 -7.03 15.51 -5.29
CA VAL A 282 -6.74 16.61 -4.40
C VAL A 282 -7.91 16.94 -3.47
N ILE A 283 -7.62 17.19 -2.21
CA ILE A 283 -8.66 17.64 -1.28
C ILE A 283 -8.15 18.86 -0.54
N LYS A 284 -9.05 19.60 0.09
CA LYS A 284 -8.68 20.80 0.84
C LYS A 284 -8.44 20.49 2.31
N GLY A 285 -7.17 20.31 2.66
CA GLY A 285 -6.80 20.01 4.04
C GLY A 285 -5.85 21.02 4.62
N SER A 286 -5.39 20.77 5.83
CA SER A 286 -4.46 21.66 6.51
C SER A 286 -3.44 20.89 7.35
N LEU A 287 -2.19 20.93 6.93
CA LEU A 287 -1.12 20.24 7.64
C LEU A 287 -1.03 20.70 9.09
N PRO A 288 -0.34 19.91 9.91
CA PRO A 288 0.30 18.68 9.45
C PRO A 288 -0.63 17.48 9.36
N LEU A 289 -0.26 16.49 8.55
CA LEU A 289 -0.96 15.21 8.45
C LEU A 289 -0.54 14.35 9.61
N ILE A 290 -1.47 14.05 10.52
CA ILE A 290 -1.11 13.28 11.69
C ILE A 290 -1.65 11.85 11.71
N GLY A 291 -0.82 10.83 11.68
CA GLY A 291 -1.31 9.46 11.78
C GLY A 291 -1.94 8.92 10.51
N GLU A 292 -2.77 7.89 10.68
CA GLU A 292 -3.52 7.31 9.57
C GLU A 292 -5.02 7.46 9.80
N ALA A 293 -5.76 7.52 8.70
CA ALA A 293 -7.21 7.47 8.75
C ALA A 293 -7.68 6.59 7.59
N ASP A 294 -8.88 6.02 7.73
CA ASP A 294 -9.51 5.38 6.58
C ASP A 294 -9.88 6.44 5.54
N CYS A 295 -10.42 7.56 6.03
CA CYS A 295 -11.07 8.59 5.21
C CYS A 295 -10.51 9.98 5.47
N LEU A 296 -10.49 10.81 4.42
CA LEU A 296 -10.15 12.23 4.58
C LEU A 296 -11.28 13.14 4.11
N HIS A 297 -11.94 13.80 5.07
CA HIS A 297 -13.12 14.63 4.83
C HIS A 297 -12.69 16.10 4.82
N GLU A 298 -13.22 16.90 3.91
CA GLU A 298 -12.73 18.27 3.73
C GLU A 298 -13.10 19.13 4.94
N LYS A 299 -14.23 18.80 5.52
CA LYS A 299 -14.68 19.42 6.77
C LYS A 299 -14.16 18.82 8.04
N TYR A 300 -14.16 17.48 8.10
CA TYR A 300 -13.86 16.74 9.34
C TYR A 300 -12.42 16.23 9.48
N GLY A 301 -11.55 16.45 8.50
CA GLY A 301 -10.22 15.85 8.47
C GLY A 301 -10.21 14.31 8.52
N GLY A 302 -9.31 13.74 9.31
CA GLY A 302 -9.23 12.30 9.45
C GLY A 302 -10.50 11.64 9.98
N LEU A 303 -10.76 10.46 9.49
CA LEU A 303 -11.99 9.76 9.83
C LEU A 303 -11.74 8.26 9.77
N ASN A 304 -12.34 7.48 10.66
CA ASN A 304 -12.28 6.03 10.54
C ASN A 304 -13.66 5.45 10.27
N LYS A 305 -13.75 4.45 9.39
CA LYS A 305 -15.08 3.98 8.98
C LYS A 305 -15.69 3.08 10.02
N SER A 306 -16.81 3.52 10.57
CA SER A 306 -17.47 2.87 11.70
C SER A 306 -18.79 2.21 11.27
N LYS A 307 -19.76 3.03 10.91
CA LYS A 307 -21.05 2.55 10.45
C LYS A 307 -21.02 2.91 8.96
N PRO A 308 -21.83 2.22 8.14
CA PRO A 308 -21.88 2.44 6.68
C PRO A 308 -22.17 3.89 6.24
N TYR A 309 -23.04 4.58 6.99
CA TYR A 309 -23.42 5.95 6.66
C TYR A 309 -23.25 6.96 7.79
N TYR A 310 -23.18 8.23 7.42
CA TYR A 310 -23.07 9.31 8.41
C TYR A 310 -23.99 10.51 8.16
N THR A 311 -24.39 11.19 9.24
CA THR A 311 -25.12 12.45 9.14
C THR A 311 -24.18 13.60 9.45
N GLY A 312 -24.40 14.75 8.83
CA GLY A 312 -23.54 15.86 9.16
C GLY A 312 -23.28 16.78 8.00
N GLU A 313 -22.26 17.62 8.13
CA GLU A 313 -21.85 18.53 7.06
C GLU A 313 -21.26 17.67 5.94
N HIS A 314 -21.75 17.81 4.73
CA HIS A 314 -21.21 17.05 3.59
C HIS A 314 -20.19 17.88 2.82
N ALA A 315 -19.07 17.26 2.45
CA ALA A 315 -18.13 17.87 1.50
C ALA A 315 -17.30 16.79 0.79
N LYS A 316 -16.37 17.24 -0.02
CA LYS A 316 -15.50 16.33 -0.74
C LYS A 316 -14.73 15.43 0.24
N ALA A 317 -14.71 14.12 0.00
CA ALA A 317 -13.94 13.22 0.88
C ALA A 317 -13.27 12.06 0.12
N ILE A 318 -12.01 11.74 0.43
CA ILE A 318 -11.38 10.59 -0.25
C ILE A 318 -11.00 9.42 0.66
N GLY A 319 -10.94 8.23 0.09
CA GLY A 319 -10.64 7.05 0.88
C GLY A 319 -11.86 6.20 1.19
N ASN A 320 -11.67 5.25 2.10
CA ASN A 320 -12.75 4.36 2.48
C ASN A 320 -13.60 5.20 3.39
N CYS A 321 -14.82 5.51 2.97
CA CYS A 321 -15.62 6.53 3.65
C CYS A 321 -16.99 5.97 3.96
N PRO A 322 -17.62 6.49 5.00
CA PRO A 322 -19.06 6.23 5.17
C PRO A 322 -19.81 7.12 4.19
N ILE A 323 -21.03 6.75 3.82
CA ILE A 323 -21.83 7.55 2.86
C ILE A 323 -22.67 8.60 3.60
N TRP A 324 -22.78 9.80 3.01
CA TRP A 324 -23.60 10.87 3.59
C TRP A 324 -25.12 10.62 3.45
N VAL A 325 -25.87 10.89 4.51
CA VAL A 325 -27.30 10.67 4.49
C VAL A 325 -28.03 11.89 5.10
N LYS A 326 -29.23 12.18 4.59
CA LYS A 326 -30.04 13.30 5.05
C LYS A 326 -30.42 13.18 6.52
N THR A 327 -30.85 11.99 6.90
CA THR A 327 -31.38 11.76 8.25
C THR A 327 -30.68 10.57 8.91
N PRO A 328 -30.50 10.58 10.24
CA PRO A 328 -30.00 9.36 10.91
C PRO A 328 -30.97 8.20 10.75
N LEU A 329 -30.50 7.08 10.24
CA LEU A 329 -31.41 5.97 9.89
C LEU A 329 -31.24 4.78 10.82
N LYS A 330 -32.34 4.08 11.04
CA LYS A 330 -32.32 2.94 11.92
C LYS A 330 -32.87 1.71 11.20
N LEU A 331 -32.15 0.60 11.32
CA LEU A 331 -32.68 -0.67 10.86
C LEU A 331 -33.43 -1.32 12.04
N ALA A 332 -34.58 -1.93 11.78
CA ALA A 332 -35.37 -2.44 12.90
C ALA A 332 -34.82 -3.77 13.39
N ASN A 333 -34.47 -3.84 14.68
CA ASN A 333 -34.05 -5.09 15.34
C ASN A 333 -34.97 -5.45 16.52
N GLY A 334 -36.09 -6.14 16.26
CA GLY A 334 -37.15 -6.24 17.26
C GLY A 334 -38.57 -6.52 16.75
N THR A 335 -39.56 -6.16 17.56
CA THR A 335 -40.97 -6.36 17.18
C THR A 335 -41.78 -5.04 17.26
N LYS A 336 -42.96 -5.03 16.63
CA LYS A 336 -43.85 -3.88 16.76
C LYS A 336 -44.30 -3.76 18.21
N TYR A 337 -44.48 -2.52 18.67
CA TYR A 337 -44.96 -2.31 20.03
C TYR A 337 -46.33 -2.92 20.24
N ARG A 338 -46.43 -3.76 21.26
CA ARG A 338 -47.67 -4.42 21.63
C ARG A 338 -48.12 -4.06 23.04
N PRO A 339 -49.29 -3.42 23.18
CA PRO A 339 -49.80 -3.17 24.54
C PRO A 339 -50.19 -4.48 25.23
N PRO A 340 -49.81 -4.66 26.51
CA PRO A 340 -50.10 -5.88 27.27
C PRO A 340 -51.61 -6.13 27.45
N ALA A 341 -52.00 -7.40 27.64
CA ALA A 341 -53.41 -7.73 27.83
C ALA A 341 -53.60 -8.96 28.73
N GLY B 1 -49.61 -7.22 11.80
CA GLY B 1 -49.96 -6.76 10.46
C GLY B 1 -51.45 -6.84 10.20
N PHE B 2 -51.82 -6.81 8.93
CA PHE B 2 -53.23 -6.96 8.54
C PHE B 2 -53.75 -8.36 8.86
N PHE B 3 -52.88 -9.34 8.73
CA PHE B 3 -53.23 -10.75 8.97
C PHE B 3 -53.72 -10.97 10.40
N GLY B 4 -52.93 -10.50 11.37
CA GLY B 4 -53.28 -10.65 12.77
C GLY B 4 -54.59 -9.98 13.12
N ALA B 5 -54.85 -8.82 12.52
CA ALA B 5 -56.07 -8.08 12.77
C ALA B 5 -57.29 -8.79 12.19
N ILE B 6 -57.15 -9.30 10.96
CA ILE B 6 -58.25 -10.01 10.31
C ILE B 6 -58.56 -11.36 10.95
N ALA B 7 -57.56 -12.22 11.05
CA ALA B 7 -57.75 -13.61 11.42
C ALA B 7 -58.18 -13.80 12.89
N GLY B 8 -57.96 -12.78 13.72
CA GLY B 8 -58.35 -12.84 15.11
C GLY B 8 -57.20 -13.21 16.02
N PHE B 9 -55.98 -13.23 15.48
CA PHE B 9 -54.78 -13.46 16.27
C PHE B 9 -54.69 -12.36 17.32
N LEU B 10 -54.12 -12.68 18.47
CA LEU B 10 -54.18 -11.77 19.61
C LEU B 10 -53.59 -10.39 19.33
N GLU B 11 -54.42 -9.37 19.55
CA GLU B 11 -53.99 -7.99 19.43
C GLU B 11 -53.20 -7.67 20.69
N GLY B 12 -51.94 -7.31 20.51
CA GLY B 12 -51.08 -7.04 21.65
C GLY B 12 -50.46 -8.32 22.18
N GLY B 13 -49.26 -8.18 22.74
CA GLY B 13 -48.52 -9.32 23.25
C GLY B 13 -48.40 -9.42 24.77
N TRP B 14 -47.70 -10.46 25.21
CA TRP B 14 -47.46 -10.69 26.64
C TRP B 14 -46.06 -10.23 27.00
N GLU B 15 -45.94 -9.52 28.12
CA GLU B 15 -44.63 -9.02 28.56
C GLU B 15 -43.90 -10.02 29.45
N GLY B 16 -44.50 -11.21 29.60
CA GLY B 16 -43.91 -12.25 30.43
C GLY B 16 -42.63 -12.86 29.86
N MET B 17 -42.48 -12.84 28.54
CA MET B 17 -41.35 -13.51 27.90
C MET B 17 -40.25 -12.52 27.50
N ILE B 18 -39.16 -12.52 28.26
CA ILE B 18 -37.98 -11.75 27.89
C ILE B 18 -36.99 -12.70 27.20
N ALA B 19 -37.36 -13.98 27.15
CA ALA B 19 -36.51 -15.02 26.60
C ALA B 19 -36.31 -14.91 25.08
N GLY B 20 -37.38 -14.59 24.36
CA GLY B 20 -37.33 -14.46 22.92
C GLY B 20 -38.35 -13.49 22.37
N TRP B 21 -38.40 -13.37 21.05
CA TRP B 21 -39.37 -12.49 20.39
C TRP B 21 -40.77 -13.09 20.19
N HIS B 22 -40.85 -14.41 20.00
CA HIS B 22 -42.13 -15.09 19.75
C HIS B 22 -42.28 -16.36 20.59
N GLY B 23 -43.51 -16.71 20.96
CA GLY B 23 -43.71 -17.84 21.86
C GLY B 23 -45.12 -18.40 21.96
N TYR B 24 -45.35 -19.23 22.98
CA TYR B 24 -46.63 -19.92 23.18
C TYR B 24 -47.24 -19.67 24.57
N THR B 25 -48.57 -19.73 24.66
CA THR B 25 -49.30 -19.44 25.90
C THR B 25 -50.29 -20.54 26.33
N SER B 26 -50.39 -20.77 27.63
CA SER B 26 -51.28 -21.78 28.19
C SER B 26 -52.35 -21.15 29.08
N HIS B 27 -53.60 -21.58 28.91
CA HIS B 27 -54.72 -21.07 29.69
C HIS B 27 -55.41 -22.18 30.47
N GLY B 28 -56.17 -21.80 31.49
CA GLY B 28 -56.89 -22.76 32.30
C GLY B 28 -57.07 -22.31 33.73
N ALA B 29 -57.49 -23.23 34.59
CA ALA B 29 -57.67 -22.93 36.01
C ALA B 29 -56.35 -23.08 36.75
N HIS B 30 -55.30 -23.38 36.00
CA HIS B 30 -53.95 -23.47 36.54
C HIS B 30 -53.24 -22.12 36.44
N GLY B 31 -53.96 -21.11 35.96
CA GLY B 31 -53.37 -19.80 35.70
C GLY B 31 -53.01 -19.63 34.24
N VAL B 32 -52.12 -18.69 33.94
CA VAL B 32 -51.69 -18.43 32.57
C VAL B 32 -50.18 -18.59 32.39
N ALA B 33 -49.78 -19.61 31.64
CA ALA B 33 -48.36 -19.90 31.44
C ALA B 33 -47.84 -19.26 30.16
N VAL B 34 -46.59 -18.82 30.18
CA VAL B 34 -45.97 -18.18 29.01
C VAL B 34 -44.58 -18.75 28.73
N ALA B 35 -44.32 -19.09 27.46
CA ALA B 35 -43.00 -19.59 27.06
C ALA B 35 -42.52 -19.01 25.73
N ALA B 36 -41.21 -19.09 25.48
CA ALA B 36 -40.63 -18.52 24.25
C ALA B 36 -39.95 -19.57 23.36
N ASP B 37 -39.93 -19.31 22.05
CA ASP B 37 -39.26 -20.19 21.08
C ASP B 37 -37.99 -19.55 20.53
N LEU B 38 -36.85 -20.20 20.77
CA LEU B 38 -35.56 -19.62 20.42
C LEU B 38 -35.21 -19.72 18.93
N LYS B 39 -35.67 -20.76 18.24
CA LYS B 39 -35.32 -20.93 16.83
C LYS B 39 -35.96 -19.84 15.97
N SER B 40 -37.20 -19.48 16.28
CA SER B 40 -37.88 -18.40 15.58
C SER B 40 -37.11 -17.10 15.75
N THR B 41 -36.78 -16.78 17.01
CA THR B 41 -36.04 -15.57 17.33
C THR B 41 -34.70 -15.55 16.63
N GLN B 42 -33.97 -16.66 16.70
CA GLN B 42 -32.66 -16.77 16.06
C GLN B 42 -32.76 -16.55 14.55
N GLU B 43 -33.78 -17.16 13.93
CA GLU B 43 -34.01 -16.98 12.51
C GLU B 43 -34.24 -15.50 12.16
N ALA B 44 -35.10 -14.85 12.95
CA ALA B 44 -35.35 -13.41 12.79
C ALA B 44 -34.05 -12.61 12.85
N ILE B 45 -33.27 -12.85 13.90
CA ILE B 45 -31.98 -12.21 14.07
C ILE B 45 -31.06 -12.38 12.86
N ASN B 46 -31.08 -13.58 12.26
CA ASN B 46 -30.28 -13.85 11.07
C ASN B 46 -30.76 -13.09 9.82
N LYS B 47 -32.08 -13.08 9.63
CA LYS B 47 -32.67 -12.28 8.56
C LYS B 47 -32.07 -10.90 8.68
N ILE B 48 -32.22 -10.31 9.86
CA ILE B 48 -31.78 -8.94 10.12
C ILE B 48 -30.29 -8.72 9.89
N THR B 49 -29.44 -9.58 10.46
CA THR B 49 -27.99 -9.41 10.35
C THR B 49 -27.52 -9.50 8.89
N LYS B 50 -28.02 -10.50 8.18
CA LYS B 50 -27.69 -10.65 6.76
C LYS B 50 -28.12 -9.42 5.98
N ASN B 51 -29.33 -8.97 6.28
CA ASN B 51 -29.88 -7.74 5.72
C ASN B 51 -28.93 -6.56 5.87
N LEU B 52 -28.43 -6.40 7.09
CA LEU B 52 -27.45 -5.37 7.41
C LEU B 52 -26.17 -5.49 6.57
N ASN B 53 -25.64 -6.70 6.45
CA ASN B 53 -24.44 -6.88 5.63
C ASN B 53 -24.69 -6.42 4.20
N SER B 54 -25.87 -6.79 3.70
CA SER B 54 -26.30 -6.37 2.37
C SER B 54 -26.32 -4.86 2.23
N LEU B 55 -26.86 -4.15 3.22
CA LEU B 55 -26.82 -2.70 3.23
C LEU B 55 -25.41 -2.12 3.30
N SER B 56 -24.53 -2.82 4.00
CA SER B 56 -23.20 -2.31 4.33
C SER B 56 -22.20 -2.53 3.21
N GLU B 57 -22.53 -3.38 2.24
CA GLU B 57 -21.62 -3.62 1.13
C GLU B 57 -21.81 -2.64 -0.06
N LEU B 58 -22.66 -1.64 0.10
CA LEU B 58 -22.85 -0.58 -0.91
C LEU B 58 -21.60 0.26 -1.13
N GLU B 59 -21.16 0.42 -2.37
CA GLU B 59 -19.98 1.25 -2.62
C GLU B 59 -20.15 2.36 -3.65
N VAL B 60 -19.62 3.55 -3.34
CA VAL B 60 -19.84 4.73 -4.19
C VAL B 60 -18.57 5.58 -4.40
N LYS B 61 -18.48 6.19 -5.58
CA LYS B 61 -17.28 6.91 -6.04
C LYS B 61 -16.95 8.12 -5.17
N ASN B 62 -15.75 8.64 -5.28
CA ASN B 62 -15.24 9.50 -4.23
C ASN B 62 -15.64 11.00 -4.11
N LEU B 63 -15.80 11.73 -5.21
CA LEU B 63 -16.08 13.19 -5.10
C LEU B 63 -15.00 14.06 -4.44
N GLN B 64 -13.91 14.30 -5.15
CA GLN B 64 -12.86 15.18 -4.68
C GLN B 64 -12.76 16.40 -5.59
N ARG B 65 -11.90 17.35 -5.23
CA ARG B 65 -11.68 18.56 -6.03
C ARG B 65 -11.20 18.12 -7.41
N LEU B 66 -11.66 18.77 -8.48
CA LEU B 66 -11.11 18.41 -9.80
C LEU B 66 -9.79 19.14 -9.98
N SER B 67 -8.88 18.53 -10.73
CA SER B 67 -7.47 18.90 -10.72
C SER B 67 -7.03 20.10 -11.60
N GLY B 68 -7.84 20.49 -12.58
CA GLY B 68 -7.51 21.65 -13.39
C GLY B 68 -8.25 22.91 -12.94
N ALA B 69 -9.04 22.77 -11.87
CA ALA B 69 -9.95 23.79 -11.33
C ALA B 69 -9.37 25.18 -11.21
N MET B 70 -8.45 25.43 -10.28
CA MET B 70 -7.93 26.79 -10.02
C MET B 70 -8.86 27.90 -9.43
N ASP B 71 -9.00 27.93 -8.10
CA ASP B 71 -9.95 28.81 -7.38
C ASP B 71 -10.03 30.23 -7.90
N GLU B 72 -8.90 30.83 -8.21
CA GLU B 72 -8.89 32.23 -8.61
C GLU B 72 -9.51 32.45 -10.00
N LEU B 73 -9.05 31.64 -10.95
CA LEU B 73 -9.35 31.74 -12.37
C LEU B 73 -10.74 31.30 -12.70
N HIS B 74 -11.01 30.02 -12.54
CA HIS B 74 -12.28 29.49 -12.99
C HIS B 74 -13.20 29.19 -11.83
N ASN B 75 -14.04 30.17 -11.48
CA ASN B 75 -14.95 30.02 -10.38
C ASN B 75 -16.23 29.39 -10.85
N GLU B 76 -16.61 29.70 -12.07
CA GLU B 76 -17.91 29.32 -12.61
C GLU B 76 -17.92 27.82 -12.77
N ILE B 77 -16.85 27.33 -13.37
CA ILE B 77 -16.66 25.89 -13.54
C ILE B 77 -16.77 25.27 -12.19
N LEU B 78 -16.12 25.93 -11.25
CA LEU B 78 -16.00 25.45 -9.89
C LEU B 78 -17.37 25.35 -9.21
N GLU B 79 -18.25 26.32 -9.51
CA GLU B 79 -19.58 26.45 -8.92
C GLU B 79 -20.39 25.29 -9.41
N LEU B 80 -20.19 24.99 -10.69
CA LEU B 80 -20.82 23.82 -11.30
C LEU B 80 -20.32 22.52 -10.65
N ASP B 81 -19.02 22.43 -10.36
CA ASP B 81 -18.49 21.28 -9.61
C ASP B 81 -19.30 21.07 -8.33
N GLU B 82 -19.34 22.12 -7.54
CA GLU B 82 -20.11 22.15 -6.30
C GLU B 82 -21.50 21.61 -6.49
N LYS B 83 -22.14 22.13 -7.55
CA LYS B 83 -23.47 21.68 -7.95
C LYS B 83 -23.58 20.17 -8.16
N VAL B 84 -22.62 19.61 -8.90
CA VAL B 84 -22.62 18.18 -9.20
C VAL B 84 -22.39 17.32 -7.96
N ASP B 85 -21.52 17.79 -7.08
CA ASP B 85 -21.32 17.16 -5.79
C ASP B 85 -22.63 17.09 -4.99
N ASP B 86 -23.23 18.26 -4.77
CA ASP B 86 -24.45 18.33 -3.96
C ASP B 86 -25.54 17.43 -4.53
N LEU B 87 -25.78 17.58 -5.82
CA LEU B 87 -26.74 16.73 -6.49
C LEU B 87 -26.50 15.22 -6.29
N ARG B 88 -25.23 14.81 -6.40
CA ARG B 88 -24.88 13.42 -6.15
C ARG B 88 -25.30 12.97 -4.77
N ALA B 89 -24.85 13.73 -3.76
CA ALA B 89 -25.06 13.31 -2.38
C ALA B 89 -26.54 13.12 -2.12
N ASP B 90 -27.32 14.05 -2.67
CA ASP B 90 -28.77 14.03 -2.50
C ASP B 90 -29.34 12.74 -3.07
N THR B 91 -29.06 12.50 -4.35
CA THR B 91 -29.67 11.37 -5.04
C THR B 91 -29.37 10.08 -4.33
N ILE B 92 -28.06 9.87 -4.08
CA ILE B 92 -27.59 8.62 -3.47
C ILE B 92 -28.23 8.41 -2.10
N SER B 93 -28.39 9.51 -1.35
CA SER B 93 -29.10 9.48 -0.06
C SER B 93 -30.53 8.94 -0.21
N SER B 94 -31.27 9.50 -1.16
CA SER B 94 -32.64 9.04 -1.42
C SER B 94 -32.66 7.54 -1.68
N GLN B 95 -31.75 7.09 -2.54
CA GLN B 95 -31.67 5.68 -2.88
C GLN B 95 -31.49 4.81 -1.65
N ILE B 96 -30.52 5.19 -0.82
CA ILE B 96 -30.27 4.47 0.42
C ILE B 96 -31.54 4.43 1.28
N GLU B 97 -32.14 5.59 1.51
CA GLU B 97 -33.33 5.66 2.36
C GLU B 97 -34.33 4.64 1.89
N LEU B 98 -34.50 4.55 0.56
CA LEU B 98 -35.43 3.59 -0.01
C LEU B 98 -35.05 2.16 0.39
N ALA B 99 -33.79 1.80 0.15
CA ALA B 99 -33.33 0.44 0.44
C ALA B 99 -33.68 0.05 1.89
N VAL B 100 -33.45 1.01 2.79
CA VAL B 100 -33.70 0.79 4.21
C VAL B 100 -35.20 0.58 4.43
N LEU B 101 -36.01 1.53 3.94
CA LEU B 101 -37.46 1.48 4.10
C LEU B 101 -38.04 0.13 3.67
N LEU B 102 -37.67 -0.30 2.47
CA LEU B 102 -38.04 -1.63 2.00
C LEU B 102 -37.63 -2.72 2.98
N SER B 103 -36.36 -2.70 3.38
CA SER B 103 -35.82 -3.69 4.30
C SER B 103 -36.62 -3.82 5.62
N ASN B 104 -36.93 -2.67 6.21
CA ASN B 104 -37.73 -2.59 7.44
C ASN B 104 -39.15 -3.12 7.22
N GLU B 105 -39.71 -2.77 6.07
CA GLU B 105 -41.01 -3.29 5.70
C GLU B 105 -41.01 -4.81 5.75
N GLY B 106 -40.00 -5.42 5.13
CA GLY B 106 -39.87 -6.87 5.17
C GLY B 106 -39.77 -7.42 6.58
N ILE B 107 -38.82 -6.89 7.36
CA ILE B 107 -38.62 -7.30 8.75
C ILE B 107 -39.89 -7.27 9.62
N ILE B 108 -40.71 -6.22 9.47
CA ILE B 108 -41.93 -6.09 10.26
C ILE B 108 -43.12 -6.93 9.74
N ASN B 109 -43.28 -6.97 8.42
CA ASN B 109 -44.37 -7.77 7.86
C ASN B 109 -44.17 -9.26 8.10
N SER B 110 -42.92 -9.72 8.11
CA SER B 110 -42.62 -11.13 8.30
C SER B 110 -43.04 -11.70 9.67
N GLU B 111 -43.29 -10.82 10.63
CA GLU B 111 -43.52 -11.23 12.00
C GLU B 111 -44.84 -11.98 12.23
N ASP B 112 -45.85 -11.70 11.41
CA ASP B 112 -47.09 -12.46 11.47
C ASP B 112 -46.83 -13.89 10.95
N GLU B 113 -46.09 -13.96 9.84
CA GLU B 113 -45.76 -15.24 9.23
C GLU B 113 -44.96 -16.16 10.15
N HIS B 114 -44.05 -15.56 10.94
CA HIS B 114 -43.34 -16.31 11.98
C HIS B 114 -44.33 -17.07 12.87
N LEU B 115 -45.29 -16.32 13.41
CA LEU B 115 -46.35 -16.85 14.25
C LEU B 115 -47.08 -17.97 13.52
N LEU B 116 -47.31 -17.76 12.23
CA LEU B 116 -48.04 -18.73 11.40
C LEU B 116 -47.26 -20.05 11.22
N ALA B 117 -45.93 -19.97 11.31
CA ALA B 117 -45.07 -21.18 11.29
C ALA B 117 -45.04 -21.87 12.66
N LEU B 118 -44.94 -21.07 13.71
CA LEU B 118 -45.02 -21.55 15.08
C LEU B 118 -46.29 -22.39 15.30
N GLU B 119 -47.38 -21.92 14.71
CA GLU B 119 -48.63 -22.66 14.69
C GLU B 119 -48.42 -24.09 14.18
N ARG B 120 -47.75 -24.22 13.04
CA ARG B 120 -47.53 -25.51 12.41
C ARG B 120 -46.62 -26.41 13.24
N LYS B 121 -45.64 -25.80 13.92
CA LYS B 121 -44.75 -26.59 14.79
C LYS B 121 -45.49 -27.12 16.02
N LEU B 122 -46.40 -26.31 16.55
CA LEU B 122 -47.20 -26.73 17.69
C LEU B 122 -48.16 -27.86 17.31
N LYS B 123 -48.80 -27.71 16.14
CA LYS B 123 -49.73 -28.72 15.64
C LYS B 123 -49.02 -30.06 15.49
N LYS B 124 -47.73 -29.99 15.16
CA LYS B 124 -46.91 -31.19 14.96
C LYS B 124 -46.95 -32.11 16.17
N MET B 125 -46.65 -31.59 17.36
CA MET B 125 -46.73 -32.47 18.51
C MET B 125 -48.02 -32.20 19.26
N LEU B 126 -49.05 -32.95 18.87
CA LEU B 126 -50.30 -33.09 19.60
C LEU B 126 -50.85 -34.49 19.42
N GLY B 127 -51.18 -34.76 18.15
CA GLY B 127 -52.05 -35.84 17.76
C GLY B 127 -53.35 -35.12 17.42
N PRO B 128 -54.35 -35.85 16.91
CA PRO B 128 -55.63 -35.15 16.76
C PRO B 128 -56.36 -35.10 18.11
N SER B 129 -55.64 -34.70 19.15
CA SER B 129 -56.18 -34.58 20.50
C SER B 129 -56.67 -33.16 20.69
N ALA B 130 -56.34 -32.31 19.74
CA ALA B 130 -56.78 -30.92 19.75
C ALA B 130 -57.32 -30.53 18.39
N VAL B 131 -58.22 -29.57 18.39
CA VAL B 131 -58.83 -29.10 17.15
C VAL B 131 -58.19 -27.79 16.72
N GLU B 132 -58.05 -27.59 15.42
CA GLU B 132 -57.54 -26.32 14.92
C GLU B 132 -58.64 -25.28 15.04
N ILE B 133 -58.39 -24.25 15.83
CA ILE B 133 -59.35 -23.17 16.04
C ILE B 133 -59.28 -22.16 14.89
N GLY B 134 -58.09 -22.01 14.31
CA GLY B 134 -57.87 -21.03 13.27
C GLY B 134 -57.46 -19.70 13.86
N ASN B 135 -57.62 -19.58 15.17
CA ASN B 135 -57.26 -18.39 15.91
C ASN B 135 -55.77 -18.41 16.17
N GLY B 136 -55.12 -19.47 15.71
CA GLY B 136 -53.73 -19.74 16.02
C GLY B 136 -53.70 -20.54 17.30
N CYS B 137 -54.86 -21.08 17.67
CA CYS B 137 -55.01 -21.78 18.94
C CYS B 137 -55.52 -23.20 18.74
N PHE B 138 -55.35 -24.01 19.79
CA PHE B 138 -55.88 -25.36 19.82
C PHE B 138 -56.54 -25.60 21.15
N GLU B 139 -57.42 -26.58 21.21
CA GLU B 139 -58.00 -26.99 22.48
C GLU B 139 -57.55 -28.41 22.85
N THR B 140 -56.68 -28.49 23.85
CA THR B 140 -56.16 -29.78 24.29
C THR B 140 -57.06 -30.41 25.34
N LYS B 141 -57.18 -31.75 25.30
CA LYS B 141 -58.07 -32.48 26.18
C LYS B 141 -57.55 -32.55 27.61
N HIS B 142 -56.26 -32.31 27.79
CA HIS B 142 -55.64 -32.28 29.11
C HIS B 142 -55.30 -30.85 29.53
N LYS B 143 -54.71 -30.69 30.70
CA LYS B 143 -54.27 -29.38 31.17
C LYS B 143 -52.76 -29.23 31.07
N CYS B 144 -52.29 -28.02 30.78
CA CYS B 144 -50.86 -27.79 30.61
C CYS B 144 -50.32 -26.66 31.48
N ASN B 145 -49.43 -27.08 32.41
CA ASN B 145 -48.77 -26.12 33.28
C ASN B 145 -47.41 -25.69 32.70
N GLN B 146 -46.73 -24.79 33.45
CA GLN B 146 -45.49 -24.19 32.97
C GLN B 146 -44.42 -25.22 32.55
N THR B 147 -44.18 -26.21 33.41
CA THR B 147 -43.19 -27.26 33.14
C THR B 147 -43.58 -28.06 31.90
N CYS B 148 -44.88 -28.21 31.70
CA CYS B 148 -45.42 -28.90 30.54
C CYS B 148 -45.17 -28.09 29.26
N LEU B 149 -45.22 -26.77 29.39
CA LEU B 149 -45.08 -25.86 28.24
C LEU B 149 -43.64 -25.66 27.81
N ASP B 150 -42.73 -25.61 28.77
CA ASP B 150 -41.31 -25.51 28.47
C ASP B 150 -40.83 -26.70 27.62
N ARG B 151 -41.47 -27.86 27.82
CA ARG B 151 -41.14 -29.06 27.08
C ARG B 151 -41.63 -29.00 25.62
N ILE B 152 -42.68 -28.23 25.37
CA ILE B 152 -43.15 -27.99 24.00
C ILE B 152 -42.27 -26.95 23.34
N ALA B 153 -41.84 -25.96 24.12
CA ALA B 153 -40.93 -24.93 23.63
C ALA B 153 -39.59 -25.54 23.25
N ALA B 154 -39.15 -26.52 24.02
CA ALA B 154 -37.91 -27.22 23.73
C ALA B 154 -38.09 -28.24 22.61
N GLY B 155 -39.34 -28.52 22.26
CA GLY B 155 -39.66 -29.47 21.20
C GLY B 155 -39.62 -30.92 21.67
N THR B 156 -39.46 -31.12 22.97
CA THR B 156 -39.35 -32.45 23.56
C THR B 156 -40.71 -33.03 23.95
N PHE B 157 -41.78 -32.31 23.61
CA PHE B 157 -43.11 -32.76 23.99
C PHE B 157 -43.63 -33.84 23.06
N ASP B 158 -43.87 -35.01 23.63
CA ASP B 158 -44.60 -36.07 22.97
C ASP B 158 -45.49 -36.67 24.06
N ALA B 159 -46.81 -36.68 23.86
CA ALA B 159 -47.67 -37.15 24.93
C ALA B 159 -48.19 -38.57 24.71
N GLY B 160 -47.54 -39.51 25.39
CA GLY B 160 -48.15 -40.75 25.79
C GLY B 160 -48.31 -40.64 27.29
N GLU B 161 -47.69 -39.59 27.83
CA GLU B 161 -47.72 -39.29 29.27
C GLU B 161 -49.15 -38.90 29.66
N PHE B 162 -49.68 -37.88 29.00
CA PHE B 162 -51.11 -37.72 28.89
C PHE B 162 -51.39 -38.61 27.70
N SER B 163 -52.06 -39.72 27.90
CA SER B 163 -52.09 -40.72 26.86
C SER B 163 -53.18 -40.39 25.86
N LEU B 164 -52.73 -39.94 24.70
CA LEU B 164 -53.58 -39.51 23.60
C LEU B 164 -52.82 -39.86 22.33
N PRO B 165 -53.53 -40.00 21.19
CA PRO B 165 -52.91 -40.46 19.94
C PRO B 165 -51.63 -39.71 19.60
N THR B 166 -50.59 -40.45 19.23
CA THR B 166 -49.30 -39.85 18.93
C THR B 166 -49.05 -39.77 17.43
N PHE B 167 -48.47 -38.66 17.00
CA PHE B 167 -47.97 -38.56 15.63
C PHE B 167 -46.58 -39.15 15.61
N ASP B 168 -46.42 -40.23 14.88
CA ASP B 168 -45.19 -41.03 14.93
C ASP B 168 -44.02 -40.32 14.24
N SER B 169 -42.80 -40.63 14.68
CA SER B 169 -41.58 -39.99 14.16
C SER B 169 -40.61 -41.00 13.57
N ASP C 1 -74.39 -27.69 2.90
CA ASP C 1 -74.14 -26.38 2.31
C ASP C 1 -72.69 -25.97 2.50
N ARG C 2 -72.13 -25.31 1.49
CA ARG C 2 -70.72 -24.92 1.48
C ARG C 2 -70.51 -23.40 1.57
N ILE C 3 -69.55 -22.99 2.40
CA ILE C 3 -69.23 -21.58 2.58
C ILE C 3 -67.75 -21.24 2.28
N CYS C 4 -67.54 -20.42 1.24
CA CYS C 4 -66.19 -20.11 0.75
C CYS C 4 -65.79 -18.64 0.92
N THR C 5 -64.56 -18.33 0.52
CA THR C 5 -64.05 -16.96 0.51
C THR C 5 -63.84 -16.48 -0.92
N GLY C 6 -64.09 -15.20 -1.17
CA GLY C 6 -63.97 -14.64 -2.51
C GLY C 6 -63.73 -13.14 -2.55
N ILE C 7 -63.28 -12.65 -3.71
CA ILE C 7 -63.04 -11.22 -3.91
C ILE C 7 -63.96 -10.63 -4.99
N THR C 8 -63.91 -9.31 -5.19
CA THR C 8 -64.87 -8.61 -6.06
C THR C 8 -64.57 -8.74 -7.55
N SER C 9 -65.62 -8.63 -8.35
CA SER C 9 -65.50 -8.44 -9.79
C SER C 9 -66.19 -7.12 -10.17
N SER C 10 -65.54 -6.30 -10.98
CA SER C 10 -66.13 -5.05 -11.42
C SER C 10 -65.39 -4.49 -12.64
N ASN C 11 -65.85 -3.36 -13.16
CA ASN C 11 -65.18 -2.68 -14.27
C ASN C 11 -63.77 -2.26 -13.87
N SER C 12 -62.79 -2.66 -14.69
CA SER C 12 -61.39 -2.43 -14.34
C SER C 12 -60.57 -1.81 -15.48
N PRO C 13 -60.85 -0.53 -15.80
CA PRO C 13 -60.21 0.21 -16.89
C PRO C 13 -58.77 0.63 -16.63
N HIS C 14 -58.39 0.82 -15.36
CA HIS C 14 -57.05 1.36 -15.01
C HIS C 14 -55.94 0.31 -15.01
N VAL C 15 -54.79 0.66 -15.55
CA VAL C 15 -53.71 -0.29 -15.68
C VAL C 15 -52.51 0.06 -14.78
N VAL C 16 -51.90 -0.95 -14.16
CA VAL C 16 -50.75 -0.74 -13.27
C VAL C 16 -49.64 -1.78 -13.49
N LYS C 17 -48.41 -1.38 -13.18
CA LYS C 17 -47.20 -2.17 -13.42
C LYS C 17 -46.75 -2.88 -12.15
N THR C 18 -46.51 -4.17 -12.26
CA THR C 18 -46.02 -4.99 -11.15
C THR C 18 -44.85 -5.88 -11.57
N ALA C 19 -43.93 -6.15 -10.66
CA ALA C 19 -42.75 -6.90 -10.99
C ALA C 19 -43.06 -8.37 -11.26
N THR C 20 -43.89 -8.97 -10.39
CA THR C 20 -44.22 -10.38 -10.51
C THR C 20 -45.35 -10.72 -11.52
N GLN C 21 -46.41 -9.92 -11.57
CA GLN C 21 -47.60 -10.25 -12.36
C GLN C 21 -47.64 -9.61 -13.76
N GLY C 22 -46.63 -8.81 -14.07
CA GLY C 22 -46.65 -8.02 -15.29
C GLY C 22 -47.67 -6.88 -15.17
N GLU C 23 -48.10 -6.35 -16.32
CA GLU C 23 -49.04 -5.23 -16.36
C GLU C 23 -50.49 -5.71 -16.17
N VAL C 24 -51.17 -5.24 -15.12
CA VAL C 24 -52.52 -5.72 -14.82
C VAL C 24 -53.59 -4.64 -14.80
N ASN C 25 -54.83 -5.04 -15.18
CA ASN C 25 -56.01 -4.18 -15.04
C ASN C 25 -56.54 -4.26 -13.61
N VAL C 26 -56.98 -3.08 -13.08
CA VAL C 26 -57.30 -2.93 -11.66
C VAL C 26 -58.58 -2.08 -11.40
N THR C 27 -59.30 -2.39 -10.32
CA THR C 27 -60.54 -1.71 -9.91
C THR C 27 -60.44 -0.18 -9.89
N GLY C 28 -59.47 0.36 -9.16
CA GLY C 28 -59.29 1.80 -9.10
C GLY C 28 -57.82 2.18 -8.91
N VAL C 29 -57.50 3.45 -9.08
CA VAL C 29 -56.13 3.95 -8.90
C VAL C 29 -56.08 5.36 -8.33
N ILE C 30 -55.00 5.65 -7.62
CA ILE C 30 -54.72 7.00 -7.17
C ILE C 30 -53.60 7.58 -8.02
N PRO C 31 -53.94 8.57 -8.86
CA PRO C 31 -52.90 9.16 -9.73
C PRO C 31 -51.93 10.02 -8.93
N LEU C 32 -50.63 9.82 -9.19
CA LEU C 32 -49.55 10.56 -8.55
C LEU C 32 -49.01 11.68 -9.42
N THR C 33 -49.65 11.87 -10.58
CA THR C 33 -49.11 12.70 -11.63
C THR C 33 -50.08 13.83 -12.08
N THR C 34 -49.52 14.86 -12.72
CA THR C 34 -50.24 16.01 -13.23
C THR C 34 -49.43 16.54 -14.40
N THR C 35 -50.07 17.08 -15.43
CA THR C 35 -49.31 17.86 -16.38
C THR C 35 -49.74 19.28 -16.18
N PRO C 36 -48.88 20.09 -15.57
CA PRO C 36 -49.22 21.47 -15.22
C PRO C 36 -49.36 22.38 -16.44
N THR C 37 -49.94 23.56 -16.25
CA THR C 37 -50.24 24.46 -17.37
C THR C 37 -49.57 25.82 -17.31
N LYS C 38 -48.95 26.19 -18.44
CA LYS C 38 -48.12 27.38 -18.52
C LYS C 38 -48.90 28.57 -18.02
N SER C 39 -48.34 29.24 -17.04
CA SER C 39 -48.94 30.45 -16.49
C SER C 39 -47.86 31.53 -16.41
N HIS C 40 -48.22 32.67 -15.81
CA HIS C 40 -47.30 33.80 -15.72
C HIS C 40 -46.47 33.63 -14.48
N PHE C 41 -45.47 34.48 -14.32
CA PHE C 41 -44.53 34.30 -13.21
C PHE C 41 -45.02 35.01 -11.95
N ALA C 42 -44.77 34.40 -10.79
CA ALA C 42 -45.29 34.92 -9.53
C ALA C 42 -44.22 35.19 -8.48
N ASN C 43 -44.67 35.59 -7.30
CA ASN C 43 -43.76 35.71 -6.18
C ASN C 43 -43.65 34.34 -5.52
N LEU C 44 -42.43 33.96 -5.19
CA LEU C 44 -42.21 32.70 -4.51
C LEU C 44 -42.67 32.78 -3.06
N LYS C 45 -43.37 31.73 -2.62
CA LYS C 45 -44.06 31.74 -1.33
C LYS C 45 -43.23 32.27 -0.17
N GLY C 46 -42.27 31.49 0.29
CA GLY C 46 -41.59 31.83 1.54
C GLY C 46 -40.57 32.94 1.45
N THR C 47 -40.33 33.46 0.25
CA THR C 47 -39.06 34.12 -0.03
C THR C 47 -39.10 35.46 -0.78
N GLU C 48 -38.09 36.30 -0.57
CA GLU C 48 -37.88 37.46 -1.42
C GLU C 48 -37.84 37.00 -2.85
N THR C 49 -38.30 37.83 -3.76
CA THR C 49 -38.09 37.55 -5.20
C THR C 49 -37.70 38.81 -5.99
N ARG C 50 -36.50 38.84 -6.54
CA ARG C 50 -35.99 40.07 -7.14
C ARG C 50 -36.30 40.08 -8.62
N GLY C 51 -37.14 40.95 -9.10
CA GLY C 51 -37.19 41.09 -10.55
C GLY C 51 -36.22 42.09 -11.15
N LYS C 52 -36.35 43.31 -10.67
CA LYS C 52 -35.76 44.45 -11.31
C LYS C 52 -34.75 44.87 -10.28
N LEU C 53 -33.59 45.34 -10.73
CA LEU C 53 -32.44 45.52 -9.83
C LEU C 53 -32.84 46.43 -8.71
N CYS C 54 -33.17 47.66 -9.06
CA CYS C 54 -33.93 48.48 -8.15
C CYS C 54 -35.25 48.82 -8.79
N PRO C 55 -36.37 48.45 -8.16
CA PRO C 55 -37.60 49.07 -8.62
C PRO C 55 -37.54 50.52 -8.14
N LYS C 56 -38.50 51.39 -8.45
CA LYS C 56 -38.42 52.77 -7.96
C LYS C 56 -37.31 53.63 -8.58
N CYS C 57 -36.46 53.04 -9.40
CA CYS C 57 -35.68 53.87 -10.29
C CYS C 57 -36.40 53.66 -11.61
N LEU C 58 -37.20 54.66 -11.99
CA LEU C 58 -38.21 54.47 -13.04
C LEU C 58 -37.72 55.03 -14.38
N ASN C 59 -38.04 54.30 -15.48
CA ASN C 59 -37.43 54.70 -16.78
C ASN C 59 -35.93 54.41 -16.80
N CYS C 60 -35.66 53.36 -16.07
CA CYS C 60 -34.29 52.88 -15.84
C CYS C 60 -34.31 51.38 -15.98
N THR C 61 -33.44 50.84 -16.82
CA THR C 61 -33.31 49.40 -16.93
C THR C 61 -32.23 48.89 -16.01
N ASP C 62 -32.07 47.58 -15.92
CA ASP C 62 -31.12 47.05 -14.96
C ASP C 62 -29.71 47.50 -15.33
N LEU C 63 -29.44 47.54 -16.63
CA LEU C 63 -28.12 47.94 -17.09
C LEU C 63 -27.89 49.39 -16.72
N ASP C 64 -28.93 50.20 -16.82
CA ASP C 64 -28.80 51.59 -16.45
C ASP C 64 -28.39 51.75 -15.00
N VAL C 65 -29.10 51.05 -14.12
CA VAL C 65 -28.81 51.05 -12.69
C VAL C 65 -27.37 50.66 -12.47
N ALA C 66 -26.99 49.51 -13.04
CA ALA C 66 -25.65 48.94 -12.98
C ALA C 66 -24.49 49.86 -13.44
N LEU C 67 -24.66 50.52 -14.57
CA LEU C 67 -23.69 51.51 -15.02
C LEU C 67 -23.72 52.83 -14.21
N GLY C 68 -24.71 53.01 -13.34
CA GLY C 68 -24.81 54.23 -12.55
C GLY C 68 -25.09 55.46 -13.39
N ARG C 69 -26.04 55.32 -14.30
CA ARG C 69 -26.54 56.44 -15.11
C ARG C 69 -27.27 57.44 -14.25
N PRO C 70 -26.97 58.74 -14.41
CA PRO C 70 -27.50 59.78 -13.52
C PRO C 70 -29.02 59.64 -13.33
N LYS C 71 -29.54 59.87 -12.13
CA LYS C 71 -30.95 59.67 -11.79
C LYS C 71 -31.36 58.21 -11.70
N CYS C 72 -30.53 57.27 -12.15
CA CYS C 72 -30.83 55.91 -11.75
C CYS C 72 -29.89 55.58 -10.62
N THR C 73 -30.36 55.75 -9.38
CA THR C 73 -29.68 55.23 -8.21
C THR C 73 -30.72 55.09 -7.15
N GLY C 74 -30.55 54.08 -6.33
CA GLY C 74 -31.59 53.75 -5.37
C GLY C 74 -31.22 52.53 -4.56
N LYS C 75 -32.07 52.16 -3.63
CA LYS C 75 -31.76 50.99 -2.85
C LYS C 75 -32.07 49.80 -3.72
N ILE C 76 -31.04 49.02 -3.97
CA ILE C 76 -31.18 47.71 -4.57
C ILE C 76 -31.25 46.76 -3.39
N PRO C 77 -32.46 46.29 -3.11
CA PRO C 77 -32.77 45.47 -1.95
C PRO C 77 -32.25 44.07 -2.15
N SER C 78 -32.37 43.21 -1.16
CA SER C 78 -31.74 41.92 -1.26
C SER C 78 -32.72 40.76 -1.46
N ALA C 79 -32.30 39.72 -2.20
CA ALA C 79 -33.17 38.57 -2.49
C ALA C 79 -32.47 37.23 -2.50
N ARG C 80 -33.10 36.23 -1.89
CA ARG C 80 -32.58 34.87 -1.90
C ARG C 80 -32.95 34.18 -3.21
N VAL C 81 -33.83 34.85 -3.95
CA VAL C 81 -34.29 34.44 -5.31
C VAL C 81 -34.36 35.60 -6.33
N SER C 82 -33.76 35.46 -7.50
CA SER C 82 -33.86 36.51 -8.48
C SER C 82 -34.29 35.94 -9.78
N ILE C 83 -34.90 36.78 -10.59
CA ILE C 83 -35.41 36.39 -11.89
C ILE C 83 -34.71 37.15 -12.99
N LEU C 84 -34.27 36.41 -14.01
CA LEU C 84 -33.48 36.96 -15.09
C LEU C 84 -34.43 37.12 -16.24
N HIS C 85 -34.86 38.37 -16.41
CA HIS C 85 -35.79 38.77 -17.47
C HIS C 85 -35.15 39.17 -18.80
N GLU C 86 -34.04 39.90 -18.73
CA GLU C 86 -33.34 40.36 -19.91
C GLU C 86 -32.09 39.49 -20.25
N VAL C 87 -32.17 38.71 -21.32
CA VAL C 87 -31.07 37.86 -21.71
C VAL C 87 -30.04 38.67 -22.46
N ARG C 88 -30.45 39.76 -23.08
CA ARG C 88 -29.48 40.70 -23.62
C ARG C 88 -29.85 42.09 -23.20
N PRO C 89 -29.49 42.45 -21.97
CA PRO C 89 -29.88 43.72 -21.33
C PRO C 89 -29.43 44.96 -22.10
N VAL C 90 -30.09 46.07 -21.79
CA VAL C 90 -30.08 47.28 -22.64
C VAL C 90 -29.98 48.57 -21.80
N THR C 91 -29.28 49.58 -22.33
CA THR C 91 -29.31 50.91 -21.73
C THR C 91 -30.52 51.68 -22.24
N SER C 92 -31.14 52.51 -21.39
CA SER C 92 -32.26 53.35 -21.73
C SER C 92 -31.82 54.77 -22.02
N GLY C 93 -30.53 55.04 -22.00
CA GLY C 93 -30.04 56.40 -22.18
C GLY C 93 -28.57 56.69 -21.85
N CYS C 94 -28.33 57.94 -21.46
CA CYS C 94 -26.99 58.50 -21.32
C CYS C 94 -26.18 58.50 -22.61
N PHE C 95 -24.87 58.25 -22.53
CA PHE C 95 -23.93 58.47 -23.64
C PHE C 95 -23.82 57.21 -24.46
N PRO C 96 -23.62 57.34 -25.77
CA PRO C 96 -23.63 56.15 -26.63
C PRO C 96 -22.49 55.17 -26.34
N ILE C 97 -22.86 53.93 -26.10
CA ILE C 97 -21.91 52.86 -25.79
C ILE C 97 -21.86 51.85 -26.94
N MET C 98 -20.69 51.38 -27.35
CA MET C 98 -20.72 50.30 -28.33
C MET C 98 -20.69 49.04 -27.50
N HIS C 99 -21.86 48.44 -27.29
CA HIS C 99 -22.03 47.47 -26.21
C HIS C 99 -21.43 46.12 -26.50
N ASP C 100 -21.39 45.78 -27.77
CA ASP C 100 -21.10 44.42 -28.12
C ASP C 100 -19.60 44.15 -28.21
N ARG C 101 -18.81 45.20 -27.97
CA ARG C 101 -17.38 45.07 -28.07
C ARG C 101 -16.71 44.55 -26.77
N THR C 102 -17.53 44.39 -25.73
CA THR C 102 -17.07 43.92 -24.41
C THR C 102 -18.18 43.10 -23.76
N LYS C 103 -17.92 42.57 -22.58
CA LYS C 103 -18.90 41.69 -21.95
C LYS C 103 -19.95 42.48 -21.22
N ILE C 104 -19.87 43.83 -21.33
CA ILE C 104 -20.56 44.79 -20.44
C ILE C 104 -22.05 44.49 -20.23
N ARG C 105 -22.71 44.07 -21.30
CA ARG C 105 -24.11 43.74 -21.26
C ARG C 105 -24.56 42.77 -20.19
N GLN C 106 -23.67 41.89 -19.73
CA GLN C 106 -24.11 40.93 -18.73
C GLN C 106 -24.05 41.44 -17.29
N LEU C 107 -23.39 42.59 -17.10
CA LEU C 107 -23.15 43.12 -15.76
C LEU C 107 -24.35 42.98 -14.80
N PRO C 108 -25.55 43.44 -15.21
CA PRO C 108 -26.78 43.30 -14.41
C PRO C 108 -27.15 41.87 -14.05
N ASN C 109 -26.97 40.95 -15.00
CA ASN C 109 -27.23 39.57 -14.69
C ASN C 109 -26.16 38.99 -13.77
N LEU C 110 -25.00 39.60 -13.80
CA LEU C 110 -24.00 39.16 -12.85
C LEU C 110 -24.39 39.62 -11.45
N LEU C 111 -24.73 40.90 -11.32
CA LEU C 111 -25.09 41.48 -10.03
C LEU C 111 -26.22 40.66 -9.45
N ARG C 112 -27.19 40.37 -10.28
CA ARG C 112 -28.35 39.59 -9.91
C ARG C 112 -28.08 38.25 -9.21
N GLY C 113 -26.94 37.64 -9.53
CA GLY C 113 -26.58 36.34 -9.00
C GLY C 113 -26.39 36.35 -7.49
N TYR C 114 -25.90 37.46 -6.97
CA TYR C 114 -25.64 37.64 -5.55
C TYR C 114 -26.91 37.91 -4.79
N GLU C 115 -26.90 37.64 -3.49
CA GLU C 115 -27.98 38.05 -2.60
C GLU C 115 -27.88 39.49 -2.22
N HIS C 116 -26.69 39.99 -1.95
CA HIS C 116 -26.57 41.35 -1.47
C HIS C 116 -25.76 42.17 -2.43
N ILE C 117 -26.33 43.27 -2.87
CA ILE C 117 -25.68 44.18 -3.79
C ILE C 117 -25.75 45.63 -3.30
N ARG C 118 -24.65 46.37 -3.44
CA ARG C 118 -24.67 47.82 -3.19
C ARG C 118 -23.63 48.58 -4.00
N LEU C 119 -24.01 49.74 -4.49
CA LEU C 119 -23.04 50.66 -5.08
C LEU C 119 -22.17 51.07 -3.89
N SER C 120 -20.97 51.58 -4.12
CA SER C 120 -20.05 51.88 -3.01
C SER C 120 -20.24 53.29 -2.54
N THR C 121 -19.39 53.72 -1.62
CA THR C 121 -19.31 55.13 -1.35
C THR C 121 -17.90 55.58 -1.63
N HIS C 122 -17.76 56.90 -1.78
CA HIS C 122 -16.55 57.48 -2.32
C HIS C 122 -16.19 56.82 -3.63
N ASN C 123 -14.89 56.66 -3.83
CA ASN C 123 -14.36 56.41 -5.16
C ASN C 123 -13.13 55.52 -5.05
N VAL C 124 -12.91 54.62 -5.98
CA VAL C 124 -11.78 53.72 -5.84
C VAL C 124 -10.52 54.41 -6.27
N ILE C 125 -10.64 55.63 -6.87
CA ILE C 125 -9.46 56.35 -7.33
C ILE C 125 -9.75 57.79 -7.72
N ASN C 126 -8.82 58.68 -7.40
CA ASN C 126 -8.95 60.09 -7.76
C ASN C 126 -8.55 60.29 -9.22
N ALA C 127 -9.54 60.61 -10.05
CA ALA C 127 -9.32 60.75 -11.48
C ALA C 127 -8.43 61.94 -11.83
N GLU C 128 -8.64 63.06 -11.15
CA GLU C 128 -7.94 64.28 -11.51
C GLU C 128 -6.42 64.19 -11.26
N ASN C 129 -6.02 63.39 -10.26
CA ASN C 129 -4.62 63.27 -9.86
C ASN C 129 -4.00 62.04 -10.52
N ALA C 130 -4.72 61.42 -11.46
CA ALA C 130 -4.25 60.12 -11.94
C ALA C 130 -2.98 60.34 -12.75
N PRO C 131 -2.27 59.26 -13.05
CA PRO C 131 -1.04 59.33 -13.83
C PRO C 131 -1.30 59.77 -15.27
N GLY C 132 -0.50 60.70 -15.76
CA GLY C 132 -0.65 61.20 -17.12
C GLY C 132 -0.94 62.69 -17.15
N GLY C 133 -0.82 63.34 -16.01
CA GLY C 133 -1.06 64.77 -15.90
C GLY C 133 -2.44 65.09 -15.37
N PRO C 134 -2.56 66.22 -14.70
CA PRO C 134 -3.84 66.65 -14.12
C PRO C 134 -4.97 66.57 -15.15
N TYR C 135 -6.13 66.06 -14.72
CA TYR C 135 -7.29 65.92 -15.61
C TYR C 135 -8.50 66.75 -15.21
N LYS C 136 -9.05 67.49 -16.14
CA LYS C 136 -10.38 67.99 -15.89
C LYS C 136 -11.31 66.80 -16.12
N ILE C 137 -12.42 66.77 -15.40
CA ILE C 137 -13.40 65.70 -15.59
C ILE C 137 -14.55 66.05 -16.58
N GLY C 138 -14.68 65.20 -17.60
CA GLY C 138 -15.63 65.47 -18.65
C GLY C 138 -17.04 65.01 -18.35
N THR C 139 -17.99 65.81 -18.83
CA THR C 139 -19.42 65.55 -18.73
C THR C 139 -20.06 65.87 -20.06
N SER C 140 -21.24 65.33 -20.28
CA SER C 140 -21.90 65.51 -21.56
C SER C 140 -23.37 65.60 -21.33
N GLY C 141 -24.05 66.39 -22.17
CA GLY C 141 -25.48 66.33 -22.26
C GLY C 141 -25.78 64.90 -22.67
N SER C 142 -27.04 64.50 -22.57
CA SER C 142 -27.46 63.09 -22.68
C SER C 142 -27.27 62.37 -21.34
N CYS C 143 -26.57 63.04 -20.44
CA CYS C 143 -26.39 62.52 -19.10
C CYS C 143 -26.77 63.58 -18.08
N PRO C 144 -28.05 63.86 -18.00
CA PRO C 144 -28.53 64.87 -17.05
C PRO C 144 -28.55 64.34 -15.61
N ASN C 145 -28.44 65.24 -14.65
CA ASN C 145 -28.45 64.85 -13.24
C ASN C 145 -29.63 65.45 -12.48
N ILE C 146 -29.74 65.11 -11.20
CA ILE C 146 -30.82 65.61 -10.37
C ILE C 146 -31.28 66.99 -10.83
N THR C 147 -30.34 67.85 -11.19
CA THR C 147 -30.65 69.23 -11.50
C THR C 147 -31.06 69.12 -12.93
N ASN C 148 -30.10 69.25 -13.83
CA ASN C 148 -30.22 68.99 -15.27
C ASN C 148 -28.97 69.61 -15.78
N GLY C 149 -28.56 69.25 -16.98
CA GLY C 149 -27.29 69.72 -17.48
C GLY C 149 -26.25 68.63 -17.38
N ASN C 150 -25.06 68.96 -17.83
CA ASN C 150 -24.06 67.95 -18.08
C ASN C 150 -23.56 67.13 -16.87
N GLY C 151 -23.32 65.84 -17.13
CA GLY C 151 -23.00 64.86 -16.10
C GLY C 151 -22.40 63.64 -16.76
N PHE C 152 -22.34 62.53 -16.05
CA PHE C 152 -21.82 61.26 -16.58
C PHE C 152 -22.24 60.09 -15.70
N PHE C 153 -21.77 58.89 -16.01
CA PHE C 153 -22.05 57.75 -15.14
C PHE C 153 -21.39 57.93 -13.76
N ALA C 154 -22.12 57.59 -12.71
CA ALA C 154 -21.54 57.62 -11.38
C ALA C 154 -20.32 56.72 -11.36
N THR C 155 -20.50 55.58 -11.99
CA THR C 155 -19.56 54.49 -12.03
C THR C 155 -18.16 54.86 -12.54
N MET C 156 -18.01 55.89 -13.34
CA MET C 156 -16.65 56.22 -13.80
C MET C 156 -16.45 57.69 -14.07
N ALA C 157 -15.19 58.08 -14.16
CA ALA C 157 -14.80 59.48 -14.43
C ALA C 157 -14.07 59.61 -15.77
N TRP C 158 -14.52 60.57 -16.58
CA TRP C 158 -13.99 60.72 -17.93
C TRP C 158 -12.81 61.69 -17.92
N ALA C 159 -11.61 61.15 -18.07
CA ALA C 159 -10.43 61.95 -17.79
C ALA C 159 -9.94 62.70 -19.03
N VAL C 160 -10.18 64.01 -19.03
CA VAL C 160 -9.80 64.86 -20.14
C VAL C 160 -8.64 65.74 -19.75
N PRO C 161 -7.54 65.69 -20.49
CA PRO C 161 -6.34 66.26 -19.88
C PRO C 161 -6.33 67.78 -19.76
N LYS C 162 -6.93 68.30 -18.69
CA LYS C 162 -6.86 69.71 -18.28
C LYS C 162 -6.99 70.64 -19.46
N ASN C 163 -6.01 71.51 -19.64
CA ASN C 163 -6.01 72.41 -20.77
C ASN C 163 -4.67 72.31 -21.46
N ASP C 164 -4.40 73.22 -22.40
CA ASP C 164 -3.33 73.08 -23.40
C ASP C 164 -2.02 72.54 -22.82
N LYS C 165 -1.38 73.33 -21.96
CA LYS C 165 -0.40 72.82 -20.99
C LYS C 165 0.60 71.76 -21.52
N ASN C 166 0.60 70.63 -20.82
CA ASN C 166 1.30 69.42 -21.22
C ASN C 166 0.46 68.39 -22.01
N LYS C 167 -0.73 68.80 -22.48
CA LYS C 167 -1.57 67.92 -23.32
C LYS C 167 -0.92 67.39 -24.62
N THR C 168 -0.77 66.06 -24.63
CA THR C 168 -0.02 65.33 -25.64
C THR C 168 -0.26 63.84 -25.47
N ALA C 169 0.36 63.02 -26.31
CA ALA C 169 0.18 61.58 -26.21
C ALA C 169 1.16 60.99 -25.22
N THR C 170 0.73 60.00 -24.46
CA THR C 170 1.63 59.31 -23.55
C THR C 170 1.69 57.83 -23.87
N ASN C 171 2.74 57.21 -23.40
CA ASN C 171 2.84 55.77 -23.38
C ASN C 171 1.92 55.25 -22.28
N PRO C 172 1.62 53.94 -22.28
CA PRO C 172 0.63 53.49 -21.31
C PRO C 172 0.98 53.84 -19.88
N LEU C 173 0.03 54.43 -19.19
CA LEU C 173 0.13 54.63 -17.76
C LEU C 173 -0.56 53.46 -17.07
N THR C 174 -0.03 53.05 -15.91
CA THR C 174 -0.56 51.90 -15.16
C THR C 174 -1.23 52.36 -13.87
N ILE C 175 -2.26 51.65 -13.45
CA ILE C 175 -2.97 52.07 -12.27
C ILE C 175 -3.50 50.90 -11.50
N GLU C 176 -3.40 51.03 -10.18
CA GLU C 176 -3.86 49.99 -9.28
C GLU C 176 -5.28 50.35 -8.88
N VAL C 177 -6.14 49.34 -8.80
CA VAL C 177 -7.46 49.57 -8.28
C VAL C 177 -7.59 48.89 -6.93
N PRO C 178 -7.61 49.69 -5.88
CA PRO C 178 -7.73 49.32 -4.46
C PRO C 178 -8.96 48.47 -4.17
N TYR C 179 -8.98 47.75 -3.05
CA TYR C 179 -10.09 46.87 -2.79
C TYR C 179 -11.42 47.52 -2.28
N ILE C 180 -11.38 48.45 -1.31
CA ILE C 180 -12.57 49.31 -1.02
C ILE C 180 -13.88 48.69 -0.44
N CYS C 181 -14.07 47.38 -0.58
CA CYS C 181 -15.26 46.75 -0.05
C CYS C 181 -14.91 46.06 1.23
N THR C 182 -15.87 45.37 1.82
CA THR C 182 -15.66 44.83 3.16
C THR C 182 -15.36 43.32 3.19
N GLU C 183 -15.03 42.76 4.35
CA GLU C 183 -15.20 41.33 4.61
C GLU C 183 -14.95 40.37 3.45
N GLY C 184 -15.98 39.57 3.16
CA GLY C 184 -16.02 38.61 2.09
C GLY C 184 -16.80 39.02 0.83
N GLU C 185 -16.90 40.33 0.59
CA GLU C 185 -17.57 40.85 -0.59
C GLU C 185 -16.71 40.78 -1.86
N ASP C 186 -17.36 40.51 -2.99
CA ASP C 186 -16.73 40.67 -4.30
C ASP C 186 -16.82 42.12 -4.74
N GLN C 187 -15.77 42.63 -5.37
CA GLN C 187 -15.76 44.04 -5.74
C GLN C 187 -15.74 44.13 -7.26
N ILE C 188 -16.84 44.59 -7.88
CA ILE C 188 -16.95 44.70 -9.36
C ILE C 188 -16.63 46.10 -9.86
N THR C 189 -15.54 46.24 -10.58
CA THR C 189 -15.10 47.55 -10.98
C THR C 189 -15.52 47.86 -12.40
N VAL C 190 -16.16 49.00 -12.61
CA VAL C 190 -16.54 49.34 -13.99
C VAL C 190 -15.61 50.42 -14.57
N TRP C 191 -15.12 50.23 -15.80
CA TRP C 191 -14.19 51.17 -16.43
C TRP C 191 -14.32 51.14 -17.96
N GLY C 192 -13.56 51.98 -18.66
CA GLY C 192 -13.66 52.02 -20.11
C GLY C 192 -12.96 53.21 -20.75
N PHE C 193 -13.32 53.50 -22.00
CA PHE C 193 -12.66 54.59 -22.71
C PHE C 193 -13.51 55.26 -23.78
N HIS C 194 -12.95 56.28 -24.41
CA HIS C 194 -13.72 57.15 -25.31
C HIS C 194 -12.91 57.58 -26.55
N SER C 195 -13.48 57.42 -27.75
CA SER C 195 -12.87 57.93 -29.00
C SER C 195 -13.76 58.96 -29.74
N ASP C 196 -13.25 59.55 -30.82
CA ASP C 196 -13.95 60.68 -31.46
C ASP C 196 -13.49 60.96 -32.88
N ASN C 197 -13.96 62.07 -33.45
CA ASN C 197 -13.46 62.58 -34.72
C ASN C 197 -11.95 62.62 -34.67
N GLU C 198 -11.30 62.49 -35.82
CA GLU C 198 -9.86 62.64 -35.90
C GLU C 198 -9.40 64.01 -35.40
N THR C 199 -10.16 65.05 -35.75
CA THR C 199 -9.84 66.41 -35.33
C THR C 199 -10.26 66.67 -33.89
N GLN C 200 -11.40 66.11 -33.50
CA GLN C 200 -11.85 66.20 -32.13
C GLN C 200 -10.87 65.53 -31.18
N MET C 201 -10.27 64.44 -31.64
CA MET C 201 -9.30 63.72 -30.83
C MET C 201 -8.12 64.63 -30.54
N ALA C 202 -7.68 65.37 -31.56
CA ALA C 202 -6.54 66.27 -31.38
C ALA C 202 -6.95 67.53 -30.60
N LYS C 203 -8.23 67.82 -30.57
CA LYS C 203 -8.69 68.96 -29.79
C LYS C 203 -8.73 68.59 -28.30
N LEU C 204 -9.27 67.42 -28.00
CA LEU C 204 -9.49 66.97 -26.63
C LEU C 204 -8.18 66.59 -25.95
N TYR C 205 -7.60 65.48 -26.41
CA TYR C 205 -6.30 64.95 -25.96
C TYR C 205 -5.25 65.42 -26.95
N GLY C 206 -3.99 65.05 -26.75
CA GLY C 206 -2.99 65.56 -27.68
C GLY C 206 -2.79 64.76 -28.96
N ASP C 207 -3.68 63.80 -29.23
CA ASP C 207 -3.31 62.71 -30.14
C ASP C 207 -4.38 62.23 -31.13
N SER C 208 -3.98 62.06 -32.39
CA SER C 208 -4.86 61.53 -33.44
C SER C 208 -4.97 60.01 -33.54
N LYS C 209 -3.86 59.30 -33.33
CA LYS C 209 -3.79 57.84 -33.50
C LYS C 209 -4.58 57.07 -32.44
N PRO C 210 -4.84 55.77 -32.67
CA PRO C 210 -5.59 55.03 -31.65
C PRO C 210 -4.81 54.81 -30.35
N GLN C 211 -5.57 54.64 -29.27
CA GLN C 211 -5.02 54.45 -27.94
C GLN C 211 -5.38 53.03 -27.49
N LYS C 212 -4.58 52.46 -26.60
CA LYS C 212 -4.71 51.05 -26.25
C LYS C 212 -4.89 50.87 -24.74
N PHE C 213 -5.62 49.82 -24.35
CA PHE C 213 -6.03 49.63 -22.96
C PHE C 213 -5.92 48.19 -22.42
N THR C 214 -5.64 48.03 -21.12
CA THR C 214 -5.51 46.69 -20.51
C THR C 214 -6.09 46.53 -19.09
N SER C 215 -6.83 45.46 -18.84
CA SER C 215 -7.32 45.22 -17.49
C SER C 215 -6.80 43.89 -16.97
N SER C 216 -6.31 43.87 -15.74
CA SER C 216 -5.90 42.61 -15.12
C SER C 216 -6.41 42.45 -13.71
N ALA C 217 -7.28 41.48 -13.52
CA ALA C 217 -7.74 41.16 -12.18
C ALA C 217 -7.75 39.66 -11.90
N ASN C 218 -6.88 39.28 -10.96
CA ASN C 218 -6.71 37.91 -10.45
C ASN C 218 -6.86 36.84 -11.49
N GLY C 219 -5.92 36.85 -12.43
CA GLY C 219 -5.81 35.82 -13.44
C GLY C 219 -6.42 36.18 -14.78
N VAL C 220 -7.36 37.12 -14.76
CA VAL C 220 -8.10 37.46 -15.96
C VAL C 220 -7.60 38.74 -16.62
N THR C 221 -6.98 38.56 -17.78
CA THR C 221 -6.37 39.64 -18.52
C THR C 221 -7.26 39.98 -19.72
N THR C 222 -7.49 41.27 -19.98
CA THR C 222 -8.11 41.73 -21.25
C THR C 222 -7.43 42.96 -21.91
N HIS C 223 -7.53 43.01 -23.23
CA HIS C 223 -6.86 44.02 -24.03
C HIS C 223 -7.81 44.62 -25.04
N TYR C 224 -7.73 45.95 -25.18
CA TYR C 224 -8.60 46.73 -26.09
C TYR C 224 -7.78 47.73 -26.92
N VAL C 225 -8.20 47.96 -28.16
CA VAL C 225 -7.66 49.08 -28.93
C VAL C 225 -8.78 49.98 -29.62
N SER C 226 -8.58 51.30 -29.55
CA SER C 226 -9.60 52.23 -30.01
C SER C 226 -9.84 52.31 -31.53
N GLN C 227 -11.03 52.82 -31.87
CA GLN C 227 -11.44 53.18 -33.24
C GLN C 227 -11.34 54.70 -33.39
N ILE C 228 -10.74 55.17 -34.49
CA ILE C 228 -10.72 56.61 -34.72
C ILE C 228 -11.89 57.13 -35.62
N GLY C 229 -11.96 56.63 -36.84
CA GLY C 229 -13.00 57.07 -37.76
C GLY C 229 -14.39 56.61 -37.37
N GLY C 230 -15.32 56.78 -38.32
CA GLY C 230 -16.76 56.65 -38.12
C GLY C 230 -17.24 55.38 -37.45
N PHE C 231 -18.08 55.61 -36.45
CA PHE C 231 -18.55 54.55 -35.62
C PHE C 231 -19.94 54.15 -36.08
N PRO C 232 -20.49 53.09 -35.50
CA PRO C 232 -21.88 52.67 -35.65
C PRO C 232 -22.84 53.78 -35.31
N ASN C 233 -24.02 53.78 -35.95
CA ASN C 233 -25.04 54.73 -35.55
C ASN C 233 -25.38 54.54 -34.05
N GLN C 234 -25.53 55.63 -33.31
CA GLN C 234 -25.74 55.65 -31.87
C GLN C 234 -26.95 54.80 -31.48
N THR C 235 -26.87 54.11 -30.36
CA THR C 235 -28.02 53.33 -29.98
C THR C 235 -28.15 53.13 -28.50
N GLU C 236 -29.39 53.02 -28.08
CA GLU C 236 -29.74 52.90 -26.68
C GLU C 236 -29.24 54.08 -25.87
N ASP C 237 -28.97 55.20 -26.54
CA ASP C 237 -28.35 56.32 -25.87
C ASP C 237 -29.40 57.32 -25.40
N GLY C 238 -28.93 58.46 -24.90
CA GLY C 238 -29.79 59.47 -24.32
C GLY C 238 -30.42 60.38 -25.33
N GLY C 239 -29.99 60.25 -26.58
CA GLY C 239 -30.70 60.88 -27.68
C GLY C 239 -30.02 62.06 -28.37
N LEU C 240 -29.03 62.66 -27.74
CA LEU C 240 -28.31 63.75 -28.39
C LEU C 240 -27.18 63.20 -29.23
N PRO C 241 -27.05 63.75 -30.45
CA PRO C 241 -26.00 63.34 -31.39
C PRO C 241 -24.64 63.77 -30.90
N GLN C 242 -23.69 62.81 -30.86
CA GLN C 242 -22.29 63.08 -30.55
C GLN C 242 -21.40 62.40 -31.58
N SER C 243 -20.22 62.97 -31.80
CA SER C 243 -19.33 62.42 -32.80
C SER C 243 -18.58 61.21 -32.30
N GLY C 244 -18.46 61.11 -30.97
CA GLY C 244 -17.69 60.05 -30.35
C GLY C 244 -18.47 58.90 -29.72
N ARG C 245 -17.78 57.83 -29.39
CA ARG C 245 -18.42 56.74 -28.69
C ARG C 245 -17.57 56.27 -27.51
N ILE C 246 -18.13 55.30 -26.79
CA ILE C 246 -17.60 54.89 -25.50
C ILE C 246 -17.60 53.37 -25.43
N VAL C 247 -16.51 52.82 -24.94
CA VAL C 247 -16.44 51.38 -24.62
C VAL C 247 -16.36 51.13 -23.12
N VAL C 248 -17.22 50.23 -22.65
CA VAL C 248 -17.32 49.99 -21.21
C VAL C 248 -17.18 48.51 -20.97
N ASP C 249 -16.38 48.18 -19.95
CA ASP C 249 -16.11 46.82 -19.52
C ASP C 249 -16.15 46.84 -18.02
N TYR C 250 -16.41 45.68 -17.42
CA TYR C 250 -16.21 45.55 -16.00
C TYR C 250 -15.13 44.51 -15.70
N MET C 251 -14.49 44.59 -14.53
CA MET C 251 -13.57 43.54 -14.04
C MET C 251 -13.89 43.15 -12.58
N VAL C 252 -14.09 41.86 -12.34
CA VAL C 252 -14.40 41.44 -10.99
C VAL C 252 -13.09 41.26 -10.20
N GLN C 253 -13.06 41.72 -8.97
CA GLN C 253 -11.92 41.54 -8.09
C GLN C 253 -12.28 40.63 -6.92
N LYS C 254 -11.61 39.50 -6.83
CA LYS C 254 -11.89 38.50 -5.81
C LYS C 254 -12.01 39.11 -4.41
N SER C 255 -12.18 38.25 -3.41
CA SER C 255 -12.31 38.69 -2.03
C SER C 255 -10.96 39.09 -1.45
N GLY C 256 -10.66 40.39 -1.47
CA GLY C 256 -9.44 40.90 -0.95
C GLY C 256 -8.48 41.40 -2.00
N LYS C 257 -8.56 40.82 -3.27
CA LYS C 257 -7.46 41.09 -4.19
C LYS C 257 -7.59 42.41 -4.93
N THR C 258 -6.46 43.02 -5.25
CA THR C 258 -6.45 44.28 -6.00
C THR C 258 -6.48 44.03 -7.52
N GLY C 259 -6.48 45.10 -8.30
CA GLY C 259 -6.65 45.00 -9.75
C GLY C 259 -5.91 46.09 -10.51
N THR C 260 -5.75 45.90 -11.82
CA THR C 260 -4.87 46.80 -12.59
C THR C 260 -5.49 47.24 -13.91
N ILE C 261 -5.18 48.47 -14.32
CA ILE C 261 -5.65 48.99 -15.61
C ILE C 261 -4.55 49.81 -16.26
N THR C 262 -4.29 49.61 -17.53
CA THR C 262 -3.31 50.45 -18.19
C THR C 262 -4.02 51.15 -19.30
N TYR C 263 -3.59 52.38 -19.58
CA TYR C 263 -4.35 53.26 -20.44
C TYR C 263 -3.53 54.36 -21.09
N GLN C 264 -4.05 54.93 -22.16
CA GLN C 264 -3.47 56.09 -22.81
C GLN C 264 -4.62 57.07 -22.83
N ARG C 265 -4.56 58.14 -23.65
CA ARG C 265 -5.63 59.17 -23.71
C ARG C 265 -7.11 58.69 -23.89
N GLY C 266 -8.01 59.29 -23.12
CA GLY C 266 -9.43 59.00 -23.23
C GLY C 266 -9.95 57.99 -22.25
N ILE C 267 -9.21 57.77 -21.18
CA ILE C 267 -9.59 56.75 -20.23
C ILE C 267 -10.78 57.19 -19.37
N LEU C 268 -11.71 56.25 -19.11
CA LEU C 268 -12.66 56.47 -18.02
C LEU C 268 -12.24 55.65 -16.82
N LEU C 269 -11.70 56.33 -15.79
CA LEU C 269 -11.14 55.68 -14.60
C LEU C 269 -12.30 55.35 -13.73
N PRO C 270 -12.28 54.18 -13.06
CA PRO C 270 -13.48 53.80 -12.31
C PRO C 270 -13.66 54.68 -11.05
N GLN C 271 -14.90 55.11 -10.74
CA GLN C 271 -15.11 55.85 -9.51
C GLN C 271 -15.90 55.02 -8.52
N LYS C 272 -17.23 55.02 -8.55
CA LYS C 272 -17.98 54.17 -7.63
C LYS C 272 -17.88 52.75 -8.15
N VAL C 273 -18.17 51.77 -7.29
CA VAL C 273 -17.85 50.39 -7.59
C VAL C 273 -18.85 49.38 -6.98
N TRP C 274 -19.15 48.30 -7.64
CA TRP C 274 -20.14 47.39 -7.07
C TRP C 274 -19.61 46.52 -5.91
N CYS C 275 -20.42 46.38 -4.87
CA CYS C 275 -20.01 45.52 -3.75
C CYS C 275 -21.07 44.47 -3.44
N ALA C 276 -20.69 43.20 -3.58
CA ALA C 276 -21.66 42.13 -3.56
C ALA C 276 -21.26 40.97 -2.73
N SER C 277 -22.23 40.31 -2.11
CA SER C 277 -21.96 39.16 -1.27
C SER C 277 -23.16 38.26 -1.31
N GLY C 278 -23.12 37.09 -0.68
CA GLY C 278 -24.29 36.21 -0.64
C GLY C 278 -24.59 35.60 -2.00
N ARG C 279 -25.54 34.68 -2.06
CA ARG C 279 -25.95 34.24 -3.39
C ARG C 279 -27.43 33.97 -3.51
N SER C 280 -27.98 34.45 -4.63
CA SER C 280 -29.41 34.36 -4.95
C SER C 280 -29.72 33.34 -6.01
N LYS C 281 -30.81 32.61 -5.87
CA LYS C 281 -31.04 31.49 -6.79
C LYS C 281 -31.83 31.98 -7.97
N VAL C 282 -31.16 32.10 -9.10
CA VAL C 282 -31.67 32.78 -10.29
C VAL C 282 -32.38 31.81 -11.20
N ILE C 283 -33.51 32.25 -11.71
CA ILE C 283 -34.23 31.49 -12.71
C ILE C 283 -34.58 32.39 -13.89
N LYS C 284 -34.92 31.78 -15.03
CA LYS C 284 -35.27 32.54 -16.22
C LYS C 284 -36.77 32.78 -16.30
N GLY C 285 -37.20 33.96 -15.86
CA GLY C 285 -38.61 34.30 -15.89
C GLY C 285 -38.88 35.56 -16.69
N SER C 286 -40.13 36.01 -16.69
CA SER C 286 -40.53 37.21 -17.40
C SER C 286 -41.59 37.99 -16.65
N LEU C 287 -41.22 39.18 -16.18
CA LEU C 287 -42.15 40.03 -15.43
C LEU C 287 -43.39 40.34 -16.25
N PRO C 288 -44.43 40.82 -15.58
CA PRO C 288 -44.38 41.03 -14.13
C PRO C 288 -44.65 39.76 -13.32
N LEU C 289 -44.20 39.76 -12.06
CA LEU C 289 -44.47 38.69 -11.10
C LEU C 289 -45.85 38.92 -10.53
N ILE C 290 -46.78 38.01 -10.83
CA ILE C 290 -48.14 38.20 -10.38
C ILE C 290 -48.58 37.25 -9.25
N GLY C 291 -48.92 37.70 -8.03
CA GLY C 291 -49.42 36.82 -6.99
C GLY C 291 -48.36 35.96 -6.31
N GLU C 292 -48.79 34.87 -5.70
CA GLU C 292 -47.88 33.91 -5.07
C GLU C 292 -48.02 32.54 -5.69
N ALA C 293 -46.92 31.81 -5.71
CA ALA C 293 -46.94 30.42 -6.13
C ALA C 293 -46.06 29.61 -5.16
N ASP C 294 -46.32 28.30 -5.07
CA ASP C 294 -45.43 27.42 -4.31
C ASP C 294 -44.09 27.34 -5.06
N CYS C 295 -44.19 27.21 -6.38
CA CYS C 295 -43.08 26.86 -7.25
C CYS C 295 -42.92 27.82 -8.40
N LEU C 296 -41.69 28.05 -8.86
CA LEU C 296 -41.42 28.81 -10.07
C LEU C 296 -40.71 27.97 -11.11
N HIS C 297 -41.39 27.62 -12.20
CA HIS C 297 -40.84 26.72 -13.22
C HIS C 297 -40.38 27.56 -14.41
N GLU C 298 -39.24 27.25 -15.02
CA GLU C 298 -38.69 28.12 -16.04
C GLU C 298 -39.58 28.12 -17.29
N LYS C 299 -40.19 26.97 -17.54
CA LYS C 299 -41.14 26.82 -18.61
C LYS C 299 -42.55 27.19 -18.28
N TYR C 300 -43.03 26.77 -17.12
CA TYR C 300 -44.45 26.97 -16.73
C TYR C 300 -44.80 28.17 -15.85
N GLY C 301 -43.83 29.04 -15.51
CA GLY C 301 -44.03 30.12 -14.55
C GLY C 301 -44.55 29.67 -13.19
N GLY C 302 -45.49 30.43 -12.60
CA GLY C 302 -46.10 30.10 -11.32
C GLY C 302 -46.81 28.74 -11.25
N LEU C 303 -46.66 28.06 -10.11
CA LEU C 303 -47.09 26.66 -9.93
C LEU C 303 -47.49 26.42 -8.48
N ASN C 304 -48.59 25.67 -8.31
CA ASN C 304 -48.93 25.29 -6.93
C ASN C 304 -48.81 23.77 -6.77
N LYS C 305 -48.25 23.31 -5.62
CA LYS C 305 -47.95 21.89 -5.52
C LYS C 305 -49.18 21.08 -5.21
N SER C 306 -49.54 20.20 -6.12
CA SER C 306 -50.78 19.46 -6.06
C SER C 306 -50.52 17.97 -5.72
N LYS C 307 -50.08 17.23 -6.73
CA LYS C 307 -49.65 15.87 -6.55
C LYS C 307 -48.13 15.92 -6.35
N PRO C 308 -47.53 14.86 -5.76
CA PRO C 308 -46.08 14.78 -5.53
C PRO C 308 -45.24 14.91 -6.81
N TYR C 309 -45.67 14.32 -7.91
CA TYR C 309 -44.91 14.40 -9.15
C TYR C 309 -45.70 14.97 -10.34
N TYR C 310 -44.99 15.43 -11.37
CA TYR C 310 -45.63 15.93 -12.59
C TYR C 310 -45.01 15.42 -13.89
N THR C 311 -45.80 15.32 -14.95
CA THR C 311 -45.29 14.99 -16.29
C THR C 311 -45.25 16.24 -17.14
N GLY C 312 -44.28 16.35 -18.03
CA GLY C 312 -44.26 17.52 -18.88
C GLY C 312 -42.88 17.94 -19.28
N GLU C 313 -42.77 19.19 -19.74
CA GLU C 313 -41.49 19.78 -20.10
C GLU C 313 -40.70 20.00 -18.81
N HIS C 314 -39.49 19.48 -18.75
CA HIS C 314 -38.65 19.68 -17.58
C HIS C 314 -37.70 20.87 -17.77
N ALA C 315 -37.62 21.73 -16.76
CA ALA C 315 -36.55 22.72 -16.69
C ALA C 315 -36.25 23.11 -15.26
N LYS C 316 -35.37 24.11 -15.13
CA LYS C 316 -34.97 24.61 -13.83
C LYS C 316 -36.18 25.14 -13.08
N ALA C 317 -36.34 24.76 -11.81
CA ALA C 317 -37.47 25.27 -11.02
C ALA C 317 -37.11 25.47 -9.56
N ILE C 318 -37.58 26.56 -8.95
CA ILE C 318 -37.28 26.78 -7.51
C ILE C 318 -38.51 26.82 -6.65
N GLY C 319 -38.33 26.50 -5.37
CA GLY C 319 -39.44 26.47 -4.42
C GLY C 319 -39.98 25.08 -4.13
N ASN C 320 -41.14 25.03 -3.50
CA ASN C 320 -41.76 23.76 -3.17
C ASN C 320 -42.38 23.28 -4.47
N CYS C 321 -41.81 22.20 -5.00
CA CYS C 321 -42.12 21.79 -6.35
C CYS C 321 -42.54 20.36 -6.38
N PRO C 322 -43.33 19.98 -7.37
CA PRO C 322 -43.54 18.55 -7.65
C PRO C 322 -42.31 18.05 -8.39
N ILE C 323 -42.03 16.75 -8.32
CA ILE C 323 -40.84 16.17 -8.97
C ILE C 323 -41.20 15.67 -10.38
N TRP C 324 -40.31 15.93 -11.34
CA TRP C 324 -40.54 15.52 -12.72
C TRP C 324 -40.41 14.00 -12.92
N VAL C 325 -41.31 13.44 -13.71
CA VAL C 325 -41.32 12.00 -13.97
C VAL C 325 -41.51 11.73 -15.47
N LYS C 326 -40.89 10.65 -15.96
CA LYS C 326 -40.96 10.24 -17.38
C LYS C 326 -42.37 9.94 -17.86
N THR C 327 -43.10 9.18 -17.05
CA THR C 327 -44.43 8.70 -17.41
C THR C 327 -45.41 9.04 -16.29
N PRO C 328 -46.68 9.30 -16.62
CA PRO C 328 -47.70 9.48 -15.57
C PRO C 328 -47.88 8.19 -14.77
N LEU C 329 -47.76 8.25 -13.44
CA LEU C 329 -47.71 7.04 -12.62
C LEU C 329 -48.95 6.89 -11.78
N LYS C 330 -49.36 5.65 -11.58
CA LYS C 330 -50.55 5.37 -10.80
C LYS C 330 -50.23 4.44 -9.64
N LEU C 331 -50.70 4.79 -8.44
CA LEU C 331 -50.62 3.85 -7.32
C LEU C 331 -51.92 3.03 -7.32
N ALA C 332 -51.84 1.73 -7.06
CA ALA C 332 -53.04 0.90 -7.17
C ALA C 332 -53.96 1.03 -5.95
N ASN C 333 -55.23 1.46 -6.18
CA ASN C 333 -56.24 1.54 -5.12
C ASN C 333 -57.45 0.63 -5.43
N GLY C 334 -57.33 -0.67 -5.07
CA GLY C 334 -58.25 -1.66 -5.62
C GLY C 334 -57.84 -3.11 -5.65
N THR C 335 -58.46 -3.89 -6.54
CA THR C 335 -58.16 -5.31 -6.67
C THR C 335 -57.80 -5.67 -8.13
N LYS C 336 -57.18 -6.83 -8.33
CA LYS C 336 -56.91 -7.32 -9.68
C LYS C 336 -58.24 -7.61 -10.38
N TYR C 337 -58.26 -7.41 -11.69
CA TYR C 337 -59.48 -7.69 -12.45
C TYR C 337 -59.84 -9.16 -12.37
N ARG C 338 -61.07 -9.43 -11.94
CA ARG C 338 -61.59 -10.78 -11.85
C ARG C 338 -62.82 -11.00 -12.73
N PRO C 339 -62.71 -11.91 -13.72
CA PRO C 339 -63.92 -12.23 -14.50
C PRO C 339 -64.96 -12.96 -13.65
N PRO C 340 -66.24 -12.57 -13.78
CA PRO C 340 -67.33 -13.17 -12.99
C PRO C 340 -67.52 -14.65 -13.27
N ALA C 341 -68.05 -15.40 -12.31
CA ALA C 341 -68.32 -16.83 -12.49
C ALA C 341 -69.54 -17.32 -11.72
N GLY D 1 -52.89 -14.38 -7.25
CA GLY D 1 -51.47 -14.64 -7.36
C GLY D 1 -51.20 -16.09 -7.70
N PHE D 2 -49.97 -16.52 -7.48
CA PHE D 2 -49.61 -17.92 -7.71
C PHE D 2 -50.32 -18.84 -6.73
N PHE D 3 -50.52 -18.33 -5.51
CA PHE D 3 -51.13 -19.11 -4.44
C PHE D 3 -52.53 -19.55 -4.80
N GLY D 4 -53.34 -18.59 -5.23
CA GLY D 4 -54.72 -18.86 -5.61
C GLY D 4 -54.81 -19.89 -6.73
N ALA D 5 -53.90 -19.78 -7.69
CA ALA D 5 -53.89 -20.70 -8.83
C ALA D 5 -53.51 -22.11 -8.43
N ILE D 6 -52.51 -22.23 -7.57
CA ILE D 6 -52.06 -23.54 -7.11
C ILE D 6 -53.06 -24.23 -6.18
N ALA D 7 -53.44 -23.54 -5.11
CA ALA D 7 -54.20 -24.14 -4.02
C ALA D 7 -55.62 -24.51 -4.39
N GLY D 8 -56.12 -23.92 -5.49
CA GLY D 8 -57.46 -24.20 -5.95
C GLY D 8 -58.48 -23.17 -5.52
N PHE D 9 -58.01 -22.07 -4.94
CA PHE D 9 -58.87 -20.95 -4.57
C PHE D 9 -59.54 -20.45 -5.83
N LEU D 10 -60.75 -19.93 -5.70
CA LEU D 10 -61.57 -19.63 -6.87
C LEU D 10 -60.92 -18.65 -7.85
N GLU D 11 -60.82 -19.09 -9.10
CA GLU D 11 -60.30 -18.26 -10.16
C GLU D 11 -61.42 -17.32 -10.54
N GLY D 12 -61.19 -16.03 -10.40
CA GLY D 12 -62.23 -15.05 -10.68
C GLY D 12 -63.14 -14.83 -9.48
N GLY D 13 -63.67 -13.61 -9.37
CA GLY D 13 -64.51 -13.24 -8.26
C GLY D 13 -65.99 -13.05 -8.58
N TRP D 14 -66.75 -12.70 -7.54
CA TRP D 14 -68.19 -12.45 -7.66
C TRP D 14 -68.44 -10.95 -7.73
N GLU D 15 -69.33 -10.53 -8.63
CA GLU D 15 -69.62 -9.11 -8.80
C GLU D 15 -70.75 -8.66 -7.89
N GLY D 16 -71.24 -9.59 -7.08
CA GLY D 16 -72.34 -9.32 -6.18
C GLY D 16 -72.02 -8.36 -5.06
N MET D 17 -70.76 -8.30 -4.66
CA MET D 17 -70.39 -7.49 -3.51
C MET D 17 -69.75 -6.17 -3.91
N ILE D 18 -70.51 -5.09 -3.77
CA ILE D 18 -69.96 -3.77 -3.97
C ILE D 18 -69.59 -3.18 -2.61
N ALA D 19 -69.91 -3.94 -1.57
CA ALA D 19 -69.74 -3.48 -0.20
C ALA D 19 -68.27 -3.36 0.21
N GLY D 20 -67.46 -4.32 -0.22
CA GLY D 20 -66.04 -4.34 0.12
C GLY D 20 -65.20 -5.04 -0.94
N TRP D 21 -63.90 -5.13 -0.68
CA TRP D 21 -62.98 -5.80 -1.61
C TRP D 21 -62.92 -7.32 -1.46
N HIS D 22 -63.11 -7.83 -0.24
CA HIS D 22 -63.03 -9.28 0.01
C HIS D 22 -64.18 -9.78 0.89
N GLY D 23 -64.60 -11.02 0.69
CA GLY D 23 -65.79 -11.52 1.38
C GLY D 23 -66.00 -13.02 1.42
N TYR D 24 -67.22 -13.43 1.76
CA TYR D 24 -67.57 -14.84 1.91
C TYR D 24 -68.81 -15.24 1.08
N THR D 25 -68.88 -16.51 0.70
CA THR D 25 -69.98 -17.01 -0.16
C THR D 25 -70.68 -18.28 0.37
N SER D 26 -72.00 -18.35 0.20
CA SER D 26 -72.79 -19.49 0.66
C SER D 26 -73.42 -20.24 -0.51
N HIS D 27 -73.34 -21.57 -0.46
CA HIS D 27 -73.90 -22.43 -1.52
C HIS D 27 -74.96 -23.37 -0.96
N GLY D 28 -75.80 -23.91 -1.85
CA GLY D 28 -76.83 -24.85 -1.45
C GLY D 28 -78.07 -24.76 -2.33
N ALA D 29 -79.14 -25.41 -1.89
CA ALA D 29 -80.41 -25.39 -2.62
C ALA D 29 -81.20 -24.13 -2.27
N HIS D 30 -80.60 -23.28 -1.44
CA HIS D 30 -81.18 -22.00 -1.08
C HIS D 30 -80.70 -20.90 -2.03
N GLY D 31 -79.94 -21.29 -3.04
CA GLY D 31 -79.33 -20.33 -3.95
C GLY D 31 -77.89 -20.05 -3.56
N VAL D 32 -77.35 -18.93 -4.05
CA VAL D 32 -75.98 -18.53 -3.75
C VAL D 32 -75.90 -17.17 -3.06
N ALA D 33 -75.49 -17.16 -1.79
CA ALA D 33 -75.43 -15.93 -1.01
C ALA D 33 -74.03 -15.31 -1.06
N VAL D 34 -73.96 -13.98 -1.05
CA VAL D 34 -72.67 -13.27 -1.10
C VAL D 34 -72.60 -12.17 -0.04
N ALA D 35 -71.50 -12.09 0.69
CA ALA D 35 -71.31 -11.04 1.69
C ALA D 35 -69.88 -10.50 1.70
N ALA D 36 -69.69 -9.31 2.27
CA ALA D 36 -68.38 -8.66 2.31
C ALA D 36 -67.85 -8.42 3.73
N ASP D 37 -66.53 -8.41 3.88
CA ASP D 37 -65.89 -8.11 5.17
C ASP D 37 -65.19 -6.74 5.16
N LEU D 38 -65.64 -5.86 6.05
CA LEU D 38 -65.19 -4.47 6.04
C LEU D 38 -63.81 -4.25 6.67
N LYS D 39 -63.46 -5.06 7.66
CA LYS D 39 -62.16 -4.89 8.33
C LYS D 39 -60.99 -5.21 7.39
N SER D 40 -61.17 -6.25 6.56
CA SER D 40 -60.16 -6.60 5.57
C SER D 40 -59.96 -5.46 4.58
N THR D 41 -61.07 -4.95 4.06
CA THR D 41 -61.06 -3.85 3.12
C THR D 41 -60.44 -2.59 3.74
N GLN D 42 -60.87 -2.26 4.95
CA GLN D 42 -60.31 -1.11 5.66
C GLN D 42 -58.80 -1.24 5.84
N GLU D 43 -58.35 -2.44 6.25
CA GLU D 43 -56.91 -2.71 6.41
C GLU D 43 -56.15 -2.47 5.11
N ALA D 44 -56.68 -3.02 4.01
CA ALA D 44 -56.10 -2.80 2.68
C ALA D 44 -55.97 -1.31 2.38
N ILE D 45 -57.07 -0.59 2.59
CA ILE D 45 -57.10 0.86 2.36
C ILE D 45 -56.02 1.58 3.16
N ASN D 46 -55.78 1.13 4.39
CA ASN D 46 -54.76 1.73 5.23
C ASN D 46 -53.34 1.45 4.74
N LYS D 47 -53.11 0.20 4.35
CA LYS D 47 -51.83 -0.18 3.76
C LYS D 47 -51.54 0.82 2.66
N ILE D 48 -52.52 0.96 1.76
CA ILE D 48 -52.36 1.83 0.60
C ILE D 48 -52.13 3.31 0.94
N THR D 49 -52.94 3.85 1.84
CA THR D 49 -52.83 5.27 2.14
C THR D 49 -51.48 5.59 2.77
N LYS D 50 -51.08 4.77 3.74
CA LYS D 50 -49.79 4.94 4.39
C LYS D 50 -48.67 4.86 3.36
N ASN D 51 -48.78 3.86 2.48
CA ASN D 51 -47.85 3.69 1.35
C ASN D 51 -47.70 4.99 0.57
N LEU D 52 -48.84 5.61 0.27
CA LEU D 52 -48.88 6.88 -0.45
C LEU D 52 -48.16 8.00 0.29
N ASN D 53 -48.39 8.13 1.59
CA ASN D 53 -47.68 9.14 2.37
C ASN D 53 -46.18 8.94 2.28
N SER D 54 -45.78 7.68 2.39
CA SER D 54 -44.37 7.30 2.26
C SER D 54 -43.81 7.78 0.93
N LEU D 55 -44.55 7.57 -0.15
CA LEU D 55 -44.13 8.06 -1.47
C LEU D 55 -44.08 9.57 -1.55
N SER D 56 -44.94 10.21 -0.78
CA SER D 56 -45.15 11.64 -0.93
C SER D 56 -44.18 12.44 -0.10
N GLU D 57 -43.48 11.77 0.81
CA GLU D 57 -42.50 12.50 1.64
C GLU D 57 -41.08 12.58 1.06
N LEU D 58 -40.91 12.10 -0.17
CA LEU D 58 -39.64 12.19 -0.89
C LEU D 58 -39.25 13.64 -1.17
N GLU D 59 -38.03 14.03 -0.83
CA GLU D 59 -37.58 15.39 -1.14
C GLU D 59 -36.26 15.48 -1.92
N VAL D 60 -36.21 16.38 -2.90
CA VAL D 60 -35.05 16.50 -3.80
C VAL D 60 -34.65 17.96 -4.07
N LYS D 61 -33.34 18.16 -4.26
CA LYS D 61 -32.74 19.50 -4.39
C LYS D 61 -33.22 20.26 -5.62
N ASN D 62 -32.99 21.57 -5.65
CA ASN D 62 -33.75 22.39 -6.56
C ASN D 62 -33.42 22.49 -8.05
N LEU D 63 -32.16 22.48 -8.47
CA LEU D 63 -31.85 22.70 -9.92
C LEU D 63 -32.26 24.08 -10.54
N GLN D 64 -31.55 25.14 -10.19
CA GLN D 64 -31.77 26.45 -10.79
C GLN D 64 -30.55 26.86 -11.59
N ARG D 65 -30.61 28.00 -12.24
CA ARG D 65 -29.51 28.50 -13.05
C ARG D 65 -28.34 28.75 -12.12
N LEU D 66 -27.11 28.46 -12.55
CA LEU D 66 -25.96 28.76 -11.68
C LEU D 66 -25.61 30.23 -11.84
N SER D 67 -25.02 30.83 -10.80
CA SER D 67 -25.02 32.29 -10.67
C SER D 67 -23.82 33.02 -11.28
N GLY D 68 -22.81 32.27 -11.70
CA GLY D 68 -21.71 32.89 -12.39
C GLY D 68 -21.74 32.64 -13.88
N ALA D 69 -22.78 31.94 -14.34
CA ALA D 69 -23.00 31.46 -15.71
C ALA D 69 -22.69 32.46 -16.82
N MET D 70 -23.49 33.49 -16.99
CA MET D 70 -23.35 34.39 -18.16
C MET D 70 -23.58 33.93 -19.63
N ASP D 71 -24.85 33.90 -20.07
CA ASP D 71 -25.27 33.32 -21.35
C ASP D 71 -24.35 33.64 -22.50
N GLU D 72 -23.94 34.89 -22.59
CA GLU D 72 -23.16 35.33 -23.73
C GLU D 72 -21.74 34.72 -23.74
N LEU D 73 -21.08 34.83 -22.58
CA LEU D 73 -19.68 34.48 -22.38
C LEU D 73 -19.41 33.00 -22.35
N HIS D 74 -19.93 32.33 -21.34
CA HIS D 74 -19.61 30.93 -21.16
C HIS D 74 -20.75 30.03 -21.52
N ASN D 75 -20.75 29.58 -22.77
CA ASN D 75 -21.83 28.75 -23.26
C ASN D 75 -21.58 27.32 -22.97
N GLU D 76 -20.30 26.98 -22.98
CA GLU D 76 -19.86 25.58 -22.92
C GLU D 76 -20.13 25.07 -21.52
N ILE D 77 -19.74 25.90 -20.55
CA ILE D 77 -20.03 25.60 -19.15
C ILE D 77 -21.50 25.40 -18.98
N LEU D 78 -22.22 26.31 -19.63
CA LEU D 78 -23.69 26.37 -19.58
C LEU D 78 -24.35 25.13 -20.17
N GLU D 79 -23.71 24.58 -21.22
CA GLU D 79 -24.15 23.38 -21.92
C GLU D 79 -24.02 22.24 -20.97
N LEU D 80 -22.90 22.25 -20.26
CA LEU D 80 -22.66 21.21 -19.30
C LEU D 80 -23.67 21.27 -18.17
N ASP D 81 -24.00 22.49 -17.73
CA ASP D 81 -25.05 22.69 -16.70
C ASP D 81 -26.32 21.97 -17.12
N GLU D 82 -26.79 22.31 -18.32
CA GLU D 82 -27.94 21.69 -18.95
C GLU D 82 -27.87 20.16 -18.87
N LYS D 83 -26.71 19.65 -19.25
CA LYS D 83 -26.41 18.22 -19.14
C LYS D 83 -26.67 17.65 -17.76
N VAL D 84 -26.11 18.29 -16.75
CA VAL D 84 -26.25 17.80 -15.39
C VAL D 84 -27.69 17.80 -14.92
N ASP D 85 -28.43 18.87 -15.27
CA ASP D 85 -29.88 18.96 -14.99
C ASP D 85 -30.63 17.76 -15.58
N ASP D 86 -30.45 17.56 -16.89
CA ASP D 86 -31.18 16.51 -17.59
C ASP D 86 -30.89 15.16 -16.98
N LEU D 87 -29.60 14.90 -16.80
CA LEU D 87 -29.16 13.66 -16.17
C LEU D 87 -29.82 13.44 -14.80
N ARG D 88 -29.87 14.49 -14.00
CA ARG D 88 -30.53 14.41 -12.69
C ARG D 88 -31.98 13.96 -12.78
N ALA D 89 -32.74 14.68 -13.62
CA ALA D 89 -34.17 14.43 -13.73
C ALA D 89 -34.43 13.01 -14.18
N ASP D 90 -33.59 12.54 -15.11
CA ASP D 90 -33.69 11.16 -15.57
C ASP D 90 -33.50 10.15 -14.44
N THR D 91 -32.33 10.21 -13.78
CA THR D 91 -31.99 9.25 -12.72
C THR D 91 -33.06 9.18 -11.64
N ILE D 92 -33.37 10.37 -11.09
CA ILE D 92 -34.34 10.47 -10.01
C ILE D 92 -35.71 9.89 -10.43
N SER D 93 -36.09 10.15 -11.69
CA SER D 93 -37.32 9.59 -12.24
C SER D 93 -37.29 8.06 -12.15
N SER D 94 -36.19 7.46 -12.61
CA SER D 94 -36.07 6.00 -12.59
C SER D 94 -36.24 5.45 -11.20
N GLN D 95 -35.57 6.11 -10.27
CA GLN D 95 -35.66 5.72 -8.86
C GLN D 95 -37.11 5.70 -8.39
N ILE D 96 -37.83 6.78 -8.69
CA ILE D 96 -39.25 6.89 -8.33
C ILE D 96 -40.10 5.77 -8.94
N GLU D 97 -39.93 5.55 -10.23
CA GLU D 97 -40.63 4.47 -10.91
C GLU D 97 -40.44 3.16 -10.18
N LEU D 98 -39.20 2.89 -9.78
CA LEU D 98 -38.91 1.68 -9.02
C LEU D 98 -39.69 1.61 -7.71
N ALA D 99 -39.60 2.67 -6.90
CA ALA D 99 -40.32 2.71 -5.63
C ALA D 99 -41.82 2.38 -5.81
N VAL D 100 -42.40 2.97 -6.84
CA VAL D 100 -43.80 2.71 -7.15
C VAL D 100 -44.04 1.25 -7.50
N LEU D 101 -43.30 0.76 -8.48
CA LEU D 101 -43.38 -0.63 -8.93
C LEU D 101 -43.34 -1.63 -7.77
N LEU D 102 -42.38 -1.46 -6.89
CA LEU D 102 -42.30 -2.28 -5.70
C LEU D 102 -43.58 -2.20 -4.89
N SER D 103 -43.99 -0.96 -4.65
CA SER D 103 -45.17 -0.70 -3.83
C SER D 103 -46.42 -1.43 -4.34
N ASN D 104 -46.63 -1.32 -5.64
CA ASN D 104 -47.76 -1.97 -6.30
C ASN D 104 -47.67 -3.48 -6.20
N GLU D 105 -46.46 -3.98 -6.38
CA GLU D 105 -46.23 -5.40 -6.26
C GLU D 105 -46.71 -5.88 -4.90
N GLY D 106 -46.34 -5.14 -3.85
CA GLY D 106 -46.79 -5.48 -2.51
C GLY D 106 -48.30 -5.48 -2.37
N ILE D 107 -48.91 -4.37 -2.78
CA ILE D 107 -50.37 -4.23 -2.75
C ILE D 107 -51.17 -5.36 -3.43
N ILE D 108 -50.70 -5.79 -4.60
CA ILE D 108 -51.38 -6.86 -5.33
C ILE D 108 -51.08 -8.27 -4.80
N ASN D 109 -49.83 -8.54 -4.46
CA ASN D 109 -49.50 -9.86 -3.93
C ASN D 109 -50.18 -10.14 -2.60
N SER D 110 -50.34 -9.09 -1.78
CA SER D 110 -50.93 -9.24 -0.45
C SER D 110 -52.38 -9.74 -0.46
N GLU D 111 -53.02 -9.63 -1.62
CA GLU D 111 -54.46 -9.88 -1.69
C GLU D 111 -54.85 -11.35 -1.49
N ASP D 112 -53.96 -12.28 -1.87
CA ASP D 112 -54.22 -13.68 -1.60
C ASP D 112 -54.15 -13.93 -0.10
N GLU D 113 -53.13 -13.34 0.53
CA GLU D 113 -52.92 -13.48 1.97
C GLU D 113 -54.10 -12.94 2.78
N HIS D 114 -54.70 -11.84 2.31
CA HIS D 114 -55.94 -11.33 2.92
C HIS D 114 -56.97 -12.44 3.03
N LEU D 115 -57.23 -13.09 1.90
CA LEU D 115 -58.16 -14.21 1.79
C LEU D 115 -57.77 -15.31 2.77
N LEU D 116 -56.46 -15.56 2.87
CA LEU D 116 -55.93 -16.58 3.75
C LEU D 116 -56.19 -16.27 5.24
N ALA D 117 -56.30 -14.99 5.58
CA ALA D 117 -56.64 -14.59 6.94
C ALA D 117 -58.15 -14.68 7.19
N LEU D 118 -58.93 -14.26 6.19
CA LEU D 118 -60.39 -14.39 6.22
C LEU D 118 -60.80 -15.83 6.49
N GLU D 119 -60.05 -16.77 5.89
CA GLU D 119 -60.21 -18.19 6.15
C GLU D 119 -60.16 -18.50 7.66
N ARG D 120 -59.13 -17.98 8.31
CA ARG D 120 -58.91 -18.22 9.74
C ARG D 120 -59.99 -17.57 10.61
N LYS D 121 -60.50 -16.42 10.19
CA LYS D 121 -61.59 -15.77 10.95
C LYS D 121 -62.91 -16.54 10.84
N LEU D 122 -63.14 -17.13 9.67
CA LEU D 122 -64.32 -17.95 9.44
C LEU D 122 -64.25 -19.23 10.26
N LYS D 123 -63.10 -19.88 10.22
CA LYS D 123 -62.88 -21.10 10.99
C LYS D 123 -63.15 -20.88 12.48
N LYS D 124 -62.85 -19.66 12.94
CA LYS D 124 -63.02 -19.27 14.33
C LYS D 124 -64.44 -19.52 14.82
N MET D 125 -65.45 -18.98 14.12
CA MET D 125 -66.80 -19.25 14.55
C MET D 125 -67.40 -20.34 13.67
N LEU D 126 -67.21 -21.58 14.12
CA LEU D 126 -67.91 -22.74 13.64
C LEU D 126 -68.12 -23.73 14.77
N GLY D 127 -66.98 -24.21 15.28
CA GLY D 127 -66.90 -25.42 16.06
C GLY D 127 -66.31 -26.43 15.10
N PRO D 128 -66.01 -27.65 15.56
CA PRO D 128 -65.63 -28.64 14.55
C PRO D 128 -66.88 -29.22 13.89
N SER D 129 -67.78 -28.34 13.46
CA SER D 129 -69.02 -28.73 12.80
C SER D 129 -68.78 -28.72 11.32
N ALA D 130 -67.62 -28.21 10.93
CA ALA D 130 -67.22 -28.18 9.54
C ALA D 130 -65.78 -28.67 9.40
N VAL D 131 -65.47 -29.22 8.24
CA VAL D 131 -64.13 -29.72 7.96
C VAL D 131 -63.36 -28.73 7.11
N GLU D 132 -62.06 -28.61 7.34
CA GLU D 132 -61.24 -27.76 6.51
C GLU D 132 -61.02 -28.47 5.18
N ILE D 133 -61.48 -27.84 4.11
CA ILE D 133 -61.32 -28.39 2.77
C ILE D 133 -59.94 -28.09 2.20
N GLY D 134 -59.37 -26.95 2.61
CA GLY D 134 -58.08 -26.50 2.09
C GLY D 134 -58.27 -25.65 0.86
N ASN D 135 -59.49 -25.66 0.33
CA ASN D 135 -59.88 -24.89 -0.83
C ASN D 135 -60.20 -23.47 -0.40
N GLY D 136 -60.07 -23.23 0.90
CA GLY D 136 -60.49 -21.98 1.50
C GLY D 136 -61.94 -22.12 1.86
N CYS D 137 -62.41 -23.36 1.87
CA CYS D 137 -63.81 -23.64 2.09
C CYS D 137 -64.04 -24.58 3.26
N PHE D 138 -65.27 -24.61 3.74
CA PHE D 138 -65.68 -25.54 4.79
C PHE D 138 -67.03 -26.15 4.40
N GLU D 139 -67.34 -27.30 4.99
CA GLU D 139 -68.66 -27.90 4.80
C GLU D 139 -69.42 -27.90 6.12
N THR D 140 -70.42 -27.04 6.21
CA THR D 140 -71.23 -26.93 7.42
C THR D 140 -72.38 -27.93 7.39
N LYS D 141 -72.71 -28.47 8.57
CA LYS D 141 -73.77 -29.47 8.69
C LYS D 141 -75.18 -28.91 8.48
N HIS D 142 -75.33 -27.59 8.65
CA HIS D 142 -76.60 -26.90 8.45
C HIS D 142 -76.59 -26.10 7.14
N LYS D 143 -77.68 -25.40 6.87
CA LYS D 143 -77.76 -24.54 5.68
C LYS D 143 -77.67 -23.07 6.07
N CYS D 144 -77.06 -22.25 5.21
CA CYS D 144 -76.87 -20.85 5.53
C CYS D 144 -77.38 -19.93 4.44
N ASN D 145 -78.42 -19.16 4.83
CA ASN D 145 -78.99 -18.16 3.93
C ASN D 145 -78.35 -16.79 4.15
N GLN D 146 -78.83 -15.81 3.36
CA GLN D 146 -78.22 -14.47 3.37
C GLN D 146 -78.16 -13.83 4.76
N THR D 147 -79.28 -13.86 5.49
CA THR D 147 -79.36 -13.27 6.81
C THR D 147 -78.40 -13.97 7.76
N CYS D 148 -78.21 -15.27 7.55
CA CYS D 148 -77.28 -16.07 8.32
C CYS D 148 -75.83 -15.68 8.03
N LEU D 149 -75.56 -15.29 6.79
CA LEU D 149 -74.21 -14.95 6.34
C LEU D 149 -73.78 -13.55 6.77
N ASP D 150 -74.72 -12.60 6.74
CA ASP D 150 -74.45 -11.24 7.19
C ASP D 150 -74.01 -11.23 8.66
N ARG D 151 -74.48 -12.20 9.43
CA ARG D 151 -74.15 -12.32 10.84
C ARG D 151 -72.72 -12.85 11.04
N ILE D 152 -72.23 -13.62 10.08
CA ILE D 152 -70.84 -14.08 10.11
C ILE D 152 -69.92 -12.96 9.63
N ALA D 153 -70.39 -12.19 8.66
CA ALA D 153 -69.64 -11.03 8.17
C ALA D 153 -69.49 -9.99 9.26
N ALA D 154 -70.54 -9.82 10.06
CA ALA D 154 -70.52 -8.89 11.19
C ALA D 154 -69.73 -9.46 12.37
N GLY D 155 -69.44 -10.75 12.31
CA GLY D 155 -68.70 -11.42 13.37
C GLY D 155 -69.57 -11.81 14.54
N THR D 156 -70.89 -11.65 14.39
CA THR D 156 -71.83 -11.93 15.46
C THR D 156 -72.32 -13.38 15.45
N PHE D 157 -71.77 -14.19 14.54
CA PHE D 157 -72.22 -15.57 14.41
C PHE D 157 -71.64 -16.46 15.49
N ASP D 158 -72.53 -17.02 16.29
CA ASP D 158 -72.18 -18.10 17.19
C ASP D 158 -73.35 -19.07 17.14
N ALA D 159 -73.12 -20.33 16.78
CA ALA D 159 -74.25 -21.21 16.63
C ALA D 159 -74.45 -22.17 17.79
N GLY D 160 -75.40 -21.81 18.65
CA GLY D 160 -76.13 -22.76 19.47
C GLY D 160 -77.54 -22.78 18.89
N GLU D 161 -77.78 -21.82 17.99
CA GLU D 161 -79.05 -21.66 17.29
C GLU D 161 -79.27 -22.86 16.37
N PHE D 162 -78.31 -23.06 15.48
CA PHE D 162 -78.11 -24.37 14.89
C PHE D 162 -77.23 -25.01 15.96
N SER D 163 -77.73 -26.03 16.62
CA SER D 163 -77.02 -26.44 17.82
C SER D 163 -75.94 -27.44 17.45
N LEU D 164 -74.70 -26.95 17.53
CA LEU D 164 -73.50 -27.69 17.17
C LEU D 164 -72.41 -27.17 18.10
N PRO D 165 -71.34 -27.95 18.32
CA PRO D 165 -70.29 -27.59 19.29
C PRO D 165 -69.77 -26.17 19.12
N THR D 166 -69.69 -25.43 20.23
CA THR D 166 -69.26 -24.05 20.20
C THR D 166 -67.80 -23.91 20.62
N PHE D 167 -67.08 -23.02 19.95
CA PHE D 167 -65.77 -22.62 20.42
C PHE D 167 -65.98 -21.48 21.41
N ASP D 168 -65.60 -21.72 22.66
CA ASP D 168 -65.92 -20.81 23.76
C ASP D 168 -65.10 -19.52 23.72
N SER D 169 -65.64 -18.45 24.26
CA SER D 169 -65.00 -17.14 24.22
C SER D 169 -64.76 -16.58 25.62
N ASP E 1 -50.12 -44.68 5.87
CA ASP E 1 -49.18 -44.06 4.95
C ASP E 1 -49.25 -42.54 5.00
N ARG E 2 -48.10 -41.90 4.84
CA ARG E 2 -47.98 -40.46 4.97
C ARG E 2 -47.65 -39.78 3.64
N ILE E 3 -48.32 -38.67 3.35
CA ILE E 3 -48.08 -37.91 2.12
C ILE E 3 -47.71 -36.45 2.41
N CYS E 4 -46.51 -36.06 2.01
CA CYS E 4 -45.96 -34.73 2.31
C CYS E 4 -45.70 -33.86 1.07
N THR E 5 -45.27 -32.62 1.31
CA THR E 5 -44.87 -31.69 0.25
C THR E 5 -43.36 -31.48 0.27
N GLY E 6 -42.75 -31.34 -0.90
CA GLY E 6 -41.30 -31.15 -0.99
C GLY E 6 -40.83 -30.45 -2.26
N ILE E 7 -39.59 -29.96 -2.23
CA ILE E 7 -39.00 -29.31 -3.39
C ILE E 7 -37.77 -30.08 -3.92
N THR E 8 -37.20 -29.62 -5.03
CA THR E 8 -36.17 -30.37 -5.75
C THR E 8 -34.78 -30.25 -5.13
N SER E 9 -33.97 -31.27 -5.37
CA SER E 9 -32.53 -31.25 -5.13
C SER E 9 -31.80 -31.52 -6.45
N SER E 10 -30.79 -30.73 -6.74
CA SER E 10 -29.98 -30.93 -7.94
C SER E 10 -28.69 -30.12 -7.86
N ASN E 11 -27.86 -30.23 -8.89
CA ASN E 11 -26.60 -29.48 -8.98
C ASN E 11 -26.87 -27.97 -8.99
N SER E 12 -26.22 -27.24 -8.08
CA SER E 12 -26.49 -25.82 -7.92
C SER E 12 -25.22 -24.94 -7.91
N PRO E 13 -24.54 -24.84 -9.06
CA PRO E 13 -23.30 -24.09 -9.22
C PRO E 13 -23.45 -22.57 -9.20
N HIS E 14 -24.61 -22.03 -9.59
CA HIS E 14 -24.77 -20.59 -9.75
C HIS E 14 -25.07 -19.91 -8.42
N VAL E 15 -24.45 -18.75 -8.20
CA VAL E 15 -24.67 -18.01 -6.96
C VAL E 15 -25.49 -16.67 -7.13
N VAL E 16 -26.37 -16.39 -6.18
CA VAL E 16 -27.14 -15.14 -6.24
C VAL E 16 -27.26 -14.43 -4.89
N LYS E 17 -27.45 -13.12 -4.94
CA LYS E 17 -27.45 -12.25 -3.75
C LYS E 17 -28.87 -11.93 -3.30
N THR E 18 -29.14 -12.11 -2.00
CA THR E 18 -30.46 -11.82 -1.44
C THR E 18 -30.31 -11.04 -0.15
N ALA E 19 -31.28 -10.18 0.15
CA ALA E 19 -31.21 -9.33 1.32
C ALA E 19 -31.36 -10.11 2.63
N THR E 20 -32.34 -11.02 2.66
CA THR E 20 -32.63 -11.81 3.86
C THR E 20 -31.73 -13.08 4.08
N GLN E 21 -31.44 -13.83 3.02
CA GLN E 21 -30.77 -15.12 3.16
C GLN E 21 -29.28 -15.05 2.93
N GLY E 22 -28.76 -13.86 2.62
CA GLY E 22 -27.37 -13.74 2.21
C GLY E 22 -27.14 -14.37 0.85
N GLU E 23 -25.88 -14.68 0.53
CA GLU E 23 -25.51 -15.21 -0.78
C GLU E 23 -25.80 -16.71 -0.88
N VAL E 24 -26.65 -17.11 -1.83
CA VAL E 24 -27.04 -18.52 -1.91
C VAL E 24 -26.75 -19.21 -3.26
N ASN E 25 -26.52 -20.53 -3.18
CA ASN E 25 -26.39 -21.35 -4.38
C ASN E 25 -27.77 -21.76 -4.89
N VAL E 26 -27.93 -21.78 -6.23
CA VAL E 26 -29.25 -21.92 -6.86
C VAL E 26 -29.24 -22.81 -8.12
N THR E 27 -30.36 -23.50 -8.37
CA THR E 27 -30.55 -24.42 -9.52
C THR E 27 -30.12 -23.86 -10.87
N GLY E 28 -30.66 -22.69 -11.25
CA GLY E 28 -30.33 -22.05 -12.50
C GLY E 28 -30.43 -20.53 -12.43
N VAL E 29 -29.88 -19.85 -13.43
CA VAL E 29 -29.91 -18.38 -13.46
C VAL E 29 -30.05 -17.82 -14.87
N ILE E 30 -30.66 -16.65 -14.97
CA ILE E 30 -30.72 -15.92 -16.21
C ILE E 30 -29.73 -14.76 -16.11
N PRO E 31 -28.63 -14.83 -16.88
CA PRO E 31 -27.66 -13.73 -16.86
C PRO E 31 -28.18 -12.46 -17.55
N LEU E 32 -28.02 -11.31 -16.87
CA LEU E 32 -28.46 -10.01 -17.38
C LEU E 32 -27.30 -9.22 -17.99
N THR E 33 -26.14 -9.86 -18.06
CA THR E 33 -24.89 -9.17 -18.36
C THR E 33 -24.12 -9.76 -19.55
N THR E 34 -23.24 -8.95 -20.12
CA THR E 34 -22.39 -9.33 -21.23
C THR E 34 -21.13 -8.50 -21.12
N THR E 35 -19.97 -9.04 -21.52
CA THR E 35 -18.85 -8.15 -21.72
C THR E 35 -18.59 -8.07 -23.22
N PRO E 36 -18.96 -6.93 -23.82
CA PRO E 36 -18.92 -6.80 -25.28
C PRO E 36 -17.49 -6.76 -25.80
N THR E 37 -17.33 -6.93 -27.11
CA THR E 37 -16.00 -7.00 -27.72
C THR E 37 -15.71 -5.88 -28.72
N LYS E 38 -14.53 -5.28 -28.56
CA LYS E 38 -14.09 -4.13 -29.36
C LYS E 38 -14.21 -4.45 -30.83
N SER E 39 -14.94 -3.60 -31.53
CA SER E 39 -15.13 -3.77 -32.95
C SER E 39 -14.89 -2.41 -33.60
N HIS E 40 -15.09 -2.35 -34.91
CA HIS E 40 -14.91 -1.11 -35.65
C HIS E 40 -16.16 -0.24 -35.54
N PHE E 41 -16.08 0.99 -36.02
CA PHE E 41 -17.23 1.90 -35.91
C PHE E 41 -18.24 1.76 -37.06
N ALA E 42 -19.51 1.90 -36.73
CA ALA E 42 -20.56 1.67 -37.72
C ALA E 42 -21.52 2.86 -37.89
N ASN E 43 -22.53 2.65 -38.71
CA ASN E 43 -23.57 3.64 -38.83
C ASN E 43 -24.62 3.36 -37.74
N LEU E 44 -25.10 4.44 -37.13
CA LEU E 44 -26.09 4.32 -36.07
C LEU E 44 -27.42 4.06 -36.67
N LYS E 45 -28.17 3.13 -36.07
CA LYS E 45 -29.37 2.56 -36.66
C LYS E 45 -30.34 3.59 -37.21
N GLY E 46 -31.03 4.29 -36.32
CA GLY E 46 -32.13 5.13 -36.74
C GLY E 46 -31.75 6.45 -37.38
N THR E 47 -30.45 6.74 -37.44
CA THR E 47 -29.97 8.13 -37.54
C THR E 47 -28.85 8.45 -38.55
N GLU E 48 -28.83 9.69 -39.03
CA GLU E 48 -27.70 10.18 -39.78
C GLU E 48 -26.45 9.94 -38.97
N THR E 49 -25.32 9.65 -39.61
CA THR E 49 -24.04 9.65 -38.89
C THR E 49 -22.90 10.34 -39.67
N ARG E 50 -22.42 11.47 -39.18
CA ARG E 50 -21.51 12.28 -39.96
C ARG E 50 -20.08 11.89 -39.68
N GLY E 51 -19.36 11.33 -40.65
CA GLY E 51 -17.94 11.23 -40.38
C GLY E 51 -17.13 12.45 -40.78
N LYS E 52 -17.18 12.69 -42.08
CA LYS E 52 -16.25 13.56 -42.75
C LYS E 52 -17.10 14.76 -42.98
N LEU E 53 -16.53 15.97 -42.90
CA LEU E 53 -17.38 17.18 -42.97
C LEU E 53 -18.20 17.20 -44.22
N CYS E 54 -17.53 17.23 -45.36
CA CYS E 54 -18.17 16.84 -46.60
C CYS E 54 -17.44 15.67 -47.19
N PRO E 55 -18.14 14.54 -47.38
CA PRO E 55 -17.47 13.51 -48.23
C PRO E 55 -17.47 14.04 -49.66
N LYS E 56 -16.93 13.37 -50.66
CA LYS E 56 -16.99 13.93 -52.03
C LYS E 56 -16.17 15.21 -52.25
N CYS E 57 -15.58 15.76 -51.21
CA CYS E 57 -14.50 16.70 -51.46
C CYS E 57 -13.30 15.86 -51.15
N LEU E 58 -12.63 15.38 -52.19
CA LEU E 58 -11.70 14.26 -52.07
C LEU E 58 -10.28 14.80 -52.03
N ASN E 59 -9.39 14.17 -51.20
CA ASN E 59 -8.04 14.77 -51.00
C ASN E 59 -8.12 16.09 -50.24
N CYS E 60 -9.15 16.05 -49.41
CA CYS E 60 -9.50 17.20 -48.56
C CYS E 60 -9.81 16.69 -47.17
N THR E 61 -9.17 17.27 -46.16
CA THR E 61 -9.47 16.92 -44.79
C THR E 61 -10.51 17.87 -44.25
N ASP E 62 -10.99 17.62 -43.04
CA ASP E 62 -12.06 18.46 -42.50
C ASP E 62 -11.59 19.89 -42.32
N LEU E 63 -10.36 20.06 -41.85
CA LEU E 63 -9.80 21.39 -41.73
C LEU E 63 -9.72 22.08 -43.09
N ASP E 64 -9.38 21.34 -44.13
CA ASP E 64 -9.34 21.93 -45.46
C ASP E 64 -10.66 22.51 -45.86
N VAL E 65 -11.73 21.72 -45.67
CA VAL E 65 -13.10 22.11 -45.97
C VAL E 65 -13.43 23.39 -45.19
N ALA E 66 -13.22 23.31 -43.88
CA ALA E 66 -13.45 24.41 -42.94
C ALA E 66 -12.72 25.73 -43.27
N LEU E 67 -11.45 25.66 -43.61
CA LEU E 67 -10.75 26.86 -44.08
C LEU E 67 -11.21 27.40 -45.46
N GLY E 68 -11.97 26.60 -46.20
CA GLY E 68 -12.36 26.95 -47.55
C GLY E 68 -11.18 26.99 -48.51
N ARG E 69 -10.33 25.96 -48.48
CA ARG E 69 -9.26 25.76 -49.45
C ARG E 69 -9.83 25.48 -50.82
N PRO E 70 -9.31 26.17 -51.85
CA PRO E 70 -9.84 26.06 -53.21
C PRO E 70 -10.02 24.59 -53.63
N LYS E 71 -11.10 24.27 -54.33
CA LYS E 71 -11.46 22.90 -54.74
C LYS E 71 -11.96 22.04 -53.58
N CYS E 72 -11.81 22.50 -52.34
CA CYS E 72 -12.56 21.82 -51.31
C CYS E 72 -13.75 22.69 -50.99
N THR E 73 -14.87 22.38 -51.64
CA THR E 73 -16.18 22.96 -51.31
C THR E 73 -17.23 22.00 -51.85
N GLY E 74 -18.34 21.90 -51.14
CA GLY E 74 -19.34 20.91 -51.48
C GLY E 74 -20.40 20.90 -50.42
N LYS E 75 -21.41 20.07 -50.60
CA LYS E 75 -22.47 20.07 -49.63
C LYS E 75 -22.00 19.37 -48.40
N ILE E 76 -22.02 20.11 -47.29
CA ILE E 76 -21.84 19.52 -45.97
C ILE E 76 -23.22 19.22 -45.46
N PRO E 77 -23.61 17.94 -45.51
CA PRO E 77 -24.96 17.50 -45.20
C PRO E 77 -25.18 17.59 -43.72
N SER E 78 -26.37 17.26 -43.23
CA SER E 78 -26.62 17.44 -41.81
C SER E 78 -26.72 16.16 -40.98
N ALA E 79 -26.34 16.20 -39.71
CA ALA E 79 -26.39 14.99 -38.90
C ALA E 79 -26.82 15.19 -37.45
N ARG E 80 -27.66 14.30 -36.96
CA ARG E 80 -28.04 14.34 -35.56
C ARG E 80 -26.99 13.65 -34.72
N VAL E 81 -26.08 12.94 -35.39
CA VAL E 81 -24.90 12.25 -34.77
C VAL E 81 -23.60 12.51 -35.56
N SER E 82 -22.55 12.93 -34.89
CA SER E 82 -21.30 13.11 -35.60
C SER E 82 -20.18 12.38 -34.90
N ILE E 83 -19.17 12.00 -35.67
CA ILE E 83 -18.02 11.29 -35.13
C ILE E 83 -16.77 12.15 -35.28
N LEU E 84 -16.00 12.22 -34.18
CA LEU E 84 -14.81 13.03 -34.12
C LEU E 84 -13.63 12.08 -34.29
N HIS E 85 -13.11 12.06 -35.51
CA HIS E 85 -11.97 11.23 -35.85
C HIS E 85 -10.61 11.85 -35.60
N GLU E 86 -10.48 13.13 -35.92
CA GLU E 86 -9.20 13.82 -35.81
C GLU E 86 -9.13 14.68 -34.53
N VAL E 87 -8.35 14.25 -33.56
CA VAL E 87 -8.22 14.98 -32.34
C VAL E 87 -7.29 16.17 -32.53
N ARG E 88 -6.36 16.08 -33.46
CA ARG E 88 -5.59 17.26 -33.85
C ARG E 88 -5.60 17.38 -35.35
N PRO E 89 -6.67 17.95 -35.89
CA PRO E 89 -6.90 18.04 -37.32
C PRO E 89 -5.80 18.77 -38.08
N VAL E 90 -5.74 18.48 -39.39
CA VAL E 90 -4.63 18.82 -40.26
C VAL E 90 -5.05 19.40 -41.64
N THR E 91 -4.28 20.35 -42.17
CA THR E 91 -4.46 20.79 -43.55
C THR E 91 -3.73 19.85 -44.52
N SER E 92 -4.33 19.64 -45.68
CA SER E 92 -3.75 18.80 -46.73
C SER E 92 -3.06 19.66 -47.79
N GLY E 93 -3.01 20.97 -47.60
CA GLY E 93 -2.47 21.82 -48.64
C GLY E 93 -2.70 23.32 -48.49
N CYS E 94 -2.74 23.98 -49.65
CA CYS E 94 -2.73 25.44 -49.75
C CYS E 94 -1.48 26.11 -49.15
N PHE E 95 -1.65 27.26 -48.52
CA PHE E 95 -0.54 28.12 -48.10
C PHE E 95 -0.12 27.72 -46.69
N PRO E 96 1.19 27.84 -46.38
CA PRO E 96 1.68 27.42 -45.04
C PRO E 96 1.13 28.21 -43.87
N ILE E 97 0.55 27.48 -42.93
CA ILE E 97 -0.07 28.09 -41.76
C ILE E 97 0.68 27.68 -40.53
N MET E 98 0.92 28.60 -39.59
CA MET E 98 1.56 28.18 -38.34
C MET E 98 0.42 27.87 -37.40
N HIS E 99 0.05 26.59 -37.32
CA HIS E 99 -1.26 26.21 -36.80
C HIS E 99 -1.34 26.37 -35.30
N ASP E 100 -0.23 26.18 -34.64
CA ASP E 100 -0.30 25.97 -33.22
C ASP E 100 -0.30 27.29 -32.48
N ARG E 101 -0.24 28.38 -33.23
CA ARG E 101 -0.19 29.69 -32.60
C ARG E 101 -1.58 30.27 -32.29
N THR E 102 -2.64 29.54 -32.68
CA THR E 102 -4.04 29.93 -32.45
C THR E 102 -4.90 28.68 -32.30
N LYS E 103 -6.18 28.88 -32.04
CA LYS E 103 -7.04 27.73 -31.77
C LYS E 103 -7.54 27.03 -33.04
N ILE E 104 -7.09 27.55 -34.18
CA ILE E 104 -7.62 27.23 -35.50
C ILE E 104 -7.84 25.74 -35.77
N ARG E 105 -6.92 24.91 -35.32
CA ARG E 105 -7.03 23.49 -35.50
C ARG E 105 -8.34 22.86 -35.06
N GLN E 106 -9.01 23.44 -34.07
CA GLN E 106 -10.26 22.84 -33.60
C GLN E 106 -11.53 23.19 -34.44
N LEU E 107 -11.41 24.21 -35.29
CA LEU E 107 -12.55 24.71 -36.05
C LEU E 107 -13.46 23.59 -36.63
N PRO E 108 -12.88 22.58 -37.34
CA PRO E 108 -13.69 21.46 -37.84
C PRO E 108 -14.44 20.68 -36.75
N ASN E 109 -13.80 20.46 -35.61
CA ASN E 109 -14.51 19.79 -34.53
C ASN E 109 -15.57 20.68 -33.90
N LEU E 110 -15.38 21.97 -34.07
CA LEU E 110 -16.43 22.86 -33.60
C LEU E 110 -17.64 22.76 -34.52
N LEU E 111 -17.38 22.84 -35.83
CA LEU E 111 -18.45 22.83 -36.79
C LEU E 111 -19.24 21.54 -36.64
N ARG E 112 -18.50 20.45 -36.48
CA ARG E 112 -19.06 19.12 -36.28
C ARG E 112 -20.11 19.01 -35.16
N GLY E 113 -20.02 19.89 -34.16
CA GLY E 113 -20.89 19.85 -32.98
C GLY E 113 -22.34 20.16 -33.30
N TYR E 114 -22.52 21.05 -34.27
CA TYR E 114 -23.84 21.43 -34.74
C TYR E 114 -24.46 20.36 -35.62
N GLU E 115 -25.78 20.42 -35.75
CA GLU E 115 -26.52 19.62 -36.72
C GLU E 115 -26.48 20.21 -38.10
N HIS E 116 -26.58 21.52 -38.20
CA HIS E 116 -26.66 22.14 -39.51
C HIS E 116 -25.50 23.09 -39.71
N ILE E 117 -24.74 22.85 -40.77
CA ILE E 117 -23.59 23.69 -41.13
C ILE E 117 -23.71 24.14 -42.60
N ARG E 118 -23.38 25.41 -42.90
CA ARG E 118 -23.21 25.81 -44.30
C ARG E 118 -22.25 26.97 -44.45
N LEU E 119 -21.42 26.95 -45.48
CA LEU E 119 -20.58 28.07 -45.82
C LEU E 119 -21.60 29.11 -46.24
N SER E 120 -21.23 30.38 -46.24
CA SER E 120 -22.22 31.45 -46.48
C SER E 120 -22.24 31.76 -47.96
N THR E 121 -23.00 32.78 -48.35
CA THR E 121 -22.85 33.33 -49.68
C THR E 121 -22.48 34.77 -49.55
N HIS E 122 -21.97 35.33 -50.62
CA HIS E 122 -21.32 36.62 -50.61
C HIS E 122 -20.22 36.62 -49.56
N ASN E 123 -20.07 37.77 -48.93
CA ASN E 123 -18.87 38.07 -48.15
C ASN E 123 -19.24 38.95 -46.96
N VAL E 124 -18.57 38.84 -45.84
CA VAL E 124 -18.99 39.62 -44.68
C VAL E 124 -18.43 40.99 -44.76
N ILE E 125 -17.55 41.20 -45.75
CA ILE E 125 -16.91 42.51 -45.87
C ILE E 125 -16.12 42.66 -47.17
N ASN E 126 -16.18 43.85 -47.76
CA ASN E 126 -15.43 44.15 -48.97
C ASN E 126 -13.98 44.45 -48.61
N ALA E 127 -13.08 43.56 -49.01
CA ALA E 127 -11.67 43.69 -48.67
C ALA E 127 -11.00 44.87 -49.36
N GLU E 128 -11.33 45.09 -50.62
CA GLU E 128 -10.64 46.12 -51.39
C GLU E 128 -10.93 47.54 -50.88
N ASN E 129 -12.11 47.74 -50.31
CA ASN E 129 -12.55 49.07 -49.85
C ASN E 129 -12.28 49.20 -48.35
N ALA E 130 -11.55 48.24 -47.77
CA ALA E 130 -11.47 48.24 -46.31
C ALA E 130 -10.64 49.43 -45.86
N PRO E 131 -10.67 49.74 -44.57
CA PRO E 131 -9.92 50.86 -44.02
C PRO E 131 -8.41 50.63 -44.11
N GLY E 132 -7.68 51.64 -44.55
CA GLY E 132 -6.24 51.54 -44.68
C GLY E 132 -5.77 51.74 -46.11
N GLY E 133 -6.68 52.16 -46.97
CA GLY E 133 -6.36 52.39 -48.37
C GLY E 133 -6.77 51.24 -49.27
N PRO E 134 -7.09 51.54 -50.52
CA PRO E 134 -7.50 50.52 -51.49
C PRO E 134 -6.53 49.33 -51.49
N TYR E 135 -7.08 48.12 -51.53
CA TYR E 135 -6.25 46.90 -51.55
C TYR E 135 -6.39 46.05 -52.81
N LYS E 136 -5.25 45.69 -53.41
CA LYS E 136 -5.34 44.60 -54.36
C LYS E 136 -5.42 43.31 -53.56
N ILE E 137 -6.07 42.31 -54.13
CA ILE E 137 -6.24 41.06 -53.40
C ILE E 137 -5.21 40.02 -53.79
N GLY E 138 -4.48 39.53 -52.79
CA GLY E 138 -3.40 38.61 -53.03
C GLY E 138 -3.81 37.16 -53.17
N THR E 139 -3.12 36.48 -54.07
CA THR E 139 -3.25 35.06 -54.32
C THR E 139 -1.87 34.47 -54.46
N SER E 140 -1.79 33.16 -54.30
CA SER E 140 -0.51 32.48 -54.35
C SER E 140 -0.67 31.12 -54.98
N GLY E 141 0.38 30.67 -55.68
CA GLY E 141 0.43 29.28 -56.10
C GLY E 141 0.41 28.50 -54.80
N SER E 142 0.27 27.17 -54.89
CA SER E 142 -0.04 26.32 -53.71
C SER E 142 -1.53 26.41 -53.35
N CYS E 143 -2.22 27.38 -53.94
CA CYS E 143 -3.67 27.50 -53.80
C CYS E 143 -4.35 27.55 -55.16
N PRO E 144 -4.34 26.44 -55.86
CA PRO E 144 -4.95 26.38 -57.19
C PRO E 144 -6.48 26.32 -57.10
N ASN E 145 -7.15 26.79 -58.15
CA ASN E 145 -8.61 26.79 -58.19
C ASN E 145 -9.15 25.93 -59.33
N ILE E 146 -10.47 25.82 -59.40
CA ILE E 146 -11.12 25.03 -60.45
C ILE E 146 -10.28 25.00 -61.71
N THR E 147 -9.69 26.17 -62.03
CA THR E 147 -8.98 26.27 -63.28
C THR E 147 -7.63 25.70 -62.97
N ASN E 148 -6.74 26.56 -62.51
CA ASN E 148 -5.45 26.25 -61.92
C ASN E 148 -4.78 27.58 -61.92
N GLY E 149 -3.71 27.73 -61.16
CA GLY E 149 -3.11 29.03 -61.02
C GLY E 149 -3.54 29.69 -59.72
N ASN E 150 -3.04 30.89 -59.52
CA ASN E 150 -3.11 31.52 -58.21
C ASN E 150 -4.51 31.82 -57.66
N GLY E 151 -4.63 31.61 -56.34
CA GLY E 151 -5.88 31.70 -55.61
C GLY E 151 -5.61 31.81 -54.12
N PHE E 152 -6.63 31.55 -53.31
CA PHE E 152 -6.52 31.61 -51.84
C PHE E 152 -7.70 30.89 -51.19
N PHE E 153 -7.76 30.96 -49.86
CA PHE E 153 -8.90 30.41 -49.16
C PHE E 153 -10.15 31.22 -49.50
N ALA E 154 -11.27 30.53 -49.68
CA ALA E 154 -12.55 31.20 -49.91
C ALA E 154 -12.83 32.07 -48.72
N THR E 155 -12.59 31.48 -47.56
CA THR E 155 -12.85 31.99 -46.23
C THR E 155 -12.29 33.40 -45.94
N MET E 156 -11.20 33.79 -46.60
CA MET E 156 -10.64 35.13 -46.37
C MET E 156 -9.91 35.74 -47.54
N ALA E 157 -9.74 37.06 -47.48
CA ALA E 157 -9.12 37.82 -48.55
C ALA E 157 -7.83 38.44 -48.05
N TRP E 158 -6.78 38.29 -48.85
CA TRP E 158 -5.46 38.73 -48.44
C TRP E 158 -5.17 40.15 -48.92
N ALA E 159 -5.19 41.08 -47.99
CA ALA E 159 -5.23 42.46 -48.42
C ALA E 159 -3.83 43.04 -48.60
N VAL E 160 -3.45 43.23 -49.85
CA VAL E 160 -2.14 43.78 -50.17
C VAL E 160 -2.27 45.20 -50.70
N PRO E 161 -1.61 46.18 -50.08
CA PRO E 161 -2.07 47.54 -50.37
C PRO E 161 -1.75 48.06 -51.78
N LYS E 162 -2.62 47.73 -52.74
CA LYS E 162 -2.61 48.28 -54.10
C LYS E 162 -1.22 48.34 -54.65
N ASN E 163 -0.81 49.53 -55.08
CA ASN E 163 0.54 49.73 -55.58
C ASN E 163 1.16 50.92 -54.85
N ASP E 164 2.32 51.37 -55.33
CA ASP E 164 3.22 52.24 -54.57
C ASP E 164 2.50 53.37 -53.81
N LYS E 165 1.90 54.31 -54.54
CA LYS E 165 0.82 55.16 -54.03
C LYS E 165 1.02 55.68 -52.60
N ASN E 166 0.01 55.40 -51.78
CA ASN E 166 0.03 55.65 -50.34
C ASN E 166 0.53 54.48 -49.47
N LYS E 167 1.12 53.46 -50.10
CA LYS E 167 1.67 52.30 -49.35
C LYS E 167 2.75 52.62 -48.28
N THR E 168 2.39 52.31 -47.04
CA THR E 168 3.14 52.70 -45.87
C THR E 168 2.56 51.99 -44.66
N ALA E 169 3.09 52.27 -43.47
CA ALA E 169 2.59 51.65 -42.26
C ALA E 169 1.47 52.48 -41.67
N THR E 170 0.43 51.82 -41.13
CA THR E 170 -0.64 52.54 -40.46
C THR E 170 -0.76 52.10 -39.02
N ASN E 171 -1.42 52.94 -38.24
CA ASN E 171 -1.81 52.57 -36.89
C ASN E 171 -2.99 51.64 -37.05
N PRO E 172 -3.37 50.92 -35.98
CA PRO E 172 -4.45 49.94 -36.16
C PRO E 172 -5.75 50.52 -36.71
N LEU E 173 -6.25 49.86 -37.74
CA LEU E 173 -7.54 50.15 -38.29
C LEU E 173 -8.51 49.17 -37.66
N THR E 174 -9.74 49.62 -37.43
CA THR E 174 -10.74 48.80 -36.76
C THR E 174 -11.81 48.42 -37.78
N ILE E 175 -12.43 47.28 -37.58
CA ILE E 175 -13.43 46.84 -38.51
C ILE E 175 -14.54 46.06 -37.83
N GLU E 176 -15.77 46.30 -38.27
CA GLU E 176 -16.92 45.60 -37.74
C GLU E 176 -17.21 44.44 -38.65
N VAL E 177 -17.57 43.31 -38.07
CA VAL E 177 -17.97 42.16 -38.86
C VAL E 177 -19.46 41.93 -38.65
N PRO E 178 -20.25 42.25 -39.69
CA PRO E 178 -21.71 42.15 -39.78
C PRO E 178 -22.20 40.74 -39.48
N TYR E 179 -23.50 40.60 -39.19
CA TYR E 179 -23.98 39.28 -38.78
C TYR E 179 -24.28 38.26 -39.90
N ILE E 180 -24.95 38.67 -40.99
CA ILE E 180 -24.94 37.87 -42.24
C ILE E 180 -25.69 36.51 -42.26
N CYS E 181 -25.95 35.92 -41.11
CA CYS E 181 -26.59 34.61 -41.11
C CYS E 181 -28.00 34.83 -40.75
N THR E 182 -28.76 33.75 -40.62
CA THR E 182 -30.20 33.89 -40.39
C THR E 182 -30.65 33.71 -38.91
N GLU E 183 -31.92 33.95 -38.62
CA GLU E 183 -32.59 33.33 -37.46
C GLU E 183 -31.76 33.19 -36.21
N GLY E 184 -31.71 31.93 -35.76
CA GLY E 184 -30.95 31.45 -34.60
C GLY E 184 -29.63 30.74 -34.91
N GLU E 185 -29.01 31.08 -36.05
CA GLU E 185 -27.72 30.52 -36.42
C GLU E 185 -26.53 31.21 -35.75
N ASP E 186 -25.51 30.43 -35.38
CA ASP E 186 -24.23 30.97 -34.91
C ASP E 186 -23.42 31.30 -36.16
N GLN E 187 -22.69 32.42 -36.11
CA GLN E 187 -21.90 32.81 -37.26
C GLN E 187 -20.41 32.73 -36.91
N ILE E 188 -19.68 31.77 -37.48
CA ILE E 188 -18.24 31.59 -37.20
C ILE E 188 -17.36 32.25 -38.24
N THR E 189 -16.62 33.28 -37.83
CA THR E 189 -15.88 34.09 -38.77
C THR E 189 -14.41 33.68 -38.78
N VAL E 190 -13.88 33.38 -39.97
CA VAL E 190 -12.46 33.00 -40.05
C VAL E 190 -11.60 34.18 -40.58
N TRP E 191 -10.49 34.48 -39.89
CA TRP E 191 -9.61 35.58 -40.27
C TRP E 191 -8.14 35.33 -39.88
N GLY E 192 -7.25 36.25 -40.21
CA GLY E 192 -5.86 36.02 -39.86
C GLY E 192 -4.92 37.00 -40.51
N PHE E 193 -3.63 36.70 -40.52
CA PHE E 193 -2.64 37.61 -41.09
C PHE E 193 -1.40 36.92 -41.68
N HIS E 194 -0.52 37.72 -42.27
CA HIS E 194 0.58 37.21 -43.08
C HIS E 194 1.88 38.00 -42.84
N SER E 195 3.01 37.30 -42.55
CA SER E 195 4.35 37.94 -42.48
C SER E 195 5.35 37.39 -43.49
N ASP E 196 6.55 37.96 -43.55
CA ASP E 196 7.50 37.61 -44.63
C ASP E 196 8.96 38.00 -44.33
N ASN E 197 9.80 37.87 -45.37
CA ASN E 197 11.16 38.39 -45.32
C ASN E 197 11.11 39.83 -44.87
N GLU E 198 12.15 40.29 -44.18
CA GLU E 198 12.26 41.70 -43.85
C GLU E 198 12.21 42.60 -45.09
N THR E 199 12.84 42.17 -46.18
CA THR E 199 12.82 42.95 -47.42
C THR E 199 11.51 42.77 -48.21
N GLN E 200 10.98 41.54 -48.17
CA GLN E 200 9.71 41.26 -48.77
C GLN E 200 8.60 42.05 -48.10
N MET E 201 8.69 42.23 -46.78
CA MET E 201 7.72 43.01 -46.05
C MET E 201 7.69 44.45 -46.55
N ALA E 202 8.85 45.01 -46.82
CA ALA E 202 8.91 46.39 -47.29
C ALA E 202 8.56 46.48 -48.77
N LYS E 203 8.64 45.36 -49.47
CA LYS E 203 8.22 45.32 -50.87
C LYS E 203 6.70 45.28 -50.97
N LEU E 204 6.08 44.40 -50.17
CA LEU E 204 4.63 44.20 -50.18
C LEU E 204 3.87 45.37 -49.57
N TYR E 205 3.99 45.49 -48.25
CA TYR E 205 3.42 46.60 -47.49
C TYR E 205 4.48 47.67 -47.31
N GLY E 206 4.17 48.77 -46.66
CA GLY E 206 5.18 49.81 -46.52
C GLY E 206 6.20 49.64 -45.38
N ASP E 207 6.20 48.48 -44.72
CA ASP E 207 6.73 48.39 -43.35
C ASP E 207 7.55 47.13 -43.03
N SER E 208 8.70 47.34 -42.39
CA SER E 208 9.55 46.26 -41.90
C SER E 208 9.19 45.67 -40.52
N LYS E 209 8.80 46.53 -39.58
CA LYS E 209 8.54 46.12 -38.19
C LYS E 209 7.32 45.22 -38.05
N PRO E 210 7.13 44.57 -36.88
CA PRO E 210 5.97 43.69 -36.76
C PRO E 210 4.65 44.45 -36.66
N GLN E 211 3.59 43.77 -37.07
CA GLN E 211 2.25 44.32 -37.07
C GLN E 211 1.41 43.61 -36.00
N LYS E 212 0.40 44.28 -35.46
CA LYS E 212 -0.36 43.74 -34.34
C LYS E 212 -1.87 43.63 -34.64
N PHE E 213 -2.54 42.64 -34.04
CA PHE E 213 -3.93 42.31 -34.40
C PHE E 213 -4.85 41.99 -33.21
N THR E 214 -6.15 42.27 -33.34
CA THR E 214 -7.11 42.03 -32.23
C THR E 214 -8.47 41.54 -32.67
N SER E 215 -8.98 40.48 -32.05
CA SER E 215 -10.35 40.09 -32.34
C SER E 215 -11.27 40.28 -31.11
N SER E 216 -12.46 40.86 -31.28
CA SER E 216 -13.40 40.84 -30.16
C SER E 216 -14.82 40.45 -30.57
N ALA E 217 -15.28 39.32 -30.03
CA ALA E 217 -16.64 38.88 -30.28
C ALA E 217 -17.34 38.42 -29.01
N ASN E 218 -18.37 39.19 -28.65
CA ASN E 218 -19.23 38.95 -27.48
C ASN E 218 -18.50 38.37 -26.25
N GLY E 219 -17.64 39.19 -25.68
CA GLY E 219 -16.98 38.86 -24.45
C GLY E 219 -15.58 38.26 -24.62
N VAL E 220 -15.33 37.69 -25.79
CA VAL E 220 -14.05 37.03 -25.99
C VAL E 220 -13.05 37.83 -26.81
N THR E 221 -12.00 38.26 -26.12
CA THR E 221 -11.02 39.16 -26.69
C THR E 221 -9.78 38.36 -26.96
N THR E 222 -9.16 38.50 -28.14
CA THR E 222 -7.81 37.96 -28.39
C THR E 222 -6.85 38.94 -29.08
N HIS E 223 -5.55 38.78 -28.79
CA HIS E 223 -4.49 39.66 -29.30
C HIS E 223 -3.34 38.87 -29.89
N TYR E 224 -2.80 39.35 -31.01
CA TYR E 224 -1.70 38.67 -31.73
C TYR E 224 -0.63 39.68 -32.14
N VAL E 225 0.63 39.24 -32.23
CA VAL E 225 1.67 40.06 -32.83
C VAL E 225 2.62 39.24 -33.76
N SER E 226 2.96 39.82 -34.92
CA SER E 226 3.65 39.09 -35.98
C SER E 226 5.14 38.79 -35.74
N GLN E 227 5.64 37.81 -36.49
CA GLN E 227 7.05 37.49 -36.52
C GLN E 227 7.65 38.02 -37.80
N ILE E 228 8.80 38.66 -37.73
CA ILE E 228 9.43 39.10 -38.97
C ILE E 228 10.42 38.08 -39.59
N GLY E 229 11.46 37.72 -38.85
CA GLY E 229 12.48 36.82 -39.38
C GLY E 229 12.01 35.39 -39.54
N GLY E 230 12.99 34.50 -39.77
CA GLY E 230 12.76 33.11 -40.15
C GLY E 230 11.74 32.32 -39.33
N PHE E 231 10.87 31.66 -40.06
CA PHE E 231 9.75 30.98 -39.48
C PHE E 231 10.10 29.52 -39.44
N PRO E 232 9.21 28.72 -38.84
CA PRO E 232 9.22 27.26 -38.90
C PRO E 232 9.24 26.70 -40.31
N ASN E 233 9.92 25.52 -40.50
CA ASN E 233 9.82 24.88 -41.80
C ASN E 233 8.33 24.63 -42.15
N GLN E 234 7.94 24.90 -43.38
CA GLN E 234 6.57 24.83 -43.87
C GLN E 234 5.98 23.46 -43.60
N THR E 235 4.70 23.41 -43.28
CA THR E 235 4.12 22.10 -43.04
C THR E 235 2.63 22.03 -43.32
N GLU E 236 2.21 20.86 -43.76
CA GLU E 236 0.84 20.58 -44.15
C GLU E 236 0.39 21.53 -45.26
N ASP E 237 1.35 22.08 -46.00
CA ASP E 237 1.04 23.09 -46.99
C ASP E 237 0.91 22.47 -48.37
N GLY E 238 0.74 23.30 -49.38
CA GLY E 238 0.48 22.85 -50.74
C GLY E 238 1.72 22.42 -51.48
N GLY E 239 2.87 22.68 -50.88
CA GLY E 239 4.11 22.15 -51.38
C GLY E 239 5.08 23.12 -52.03
N LEU E 240 4.65 24.31 -52.39
CA LEU E 240 5.59 25.25 -52.98
C LEU E 240 6.24 26.09 -51.89
N PRO E 241 7.55 26.29 -52.00
CA PRO E 241 8.33 27.07 -51.03
C PRO E 241 8.00 28.53 -51.09
N GLN E 242 7.70 29.11 -49.92
CA GLN E 242 7.43 30.53 -49.79
C GLN E 242 8.24 31.06 -48.61
N SER E 243 8.58 32.34 -48.66
CA SER E 243 9.35 32.96 -47.59
C SER E 243 8.50 33.34 -46.39
N GLY E 244 7.21 33.53 -46.61
CA GLY E 244 6.33 33.96 -45.55
C GLY E 244 5.42 32.90 -44.99
N ARG E 245 4.74 33.25 -43.91
CA ARG E 245 3.76 32.35 -43.33
C ARG E 245 2.50 33.09 -42.94
N ILE E 246 1.55 32.30 -42.47
CA ILE E 246 0.21 32.77 -42.27
C ILE E 246 -0.28 32.30 -40.90
N VAL E 247 -0.94 33.20 -40.17
CA VAL E 247 -1.67 32.84 -38.95
C VAL E 247 -3.18 32.94 -39.13
N VAL E 248 -3.90 31.89 -38.71
CA VAL E 248 -5.34 31.85 -38.93
C VAL E 248 -6.03 31.53 -37.61
N ASP E 249 -7.09 32.30 -37.33
CA ASP E 249 -7.90 32.18 -36.12
C ASP E 249 -9.35 32.27 -36.57
N TYR E 250 -10.26 31.75 -35.75
CA TYR E 250 -11.66 31.99 -36.00
C TYR E 250 -12.23 32.66 -34.79
N MET E 251 -13.32 33.40 -34.95
CA MET E 251 -14.08 33.98 -33.83
C MET E 251 -15.59 33.69 -33.96
N VAL E 252 -16.19 33.12 -32.93
CA VAL E 252 -17.62 32.83 -33.01
C VAL E 252 -18.43 34.08 -32.67
N GLN E 253 -19.49 34.32 -33.39
CA GLN E 253 -20.40 35.42 -33.10
C GLN E 253 -21.78 34.87 -32.72
N LYS E 254 -22.20 35.16 -31.49
CA LYS E 254 -23.46 34.66 -30.97
C LYS E 254 -24.62 34.87 -31.93
N SER E 255 -25.82 34.52 -31.49
CA SER E 255 -27.01 34.65 -32.32
C SER E 255 -27.48 36.11 -32.39
N GLY E 256 -27.08 36.79 -33.45
CA GLY E 256 -27.45 38.16 -33.66
C GLY E 256 -26.30 39.13 -33.51
N LYS E 257 -25.30 38.78 -32.71
CA LYS E 257 -24.31 39.80 -32.33
C LYS E 257 -23.21 40.03 -33.37
N THR E 258 -22.71 41.25 -33.44
CA THR E 258 -21.67 41.59 -34.39
C THR E 258 -20.31 41.40 -33.75
N GLY E 259 -19.24 41.66 -34.52
CA GLY E 259 -17.88 41.37 -34.06
C GLY E 259 -16.85 42.36 -34.57
N THR E 260 -15.66 42.36 -33.98
CA THR E 260 -14.68 43.39 -34.32
C THR E 260 -13.29 42.79 -34.57
N ILE E 261 -12.52 43.43 -35.46
CA ILE E 261 -11.12 43.05 -35.71
C ILE E 261 -10.27 44.29 -35.89
N THR E 262 -9.10 44.38 -35.27
CA THR E 262 -8.27 45.53 -35.55
C THR E 262 -7.03 44.99 -36.15
N TYR E 263 -6.41 45.76 -37.03
CA TYR E 263 -5.32 45.24 -37.84
C TYR E 263 -4.37 46.32 -38.39
N GLN E 264 -3.17 45.89 -38.77
CA GLN E 264 -2.20 46.72 -39.46
C GLN E 264 -1.88 45.91 -40.72
N ARG E 265 -0.80 46.26 -41.44
CA ARG E 265 -0.44 45.59 -42.72
C ARG E 265 -0.35 44.06 -42.72
N GLY E 266 -0.88 43.45 -43.78
CA GLY E 266 -0.86 42.01 -43.90
C GLY E 266 -2.11 41.29 -43.43
N ILE E 267 -3.22 42.01 -43.30
CA ILE E 267 -4.44 41.42 -42.78
C ILE E 267 -5.15 40.50 -43.80
N LEU E 268 -5.64 39.35 -43.33
CA LEU E 268 -6.59 38.61 -44.13
C LEU E 268 -7.98 38.86 -43.57
N LEU E 269 -8.78 39.67 -44.28
CA LEU E 269 -10.12 40.08 -43.85
C LEU E 269 -11.06 38.97 -44.18
N PRO E 270 -11.97 38.63 -43.26
CA PRO E 270 -12.76 37.42 -43.54
C PRO E 270 -13.67 37.64 -44.77
N GLN E 271 -13.89 36.63 -45.62
CA GLN E 271 -14.89 36.81 -46.66
C GLN E 271 -16.08 35.90 -46.44
N LYS E 272 -16.05 34.66 -46.92
CA LYS E 272 -17.17 33.76 -46.63
C LYS E 272 -17.07 33.34 -45.18
N VAL E 273 -18.15 32.83 -44.61
CA VAL E 273 -18.26 32.71 -43.16
C VAL E 273 -19.14 31.52 -42.74
N TRP E 274 -18.81 30.82 -41.67
CA TRP E 274 -19.62 29.65 -41.34
C TRP E 274 -20.99 29.99 -40.73
N CYS E 275 -22.06 29.29 -41.14
CA CYS E 275 -23.38 29.47 -40.54
C CYS E 275 -23.98 28.18 -40.02
N ALA E 276 -24.15 28.10 -38.70
CA ALA E 276 -24.47 26.84 -38.07
C ALA E 276 -25.64 26.92 -37.09
N SER E 277 -26.41 25.85 -36.96
CA SER E 277 -27.55 25.83 -36.03
C SER E 277 -27.79 24.37 -35.67
N GLY E 278 -28.72 24.10 -34.75
CA GLY E 278 -28.99 22.73 -34.33
C GLY E 278 -27.85 22.11 -33.50
N ARG E 279 -28.06 20.90 -32.98
CA ARG E 279 -26.88 20.24 -32.40
C ARG E 279 -26.80 18.74 -32.60
N SER E 280 -25.59 18.29 -32.88
CA SER E 280 -25.33 16.91 -33.19
C SER E 280 -24.60 16.25 -32.03
N LYS E 281 -24.93 14.99 -31.76
CA LYS E 281 -24.36 14.32 -30.62
C LYS E 281 -23.07 13.62 -31.04
N VAL E 282 -21.96 14.19 -30.57
CA VAL E 282 -20.63 13.83 -31.04
C VAL E 282 -20.02 12.74 -30.16
N ILE E 283 -19.40 11.77 -30.82
CA ILE E 283 -18.66 10.74 -30.11
C ILE E 283 -17.26 10.61 -30.73
N LYS E 284 -16.31 10.00 -29.95
CA LYS E 284 -14.95 9.82 -30.43
C LYS E 284 -14.78 8.47 -31.11
N GLY E 285 -14.87 8.47 -32.43
CA GLY E 285 -14.72 7.25 -33.20
C GLY E 285 -13.59 7.32 -34.21
N SER E 286 -13.46 6.28 -35.03
CA SER E 286 -12.41 6.23 -36.05
C SER E 286 -12.91 5.53 -37.31
N LEU E 287 -13.03 6.30 -38.39
CA LEU E 287 -13.49 5.77 -39.67
C LEU E 287 -12.59 4.62 -40.14
N PRO E 288 -13.10 3.84 -41.09
CA PRO E 288 -14.43 4.08 -41.66
C PRO E 288 -15.56 3.50 -40.82
N LEU E 289 -16.78 4.03 -41.03
CA LEU E 289 -18.00 3.51 -40.42
C LEU E 289 -18.46 2.33 -41.22
N ILE E 290 -18.43 1.14 -40.62
CA ILE E 290 -18.79 -0.06 -41.37
C ILE E 290 -20.13 -0.67 -40.96
N GLY E 291 -21.16 -0.72 -41.80
CA GLY E 291 -22.41 -1.38 -41.47
C GLY E 291 -23.33 -0.60 -40.55
N GLU E 292 -24.22 -1.31 -39.86
CA GLU E 292 -25.10 -0.69 -38.88
C GLU E 292 -24.87 -1.32 -37.51
N ALA E 293 -25.13 -0.53 -36.48
CA ALA E 293 -25.10 -1.02 -35.12
C ALA E 293 -26.27 -0.41 -34.39
N ASP E 294 -26.74 -1.05 -33.32
CA ASP E 294 -27.70 -0.40 -32.43
C ASP E 294 -27.02 0.75 -31.69
N CYS E 295 -25.78 0.51 -31.26
CA CYS E 295 -25.07 1.36 -30.31
C CYS E 295 -23.70 1.76 -30.82
N LEU E 296 -23.23 2.94 -30.47
CA LEU E 296 -21.85 3.32 -30.75
C LEU E 296 -21.13 3.67 -29.47
N HIS E 297 -20.17 2.83 -29.07
CA HIS E 297 -19.41 2.95 -27.82
C HIS E 297 -18.02 3.53 -28.10
N GLU E 298 -17.55 4.48 -27.29
CA GLU E 298 -16.34 5.22 -27.63
C GLU E 298 -15.15 4.29 -27.58
N LYS E 299 -15.23 3.33 -26.67
CA LYS E 299 -14.24 2.26 -26.53
C LYS E 299 -14.42 1.06 -27.47
N TYR E 300 -15.63 0.55 -27.54
CA TYR E 300 -15.92 -0.69 -28.27
C TYR E 300 -16.41 -0.57 -29.74
N GLY E 301 -16.56 0.65 -30.27
CA GLY E 301 -17.14 0.89 -31.59
C GLY E 301 -18.56 0.39 -31.72
N GLY E 302 -18.89 -0.24 -32.85
CA GLY E 302 -20.20 -0.83 -33.09
C GLY E 302 -20.66 -1.89 -32.11
N LEU E 303 -21.94 -1.90 -31.78
CA LEU E 303 -22.48 -2.74 -30.74
C LEU E 303 -23.93 -3.09 -31.10
N ASN E 304 -24.35 -4.28 -30.76
CA ASN E 304 -25.78 -4.61 -30.91
C ASN E 304 -26.38 -4.97 -29.55
N LYS E 305 -27.61 -4.51 -29.29
CA LYS E 305 -28.13 -4.66 -27.93
C LYS E 305 -28.65 -6.06 -27.70
N SER E 306 -28.03 -6.74 -26.73
CA SER E 306 -28.26 -8.16 -26.50
C SER E 306 -29.00 -8.37 -25.17
N LYS E 307 -28.27 -8.24 -24.08
CA LYS E 307 -28.85 -8.24 -22.75
C LYS E 307 -29.03 -6.78 -22.34
N PRO E 308 -29.90 -6.52 -21.36
CA PRO E 308 -30.16 -5.16 -20.88
C PRO E 308 -28.91 -4.42 -20.35
N TYR E 309 -28.02 -5.12 -19.67
CA TYR E 309 -26.81 -4.51 -19.14
C TYR E 309 -25.49 -5.16 -19.58
N TYR E 310 -24.40 -4.40 -19.44
CA TYR E 310 -23.08 -4.92 -19.76
C TYR E 310 -22.01 -4.58 -18.72
N THR E 311 -21.01 -5.47 -18.60
CA THR E 311 -19.82 -5.21 -17.77
C THR E 311 -18.67 -4.87 -18.69
N GLY E 312 -17.77 -4.00 -18.24
CA GLY E 312 -16.61 -3.68 -19.05
C GLY E 312 -16.14 -2.27 -18.90
N GLU E 313 -15.32 -1.82 -19.85
CA GLU E 313 -14.82 -0.45 -19.87
C GLU E 313 -15.98 0.49 -20.16
N HIS E 314 -16.22 1.47 -19.30
CA HIS E 314 -17.31 2.39 -19.54
C HIS E 314 -16.79 3.63 -20.26
N ALA E 315 -17.53 4.10 -21.26
CA ALA E 315 -17.31 5.43 -21.83
C ALA E 315 -18.56 5.98 -22.48
N LYS E 316 -18.40 7.11 -23.14
CA LYS E 316 -19.51 7.77 -23.81
C LYS E 316 -20.06 6.84 -24.87
N ALA E 317 -21.38 6.68 -24.93
CA ALA E 317 -22.00 5.86 -25.97
C ALA E 317 -23.34 6.39 -26.45
N ILE E 318 -23.59 6.38 -27.76
CA ILE E 318 -24.91 6.84 -28.25
C ILE E 318 -25.72 5.76 -28.95
N GLY E 319 -27.04 5.91 -28.93
CA GLY E 319 -27.90 4.92 -29.55
C GLY E 319 -28.58 4.00 -28.56
N ASN E 320 -29.18 2.92 -29.07
CA ASN E 320 -29.89 1.98 -28.22
C ASN E 320 -28.80 1.16 -27.62
N CYS E 321 -28.61 1.28 -26.32
CA CYS E 321 -27.43 0.75 -25.66
C CYS E 321 -27.83 -0.11 -24.50
N PRO E 322 -26.96 -1.07 -24.15
CA PRO E 322 -27.12 -1.72 -22.85
C PRO E 322 -26.57 -0.77 -21.76
N ILE E 323 -27.01 -0.94 -20.52
CA ILE E 323 -26.55 -0.08 -19.45
C ILE E 323 -25.33 -0.66 -18.77
N TRP E 324 -24.34 0.17 -18.44
CA TRP E 324 -23.12 -0.27 -17.75
C TRP E 324 -23.37 -0.65 -16.29
N VAL E 325 -22.80 -1.77 -15.87
CA VAL E 325 -22.94 -2.22 -14.48
C VAL E 325 -21.56 -2.55 -13.88
N LYS E 326 -21.42 -2.36 -12.56
CA LYS E 326 -20.20 -2.73 -11.81
C LYS E 326 -19.82 -4.22 -11.90
N THR E 327 -20.79 -5.07 -11.63
CA THR E 327 -20.58 -6.50 -11.56
C THR E 327 -21.54 -7.24 -12.52
N PRO E 328 -21.12 -8.39 -13.09
CA PRO E 328 -22.07 -9.20 -13.86
C PRO E 328 -23.20 -9.74 -12.98
N LEU E 329 -24.45 -9.47 -13.35
CA LEU E 329 -25.57 -9.75 -12.45
C LEU E 329 -26.39 -10.91 -12.95
N LYS E 330 -26.96 -11.67 -12.02
CA LYS E 330 -27.77 -12.81 -12.38
C LYS E 330 -29.15 -12.71 -11.75
N LEU E 331 -30.18 -12.98 -12.54
CA LEU E 331 -31.53 -13.10 -11.98
C LEU E 331 -31.74 -14.58 -11.68
N ALA E 332 -32.35 -14.89 -10.55
CA ALA E 332 -32.48 -16.29 -10.16
C ALA E 332 -33.58 -17.01 -10.92
N ASN E 333 -33.26 -18.07 -11.66
CA ASN E 333 -34.25 -18.92 -12.34
C ASN E 333 -34.19 -20.37 -11.84
N GLY E 334 -34.87 -20.67 -10.73
CA GLY E 334 -34.65 -21.91 -9.99
C GLY E 334 -35.05 -21.95 -8.53
N THR E 335 -34.46 -22.89 -7.80
CA THR E 335 -34.71 -23.05 -6.36
C THR E 335 -33.41 -22.97 -5.52
N LYS E 336 -33.56 -22.75 -4.21
CA LYS E 336 -32.41 -22.74 -3.31
C LYS E 336 -31.83 -24.13 -3.29
N TYR E 337 -30.51 -24.23 -3.13
CA TYR E 337 -29.86 -25.54 -3.06
C TYR E 337 -30.33 -26.33 -1.86
N ARG E 338 -30.81 -27.54 -2.14
CA ARG E 338 -31.28 -28.45 -1.12
C ARG E 338 -30.46 -29.76 -1.09
N PRO E 339 -29.78 -30.04 0.03
CA PRO E 339 -29.10 -31.34 0.13
C PRO E 339 -30.12 -32.48 0.23
N PRO E 340 -29.87 -33.57 -0.52
CA PRO E 340 -30.79 -34.73 -0.55
C PRO E 340 -30.94 -35.42 0.81
N ALA E 341 -32.08 -36.09 1.04
CA ALA E 341 -32.31 -36.80 2.30
C ALA E 341 -33.18 -38.05 2.13
N GLY F 1 -36.60 -21.15 3.57
CA GLY F 1 -36.59 -19.91 4.33
C GLY F 1 -36.72 -20.15 5.82
N PHE F 2 -37.10 -19.11 6.55
CA PHE F 2 -37.31 -19.21 8.00
C PHE F 2 -38.50 -20.10 8.31
N PHE F 3 -39.50 -20.05 7.45
CA PHE F 3 -40.73 -20.81 7.63
C PHE F 3 -40.47 -22.31 7.67
N GLY F 4 -39.74 -22.81 6.67
CA GLY F 4 -39.41 -24.20 6.56
C GLY F 4 -38.63 -24.69 7.76
N ALA F 5 -37.72 -23.86 8.24
CA ALA F 5 -36.90 -24.22 9.40
C ALA F 5 -37.72 -24.29 10.69
N ILE F 6 -38.62 -23.31 10.88
CA ILE F 6 -39.45 -23.27 12.07
C ILE F 6 -40.50 -24.37 12.11
N ALA F 7 -41.31 -24.43 11.04
CA ALA F 7 -42.50 -25.29 11.02
C ALA F 7 -42.21 -26.78 10.99
N GLY F 8 -40.98 -27.13 10.63
CA GLY F 8 -40.57 -28.52 10.60
C GLY F 8 -40.66 -29.12 9.20
N PHE F 9 -40.90 -28.28 8.21
CA PHE F 9 -40.88 -28.71 6.82
C PHE F 9 -39.51 -29.28 6.52
N LEU F 10 -39.45 -30.25 5.61
CA LEU F 10 -38.21 -30.99 5.40
C LEU F 10 -37.02 -30.12 5.00
N GLU F 11 -35.96 -30.23 5.79
CA GLU F 11 -34.71 -29.55 5.51
C GLU F 11 -34.04 -30.35 4.40
N GLY F 12 -33.81 -29.70 3.27
CA GLY F 12 -33.23 -30.39 2.13
C GLY F 12 -34.27 -31.11 1.30
N GLY F 13 -34.02 -31.21 0.01
CA GLY F 13 -34.97 -31.80 -0.93
C GLY F 13 -34.57 -33.16 -1.48
N TRP F 14 -35.41 -33.70 -2.35
CA TRP F 14 -35.17 -34.98 -3.00
C TRP F 14 -34.64 -34.76 -4.42
N GLU F 15 -33.62 -35.50 -4.81
CA GLU F 15 -33.04 -35.34 -6.15
C GLU F 15 -33.73 -36.23 -7.18
N GLY F 16 -34.77 -36.92 -6.74
CA GLY F 16 -35.50 -37.83 -7.60
C GLY F 16 -36.32 -37.16 -8.68
N MET F 17 -36.73 -35.92 -8.43
CA MET F 17 -37.60 -35.22 -9.37
C MET F 17 -36.85 -34.21 -10.25
N ILE F 18 -36.64 -34.58 -11.51
CA ILE F 18 -36.06 -33.66 -12.47
C ILE F 18 -37.20 -33.03 -13.26
N ALA F 19 -38.41 -33.50 -12.97
CA ALA F 19 -39.60 -33.11 -13.71
C ALA F 19 -39.99 -31.65 -13.46
N GLY F 20 -39.89 -31.23 -12.21
CA GLY F 20 -40.27 -29.88 -11.83
C GLY F 20 -39.49 -29.37 -10.63
N TRP F 21 -39.80 -28.15 -10.20
CA TRP F 21 -39.17 -27.55 -9.02
C TRP F 21 -39.76 -27.96 -7.68
N HIS F 22 -41.06 -28.25 -7.64
CA HIS F 22 -41.71 -28.62 -6.39
C HIS F 22 -42.66 -29.82 -6.57
N GLY F 23 -42.81 -30.64 -5.52
CA GLY F 23 -43.58 -31.86 -5.66
C GLY F 23 -44.04 -32.55 -4.38
N TYR F 24 -44.46 -33.81 -4.51
CA TYR F 24 -45.00 -34.57 -3.39
C TYR F 24 -44.29 -35.92 -3.19
N THR F 25 -44.30 -36.41 -1.96
CA THR F 25 -43.62 -37.66 -1.60
C THR F 25 -44.49 -38.68 -0.86
N SER F 26 -44.27 -39.97 -1.17
CA SER F 26 -45.01 -41.07 -0.54
C SER F 26 -44.08 -41.99 0.26
N HIS F 27 -44.52 -42.34 1.47
CA HIS F 27 -43.73 -43.20 2.35
C HIS F 27 -44.50 -44.46 2.69
N GLY F 28 -43.79 -45.49 3.17
CA GLY F 28 -44.42 -46.74 3.58
C GLY F 28 -43.52 -47.93 3.37
N ALA F 29 -44.10 -49.13 3.46
CA ALA F 29 -43.33 -50.36 3.24
C ALA F 29 -43.28 -50.69 1.75
N HIS F 30 -43.84 -49.80 0.94
CA HIS F 30 -43.79 -49.91 -0.52
C HIS F 30 -42.57 -49.18 -1.08
N GLY F 31 -41.75 -48.63 -0.20
CA GLY F 31 -40.62 -47.82 -0.59
C GLY F 31 -40.95 -46.34 -0.49
N VAL F 32 -40.18 -45.51 -1.20
CA VAL F 32 -40.41 -44.06 -1.19
C VAL F 32 -40.67 -43.51 -2.59
N ALA F 33 -41.89 -43.04 -2.82
CA ALA F 33 -42.29 -42.53 -4.14
C ALA F 33 -42.11 -41.01 -4.22
N VAL F 34 -41.74 -40.51 -5.40
CA VAL F 34 -41.53 -39.07 -5.59
C VAL F 34 -42.20 -38.59 -6.87
N ALA F 35 -42.92 -37.47 -6.78
CA ALA F 35 -43.57 -36.88 -7.96
C ALA F 35 -43.46 -35.36 -7.98
N ALA F 36 -43.67 -34.77 -9.16
CA ALA F 36 -43.54 -33.33 -9.32
C ALA F 36 -44.85 -32.65 -9.79
N ASP F 37 -45.02 -31.38 -9.42
CA ASP F 37 -46.20 -30.61 -9.84
C ASP F 37 -45.81 -29.53 -10.85
N LEU F 38 -46.38 -29.61 -12.05
CA LEU F 38 -45.98 -28.72 -13.14
C LEU F 38 -46.58 -27.31 -13.08
N LYS F 39 -47.77 -27.16 -12.51
CA LYS F 39 -48.39 -25.84 -12.45
C LYS F 39 -47.63 -24.90 -11.50
N SER F 40 -47.15 -25.45 -10.39
CA SER F 40 -46.34 -24.68 -9.45
C SER F 40 -45.06 -24.18 -10.13
N THR F 41 -44.37 -25.12 -10.78
CA THR F 41 -43.16 -24.79 -11.51
C THR F 41 -43.43 -23.75 -12.61
N GLN F 42 -44.47 -23.97 -13.40
CA GLN F 42 -44.82 -23.05 -14.47
C GLN F 42 -45.08 -21.66 -13.90
N GLU F 43 -45.81 -21.61 -12.80
CA GLU F 43 -46.10 -20.34 -12.13
C GLU F 43 -44.82 -19.62 -11.73
N ALA F 44 -43.93 -20.36 -11.10
CA ALA F 44 -42.63 -19.81 -10.72
C ALA F 44 -41.90 -19.23 -11.94
N ILE F 45 -41.84 -20.01 -13.01
CA ILE F 45 -41.19 -19.61 -14.26
C ILE F 45 -41.78 -18.30 -14.80
N ASN F 46 -43.09 -18.14 -14.66
CA ASN F 46 -43.77 -16.92 -15.11
C ASN F 46 -43.40 -15.72 -14.23
N LYS F 47 -43.41 -15.92 -12.91
CA LYS F 47 -42.99 -14.86 -11.99
C LYS F 47 -41.66 -14.34 -12.49
N ILE F 48 -40.73 -15.28 -12.65
CA ILE F 48 -39.38 -14.94 -13.07
C ILE F 48 -39.31 -14.22 -14.44
N THR F 49 -39.96 -14.77 -15.45
CA THR F 49 -39.86 -14.17 -16.79
C THR F 49 -40.41 -12.74 -16.79
N LYS F 50 -41.58 -12.56 -16.18
CA LYS F 50 -42.19 -11.24 -16.11
C LYS F 50 -41.27 -10.27 -15.38
N ASN F 51 -40.70 -10.77 -14.29
CA ASN F 51 -39.72 -10.04 -13.53
C ASN F 51 -38.59 -9.52 -14.41
N LEU F 52 -38.08 -10.42 -15.24
CA LEU F 52 -37.02 -10.09 -16.19
C LEU F 52 -37.42 -8.99 -17.17
N ASN F 53 -38.63 -9.08 -17.73
CA ASN F 53 -39.11 -8.04 -18.65
C ASN F 53 -39.14 -6.69 -17.96
N SER F 54 -39.62 -6.72 -16.72
CA SER F 54 -39.63 -5.53 -15.87
C SER F 54 -38.25 -4.93 -15.74
N LEU F 55 -37.24 -5.76 -15.49
CA LEU F 55 -35.86 -5.28 -15.42
C LEU F 55 -35.33 -4.79 -16.75
N SER F 56 -35.83 -5.36 -17.83
CA SER F 56 -35.30 -5.10 -19.16
C SER F 56 -35.89 -3.86 -19.81
N GLU F 57 -36.98 -3.35 -19.25
CA GLU F 57 -37.59 -2.15 -19.81
C GLU F 57 -37.06 -0.81 -19.24
N LEU F 58 -36.02 -0.88 -18.39
CA LEU F 58 -35.35 0.30 -17.85
C LEU F 58 -34.66 1.11 -18.95
N GLU F 59 -34.93 2.42 -19.01
CA GLU F 59 -34.26 3.27 -20.01
C GLU F 59 -33.54 4.50 -19.44
N VAL F 60 -32.32 4.74 -19.95
CA VAL F 60 -31.45 5.83 -19.44
C VAL F 60 -30.76 6.65 -20.54
N LYS F 61 -30.61 7.95 -20.28
CA LYS F 61 -30.11 8.94 -21.24
C LYS F 61 -28.69 8.64 -21.68
N ASN F 62 -28.27 9.28 -22.76
CA ASN F 62 -27.14 8.77 -23.50
C ASN F 62 -25.69 9.05 -23.09
N LEU F 63 -25.34 10.21 -22.53
CA LEU F 63 -23.89 10.46 -22.18
C LEU F 63 -22.88 10.47 -23.34
N GLN F 64 -22.92 11.50 -24.19
CA GLN F 64 -21.97 11.67 -25.28
C GLN F 64 -21.10 12.91 -25.04
N ARG F 65 -20.14 13.17 -25.91
CA ARG F 65 -19.26 14.32 -25.77
C ARG F 65 -20.13 15.56 -25.86
N LEU F 66 -19.86 16.60 -25.08
CA LEU F 66 -20.64 17.83 -25.25
C LEU F 66 -20.08 18.60 -26.43
N SER F 67 -20.92 19.40 -27.08
CA SER F 67 -20.60 19.94 -28.41
C SER F 67 -19.79 21.25 -28.50
N GLY F 68 -19.72 22.00 -27.40
CA GLY F 68 -18.90 23.20 -27.37
C GLY F 68 -17.52 22.98 -26.75
N ALA F 69 -17.26 21.72 -26.35
CA ALA F 69 -16.10 21.26 -25.58
C ALA F 69 -14.77 21.78 -26.07
N MET F 70 -14.27 21.30 -27.20
CA MET F 70 -12.90 21.69 -27.65
C MET F 70 -11.66 21.22 -26.84
N ASP F 71 -11.20 19.99 -27.11
CA ASP F 71 -10.11 19.32 -26.37
C ASP F 71 -8.92 20.21 -26.03
N GLU F 72 -8.49 21.02 -26.99
CA GLU F 72 -7.30 21.83 -26.80
C GLU F 72 -7.54 22.98 -25.79
N LEU F 73 -8.63 23.70 -26.01
CA LEU F 73 -8.98 24.92 -25.27
C LEU F 73 -9.43 24.67 -23.85
N HIS F 74 -10.58 24.03 -23.71
CA HIS F 74 -11.19 23.93 -22.39
C HIS F 74 -11.06 22.51 -21.88
N ASN F 75 -10.00 22.28 -21.12
CA ASN F 75 -9.74 20.96 -20.56
C ASN F 75 -10.43 20.78 -19.25
N GLU F 76 -10.55 21.88 -18.52
CA GLU F 76 -11.04 21.85 -17.17
C GLU F 76 -12.52 21.52 -17.21
N ILE F 77 -13.21 22.23 -18.08
CA ILE F 77 -14.62 21.95 -18.32
C ILE F 77 -14.78 20.51 -18.68
N LEU F 78 -13.92 20.09 -19.59
CA LEU F 78 -13.91 18.74 -20.09
C LEU F 78 -13.68 17.66 -18.98
N GLU F 79 -12.82 17.97 -18.00
CA GLU F 79 -12.49 17.12 -16.87
C GLU F 79 -13.71 16.95 -16.03
N LEU F 80 -14.41 18.05 -15.84
CA LEU F 80 -15.71 18.02 -15.15
C LEU F 80 -16.75 17.19 -15.89
N ASP F 81 -16.80 17.29 -17.23
CA ASP F 81 -17.66 16.43 -18.04
C ASP F 81 -17.41 14.97 -17.67
N GLU F 82 -16.15 14.57 -17.80
CA GLU F 82 -15.71 13.23 -17.42
C GLU F 82 -16.26 12.85 -16.04
N LYS F 83 -16.11 13.78 -15.11
CA LYS F 83 -16.59 13.59 -13.75
C LYS F 83 -18.06 13.22 -13.71
N VAL F 84 -18.86 14.01 -14.40
CA VAL F 84 -20.32 13.82 -14.40
C VAL F 84 -20.71 12.47 -15.03
N ASP F 85 -20.00 12.10 -16.08
CA ASP F 85 -20.23 10.82 -16.71
C ASP F 85 -19.99 9.70 -15.70
N ASP F 86 -18.82 9.73 -15.06
CA ASP F 86 -18.41 8.62 -14.19
C ASP F 86 -19.41 8.50 -13.06
N LEU F 87 -19.66 9.63 -12.43
CA LEU F 87 -20.65 9.68 -11.37
C LEU F 87 -22.03 9.10 -11.76
N ARG F 88 -22.50 9.46 -12.96
CA ARG F 88 -23.75 8.91 -13.47
C ARG F 88 -23.70 7.39 -13.49
N ALA F 89 -22.70 6.85 -14.19
CA ALA F 89 -22.62 5.40 -14.40
C ALA F 89 -22.64 4.67 -13.07
N ASP F 90 -21.89 5.22 -12.11
CA ASP F 90 -21.84 4.63 -10.78
C ASP F 90 -23.22 4.56 -10.14
N THR F 91 -23.88 5.73 -10.03
CA THR F 91 -25.17 5.83 -9.34
C THR F 91 -26.17 4.86 -9.93
N ILE F 92 -26.33 4.96 -11.25
CA ILE F 92 -27.31 4.14 -11.98
C ILE F 92 -27.03 2.65 -11.74
N SER F 93 -25.74 2.29 -11.73
CA SER F 93 -25.34 0.91 -11.46
C SER F 93 -25.84 0.45 -10.10
N SER F 94 -25.59 1.25 -9.08
CA SER F 94 -26.06 0.92 -7.74
C SER F 94 -27.57 0.68 -7.72
N GLN F 95 -28.29 1.58 -8.38
CA GLN F 95 -29.75 1.46 -8.45
C GLN F 95 -30.18 0.12 -9.04
N ILE F 96 -29.59 -0.21 -10.18
CA ILE F 96 -29.86 -1.48 -10.82
C ILE F 96 -29.58 -2.68 -9.89
N GLU F 97 -28.40 -2.69 -9.29
CA GLU F 97 -28.03 -3.73 -8.36
C GLU F 97 -29.11 -3.93 -7.33
N LEU F 98 -29.58 -2.83 -6.77
CA LEU F 98 -30.69 -2.89 -5.81
C LEU F 98 -31.92 -3.59 -6.37
N ALA F 99 -32.42 -3.08 -7.50
CA ALA F 99 -33.58 -3.66 -8.15
C ALA F 99 -33.48 -5.19 -8.27
N VAL F 100 -32.30 -5.63 -8.71
CA VAL F 100 -32.02 -7.06 -8.87
C VAL F 100 -32.06 -7.80 -7.52
N LEU F 101 -31.34 -7.26 -6.55
CA LEU F 101 -31.29 -7.83 -5.22
C LEU F 101 -32.70 -8.06 -4.65
N LEU F 102 -33.52 -7.02 -4.69
CA LEU F 102 -34.92 -7.11 -4.30
C LEU F 102 -35.65 -8.23 -5.02
N SER F 103 -35.54 -8.20 -6.35
CA SER F 103 -36.18 -9.21 -7.18
C SER F 103 -35.83 -10.67 -6.79
N ASN F 104 -34.54 -10.93 -6.60
CA ASN F 104 -34.04 -12.24 -6.19
C ASN F 104 -34.56 -12.65 -4.82
N GLU F 105 -34.59 -11.67 -3.92
CA GLU F 105 -35.17 -11.87 -2.61
C GLU F 105 -36.59 -12.40 -2.71
N GLY F 106 -37.38 -11.75 -3.57
CA GLY F 106 -38.74 -12.20 -3.79
C GLY F 106 -38.80 -13.62 -4.31
N ILE F 107 -38.06 -13.87 -5.39
CA ILE F 107 -38.01 -15.19 -6.02
C ILE F 107 -37.69 -16.34 -5.06
N ILE F 108 -36.71 -16.12 -4.18
CA ILE F 108 -36.30 -17.16 -3.23
C ILE F 108 -37.22 -17.30 -2.03
N ASN F 109 -37.68 -16.18 -1.46
CA ASN F 109 -38.59 -16.24 -0.33
C ASN F 109 -39.93 -16.88 -0.68
N SER F 110 -40.39 -16.65 -1.90
CA SER F 110 -41.68 -17.19 -2.34
C SER F 110 -41.75 -18.73 -2.36
N GLU F 111 -40.59 -19.37 -2.34
CA GLU F 111 -40.54 -20.82 -2.55
C GLU F 111 -41.13 -21.65 -1.40
N ASP F 112 -41.09 -21.12 -0.19
CA ASP F 112 -41.76 -21.80 0.93
C ASP F 112 -43.27 -21.71 0.73
N GLU F 113 -43.73 -20.53 0.33
CA GLU F 113 -45.14 -20.28 0.13
C GLU F 113 -45.72 -21.17 -0.97
N HIS F 114 -44.94 -21.41 -2.03
CA HIS F 114 -45.33 -22.38 -3.05
C HIS F 114 -45.73 -23.70 -2.42
N LEU F 115 -44.82 -24.22 -1.59
CA LEU F 115 -45.02 -25.46 -0.86
C LEU F 115 -46.30 -25.38 -0.03
N LEU F 116 -46.51 -24.23 0.59
CA LEU F 116 -47.67 -23.99 1.44
C LEU F 116 -49.00 -24.06 0.67
N ALA F 117 -48.94 -23.72 -0.63
CA ALA F 117 -50.10 -23.83 -1.52
C ALA F 117 -50.30 -25.27 -1.98
N LEU F 118 -49.19 -25.93 -2.31
CA LEU F 118 -49.22 -27.33 -2.69
C LEU F 118 -49.89 -28.17 -1.61
N GLU F 119 -49.64 -27.78 -0.37
CA GLU F 119 -50.30 -28.38 0.79
C GLU F 119 -51.83 -28.35 0.66
N ARG F 120 -52.34 -27.17 0.35
CA ARG F 120 -53.79 -26.95 0.23
C ARG F 120 -54.38 -27.71 -0.95
N LYS F 121 -53.63 -27.84 -2.03
CA LYS F 121 -54.12 -28.61 -3.19
C LYS F 121 -54.18 -30.11 -2.88
N LEU F 122 -53.23 -30.58 -2.08
CA LEU F 122 -53.22 -31.98 -1.69
C LEU F 122 -54.38 -32.27 -0.75
N LYS F 123 -54.59 -31.36 0.21
CA LYS F 123 -55.69 -31.50 1.17
C LYS F 123 -57.02 -31.60 0.45
N LYS F 124 -57.11 -30.91 -0.68
CA LYS F 124 -58.33 -30.87 -1.48
C LYS F 124 -58.79 -32.27 -1.84
N MET F 125 -57.93 -33.08 -2.45
CA MET F 125 -58.38 -34.42 -2.78
C MET F 125 -57.85 -35.39 -1.74
N LEU F 126 -58.65 -35.55 -0.70
CA LEU F 126 -58.51 -36.63 0.26
C LEU F 126 -59.88 -37.07 0.76
N GLY F 127 -60.53 -36.12 1.41
CA GLY F 127 -61.65 -36.37 2.30
C GLY F 127 -61.04 -36.23 3.69
N PRO F 128 -61.85 -36.31 4.74
CA PRO F 128 -61.20 -36.34 6.05
C PRO F 128 -60.70 -37.74 6.37
N SER F 129 -60.00 -38.34 5.40
CA SER F 129 -59.43 -39.68 5.54
C SER F 129 -58.01 -39.54 6.04
N ALA F 130 -57.53 -38.31 6.07
CA ALA F 130 -56.20 -38.01 6.55
C ALA F 130 -56.26 -36.82 7.50
N VAL F 131 -55.32 -36.79 8.43
CA VAL F 131 -55.24 -35.70 9.41
C VAL F 131 -54.16 -34.70 9.02
N GLU F 132 -54.40 -33.42 9.27
CA GLU F 132 -53.39 -32.41 9.01
C GLU F 132 -52.33 -32.53 10.09
N ILE F 133 -51.11 -32.82 9.67
CA ILE F 133 -49.98 -32.94 10.60
C ILE F 133 -49.40 -31.58 10.94
N GLY F 134 -49.47 -30.65 9.98
CA GLY F 134 -48.90 -29.33 10.15
C GLY F 134 -47.45 -29.31 9.68
N ASN F 135 -46.92 -30.50 9.46
CA ASN F 135 -45.56 -30.68 8.97
C ASN F 135 -45.56 -30.50 7.46
N GLY F 136 -46.74 -30.23 6.91
CA GLY F 136 -46.92 -30.18 5.48
C GLY F 136 -47.26 -31.57 5.00
N CYS F 137 -47.63 -32.42 5.97
CA CYS F 137 -47.88 -33.83 5.70
C CYS F 137 -49.26 -34.26 6.16
N PHE F 138 -49.70 -35.40 5.64
CA PHE F 138 -50.95 -36.01 6.05
C PHE F 138 -50.72 -37.49 6.28
N GLU F 139 -51.60 -38.12 7.05
CA GLU F 139 -51.56 -39.57 7.20
C GLU F 139 -52.78 -40.22 6.57
N THR F 140 -52.58 -40.88 5.44
CA THR F 140 -53.67 -41.55 4.73
C THR F 140 -53.89 -42.97 5.25
N LYS F 141 -55.16 -43.38 5.29
CA LYS F 141 -55.54 -44.69 5.83
C LYS F 141 -55.15 -45.85 4.92
N HIS F 142 -54.92 -45.54 3.65
CA HIS F 142 -54.48 -46.53 2.67
C HIS F 142 -53.01 -46.34 2.32
N LYS F 143 -52.52 -47.17 1.41
CA LYS F 143 -51.13 -47.06 0.95
C LYS F 143 -51.08 -46.45 -0.47
N CYS F 144 -50.03 -45.68 -0.74
CA CYS F 144 -49.92 -45.02 -2.04
C CYS F 144 -48.59 -45.29 -2.73
N ASN F 145 -48.71 -46.01 -3.87
CA ASN F 145 -47.53 -46.29 -4.69
C ASN F 145 -47.36 -45.22 -5.78
N GLN F 146 -46.31 -45.42 -6.61
CA GLN F 146 -45.93 -44.42 -7.61
C GLN F 146 -47.07 -44.06 -8.56
N THR F 147 -47.74 -45.08 -9.11
CA THR F 147 -48.84 -44.87 -10.04
C THR F 147 -49.99 -44.12 -9.37
N CYS F 148 -50.16 -44.39 -8.08
CA CYS F 148 -51.16 -43.71 -7.28
C CYS F 148 -50.82 -42.24 -7.07
N LEU F 149 -49.52 -41.95 -6.98
CA LEU F 149 -49.05 -40.59 -6.72
C LEU F 149 -49.06 -39.71 -7.97
N ASP F 150 -48.74 -40.30 -9.12
CA ASP F 150 -48.77 -39.57 -10.39
C ASP F 150 -50.17 -39.05 -10.69
N ARG F 151 -51.18 -39.77 -10.19
CA ARG F 151 -52.58 -39.38 -10.37
C ARG F 151 -52.98 -38.20 -9.48
N ILE F 152 -52.30 -38.03 -8.35
CA ILE F 152 -52.51 -36.87 -7.49
C ILE F 152 -51.77 -35.67 -8.07
N ALA F 153 -50.58 -35.94 -8.62
CA ALA F 153 -49.79 -34.91 -9.30
C ALA F 153 -50.55 -34.35 -10.51
N ALA F 154 -51.23 -35.24 -11.22
CA ALA F 154 -52.04 -34.84 -12.37
C ALA F 154 -53.36 -34.21 -11.95
N GLY F 155 -53.69 -34.35 -10.66
CA GLY F 155 -54.91 -33.79 -10.12
C GLY F 155 -56.14 -34.66 -10.39
N THR F 156 -55.90 -35.86 -10.92
CA THR F 156 -56.96 -36.79 -11.28
C THR F 156 -57.34 -37.73 -10.13
N PHE F 157 -56.73 -37.52 -8.97
CA PHE F 157 -57.00 -38.39 -7.85
C PHE F 157 -58.31 -38.05 -7.15
N ASP F 158 -59.22 -39.01 -7.17
CA ASP F 158 -60.40 -38.97 -6.34
C ASP F 158 -60.60 -40.40 -5.85
N ALA F 159 -60.64 -40.60 -4.54
CA ALA F 159 -60.71 -41.97 -4.06
C ALA F 159 -62.10 -42.37 -3.59
N GLY F 160 -62.78 -43.10 -4.46
CA GLY F 160 -63.81 -44.04 -4.08
C GLY F 160 -63.21 -45.41 -4.35
N GLU F 161 -62.08 -45.40 -5.04
CA GLU F 161 -61.33 -46.59 -5.40
C GLU F 161 -60.79 -47.24 -4.13
N PHE F 162 -60.01 -46.47 -3.36
CA PHE F 162 -59.85 -46.73 -1.95
C PHE F 162 -61.08 -46.03 -1.41
N SER F 163 -61.99 -46.78 -0.83
CA SER F 163 -63.29 -46.17 -0.56
C SER F 163 -63.26 -45.49 0.80
N LEU F 164 -63.23 -44.16 0.74
CA LEU F 164 -63.14 -43.28 1.89
C LEU F 164 -63.91 -42.02 1.52
N PRO F 165 -64.39 -41.25 2.52
CA PRO F 165 -65.26 -40.09 2.25
C PRO F 165 -64.69 -39.15 1.17
N THR F 166 -65.54 -38.76 0.24
CA THR F 166 -65.11 -37.92 -0.87
C THR F 166 -65.52 -36.47 -0.65
N PHE F 167 -64.65 -35.55 -1.02
CA PHE F 167 -65.02 -34.15 -1.10
C PHE F 167 -65.63 -33.91 -2.47
N ASP F 168 -66.91 -33.54 -2.48
CA ASP F 168 -67.68 -33.47 -3.71
C ASP F 168 -67.29 -32.29 -4.59
N SER F 169 -67.48 -32.43 -5.89
CA SER F 169 -67.07 -31.40 -6.85
C SER F 169 -68.27 -30.91 -7.68
N ASP G 1 -24.00 -34.44 53.25
CA ASP G 1 -23.23 -33.26 52.86
C ASP G 1 -22.08 -33.61 51.94
N ARG G 2 -21.82 -32.75 50.97
CA ARG G 2 -20.82 -33.01 49.93
C ARG G 2 -19.63 -32.07 50.06
N ILE G 3 -18.43 -32.61 49.90
CA ILE G 3 -17.19 -31.82 49.97
C ILE G 3 -16.33 -31.97 48.71
N CYS G 4 -16.14 -30.86 47.98
CA CYS G 4 -15.44 -30.87 46.69
C CYS G 4 -14.14 -30.07 46.68
N THR G 5 -13.46 -30.10 45.54
CA THR G 5 -12.24 -29.32 45.32
C THR G 5 -12.51 -28.20 44.31
N GLY G 6 -11.89 -27.04 44.53
CA GLY G 6 -12.07 -25.91 43.64
C GLY G 6 -10.93 -24.90 43.63
N ILE G 7 -10.91 -24.05 42.60
CA ILE G 7 -9.89 -22.99 42.49
C ILE G 7 -10.52 -21.59 42.56
N THR G 8 -9.67 -20.56 42.56
CA THR G 8 -10.11 -19.19 42.83
C THR G 8 -10.77 -18.50 41.62
N SER G 9 -11.64 -17.55 41.93
CA SER G 9 -12.15 -16.58 40.97
C SER G 9 -11.80 -15.18 41.44
N SER G 10 -11.29 -14.34 40.52
CA SER G 10 -10.97 -12.96 40.85
C SER G 10 -10.76 -12.14 39.57
N ASN G 11 -10.47 -10.86 39.74
CA ASN G 11 -10.20 -9.96 38.62
C ASN G 11 -8.96 -10.43 37.83
N SER G 12 -9.12 -10.60 36.53
CA SER G 12 -8.06 -11.18 35.71
C SER G 12 -7.74 -10.36 34.45
N PRO G 13 -7.17 -9.16 34.63
CA PRO G 13 -6.83 -8.25 33.54
C PRO G 13 -5.63 -8.64 32.67
N HIS G 14 -4.67 -9.40 33.22
CA HIS G 14 -3.42 -9.70 32.51
C HIS G 14 -3.55 -10.87 31.54
N VAL G 15 -2.97 -10.72 30.36
CA VAL G 15 -3.10 -11.75 29.34
C VAL G 15 -1.77 -12.49 29.08
N VAL G 16 -1.86 -13.81 28.86
CA VAL G 16 -0.67 -14.62 28.57
C VAL G 16 -0.88 -15.66 27.45
N LYS G 17 0.22 -16.01 26.78
CA LYS G 17 0.19 -16.89 25.62
C LYS G 17 0.55 -18.32 25.98
N THR G 18 -0.26 -19.28 25.53
CA THR G 18 -0.02 -20.70 25.78
C THR G 18 -0.22 -21.52 24.52
N ALA G 19 0.54 -22.59 24.37
CA ALA G 19 0.47 -23.39 23.16
C ALA G 19 -0.85 -24.15 23.03
N THR G 20 -1.29 -24.77 24.13
CA THR G 20 -2.50 -25.58 24.12
C THR G 20 -3.83 -24.80 24.27
N GLN G 21 -3.88 -23.79 25.15
CA GLN G 21 -5.13 -23.12 25.50
C GLN G 21 -5.37 -21.82 24.73
N GLY G 22 -4.42 -21.44 23.86
CA GLY G 22 -4.43 -20.14 23.22
C GLY G 22 -4.20 -19.02 24.24
N GLU G 23 -4.58 -17.80 23.87
CA GLU G 23 -4.32 -16.64 24.72
C GLU G 23 -5.34 -16.55 25.87
N VAL G 24 -4.87 -16.58 27.11
CA VAL G 24 -5.78 -16.57 28.27
C VAL G 24 -5.61 -15.38 29.24
N ASN G 25 -6.74 -15.01 29.87
CA ASN G 25 -6.72 -14.04 30.97
C ASN G 25 -6.35 -14.73 32.29
N VAL G 26 -5.55 -14.04 33.12
CA VAL G 26 -4.92 -14.66 34.29
C VAL G 26 -4.86 -13.74 35.52
N THR G 27 -4.94 -14.34 36.72
CA THR G 27 -4.91 -13.63 38.01
C THR G 27 -3.80 -12.57 38.16
N GLY G 28 -2.55 -12.99 37.95
CA GLY G 28 -1.42 -12.08 38.06
C GLY G 28 -0.28 -12.47 37.12
N VAL G 29 0.68 -11.57 36.93
CA VAL G 29 1.83 -11.85 36.07
C VAL G 29 3.11 -11.20 36.56
N ILE G 30 4.23 -11.83 36.24
CA ILE G 30 5.55 -11.26 36.49
C ILE G 30 6.12 -10.76 35.18
N PRO G 31 6.21 -9.43 35.03
CA PRO G 31 6.74 -8.89 33.78
C PRO G 31 8.25 -9.11 33.65
N LEU G 32 8.66 -9.59 32.48
CA LEU G 32 10.07 -9.87 32.18
C LEU G 32 10.71 -8.75 31.37
N THR G 33 9.94 -7.69 31.14
CA THR G 33 10.32 -6.66 30.19
C THR G 33 10.37 -5.24 30.77
N THR G 34 11.06 -4.35 30.06
CA THR G 34 11.20 -2.95 30.43
C THR G 34 11.42 -2.20 29.14
N THR G 35 10.95 -0.97 29.03
CA THR G 35 11.44 -0.12 27.94
C THR G 35 12.29 0.97 28.55
N PRO G 36 13.60 0.87 28.39
CA PRO G 36 14.55 1.76 29.07
C PRO G 36 14.50 3.17 28.51
N THR G 37 15.08 4.12 29.24
CA THR G 37 15.01 5.52 28.88
C THR G 37 16.37 6.13 28.54
N LYS G 38 16.41 6.85 27.43
CA LYS G 38 17.63 7.45 26.91
C LYS G 38 18.26 8.31 27.98
N SER G 39 19.52 8.00 28.28
CA SER G 39 20.29 8.74 29.25
C SER G 39 21.64 9.10 28.65
N HIS G 40 22.51 9.73 29.45
CA HIS G 40 23.84 10.09 28.98
C HIS G 40 24.78 8.89 29.11
N PHE G 41 25.99 9.02 28.59
CA PHE G 41 26.93 7.89 28.55
C PHE G 41 27.78 7.82 29.82
N ALA G 42 28.04 6.61 30.30
CA ALA G 42 28.72 6.44 31.58
C ALA G 42 29.97 5.59 31.46
N ASN G 43 30.61 5.34 32.59
CA ASN G 43 31.72 4.39 32.63
C ASN G 43 31.16 2.98 32.78
N LEU G 44 31.68 2.07 32.00
CA LEU G 44 31.26 0.69 32.11
C LEU G 44 31.76 0.08 33.42
N LYS G 45 30.89 -0.67 34.12
CA LYS G 45 31.18 -1.17 35.46
C LYS G 45 32.56 -1.80 35.65
N GLY G 46 32.77 -3.00 35.12
CA GLY G 46 33.96 -3.75 35.45
C GLY G 46 35.24 -3.28 34.77
N THR G 47 35.11 -2.31 33.88
CA THR G 47 36.08 -2.12 32.81
C THR G 47 36.63 -0.69 32.54
N GLU G 48 37.86 -0.62 32.03
CA GLU G 48 38.38 0.61 31.48
C GLU G 48 37.38 1.13 30.49
N THR G 49 37.22 2.44 30.37
CA THR G 49 36.43 2.96 29.25
C THR G 49 37.18 4.14 28.63
N ARG G 50 37.65 3.99 27.40
CA ARG G 50 38.33 5.09 26.71
C ARG G 50 37.55 6.11 25.98
N GLY G 51 37.45 7.38 26.47
CA GLY G 51 36.81 8.35 25.60
C GLY G 51 37.73 9.04 24.61
N LYS G 52 38.73 9.67 25.18
CA LYS G 52 39.52 10.65 24.48
C LYS G 52 40.85 9.95 24.43
N LEU G 53 41.57 10.11 23.32
CA LEU G 53 42.75 9.27 23.04
C LEU G 53 43.72 9.40 24.19
N CYS G 54 44.21 10.62 24.38
CA CYS G 54 44.83 10.95 25.65
C CYS G 54 44.04 12.06 26.29
N PRO G 55 43.50 11.83 27.48
CA PRO G 55 43.05 13.03 28.20
C PRO G 55 44.32 13.74 28.66
N LYS G 56 44.25 14.90 29.29
CA LYS G 56 45.49 15.58 29.73
C LYS G 56 46.37 16.13 28.62
N CYS G 57 45.98 15.87 27.39
CA CYS G 57 46.47 16.65 26.25
C CYS G 57 45.41 17.67 25.87
N LEU G 58 45.30 18.70 26.67
CA LEU G 58 44.24 19.71 26.68
C LEU G 58 44.23 20.57 25.36
N ASN G 59 43.08 20.99 24.84
CA ASN G 59 43.04 21.80 23.61
C ASN G 59 43.63 21.05 22.41
N CYS G 60 43.48 19.73 22.59
CA CYS G 60 43.95 18.76 21.60
C CYS G 60 42.84 17.78 21.35
N THR G 61 42.51 17.57 20.07
CA THR G 61 41.52 16.56 19.71
C THR G 61 42.21 15.25 19.40
N ASP G 62 41.44 14.19 19.22
CA ASP G 62 42.05 12.90 19.00
C ASP G 62 42.90 12.91 17.75
N LEU G 63 42.41 13.54 16.69
CA LEU G 63 43.19 13.65 15.46
C LEU G 63 44.50 14.42 15.70
N ASP G 64 44.45 15.43 16.57
CA ASP G 64 45.65 16.16 16.91
C ASP G 64 46.72 15.27 17.53
N VAL G 65 46.29 14.49 18.52
CA VAL G 65 47.16 13.51 19.19
C VAL G 65 47.74 12.56 18.16
N ALA G 66 46.87 11.94 17.38
CA ALA G 66 47.23 10.98 16.32
C ALA G 66 48.22 11.50 15.29
N LEU G 67 48.05 12.74 14.84
CA LEU G 67 49.01 13.35 13.91
C LEU G 67 50.33 13.77 14.58
N GLY G 68 50.36 13.77 15.91
CA GLY G 68 51.53 14.19 16.68
C GLY G 68 51.83 15.68 16.52
N ARG G 69 50.79 16.48 16.66
CA ARG G 69 50.89 17.94 16.65
C ARG G 69 51.63 18.38 17.90
N PRO G 70 52.61 19.29 17.75
CA PRO G 70 53.43 19.74 18.87
C PRO G 70 52.61 20.14 20.10
N LYS G 71 53.10 19.78 21.28
CA LYS G 71 52.39 19.96 22.55
C LYS G 71 51.18 19.03 22.73
N CYS G 72 50.78 18.29 21.69
CA CYS G 72 49.89 17.19 21.98
C CYS G 72 50.70 15.93 21.92
N THR G 73 51.16 15.50 23.09
CA THR G 73 51.77 14.18 23.30
C THR G 73 51.63 13.82 24.75
N GLY G 74 51.47 12.54 25.01
CA GLY G 74 51.16 12.12 26.35
C GLY G 74 50.86 10.65 26.40
N LYS G 75 50.59 10.16 27.60
CA LYS G 75 50.32 8.76 27.71
C LYS G 75 48.91 8.53 27.22
N ILE G 76 48.80 7.75 26.20
CA ILE G 76 47.54 7.20 25.75
C ILE G 76 47.40 5.86 26.43
N PRO G 77 46.55 5.82 27.48
CA PRO G 77 46.40 4.66 28.36
C PRO G 77 45.66 3.58 27.60
N SER G 78 45.45 2.43 28.22
CA SER G 78 44.83 1.34 27.47
C SER G 78 43.40 0.99 27.88
N ALA G 79 42.50 0.61 26.96
CA ALA G 79 41.18 0.16 27.35
C ALA G 79 40.65 -1.06 26.66
N ARG G 80 39.84 -1.83 27.37
CA ARG G 80 39.18 -2.98 26.79
C ARG G 80 37.88 -2.56 26.14
N VAL G 81 37.50 -1.26 26.41
CA VAL G 81 36.30 -0.60 25.83
C VAL G 81 36.57 0.84 25.41
N SER G 82 36.25 1.19 24.18
CA SER G 82 36.43 2.58 23.79
C SER G 82 35.15 3.12 23.19
N ILE G 83 35.05 4.44 23.23
CA ILE G 83 33.85 5.12 22.74
C ILE G 83 34.22 6.05 21.61
N LEU G 84 33.48 5.94 20.52
CA LEU G 84 33.75 6.70 19.33
C LEU G 84 32.78 7.87 19.35
N HIS G 85 33.32 9.02 19.74
CA HIS G 85 32.58 10.28 19.81
C HIS G 85 32.54 11.08 18.50
N GLU G 86 33.68 11.14 17.81
CA GLU G 86 33.80 11.92 16.58
C GLU G 86 33.69 11.06 15.31
N VAL G 87 32.58 11.18 14.60
CA VAL G 87 32.39 10.39 13.42
C VAL G 87 33.16 11.00 12.27
N ARG G 88 33.39 12.31 12.30
CA ARG G 88 34.30 12.91 11.34
C ARG G 88 35.25 13.80 12.08
N PRO G 89 36.31 13.19 12.65
CA PRO G 89 37.31 13.86 13.50
C PRO G 89 38.05 15.02 12.85
N VAL G 90 38.58 15.88 13.70
CA VAL G 90 38.99 17.25 13.32
C VAL G 90 40.32 17.64 13.97
N THR G 91 41.12 18.42 13.24
CA THR G 91 42.33 19.01 13.83
C THR G 91 41.97 20.34 14.48
N SER G 92 42.63 20.60 15.60
CA SER G 92 42.47 21.82 16.36
C SER G 92 43.58 22.84 16.04
N GLY G 93 44.45 22.53 15.09
CA GLY G 93 45.57 23.41 14.81
C GLY G 93 46.70 22.85 13.95
N CYS G 94 47.86 23.43 14.18
CA CYS G 94 49.03 23.26 13.32
C CYS G 94 48.84 23.75 11.87
N PHE G 95 49.39 23.04 10.90
CA PHE G 95 49.49 23.50 9.51
C PHE G 95 48.23 23.06 8.75
N PRO G 96 47.79 23.87 7.76
CA PRO G 96 46.57 23.51 7.03
C PRO G 96 46.66 22.21 6.22
N ILE G 97 45.72 21.32 6.50
CA ILE G 97 45.63 20.03 5.86
C ILE G 97 44.40 19.96 4.98
N MET G 98 44.50 19.38 3.79
CA MET G 98 43.28 19.21 3.01
C MET G 98 42.83 17.79 3.33
N HIS G 99 41.94 17.69 4.29
CA HIS G 99 41.70 16.43 4.97
C HIS G 99 40.94 15.45 4.14
N ASP G 100 40.12 15.95 3.24
CA ASP G 100 39.15 15.09 2.62
C ASP G 100 39.73 14.38 1.39
N ARG G 101 40.96 14.71 1.06
CA ARG G 101 41.60 14.11 -0.10
C ARG G 101 42.24 12.75 0.17
N THR G 102 42.18 12.31 1.44
CA THR G 102 42.72 11.02 1.87
C THR G 102 41.89 10.46 3.02
N LYS G 103 42.19 9.25 3.47
CA LYS G 103 41.39 8.64 4.53
C LYS G 103 41.78 9.13 5.94
N ILE G 104 42.72 10.08 5.99
CA ILE G 104 43.41 10.53 7.22
C ILE G 104 42.51 10.79 8.44
N ARG G 105 41.35 11.36 8.17
CA ARG G 105 40.39 11.67 9.22
C ARG G 105 40.04 10.50 10.11
N GLN G 106 40.10 9.27 9.60
CA GLN G 106 39.69 8.13 10.44
C GLN G 106 40.79 7.60 11.38
N LEU G 107 42.03 8.06 11.16
CA LEU G 107 43.17 7.55 11.89
C LEU G 107 42.90 7.36 13.40
N PRO G 108 42.41 8.40 14.11
CA PRO G 108 42.07 8.27 15.53
C PRO G 108 41.06 7.17 15.83
N ASN G 109 40.03 7.02 15.01
CA ASN G 109 39.06 5.95 15.21
C ASN G 109 39.66 4.58 14.94
N LEU G 110 40.68 4.57 14.10
CA LEU G 110 41.38 3.31 13.87
C LEU G 110 42.16 2.95 15.13
N LEU G 111 42.97 3.90 15.62
CA LEU G 111 43.81 3.68 16.80
C LEU G 111 42.92 3.19 17.94
N ARG G 112 41.80 3.88 18.12
CA ARG G 112 40.82 3.56 19.14
C ARG G 112 40.38 2.09 19.18
N GLY G 113 40.43 1.43 18.02
CA GLY G 113 39.96 0.05 17.88
C GLY G 113 40.78 -0.93 18.69
N TYR G 114 42.07 -0.62 18.81
CA TYR G 114 43.00 -1.43 19.58
C TYR G 114 42.85 -1.21 21.08
N GLU G 115 43.34 -2.18 21.85
CA GLU G 115 43.52 -2.05 23.29
C GLU G 115 44.78 -1.29 23.65
N HIS G 116 45.87 -1.53 22.98
CA HIS G 116 47.09 -0.89 23.39
C HIS G 116 47.63 -0.05 22.27
N ILE G 117 47.88 1.20 22.56
CA ILE G 117 48.40 2.15 21.56
C ILE G 117 49.62 2.86 22.13
N ARG G 118 50.65 3.08 21.32
CA ARG G 118 51.75 3.99 21.69
C ARG G 118 52.45 4.63 20.51
N LEU G 119 52.79 5.91 20.62
CA LEU G 119 53.63 6.55 19.63
C LEU G 119 54.95 5.80 19.80
N SER G 120 55.84 5.83 18.81
CA SER G 120 57.08 5.04 18.91
C SER G 120 58.20 5.83 19.55
N THR G 121 59.39 5.27 19.51
CA THR G 121 60.52 6.11 19.81
C THR G 121 61.44 6.08 18.61
N HIS G 122 62.35 7.03 18.58
CA HIS G 122 63.14 7.31 17.41
C HIS G 122 62.23 7.51 16.20
N ASN G 123 62.69 7.04 15.05
CA ASN G 123 62.13 7.45 13.77
C ASN G 123 62.25 6.28 12.80
N VAL G 124 61.30 6.10 11.91
CA VAL G 124 61.39 4.94 11.04
C VAL G 124 62.31 5.23 9.92
N ILE G 125 62.81 6.47 9.78
CA ILE G 125 63.70 6.81 8.67
C ILE G 125 64.36 8.18 8.84
N ASN G 126 65.63 8.27 8.46
CA ASN G 126 66.36 9.53 8.51
C ASN G 126 65.99 10.39 7.31
N ALA G 127 65.29 11.49 7.57
CA ALA G 127 64.80 12.35 6.50
C ALA G 127 65.92 13.08 5.77
N GLU G 128 66.91 13.53 6.52
CA GLU G 128 67.96 14.36 5.90
C GLU G 128 68.82 13.57 4.91
N ASN G 129 68.97 12.26 5.14
CA ASN G 129 69.84 11.40 4.31
C ASN G 129 68.98 10.69 3.26
N ALA G 130 67.71 11.08 3.12
CA ALA G 130 66.84 10.26 2.29
C ALA G 130 67.27 10.43 0.83
N PRO G 131 66.75 9.56 -0.04
CA PRO G 131 67.09 9.61 -1.46
C PRO G 131 66.54 10.88 -2.12
N GLY G 132 67.37 11.53 -2.92
CA GLY G 132 66.98 12.75 -3.60
C GLY G 132 67.84 13.94 -3.21
N GLY G 133 68.92 13.67 -2.49
CA GLY G 133 69.82 14.72 -2.05
C GLY G 133 69.57 15.15 -0.62
N PRO G 134 70.61 15.61 0.05
CA PRO G 134 70.51 16.05 1.45
C PRO G 134 69.35 17.02 1.64
N TYR G 135 68.59 16.84 2.72
CA TYR G 135 67.44 17.72 3.01
C TYR G 135 67.56 18.52 4.30
N LYS G 136 67.34 19.81 4.21
CA LYS G 136 67.08 20.53 5.44
C LYS G 136 65.67 20.20 5.86
N ILE G 137 65.39 20.21 7.15
CA ILE G 137 64.05 19.87 7.61
C ILE G 137 63.20 21.10 7.90
N GLY G 138 62.05 21.17 7.24
CA GLY G 138 61.17 22.32 7.33
C GLY G 138 60.27 22.37 8.54
N THR G 139 60.11 23.58 9.07
CA THR G 139 59.20 23.90 10.15
C THR G 139 58.46 25.18 9.82
N SER G 140 57.33 25.36 10.50
CA SER G 140 56.46 26.48 10.23
C SER G 140 55.84 26.97 11.52
N GLY G 141 55.62 28.28 11.60
CA GLY G 141 54.78 28.82 12.64
C GLY G 141 53.44 28.17 12.41
N SER G 142 52.52 28.34 13.36
CA SER G 142 51.27 27.56 13.42
C SER G 142 51.54 26.17 14.03
N CYS G 143 52.82 25.81 14.12
CA CYS G 143 53.20 24.58 14.78
C CYS G 143 54.23 24.87 15.86
N PRO G 144 53.79 25.50 16.94
CA PRO G 144 54.69 25.83 18.05
C PRO G 144 55.01 24.61 18.90
N ASN G 145 56.17 24.63 19.57
CA ASN G 145 56.58 23.52 20.41
C ASN G 145 56.74 23.95 21.87
N ILE G 146 57.06 22.98 22.72
CA ILE G 146 57.24 23.25 24.15
C ILE G 146 57.72 24.68 24.38
N THR G 147 58.67 25.11 23.52
CA THR G 147 59.26 26.41 23.75
C THR G 147 58.27 27.38 23.13
N ASN G 148 58.44 27.62 21.84
CA ASN G 148 57.50 28.33 20.99
C ASN G 148 58.35 28.58 19.80
N GLY G 149 57.74 28.92 18.68
CA GLY G 149 58.51 29.07 17.47
C GLY G 149 58.37 27.83 16.61
N ASN G 150 59.00 27.88 15.46
CA ASN G 150 58.72 26.94 14.38
C ASN G 150 58.98 25.47 14.67
N GLY G 151 58.08 24.63 14.16
CA GLY G 151 58.05 23.21 14.46
C GLY G 151 57.20 22.50 13.42
N PHE G 152 56.78 21.27 13.70
CA PHE G 152 55.96 20.46 12.76
C PHE G 152 55.34 19.27 13.50
N PHE G 153 54.68 18.39 12.79
CA PHE G 153 54.15 17.19 13.41
C PHE G 153 55.29 16.27 13.79
N ALA G 154 55.19 15.66 14.97
CA ALA G 154 56.16 14.66 15.39
C ALA G 154 56.21 13.54 14.38
N THR G 155 55.02 13.14 13.98
CA THR G 155 54.74 12.05 13.08
C THR G 155 55.45 12.09 11.71
N MET G 156 55.86 13.27 11.23
CA MET G 156 56.60 13.31 9.97
C MET G 156 57.59 14.46 9.83
N ALA G 157 58.49 14.32 8.86
CA ALA G 157 59.53 15.31 8.60
C ALA G 157 59.35 15.91 7.22
N TRP G 158 59.43 17.23 7.16
CA TRP G 158 59.14 17.93 5.92
C TRP G 158 60.41 18.19 5.13
N ALA G 159 60.61 17.46 4.05
CA ALA G 159 61.94 17.39 3.47
C ALA G 159 62.14 18.46 2.44
N VAL G 160 62.93 19.46 2.79
CA VAL G 160 63.17 20.58 1.89
C VAL G 160 64.59 20.56 1.37
N PRO G 161 64.78 20.53 0.05
CA PRO G 161 66.10 20.10 -0.39
C PRO G 161 67.22 21.11 -0.12
N LYS G 162 67.77 21.08 1.10
CA LYS G 162 68.98 21.82 1.49
C LYS G 162 68.98 23.24 0.97
N ASN G 163 70.02 23.60 0.23
CA ASN G 163 70.09 24.91 -0.39
C ASN G 163 70.39 24.74 -1.87
N ASP G 164 70.68 25.85 -2.54
CA ASP G 164 70.67 25.93 -4.02
C ASP G 164 71.30 24.71 -4.71
N LYS G 165 72.61 24.52 -4.55
CA LYS G 165 73.26 23.20 -4.75
C LYS G 165 72.78 22.41 -5.97
N ASN G 166 72.34 21.19 -5.67
CA ASN G 166 71.71 20.30 -6.64
C ASN G 166 70.17 20.36 -6.64
N LYS G 167 69.58 21.37 -5.99
CA LYS G 167 68.11 21.56 -6.00
C LYS G 167 67.42 21.73 -7.39
N THR G 168 66.55 20.76 -7.68
CA THR G 168 65.99 20.55 -8.99
C THR G 168 64.90 19.48 -8.87
N ALA G 169 64.28 19.13 -10.00
CA ALA G 169 63.25 18.11 -10.00
C ALA G 169 63.85 16.73 -10.21
N THR G 170 63.32 15.74 -9.52
CA THR G 170 63.74 14.36 -9.72
C THR G 170 62.60 13.49 -10.15
N ASN G 171 62.96 12.36 -10.73
CA ASN G 171 62.00 11.31 -10.99
C ASN G 171 61.69 10.67 -9.65
N PRO G 172 60.65 9.83 -9.57
CA PRO G 172 60.30 9.28 -8.26
C PRO G 172 61.42 8.52 -7.60
N LEU G 173 61.64 8.86 -6.34
CA LEU G 173 62.56 8.15 -5.48
C LEU G 173 61.72 7.19 -4.66
N THR G 174 62.26 6.01 -4.36
CA THR G 174 61.50 4.97 -3.68
C THR G 174 62.07 4.82 -2.29
N ILE G 175 61.26 4.42 -1.34
CA ILE G 175 61.74 4.29 0.01
C ILE G 175 61.06 3.16 0.76
N GLU G 176 61.86 2.44 1.56
CA GLU G 176 61.34 1.34 2.35
C GLU G 176 61.03 1.90 3.73
N VAL G 177 59.92 1.45 4.30
CA VAL G 177 59.62 1.81 5.66
C VAL G 177 59.74 0.57 6.52
N PRO G 178 60.80 0.52 7.33
CA PRO G 178 61.17 -0.53 8.27
C PRO G 178 60.07 -0.85 9.27
N TYR G 179 60.12 -2.02 9.91
CA TYR G 179 59.04 -2.38 10.81
C TYR G 179 59.03 -1.72 12.23
N ILE G 180 60.13 -1.66 12.94
CA ILE G 180 60.27 -0.76 14.11
C ILE G 180 59.45 -1.07 15.38
N CYS G 181 58.42 -1.89 15.33
CA CYS G 181 57.55 -2.17 16.48
C CYS G 181 57.89 -3.52 16.94
N THR G 182 57.20 -4.01 17.95
CA THR G 182 57.58 -5.27 18.57
C THR G 182 56.68 -6.44 18.15
N GLU G 183 57.04 -7.67 18.53
CA GLU G 183 56.09 -8.78 18.65
C GLU G 183 55.00 -8.86 17.58
N GLY G 184 53.75 -8.87 18.07
CA GLY G 184 52.54 -8.90 17.28
C GLY G 184 51.82 -7.57 17.16
N GLU G 185 52.56 -6.48 17.26
CA GLU G 185 52.01 -5.14 17.09
C GLU G 185 51.77 -4.77 15.61
N ASP G 186 50.69 -4.02 15.35
CA ASP G 186 50.50 -3.40 14.04
C ASP G 186 51.23 -2.07 14.00
N GLN G 187 51.84 -1.75 12.88
CA GLN G 187 52.61 -0.52 12.83
C GLN G 187 51.92 0.44 11.86
N ILE G 188 51.36 1.53 12.38
CA ILE G 188 50.69 2.53 11.52
C ILE G 188 51.57 3.73 11.16
N THR G 189 51.89 3.85 9.88
CA THR G 189 52.82 4.87 9.43
C THR G 189 52.07 6.09 8.91
N VAL G 190 52.41 7.27 9.43
CA VAL G 190 51.80 8.49 8.91
C VAL G 190 52.76 9.29 8.00
N TRP G 191 52.28 9.70 6.81
CA TRP G 191 53.11 10.38 5.81
C TRP G 191 52.30 11.32 4.91
N GLY G 192 52.94 12.04 4.01
CA GLY G 192 52.20 12.91 3.12
C GLY G 192 53.07 13.87 2.34
N PHE G 193 52.48 14.95 1.84
CA PHE G 193 53.24 15.89 1.03
C PHE G 193 52.73 17.33 1.08
N HIS G 194 53.43 18.23 0.38
CA HIS G 194 53.19 19.66 0.52
C HIS G 194 53.30 20.39 -0.84
N SER G 195 52.33 21.25 -1.17
CA SER G 195 52.42 22.09 -2.37
C SER G 195 52.31 23.58 -2.04
N ASP G 196 52.45 24.46 -3.04
CA ASP G 196 52.55 25.91 -2.78
C ASP G 196 52.26 26.79 -4.01
N ASN G 197 52.52 28.10 -3.86
CA ASN G 197 52.52 29.03 -4.98
C ASN G 197 53.38 28.46 -6.09
N GLU G 198 53.06 28.81 -7.32
CA GLU G 198 53.90 28.42 -8.44
C GLU G 198 55.32 28.94 -8.29
N THR G 199 55.46 30.17 -7.78
CA THR G 199 56.79 30.76 -7.58
C THR G 199 57.46 30.25 -6.32
N GLN G 200 56.66 30.08 -5.27
CA GLN G 200 57.14 29.45 -4.03
C GLN G 200 57.64 28.03 -4.26
N MET G 201 56.98 27.29 -5.14
CA MET G 201 57.42 25.95 -5.48
C MET G 201 58.81 25.98 -6.08
N ALA G 202 59.10 26.94 -6.95
CA ALA G 202 60.42 27.02 -7.57
C ALA G 202 61.43 27.62 -6.64
N LYS G 203 60.96 28.31 -5.60
CA LYS G 203 61.87 28.83 -4.58
C LYS G 203 62.30 27.71 -3.64
N LEU G 204 61.33 26.91 -3.20
CA LEU G 204 61.56 25.83 -2.23
C LEU G 204 62.33 24.68 -2.84
N TYR G 205 61.64 23.96 -3.74
CA TYR G 205 62.19 22.83 -4.50
C TYR G 205 62.60 23.35 -5.86
N GLY G 206 63.11 22.50 -6.74
CA GLY G 206 63.56 23.03 -8.01
C GLY G 206 62.51 23.14 -9.10
N ASP G 207 61.24 22.96 -8.74
CA ASP G 207 60.25 22.57 -9.73
C ASP G 207 58.88 23.24 -9.61
N SER G 208 58.33 23.72 -10.74
CA SER G 208 56.97 24.28 -10.80
C SER G 208 55.81 23.28 -10.97
N LYS G 209 56.00 22.26 -11.82
CA LYS G 209 54.96 21.29 -12.18
C LYS G 209 54.52 20.41 -11.00
N PRO G 210 53.40 19.68 -11.13
CA PRO G 210 52.97 18.86 -9.99
C PRO G 210 53.85 17.62 -9.77
N GLN G 211 53.88 17.17 -8.51
CA GLN G 211 54.68 16.03 -8.08
C GLN G 211 53.75 14.88 -7.72
N LYS G 212 54.20 13.64 -7.87
CA LYS G 212 53.32 12.49 -7.71
C LYS G 212 53.87 11.50 -6.66
N PHE G 213 52.97 10.80 -5.97
CA PHE G 213 53.32 10.00 -4.77
C PHE G 213 52.62 8.62 -4.71
N THR G 214 53.26 7.64 -4.07
CA THR G 214 52.69 6.30 -3.99
C THR G 214 52.95 5.59 -2.68
N SER G 215 51.94 4.97 -2.10
CA SER G 215 52.18 4.14 -0.90
C SER G 215 51.84 2.68 -1.16
N SER G 216 52.67 1.75 -0.72
CA SER G 216 52.28 0.35 -0.80
C SER G 216 52.61 -0.43 0.45
N ALA G 217 51.58 -0.93 1.11
CA ALA G 217 51.77 -1.75 2.28
C ALA G 217 50.88 -2.99 2.31
N ASN G 218 51.54 -4.14 2.19
CA ASN G 218 50.90 -5.46 2.18
C ASN G 218 49.55 -5.54 1.46
N GLY G 219 49.60 -5.35 0.16
CA GLY G 219 48.44 -5.52 -0.69
C GLY G 219 47.72 -4.23 -1.01
N VAL G 220 47.90 -3.23 -0.17
CA VAL G 220 47.15 -1.99 -0.36
C VAL G 220 47.97 -0.86 -0.98
N THR G 221 47.61 -0.54 -2.21
CA THR G 221 48.34 0.44 -3.00
C THR G 221 47.52 1.71 -3.06
N THR G 222 48.16 2.88 -2.89
CA THR G 222 47.50 4.15 -3.20
C THR G 222 48.38 5.15 -3.97
N HIS G 223 47.72 6.02 -4.74
CA HIS G 223 48.39 6.99 -5.61
C HIS G 223 47.82 8.38 -5.45
N TYR G 224 48.71 9.38 -5.42
CA TYR G 224 48.36 10.79 -5.24
C TYR G 224 49.07 11.70 -6.26
N VAL G 225 48.42 12.81 -6.63
CA VAL G 225 49.09 13.86 -7.42
C VAL G 225 48.78 15.27 -6.94
N SER G 226 49.79 16.12 -6.88
CA SER G 226 49.66 17.43 -6.24
C SER G 226 48.90 18.47 -7.04
N GLN G 227 48.45 19.50 -6.32
CA GLN G 227 47.82 20.69 -6.89
C GLN G 227 48.82 21.84 -6.84
N ILE G 228 48.93 22.60 -7.92
CA ILE G 228 49.84 23.75 -7.87
C ILE G 228 49.15 25.06 -7.48
N GLY G 229 48.16 25.48 -8.26
CA GLY G 229 47.48 26.73 -7.99
C GLY G 229 46.61 26.73 -6.75
N GLY G 230 45.80 27.78 -6.61
CA GLY G 230 45.02 28.08 -5.42
C GLY G 230 44.22 26.95 -4.80
N PHE G 231 44.37 26.87 -3.50
CA PHE G 231 43.82 25.78 -2.75
C PHE G 231 42.57 26.29 -2.08
N PRO G 232 41.83 25.39 -1.43
CA PRO G 232 40.75 25.69 -0.49
C PRO G 232 41.18 26.65 0.60
N ASN G 233 40.21 27.49 1.06
CA ASN G 233 40.51 28.30 2.22
C ASN G 233 40.93 27.41 3.41
N GLN G 234 41.95 27.84 4.15
CA GLN G 234 42.56 27.06 5.22
C GLN G 234 41.52 26.67 6.24
N THR G 235 41.65 25.50 6.85
CA THR G 235 40.67 25.14 7.85
C THR G 235 41.20 24.17 8.88
N GLU G 236 40.66 24.32 10.08
CA GLU G 236 41.06 23.52 11.23
C GLU G 236 42.55 23.67 11.54
N ASP G 237 43.14 24.76 11.05
CA ASP G 237 44.57 24.94 11.13
C ASP G 237 44.92 25.78 12.36
N GLY G 238 46.21 26.10 12.49
CA GLY G 238 46.74 26.78 13.65
C GLY G 238 46.51 28.28 13.61
N GLY G 239 46.06 28.79 12.46
CA GLY G 239 45.62 30.17 12.41
C GLY G 239 46.46 31.17 11.64
N LEU G 240 47.68 30.82 11.29
CA LEU G 240 48.48 31.72 10.49
C LEU G 240 48.29 31.40 9.01
N PRO G 241 48.14 32.45 8.18
CA PRO G 241 47.97 32.33 6.73
C PRO G 241 49.22 31.82 6.03
N GLN G 242 49.06 30.78 5.22
CA GLN G 242 50.16 30.24 4.43
C GLN G 242 49.65 30.05 3.01
N SER G 243 50.57 30.13 2.05
CA SER G 243 50.20 29.99 0.66
C SER G 243 50.02 28.54 0.26
N GLY G 244 50.65 27.63 0.99
CA GLY G 244 50.61 26.23 0.62
C GLY G 244 49.70 25.37 1.48
N ARG G 245 49.51 24.14 1.03
CA ARG G 245 48.77 23.17 1.83
C ARG G 245 49.48 21.80 1.88
N ILE G 246 48.88 20.93 2.67
CA ILE G 246 49.46 19.67 3.06
C ILE G 246 48.43 18.55 2.88
N VAL G 247 48.84 17.46 2.23
CA VAL G 247 48.08 16.22 2.25
C VAL G 247 48.70 15.13 3.20
N VAL G 248 47.85 14.51 3.99
CA VAL G 248 48.33 13.51 4.94
C VAL G 248 47.52 12.23 4.79
N ASP G 249 48.23 11.11 4.77
CA ASP G 249 47.65 9.80 4.66
C ASP G 249 48.38 8.92 5.68
N TYR G 250 47.74 7.85 6.09
CA TYR G 250 48.44 6.86 6.85
C TYR G 250 48.40 5.53 6.09
N MET G 251 49.35 4.65 6.41
CA MET G 251 49.41 3.28 5.86
C MET G 251 49.68 2.24 6.96
N VAL G 252 48.80 1.25 7.08
CA VAL G 252 48.99 0.22 8.09
C VAL G 252 49.93 -0.84 7.57
N GLN G 253 50.87 -1.24 8.41
CA GLN G 253 51.79 -2.33 8.09
C GLN G 253 51.53 -3.53 8.99
N LYS G 254 51.14 -4.64 8.39
CA LYS G 254 50.81 -5.86 9.13
C LYS G 254 51.85 -6.21 10.18
N SER G 255 51.65 -7.35 10.85
CA SER G 255 52.57 -7.80 11.88
C SER G 255 53.85 -8.38 11.29
N GLY G 256 54.88 -7.55 11.21
CA GLY G 256 56.15 -7.95 10.68
C GLY G 256 56.49 -7.34 9.36
N LYS G 257 55.49 -7.06 8.51
CA LYS G 257 55.81 -6.70 7.14
C LYS G 257 56.26 -5.24 6.94
N THR G 258 57.13 -5.03 5.96
CA THR G 258 57.64 -3.68 5.65
C THR G 258 56.71 -2.94 4.68
N GLY G 259 57.05 -1.69 4.35
CA GLY G 259 56.17 -0.84 3.52
C GLY G 259 56.94 0.10 2.61
N THR G 260 56.28 0.65 1.61
CA THR G 260 57.01 1.40 0.59
C THR G 260 56.36 2.74 0.29
N ILE G 261 57.15 3.75 -0.06
CA ILE G 261 56.60 5.06 -0.46
C ILE G 261 57.42 5.62 -1.60
N THR G 262 56.80 6.16 -2.64
CA THR G 262 57.59 6.77 -3.67
C THR G 262 57.17 8.19 -3.74
N TYR G 263 58.07 9.06 -4.14
CA TYR G 263 57.86 10.48 -3.98
C TYR G 263 58.73 11.34 -4.88
N GLN G 264 58.31 12.58 -5.07
CA GLN G 264 59.09 13.61 -5.74
C GLN G 264 59.12 14.77 -4.75
N ARG G 265 59.50 15.97 -5.20
CA ARG G 265 59.66 17.14 -4.32
C ARG G 265 58.47 17.47 -3.40
N GLY G 266 58.76 17.81 -2.14
CA GLY G 266 57.75 18.18 -1.17
C GLY G 266 57.28 17.07 -0.25
N ILE G 267 58.05 15.98 -0.18
CA ILE G 267 57.62 14.81 0.59
C ILE G 267 57.72 15.05 2.11
N LEU G 268 56.73 14.57 2.85
CA LEU G 268 56.87 14.45 4.31
C LEU G 268 57.14 12.99 4.66
N LEU G 269 58.38 12.67 4.99
CA LEU G 269 58.79 11.30 5.22
C LEU G 269 58.36 10.98 6.62
N PRO G 270 57.80 9.78 6.86
CA PRO G 270 57.29 9.53 8.22
C PRO G 270 58.43 9.52 9.26
N GLN G 271 58.23 10.06 10.45
CA GLN G 271 59.23 9.91 11.49
C GLN G 271 58.74 9.01 12.62
N LYS G 272 58.05 9.54 13.61
CA LYS G 272 57.51 8.64 14.65
C LYS G 272 56.29 7.91 14.07
N VAL G 273 55.90 6.83 14.72
CA VAL G 273 55.01 5.91 14.07
C VAL G 273 54.12 5.20 15.08
N TRP G 274 52.86 4.95 14.77
CA TRP G 274 51.99 4.33 15.76
C TRP G 274 52.23 2.82 15.98
N CYS G 275 52.20 2.37 17.23
CA CYS G 275 52.39 0.96 17.53
C CYS G 275 51.29 0.37 18.40
N ALA G 276 50.54 -0.56 17.86
CA ALA G 276 49.29 -0.95 18.49
C ALA G 276 49.11 -2.44 18.57
N SER G 277 48.45 -2.92 19.62
CA SER G 277 48.15 -4.36 19.72
C SER G 277 46.87 -4.52 20.52
N GLY G 278 46.39 -5.76 20.69
CA GLY G 278 45.17 -5.98 21.46
C GLY G 278 43.93 -5.44 20.78
N ARG G 279 42.76 -5.68 21.34
CA ARG G 279 41.58 -5.02 20.77
C ARG G 279 40.53 -4.57 21.78
N SER G 280 40.04 -3.37 21.54
CA SER G 280 39.06 -2.74 22.39
C SER G 280 37.67 -2.76 21.78
N LYS G 281 36.65 -2.94 22.61
CA LYS G 281 35.31 -3.09 22.04
C LYS G 281 34.68 -1.72 21.95
N VAL G 282 34.57 -1.23 20.72
CA VAL G 282 34.17 0.15 20.45
C VAL G 282 32.64 0.32 20.30
N ILE G 283 32.10 1.37 20.91
CA ILE G 283 30.70 1.68 20.72
C ILE G 283 30.57 3.14 20.35
N LYS G 284 29.40 3.54 19.78
CA LYS G 284 29.16 4.92 19.38
C LYS G 284 28.48 5.71 20.50
N GLY G 285 29.27 6.44 21.27
CA GLY G 285 28.76 7.24 22.36
C GLY G 285 29.09 8.71 22.22
N SER G 286 28.74 9.50 23.24
CA SER G 286 28.99 10.93 23.22
C SER G 286 29.34 11.43 24.63
N LEU G 287 30.59 11.86 24.80
CA LEU G 287 31.05 12.36 26.09
C LEU G 287 30.20 13.55 26.55
N PRO G 288 30.30 13.87 27.84
CA PRO G 288 31.17 13.14 28.75
C PRO G 288 30.57 11.86 29.30
N LEU G 289 31.42 10.95 29.77
CA LEU G 289 31.01 9.72 30.45
C LEU G 289 30.70 10.07 31.89
N ILE G 290 29.43 9.94 32.27
CA ILE G 290 29.05 10.32 33.62
C ILE G 290 28.71 9.15 34.54
N GLY G 291 29.43 8.86 35.58
CA GLY G 291 29.04 7.79 36.49
C GLY G 291 29.36 6.40 36.00
N GLU G 292 28.69 5.42 36.61
CA GLU G 292 28.81 4.03 36.22
C GLU G 292 27.47 3.51 35.73
N ALA G 293 27.52 2.57 34.80
CA ALA G 293 26.36 1.85 34.34
C ALA G 293 26.73 0.37 34.21
N ASP G 294 25.74 -0.51 34.30
CA ASP G 294 26.00 -1.92 34.01
C ASP G 294 26.28 -2.06 32.52
N CYS G 295 25.49 -1.34 31.74
CA CYS G 295 25.42 -1.50 30.29
C CYS G 295 25.61 -0.18 29.54
N LEU G 296 26.23 -0.24 28.37
CA LEU G 296 26.32 0.92 27.49
C LEU G 296 25.59 0.65 26.16
N HIS G 297 24.46 1.33 25.93
CA HIS G 297 23.62 1.13 24.74
C HIS G 297 23.88 2.27 23.74
N GLU G 298 23.97 1.97 22.46
CA GLU G 298 24.39 2.98 21.49
C GLU G 298 23.32 4.04 21.37
N LYS G 299 22.07 3.61 21.52
CA LYS G 299 20.92 4.51 21.52
C LYS G 299 20.60 5.12 22.87
N TYR G 300 20.63 4.31 23.93
CA TYR G 300 20.17 4.73 25.26
C TYR G 300 21.24 5.24 26.24
N GLY G 301 22.51 5.26 25.86
CA GLY G 301 23.60 5.53 26.78
C GLY G 301 23.71 4.57 27.98
N GLY G 302 23.96 5.13 29.16
CA GLY G 302 24.06 4.33 30.38
C GLY G 302 22.80 3.60 30.77
N LEU G 303 22.93 2.41 31.31
CA LEU G 303 21.81 1.53 31.55
C LEU G 303 22.14 0.67 32.79
N ASN G 304 21.16 0.37 33.62
CA ASN G 304 21.38 -0.59 34.71
C ASN G 304 20.49 -1.81 34.53
N LYS G 305 21.05 -3.00 34.77
CA LYS G 305 20.29 -4.21 34.43
C LYS G 305 19.21 -4.48 35.48
N SER G 306 17.95 -4.47 35.02
CA SER G 306 16.79 -4.54 35.90
C SER G 306 16.02 -5.86 35.74
N LYS G 307 15.41 -6.03 34.58
CA LYS G 307 14.72 -7.26 34.28
C LYS G 307 15.61 -7.90 33.21
N PRO G 308 15.51 -9.23 33.03
CA PRO G 308 16.34 -9.96 32.06
C PRO G 308 16.26 -9.44 30.62
N TYR G 309 15.09 -9.01 30.17
CA TYR G 309 14.92 -8.53 28.80
C TYR G 309 14.33 -7.11 28.71
N TYR G 310 14.49 -6.50 27.54
CA TYR G 310 13.92 -5.16 27.29
C TYR G 310 13.29 -5.01 25.92
N THR G 311 12.27 -4.15 25.82
CA THR G 311 11.64 -3.75 24.56
C THR G 311 12.11 -2.36 24.18
N GLY G 312 12.25 -2.12 22.89
CA GLY G 312 12.63 -0.79 22.44
C GLY G 312 13.46 -0.77 21.17
N GLU G 313 14.17 0.34 20.97
CA GLU G 313 15.08 0.51 19.86
C GLU G 313 16.27 -0.39 20.12
N HIS G 314 16.61 -1.25 19.16
CA HIS G 314 17.78 -2.14 19.31
C HIS G 314 19.04 -1.55 18.65
N ALA G 315 20.15 -1.56 19.36
CA ALA G 315 21.44 -1.27 18.73
C ALA G 315 22.59 -1.99 19.45
N LYS G 316 23.81 -1.69 19.02
CA LYS G 316 25.00 -2.23 19.64
C LYS G 316 25.07 -1.84 21.12
N ALA G 317 25.35 -2.81 21.98
CA ALA G 317 25.49 -2.51 23.41
C ALA G 317 26.55 -3.39 24.09
N ILE G 318 27.36 -2.80 24.96
CA ILE G 318 28.35 -3.60 25.70
C ILE G 318 28.15 -3.60 27.19
N GLY G 319 28.61 -4.66 27.86
CA GLY G 319 28.46 -4.76 29.30
C GLY G 319 27.38 -5.72 29.72
N ASN G 320 27.03 -5.70 31.00
CA ASN G 320 26.02 -6.59 31.50
C ASN G 320 24.73 -5.95 31.05
N CYS G 321 24.01 -6.62 30.17
CA CYS G 321 22.89 -5.99 29.48
C CYS G 321 21.66 -6.85 29.61
N PRO G 322 20.48 -6.21 29.49
CA PRO G 322 19.26 -6.98 29.27
C PRO G 322 19.21 -7.39 27.80
N ILE G 323 18.48 -8.44 27.47
CA ILE G 323 18.39 -8.91 26.08
C ILE G 323 17.20 -8.25 25.38
N TRP G 324 17.38 -7.87 24.12
CA TRP G 324 16.31 -7.26 23.33
C TRP G 324 15.24 -8.26 22.92
N VAL G 325 13.97 -7.87 23.05
CA VAL G 325 12.87 -8.74 22.69
C VAL G 325 11.86 -7.96 21.80
N LYS G 326 11.19 -8.68 20.87
CA LYS G 326 10.16 -8.13 19.98
C LYS G 326 8.97 -7.52 20.70
N THR G 327 8.44 -8.27 21.66
CA THR G 327 7.25 -7.88 22.40
C THR G 327 7.50 -7.92 23.92
N PRO G 328 6.81 -7.04 24.69
CA PRO G 328 6.89 -7.17 26.16
C PRO G 328 6.28 -8.49 26.63
N LEU G 329 7.06 -9.26 27.39
CA LEU G 329 6.64 -10.62 27.73
C LEU G 329 6.28 -10.75 29.21
N LYS G 330 5.32 -11.61 29.48
CA LYS G 330 4.86 -11.83 30.84
C LYS G 330 4.96 -13.31 31.20
N LEU G 331 5.52 -13.58 32.37
CA LEU G 331 5.45 -14.93 32.92
C LEU G 331 4.20 -15.03 33.79
N ALA G 332 3.48 -16.14 33.72
CA ALA G 332 2.21 -16.21 34.44
C ALA G 332 2.42 -16.49 35.93
N ASN G 333 1.94 -15.59 36.79
CA ASN G 333 1.96 -15.78 38.25
C ASN G 333 0.53 -15.79 38.85
N GLY G 334 -0.14 -16.94 38.85
CA GLY G 334 -1.59 -16.96 39.07
C GLY G 334 -2.37 -18.14 38.52
N THR G 335 -3.67 -17.94 38.34
CA THR G 335 -4.55 -18.97 37.81
C THR G 335 -5.33 -18.50 36.56
N LYS G 336 -5.89 -19.46 35.81
CA LYS G 336 -6.74 -19.11 34.67
C LYS G 336 -8.00 -18.42 35.18
N TYR G 337 -8.52 -17.46 34.40
CA TYR G 337 -9.72 -16.76 34.81
C TYR G 337 -10.90 -17.71 34.93
N ARG G 338 -11.53 -17.69 36.09
CA ARG G 338 -12.69 -18.52 36.36
C ARG G 338 -13.93 -17.69 36.68
N PRO G 339 -14.99 -17.78 35.86
CA PRO G 339 -16.24 -17.09 36.22
C PRO G 339 -16.89 -17.72 37.45
N PRO G 340 -17.36 -16.89 38.40
CA PRO G 340 -17.95 -17.36 39.67
C PRO G 340 -19.23 -18.17 39.44
N ALA G 341 -19.57 -19.06 40.36
CA ALA G 341 -20.78 -19.88 40.25
C ALA G 341 -21.42 -20.22 41.61
N GLY H 1 -8.24 -26.87 32.52
CA GLY H 1 -7.74 -27.53 31.32
C GLY H 1 -8.76 -28.48 30.74
N PHE H 2 -8.27 -29.42 29.93
CA PHE H 2 -9.14 -30.43 29.34
C PHE H 2 -9.68 -31.38 30.40
N PHE H 3 -8.86 -31.64 31.42
CA PHE H 3 -9.20 -32.58 32.47
C PHE H 3 -10.44 -32.13 33.24
N GLY H 4 -10.43 -30.87 33.67
CA GLY H 4 -11.54 -30.29 34.40
C GLY H 4 -12.84 -30.32 33.62
N ALA H 5 -12.73 -30.06 32.32
CA ALA H 5 -13.91 -30.06 31.45
C ALA H 5 -14.48 -31.47 31.28
N ILE H 6 -13.60 -32.46 31.10
CA ILE H 6 -14.01 -33.84 30.89
C ILE H 6 -14.57 -34.49 32.15
N ALA H 7 -13.78 -34.45 33.22
CA ALA H 7 -14.09 -35.21 34.43
C ALA H 7 -15.31 -34.68 35.20
N GLY H 8 -15.70 -33.45 34.91
CA GLY H 8 -16.85 -32.85 35.56
C GLY H 8 -16.48 -31.96 36.73
N PHE H 9 -15.19 -31.69 36.88
CA PHE H 9 -14.71 -30.76 37.89
C PHE H 9 -15.35 -29.41 37.63
N LEU H 10 -15.56 -28.64 38.68
CA LEU H 10 -16.36 -27.43 38.56
C LEU H 10 -15.81 -26.43 37.56
N GLU H 11 -16.66 -26.06 36.61
CA GLU H 11 -16.34 -25.05 35.62
C GLU H 11 -16.50 -23.71 36.31
N GLY H 12 -15.41 -22.95 36.41
CA GLY H 12 -15.44 -21.68 37.10
C GLY H 12 -15.21 -21.86 38.58
N GLY H 13 -14.60 -20.85 39.20
CA GLY H 13 -14.24 -20.90 40.61
C GLY H 13 -15.08 -20.02 41.52
N TRP H 14 -14.74 -20.05 42.81
CA TRP H 14 -15.41 -19.23 43.81
C TRP H 14 -14.55 -18.01 44.13
N GLU H 15 -15.17 -16.84 44.23
CA GLU H 15 -14.44 -15.61 44.53
C GLU H 15 -14.31 -15.36 46.03
N GLY H 16 -14.80 -16.30 46.83
CA GLY H 16 -14.81 -16.18 48.27
C GLY H 16 -13.42 -16.26 48.89
N MET H 17 -12.50 -16.95 48.22
CA MET H 17 -11.17 -17.18 48.78
C MET H 17 -10.13 -16.25 48.19
N ILE H 18 -9.72 -15.26 48.98
CA ILE H 18 -8.61 -14.40 48.60
C ILE H 18 -7.34 -14.91 49.30
N ALA H 19 -7.53 -15.93 50.13
CA ALA H 19 -6.46 -16.48 50.96
C ALA H 19 -5.39 -17.20 50.14
N GLY H 20 -5.82 -17.97 49.14
CA GLY H 20 -4.90 -18.72 48.32
C GLY H 20 -5.43 -18.96 46.91
N TRP H 21 -4.67 -19.67 46.10
CA TRP H 21 -5.09 -19.99 44.73
C TRP H 21 -6.04 -21.19 44.60
N HIS H 22 -5.91 -22.17 45.49
CA HIS H 22 -6.74 -23.39 45.43
C HIS H 22 -7.28 -23.78 46.81
N GLY H 23 -8.46 -24.38 46.85
CA GLY H 23 -9.10 -24.67 48.13
C GLY H 23 -10.24 -25.68 48.11
N TYR H 24 -11.00 -25.71 49.21
CA TYR H 24 -12.09 -26.67 49.39
C TYR H 24 -13.43 -26.00 49.71
N THR H 25 -14.53 -26.65 49.36
CA THR H 25 -15.88 -26.10 49.54
C THR H 25 -16.85 -27.05 50.26
N SER H 26 -17.71 -26.48 51.11
CA SER H 26 -18.71 -27.23 51.87
C SER H 26 -20.13 -26.84 51.49
N HIS H 27 -20.99 -27.84 51.31
CA HIS H 27 -22.38 -27.63 50.90
C HIS H 27 -23.33 -28.21 51.94
N GLY H 28 -24.58 -27.76 51.92
CA GLY H 28 -25.59 -28.27 52.83
C GLY H 28 -26.64 -27.23 53.19
N ALA H 29 -27.45 -27.51 54.20
CA ALA H 29 -28.47 -26.58 54.66
C ALA H 29 -27.86 -25.56 55.63
N HIS H 30 -26.56 -25.66 55.84
CA HIS H 30 -25.81 -24.72 56.67
C HIS H 30 -25.26 -23.57 55.81
N GLY H 31 -25.60 -23.56 54.53
CA GLY H 31 -25.06 -22.61 53.59
C GLY H 31 -23.89 -23.18 52.81
N VAL H 32 -23.07 -22.31 52.23
CA VAL H 32 -21.91 -22.75 51.45
C VAL H 32 -20.60 -22.20 52.02
N ALA H 33 -19.75 -23.08 52.54
CA ALA H 33 -18.49 -22.68 53.17
C ALA H 33 -17.33 -22.77 52.17
N VAL H 34 -16.38 -21.84 52.29
CA VAL H 34 -15.23 -21.81 51.38
C VAL H 34 -13.92 -21.65 52.15
N ALA H 35 -12.93 -22.47 51.83
CA ALA H 35 -11.61 -22.37 52.46
C ALA H 35 -10.45 -22.54 51.45
N ALA H 36 -9.26 -22.09 51.84
CA ALA H 36 -8.09 -22.15 50.96
C ALA H 36 -6.95 -23.00 51.53
N ASP H 37 -6.14 -23.60 50.65
CA ASP H 37 -4.97 -24.38 51.08
C ASP H 37 -3.67 -23.66 50.73
N LEU H 38 -2.87 -23.36 51.75
CA LEU H 38 -1.67 -22.56 51.57
C LEU H 38 -0.47 -23.31 50.99
N LYS H 39 -0.34 -24.61 51.30
CA LYS H 39 0.80 -25.37 50.78
C LYS H 39 0.74 -25.53 49.26
N SER H 40 -0.46 -25.73 48.72
CA SER H 40 -0.64 -25.80 47.27
C SER H 40 -0.23 -24.50 46.60
N THR H 41 -0.74 -23.39 47.15
CA THR H 41 -0.42 -22.07 46.64
C THR H 41 1.09 -21.77 46.74
N GLN H 42 1.68 -22.07 47.89
CA GLN H 42 3.11 -21.86 48.09
C GLN H 42 3.91 -22.67 47.07
N GLU H 43 3.54 -23.92 46.86
CA GLU H 43 4.19 -24.78 45.88
C GLU H 43 4.12 -24.15 44.48
N ALA H 44 2.93 -23.71 44.09
CA ALA H 44 2.76 -23.03 42.81
C ALA H 44 3.70 -21.82 42.69
N ILE H 45 3.71 -20.98 43.71
CA ILE H 45 4.58 -19.80 43.77
C ILE H 45 6.05 -20.18 43.58
N ASN H 46 6.47 -21.30 44.17
CA ASN H 46 7.85 -21.76 44.04
C ASN H 46 8.17 -22.25 42.62
N LYS H 47 7.24 -23.01 42.04
CA LYS H 47 7.39 -23.45 40.65
C LYS H 47 7.70 -22.20 39.85
N ILE H 48 6.83 -21.21 39.99
CA ILE H 48 6.95 -19.98 39.22
C ILE H 48 8.25 -19.21 39.44
N THR H 49 8.63 -18.99 40.71
CA THR H 49 9.84 -18.22 41.01
C THR H 49 11.09 -18.90 40.45
N LYS H 50 11.21 -20.20 40.69
CA LYS H 50 12.34 -20.98 40.17
C LYS H 50 12.40 -20.88 38.64
N ASN H 51 11.24 -21.03 38.03
CA ASN H 51 11.07 -20.86 36.60
C ASN H 51 11.65 -19.53 36.11
N LEU H 52 11.31 -18.47 36.84
CA LEU H 52 11.81 -17.15 36.52
C LEU H 52 13.32 -17.06 36.60
N ASN H 53 13.91 -17.63 37.65
CA ASN H 53 15.36 -17.62 37.79
C ASN H 53 16.01 -18.29 36.59
N SER H 54 15.42 -19.43 36.22
CA SER H 54 15.85 -20.16 35.03
C SER H 54 15.83 -19.28 33.77
N LEU H 55 14.75 -18.51 33.60
CA LEU H 55 14.68 -17.56 32.48
C LEU H 55 15.69 -16.42 32.57
N SER H 56 16.03 -16.05 33.79
CA SER H 56 16.85 -14.87 34.03
C SER H 56 18.35 -15.16 33.93
N GLU H 57 18.72 -16.44 33.95
CA GLU H 57 20.14 -16.80 33.87
C GLU H 57 20.67 -16.97 32.43
N LEU H 58 19.83 -16.68 31.44
CA LEU H 58 20.22 -16.71 30.03
C LEU H 58 21.29 -15.65 29.73
N GLU H 59 22.39 -16.07 29.09
CA GLU H 59 23.44 -15.10 28.71
C GLU H 59 23.85 -15.14 27.22
N VAL H 60 24.04 -13.95 26.64
CA VAL H 60 24.33 -13.80 25.21
C VAL H 60 25.41 -12.73 24.91
N LYS H 61 26.19 -12.98 23.87
CA LYS H 61 27.36 -12.18 23.48
C LYS H 61 27.01 -10.76 23.10
N ASN H 62 28.02 -9.89 23.05
CA ASN H 62 27.71 -8.47 23.12
C ASN H 62 27.24 -7.64 21.90
N LEU H 63 27.73 -7.92 20.69
CA LEU H 63 27.33 -7.08 19.53
C LEU H 63 27.73 -5.60 19.59
N GLN H 64 29.01 -5.30 19.41
CA GLN H 64 29.48 -3.91 19.36
C GLN H 64 30.04 -3.62 17.98
N ARG H 65 30.48 -2.38 17.74
CA ARG H 65 31.04 -2.00 16.45
C ARG H 65 32.31 -2.82 16.22
N LEU H 66 32.56 -3.30 15.00
CA LEU H 66 33.81 -4.02 14.74
C LEU H 66 34.94 -3.01 14.58
N SER H 67 36.17 -3.41 14.92
CA SER H 67 37.27 -2.46 15.14
C SER H 67 38.11 -2.04 13.92
N GLY H 68 38.05 -2.80 12.85
CA GLY H 68 38.68 -2.37 11.60
C GLY H 68 37.73 -1.66 10.59
N ALA H 69 36.45 -1.48 10.99
CA ALA H 69 35.35 -0.95 10.20
C ALA H 69 35.66 0.29 9.38
N MET H 70 35.82 1.45 10.00
CA MET H 70 35.95 2.71 9.24
C MET H 70 34.77 3.30 8.39
N ASP H 71 33.88 4.04 9.04
CA ASP H 71 32.65 4.53 8.46
C ASP H 71 32.82 5.07 7.06
N GLU H 72 33.87 5.84 6.83
CA GLU H 72 34.02 6.50 5.53
C GLU H 72 34.35 5.52 4.39
N LEU H 73 35.33 4.67 4.66
CA LEU H 73 35.96 3.75 3.73
C LEU H 73 35.08 2.59 3.41
N HIS H 74 34.77 1.77 4.42
CA HIS H 74 34.13 0.51 4.10
C HIS H 74 32.72 0.54 4.59
N ASN H 75 31.81 0.92 3.71
CA ASN H 75 30.41 1.02 4.08
C ASN H 75 29.71 -0.29 3.90
N GLU H 76 30.10 -1.00 2.85
CA GLU H 76 29.42 -2.22 2.44
C GLU H 76 29.63 -3.31 3.47
N ILE H 77 30.88 -3.44 3.94
CA ILE H 77 31.22 -4.34 5.03
C ILE H 77 30.37 -3.98 6.21
N LEU H 78 30.31 -2.68 6.45
CA LEU H 78 29.58 -2.13 7.57
C LEU H 78 28.08 -2.46 7.51
N GLU H 79 27.50 -2.43 6.31
CA GLU H 79 26.10 -2.70 6.05
C GLU H 79 25.82 -4.13 6.40
N LEU H 80 26.76 -4.99 6.01
CA LEU H 80 26.66 -6.38 6.37
C LEU H 80 26.74 -6.58 7.89
N ASP H 81 27.62 -5.82 8.57
CA ASP H 81 27.70 -5.85 10.05
C ASP H 81 26.29 -5.63 10.59
N GLU H 82 25.70 -4.49 10.20
CA GLU H 82 24.37 -4.11 10.59
C GLU H 82 23.42 -5.28 10.41
N LYS H 83 23.54 -5.92 9.24
CA LYS H 83 22.71 -7.06 8.89
C LYS H 83 22.82 -8.16 9.92
N VAL H 84 24.06 -8.52 10.27
CA VAL H 84 24.29 -9.62 11.19
C VAL H 84 23.76 -9.33 12.57
N ASP H 85 23.90 -8.06 13.00
CA ASP H 85 23.33 -7.58 14.27
C ASP H 85 21.82 -7.81 14.30
N ASP H 86 21.14 -7.26 13.30
CA ASP H 86 19.67 -7.34 13.24
C ASP H 86 19.19 -8.79 13.27
N LEU H 87 19.78 -9.58 12.39
CA LEU H 87 19.50 -11.01 12.36
C LEU H 87 19.69 -11.74 13.71
N ARG H 88 20.78 -11.42 14.38
CA ARG H 88 20.99 -11.97 15.72
C ARG H 88 19.84 -11.63 16.65
N ALA H 89 19.54 -10.33 16.79
CA ALA H 89 18.54 -9.88 17.75
C ALA H 89 17.20 -10.59 17.50
N ASP H 90 16.87 -10.70 16.22
CA ASP H 90 15.64 -11.38 15.83
C ASP H 90 15.63 -12.82 16.32
N THR H 91 16.61 -13.60 15.90
CA THR H 91 16.64 -15.02 16.22
C THR H 91 16.54 -15.27 17.72
N ILE H 92 17.43 -14.62 18.45
CA ILE H 92 17.51 -14.77 19.90
C ILE H 92 16.15 -14.43 20.55
N SER H 93 15.52 -13.36 20.04
CA SER H 93 14.19 -12.98 20.51
C SER H 93 13.18 -14.12 20.35
N SER H 94 13.12 -14.69 19.15
CA SER H 94 12.22 -15.81 18.90
C SER H 94 12.45 -16.95 19.90
N GLN H 95 13.73 -17.28 20.11
CA GLN H 95 14.10 -18.32 21.05
C GLN H 95 13.53 -18.05 22.44
N ILE H 96 13.78 -16.85 22.94
CA ILE H 96 13.25 -16.44 24.24
C ILE H 96 11.72 -16.58 24.32
N GLU H 97 11.02 -16.02 23.33
CA GLU H 97 9.56 -16.10 23.27
C GLU H 97 9.10 -17.54 23.45
N LEU H 98 9.77 -18.44 22.73
CA LEU H 98 9.49 -19.87 22.88
C LEU H 98 9.63 -20.36 24.32
N ALA H 99 10.80 -20.13 24.90
CA ALA H 99 11.06 -20.54 26.27
C ALA H 99 9.94 -20.10 27.21
N VAL H 100 9.52 -18.84 27.05
CA VAL H 100 8.46 -18.27 27.86
C VAL H 100 7.16 -19.02 27.61
N LEU H 101 6.78 -19.13 26.34
CA LEU H 101 5.53 -19.80 25.95
C LEU H 101 5.40 -21.19 26.58
N LEU H 102 6.46 -21.98 26.44
CA LEU H 102 6.51 -23.29 27.07
C LEU H 102 6.30 -23.20 28.56
N SER H 103 7.07 -22.32 29.21
CA SER H 103 6.99 -22.14 30.66
C SER H 103 5.56 -21.84 31.16
N ASN H 104 4.89 -20.90 30.50
CA ASN H 104 3.51 -20.54 30.79
C ASN H 104 2.55 -21.70 30.60
N GLU H 105 2.78 -22.45 29.51
CA GLU H 105 2.00 -23.66 29.26
C GLU H 105 2.07 -24.60 30.46
N GLY H 106 3.28 -24.81 30.96
CA GLY H 106 3.46 -25.65 32.15
C GLY H 106 2.69 -25.12 33.35
N ILE H 107 2.94 -23.85 33.68
CA ILE H 107 2.27 -23.19 34.81
C ILE H 107 0.74 -23.31 34.81
N ILE H 108 0.13 -23.11 33.64
CA ILE H 108 -1.32 -23.18 33.53
C ILE H 108 -1.88 -24.62 33.49
N ASN H 109 -1.22 -25.51 32.76
CA ASN H 109 -1.67 -26.90 32.71
C ASN H 109 -1.59 -27.60 34.05
N SER H 110 -0.58 -27.24 34.84
CA SER H 110 -0.36 -27.89 36.14
C SER H 110 -1.50 -27.65 37.14
N GLU H 111 -2.34 -26.65 36.87
CA GLU H 111 -3.34 -26.22 37.86
C GLU H 111 -4.47 -27.22 38.08
N ASP H 112 -4.79 -28.03 37.08
CA ASP H 112 -5.76 -29.10 37.28
C ASP H 112 -5.16 -30.18 38.18
N GLU H 113 -3.90 -30.50 37.92
CA GLU H 113 -3.19 -31.51 38.69
C GLU H 113 -3.08 -31.12 40.16
N HIS H 114 -2.86 -29.84 40.44
CA HIS H 114 -2.89 -29.34 41.82
C HIS H 114 -4.16 -29.79 42.54
N LEU H 115 -5.28 -29.49 41.91
CA LEU H 115 -6.62 -29.87 42.39
C LEU H 115 -6.68 -31.39 42.61
N LEU H 116 -6.08 -32.12 41.68
CA LEU H 116 -6.08 -33.57 41.73
C LEU H 116 -5.30 -34.11 42.93
N ALA H 117 -4.31 -33.34 43.39
CA ALA H 117 -3.55 -33.69 44.60
C ALA H 117 -4.31 -33.31 45.88
N LEU H 118 -4.92 -32.13 45.85
CA LEU H 118 -5.78 -31.66 46.94
C LEU H 118 -6.85 -32.71 47.24
N GLU H 119 -7.38 -33.32 46.19
CA GLU H 119 -8.33 -34.42 46.31
C GLU H 119 -7.78 -35.53 47.22
N ARG H 120 -6.56 -35.95 46.95
CA ARG H 120 -5.92 -37.03 47.70
C ARG H 120 -5.63 -36.63 49.14
N LYS H 121 -5.31 -35.36 49.38
CA LYS H 121 -5.09 -34.91 50.76
C LYS H 121 -6.38 -34.88 51.58
N LEU H 122 -7.49 -34.53 50.92
CA LEU H 122 -8.80 -34.52 51.56
C LEU H 122 -9.25 -35.94 51.89
N LYS H 123 -9.06 -36.84 50.93
CA LYS H 123 -9.42 -38.25 51.12
C LYS H 123 -8.69 -38.82 52.33
N LYS H 124 -7.49 -38.32 52.55
CA LYS H 124 -6.64 -38.79 53.64
C LYS H 124 -7.35 -38.69 54.99
N MET H 125 -7.87 -37.50 55.32
CA MET H 125 -8.57 -37.41 56.58
C MET H 125 -10.08 -37.45 56.31
N LEU H 126 -10.60 -38.67 56.32
CA LEU H 126 -12.02 -38.95 56.38
C LEU H 126 -12.26 -40.24 57.17
N GLY H 127 -11.72 -41.31 56.60
CA GLY H 127 -12.12 -42.67 56.92
C GLY H 127 -12.97 -43.07 55.74
N PRO H 128 -13.42 -44.33 55.67
CA PRO H 128 -14.39 -44.62 54.62
C PRO H 128 -15.80 -44.17 55.04
N SER H 129 -15.88 -42.93 55.53
CA SER H 129 -17.13 -42.34 55.96
C SER H 129 -17.72 -41.57 54.80
N ALA H 130 -16.91 -41.43 53.75
CA ALA H 130 -17.35 -40.75 52.53
C ALA H 130 -16.98 -41.59 51.32
N VAL H 131 -17.76 -41.44 50.25
CA VAL H 131 -17.52 -42.18 49.03
C VAL H 131 -16.84 -41.28 48.00
N GLU H 132 -15.93 -41.85 47.20
CA GLU H 132 -15.30 -41.09 46.15
C GLU H 132 -16.30 -40.91 45.03
N ILE H 133 -16.64 -39.65 44.74
CA ILE H 133 -17.58 -39.34 43.68
C ILE H 133 -16.89 -39.34 42.31
N GLY H 134 -15.61 -38.98 42.30
CA GLY H 134 -14.86 -38.87 41.07
C GLY H 134 -14.99 -37.48 40.49
N ASN H 135 -15.92 -36.72 41.04
CA ASN H 135 -16.16 -35.34 40.65
C ASN H 135 -15.15 -34.44 41.34
N GLY H 136 -14.30 -35.07 42.14
CA GLY H 136 -13.37 -34.35 42.98
C GLY H 136 -14.07 -34.08 44.28
N CYS H 137 -15.16 -34.80 44.50
CA CYS H 137 -16.01 -34.57 45.65
C CYS H 137 -16.21 -35.83 46.47
N PHE H 138 -16.67 -35.65 47.71
CA PHE H 138 -17.01 -36.76 48.57
C PHE H 138 -18.34 -36.45 49.24
N GLU H 139 -19.02 -37.49 49.72
CA GLU H 139 -20.23 -37.28 50.50
C GLU H 139 -20.01 -37.72 51.94
N THR H 140 -19.93 -36.76 52.85
CA THR H 140 -19.71 -37.05 54.27
C THR H 140 -21.03 -37.28 55.00
N LYS H 141 -21.02 -38.21 55.95
CA LYS H 141 -22.22 -38.60 56.67
C LYS H 141 -22.68 -37.53 57.67
N HIS H 142 -21.77 -36.63 58.04
CA HIS H 142 -22.09 -35.52 58.94
C HIS H 142 -22.16 -34.20 58.16
N LYS H 143 -22.41 -33.11 58.88
CA LYS H 143 -22.44 -31.79 58.27
C LYS H 143 -21.18 -31.00 58.62
N CYS H 144 -20.71 -30.16 57.71
CA CYS H 144 -19.49 -29.41 57.94
C CYS H 144 -19.67 -27.91 57.72
N ASN H 145 -19.50 -27.17 58.84
CA ASN H 145 -19.57 -25.72 58.79
C ASN H 145 -18.16 -25.11 58.63
N GLN H 146 -18.14 -23.76 58.59
CA GLN H 146 -16.89 -23.03 58.30
C GLN H 146 -15.74 -23.40 59.24
N THR H 147 -16.01 -23.39 60.55
CA THR H 147 -15.00 -23.72 61.56
C THR H 147 -14.50 -25.16 61.39
N CYS H 148 -15.40 -26.03 60.95
CA CYS H 148 -15.08 -27.42 60.66
C CYS H 148 -14.15 -27.54 59.44
N LEU H 149 -14.35 -26.65 58.46
CA LEU H 149 -13.60 -26.68 57.21
C LEU H 149 -12.20 -26.08 57.33
N ASP H 150 -12.07 -25.02 58.13
CA ASP H 150 -10.77 -24.42 58.39
C ASP H 150 -9.81 -25.43 59.03
N ARG H 151 -10.37 -26.37 59.79
CA ARG H 151 -9.58 -27.41 60.44
C ARG H 151 -9.09 -28.47 59.46
N ILE H 152 -9.82 -28.66 58.37
CA ILE H 152 -9.35 -29.55 57.29
C ILE H 152 -8.33 -28.85 56.42
N ALA H 153 -8.52 -27.55 56.24
CA ALA H 153 -7.56 -26.71 55.51
C ALA H 153 -6.23 -26.66 56.24
N ALA H 154 -6.29 -26.59 57.57
CA ALA H 154 -5.09 -26.58 58.40
C ALA H 154 -4.48 -27.98 58.53
N GLY H 155 -5.24 -29.00 58.12
CA GLY H 155 -4.78 -30.37 58.18
C GLY H 155 -4.97 -31.01 59.55
N THR H 156 -5.63 -30.28 60.44
CA THR H 156 -5.81 -30.72 61.82
C THR H 156 -7.09 -31.54 62.00
N PHE H 157 -7.78 -31.83 60.90
CA PHE H 157 -9.04 -32.55 60.99
C PHE H 157 -8.81 -34.05 61.15
N ASP H 158 -9.28 -34.56 62.27
CA ASP H 158 -9.40 -35.99 62.48
C ASP H 158 -10.72 -36.18 63.21
N ALA H 159 -11.64 -36.96 62.65
CA ALA H 159 -12.94 -37.06 63.28
C ALA H 159 -13.13 -38.35 64.07
N GLY H 160 -12.99 -38.22 65.38
CA GLY H 160 -13.64 -39.08 66.35
C GLY H 160 -14.70 -38.20 67.00
N GLU H 161 -14.60 -36.90 66.72
CA GLU H 161 -15.52 -35.89 67.22
C GLU H 161 -16.90 -36.12 66.63
N PHE H 162 -16.96 -36.14 65.30
CA PHE H 162 -18.04 -36.82 64.62
C PHE H 162 -17.48 -38.23 64.59
N SER H 163 -18.11 -39.12 65.31
CA SER H 163 -17.42 -40.39 65.52
C SER H 163 -17.71 -41.32 64.36
N LEU H 164 -16.66 -41.51 63.55
CA LEU H 164 -16.70 -42.30 62.34
C LEU H 164 -15.30 -42.88 62.20
N PRO H 165 -15.16 -44.01 61.46
CA PRO H 165 -13.88 -44.71 61.37
C PRO H 165 -12.70 -43.80 61.04
N THR H 166 -11.61 -43.96 61.78
CA THR H 166 -10.44 -43.10 61.61
C THR H 166 -9.34 -43.82 60.83
N PHE H 167 -8.67 -43.07 59.96
CA PHE H 167 -7.46 -43.58 59.34
C PHE H 167 -6.32 -43.24 60.28
N ASP H 168 -5.67 -44.29 60.79
CA ASP H 168 -4.70 -44.15 61.86
C ASP H 168 -3.39 -43.52 61.36
N SER H 169 -2.68 -42.85 62.26
CA SER H 169 -1.44 -42.15 61.91
C SER H 169 -0.25 -42.64 62.74
N ASP I 1 -2.37 -54.42 58.57
CA ASP I 1 -1.11 -54.10 57.92
C ASP I 1 -1.31 -53.13 56.76
N ARG I 2 -0.34 -52.25 56.56
CA ARG I 2 -0.43 -51.20 55.55
C ARG I 2 0.59 -51.38 54.43
N ILE I 3 0.15 -51.18 53.19
CA ILE I 3 1.02 -51.31 52.02
C ILE I 3 1.04 -50.03 51.17
N CYS I 4 2.22 -49.42 51.07
CA CYS I 4 2.37 -48.13 50.38
C CYS I 4 3.26 -48.17 49.15
N THR I 5 3.38 -47.03 48.48
CA THR I 5 4.27 -46.86 47.34
C THR I 5 5.45 -45.94 47.70
N GLY I 6 6.63 -46.25 47.17
CA GLY I 6 7.82 -45.47 47.45
C GLY I 6 8.92 -45.53 46.39
N ILE I 7 9.84 -44.58 46.44
CA ILE I 7 10.97 -44.56 45.52
C ILE I 7 12.32 -44.75 46.23
N THR I 8 13.40 -44.83 45.46
CA THR I 8 14.72 -45.21 45.99
C THR I 8 15.44 -44.07 46.71
N SER I 9 16.30 -44.46 47.65
CA SER I 9 17.28 -43.56 48.23
C SER I 9 18.68 -44.14 48.00
N SER I 10 19.62 -43.30 47.58
CA SER I 10 20.99 -43.74 47.35
C SER I 10 21.92 -42.53 47.22
N ASN I 11 23.21 -42.81 47.03
CA ASN I 11 24.21 -41.76 46.83
C ASN I 11 23.89 -40.94 45.58
N SER I 12 23.81 -39.61 45.74
CA SER I 12 23.40 -38.75 44.65
C SER I 12 24.34 -37.56 44.39
N PRO I 13 25.56 -37.84 43.89
CA PRO I 13 26.60 -36.82 43.65
C PRO I 13 26.36 -35.93 42.45
N HIS I 14 25.63 -36.40 41.43
CA HIS I 14 25.49 -35.67 40.16
C HIS I 14 24.42 -34.60 40.24
N VAL I 15 24.71 -33.44 39.67
CA VAL I 15 23.75 -32.34 39.73
C VAL I 15 23.12 -31.98 38.35
N VAL I 16 21.81 -31.69 38.34
CA VAL I 16 21.13 -31.33 37.09
C VAL I 16 20.19 -30.12 37.24
N LYS I 17 19.97 -29.43 36.13
CA LYS I 17 19.19 -28.19 36.10
C LYS I 17 17.77 -28.45 35.62
N THR I 18 16.79 -27.94 36.36
CA THR I 18 15.36 -28.06 36.01
C THR I 18 14.64 -26.72 36.15
N ALA I 19 13.64 -26.48 35.32
CA ALA I 19 12.91 -25.22 35.32
C ALA I 19 12.05 -25.02 36.58
N THR I 20 11.32 -26.07 36.94
CA THR I 20 10.44 -26.00 38.11
C THR I 20 11.12 -26.23 39.50
N GLN I 21 12.03 -27.20 39.60
CA GLN I 21 12.59 -27.60 40.89
C GLN I 21 13.92 -26.94 41.23
N GLY I 22 14.45 -26.11 40.32
CA GLY I 22 15.79 -25.56 40.47
C GLY I 22 16.85 -26.64 40.29
N GLU I 23 18.05 -26.40 40.80
CA GLU I 23 19.14 -27.33 40.61
C GLU I 23 19.06 -28.49 41.60
N VAL I 24 18.96 -29.73 41.11
CA VAL I 24 18.82 -30.87 42.02
C VAL I 24 19.93 -31.95 41.94
N ASN I 25 20.17 -32.62 43.10
CA ASN I 25 21.05 -33.80 43.13
C ASN I 25 20.29 -35.05 42.70
N VAL I 26 20.96 -35.93 41.92
CA VAL I 26 20.30 -37.05 41.24
C VAL I 26 21.13 -38.36 41.26
N THR I 27 20.43 -39.51 41.29
CA THR I 27 21.04 -40.84 41.31
C THR I 27 22.13 -41.06 40.27
N GLY I 28 21.84 -40.81 39.00
CA GLY I 28 22.82 -40.97 37.94
C GLY I 28 22.60 -39.98 36.80
N VAL I 29 23.58 -39.88 35.89
CA VAL I 29 23.47 -39.01 34.73
C VAL I 29 24.16 -39.56 33.50
N ILE I 30 23.65 -39.19 32.34
CA ILE I 30 24.29 -39.48 31.07
C ILE I 30 24.94 -38.22 30.53
N PRO I 31 26.28 -38.16 30.55
CA PRO I 31 26.97 -36.95 30.07
C PRO I 31 26.86 -36.82 28.56
N LEU I 32 26.51 -35.61 28.11
CA LEU I 32 26.39 -35.27 26.69
C LEU I 32 27.60 -34.55 26.15
N THR I 33 28.63 -34.41 27.00
CA THR I 33 29.75 -33.52 26.73
C THR I 33 31.13 -34.23 26.78
N THR I 34 32.13 -33.60 26.16
CA THR I 34 33.51 -34.09 26.12
C THR I 34 34.38 -32.87 25.98
N THR I 35 35.56 -32.86 26.55
CA THR I 35 36.52 -31.85 26.14
C THR I 35 37.61 -32.53 25.35
N PRO I 36 37.60 -32.35 24.02
CA PRO I 36 38.51 -33.10 23.15
C PRO I 36 39.97 -32.68 23.34
N THR I 37 40.90 -33.50 22.84
CA THR I 37 42.33 -33.23 23.03
C THR I 37 43.08 -32.96 21.71
N LYS I 38 43.91 -31.91 21.73
CA LYS I 38 44.63 -31.45 20.55
C LYS I 38 45.46 -32.58 19.96
N SER I 39 45.23 -32.83 18.68
CA SER I 39 45.94 -33.86 17.96
C SER I 39 46.42 -33.29 16.64
N HIS I 40 47.01 -34.13 15.80
CA HIS I 40 47.48 -33.68 14.50
C HIS I 40 46.40 -33.73 13.48
N PHE I 41 46.67 -33.20 12.29
CA PHE I 41 45.62 -33.07 11.30
C PHE I 41 45.53 -34.34 10.47
N ALA I 42 44.31 -34.71 10.06
CA ALA I 42 44.08 -35.96 9.34
C ALA I 42 43.35 -35.77 8.03
N ASN I 43 43.03 -36.88 7.37
CA ASN I 43 42.21 -36.83 6.19
C ASN I 43 40.77 -36.87 6.65
N LEU I 44 39.91 -36.04 6.04
CA LEU I 44 38.50 -36.02 6.36
C LEU I 44 37.81 -37.23 5.79
N LYS I 45 36.95 -37.86 6.59
CA LYS I 45 36.38 -39.17 6.27
C LYS I 45 35.85 -39.30 4.85
N GLY I 46 34.72 -38.67 4.57
CA GLY I 46 34.03 -38.92 3.32
C GLY I 46 34.65 -38.30 2.09
N THR I 47 35.70 -37.50 2.28
CA THR I 47 36.03 -36.45 1.31
C THR I 47 37.51 -36.31 0.86
N GLU I 48 37.71 -35.76 -0.34
CA GLU I 48 39.03 -35.31 -0.74
C GLU I 48 39.55 -34.36 0.32
N THR I 49 40.85 -34.39 0.56
CA THR I 49 41.47 -33.34 1.38
C THR I 49 42.78 -32.81 0.77
N ARG I 50 42.79 -31.55 0.35
CA ARG I 50 43.93 -30.99 -0.37
C ARG I 50 44.89 -30.33 0.59
N GLY I 51 46.08 -30.89 0.79
CA GLY I 51 47.09 -30.12 1.50
C GLY I 51 47.92 -29.20 0.62
N LYS I 52 48.59 -29.83 -0.33
CA LYS I 52 49.65 -29.19 -1.05
C LYS I 52 49.03 -29.02 -2.39
N LEU I 53 49.31 -27.90 -3.06
CA LEU I 53 48.63 -27.58 -4.33
C LEU I 53 48.76 -28.75 -5.30
N CYS I 54 49.98 -29.02 -5.73
CA CYS I 54 50.25 -30.32 -6.32
C CYS I 54 51.26 -31.04 -5.45
N PRO I 55 50.90 -32.23 -4.95
CA PRO I 55 51.98 -33.05 -4.41
C PRO I 55 52.76 -33.58 -5.63
N LYS I 56 53.86 -34.29 -5.48
CA LYS I 56 54.59 -34.77 -6.65
C LYS I 56 55.28 -33.69 -7.48
N CYS I 57 55.10 -32.43 -7.14
CA CYS I 57 56.06 -31.45 -7.62
C CYS I 57 56.90 -31.20 -6.39
N LEU I 58 58.09 -31.79 -6.38
CA LEU I 58 58.85 -31.96 -5.15
C LEU I 58 59.93 -30.87 -5.05
N ASN I 59 60.18 -30.35 -3.78
CA ASN I 59 61.09 -29.18 -3.68
C ASN I 59 60.48 -27.93 -4.31
N CYS I 60 59.16 -27.98 -4.21
CA CYS I 60 58.30 -26.93 -4.77
C CYS I 60 57.25 -26.60 -3.74
N THR I 61 57.11 -25.31 -3.42
CA THR I 61 56.08 -24.88 -2.47
C THR I 61 54.87 -24.50 -3.26
N ASP I 62 53.77 -24.20 -2.57
CA ASP I 62 52.56 -23.88 -3.30
C ASP I 62 52.74 -22.61 -4.13
N LEU I 63 53.46 -21.63 -3.58
CA LEU I 63 53.70 -20.41 -4.31
C LEU I 63 54.51 -20.69 -5.56
N ASP I 64 55.46 -21.61 -5.46
CA ASP I 64 56.22 -22.01 -6.63
C ASP I 64 55.37 -22.56 -7.75
N VAL I 65 54.51 -23.52 -7.40
CA VAL I 65 53.53 -24.11 -8.32
C VAL I 65 52.69 -22.99 -8.97
N ALA I 66 52.10 -22.15 -8.12
CA ALA I 66 51.29 -21.02 -8.53
C ALA I 66 51.96 -20.02 -9.48
N LEU I 67 53.22 -19.68 -9.21
CA LEU I 67 53.96 -18.81 -10.12
C LEU I 67 54.41 -19.48 -11.42
N GLY I 68 54.30 -20.81 -11.49
CA GLY I 68 54.74 -21.57 -12.65
C GLY I 68 56.26 -21.54 -12.81
N ARG I 69 56.96 -21.79 -11.70
CA ARG I 69 58.41 -21.93 -11.70
C ARG I 69 58.79 -23.20 -12.43
N PRO I 70 59.76 -23.09 -13.35
CA PRO I 70 60.17 -24.24 -14.17
C PRO I 70 60.40 -25.49 -13.32
N LYS I 71 59.96 -26.64 -13.82
CA LYS I 71 60.02 -27.93 -13.12
C LYS I 71 58.99 -28.06 -12.00
N CYS I 72 58.33 -26.97 -11.63
CA CYS I 72 57.15 -27.16 -10.81
C CYS I 72 55.96 -26.99 -11.72
N THR I 73 55.47 -28.12 -12.21
CA THR I 73 54.19 -28.20 -12.91
C THR I 73 53.72 -29.62 -12.84
N GLY I 74 52.41 -29.78 -12.80
CA GLY I 74 51.86 -31.11 -12.60
C GLY I 74 50.37 -31.03 -12.38
N LYS I 75 49.77 -32.18 -12.13
CA LYS I 75 48.35 -32.17 -11.96
C LYS I 75 48.05 -31.67 -10.57
N ILE I 76 47.33 -30.57 -10.53
CA ILE I 76 46.73 -30.09 -9.31
C ILE I 76 45.35 -30.71 -9.29
N PRO I 77 45.19 -31.76 -8.47
CA PRO I 77 43.94 -32.52 -8.40
C PRO I 77 42.87 -31.69 -7.70
N SER I 78 41.66 -32.22 -7.58
CA SER I 78 40.60 -31.39 -7.05
C SER I 78 40.13 -31.81 -5.65
N ALA I 79 39.65 -30.85 -4.85
CA ALA I 79 39.20 -31.18 -3.51
C ALA I 79 38.00 -30.40 -3.04
N ARG I 80 37.09 -31.05 -2.34
CA ARG I 80 35.94 -30.38 -1.75
C ARG I 80 36.33 -29.76 -0.40
N VAL I 81 37.51 -30.13 0.07
CA VAL I 81 38.11 -29.61 1.30
C VAL I 81 39.61 -29.30 1.11
N SER I 82 40.06 -28.11 1.49
CA SER I 82 41.47 -27.83 1.43
C SER I 82 41.95 -27.32 2.75
N ILE I 83 43.25 -27.48 2.96
CA ILE I 83 43.87 -27.03 4.18
C ILE I 83 44.88 -25.94 3.89
N LEU I 84 44.82 -24.87 4.68
CA LEU I 84 45.69 -23.74 4.51
C LEU I 84 46.77 -23.85 5.56
N HIS I 85 47.94 -24.32 5.09
CA HIS I 85 49.13 -24.48 5.92
C HIS I 85 50.04 -23.25 6.04
N GLU I 86 50.24 -22.55 4.92
CA GLU I 86 51.14 -21.41 4.87
C GLU I 86 50.39 -20.09 4.94
N VAL I 87 50.48 -19.41 6.06
CA VAL I 87 49.79 -18.14 6.23
C VAL I 87 50.54 -17.03 5.53
N ARG I 88 51.85 -17.17 5.38
CA ARG I 88 52.60 -16.26 4.52
C ARG I 88 53.48 -17.07 3.61
N PRO I 89 52.91 -17.56 2.51
CA PRO I 89 53.58 -18.47 1.58
C PRO I 89 54.85 -17.91 0.94
N VAL I 90 55.68 -18.83 0.46
CA VAL I 90 57.09 -18.58 0.16
C VAL I 90 57.55 -19.24 -1.15
N THR I 91 58.42 -18.56 -1.92
CA THR I 91 59.07 -19.18 -3.07
C THR I 91 60.27 -19.99 -2.59
N SER I 92 60.52 -21.12 -3.25
CA SER I 92 61.68 -21.97 -3.00
C SER I 92 62.81 -21.71 -3.99
N GLY I 93 62.64 -20.73 -4.87
CA GLY I 93 63.61 -20.51 -5.93
C GLY I 93 63.21 -19.62 -7.10
N CYS I 94 63.85 -19.88 -8.23
CA CYS I 94 63.83 -19.02 -9.40
C CYS I 94 64.39 -17.62 -9.15
N PHE I 95 63.80 -16.60 -9.78
CA PHE I 95 64.39 -15.25 -9.83
C PHE I 95 63.95 -14.46 -8.61
N PRO I 96 64.78 -13.53 -8.11
CA PRO I 96 64.41 -12.79 -6.91
C PRO I 96 63.18 -11.89 -7.06
N ILE I 97 62.21 -12.07 -6.18
CA ILE I 97 60.96 -11.32 -6.23
C ILE I 97 60.87 -10.46 -4.98
N MET I 98 60.45 -9.19 -5.08
CA MET I 98 60.24 -8.42 -3.84
C MET I 98 58.77 -8.65 -3.52
N HIS I 99 58.52 -9.57 -2.61
CA HIS I 99 57.20 -10.16 -2.51
C HIS I 99 56.22 -9.27 -1.82
N ASP I 100 56.73 -8.43 -0.95
CA ASP I 100 55.86 -7.74 -0.05
C ASP I 100 55.35 -6.43 -0.64
N ARG I 101 55.78 -6.12 -1.86
CA ARG I 101 55.29 -4.93 -2.54
C ARG I 101 53.95 -5.12 -3.29
N THR I 102 53.39 -6.34 -3.25
CA THR I 102 52.12 -6.64 -3.91
C THR I 102 51.42 -7.75 -3.15
N LYS I 103 50.22 -8.12 -3.58
CA LYS I 103 49.46 -9.11 -2.83
C LYS I 103 49.90 -10.55 -3.15
N ILE I 104 50.96 -10.66 -3.97
CA ILE I 104 51.30 -11.89 -4.69
C ILE I 104 51.37 -13.14 -3.82
N ARG I 105 51.88 -12.95 -2.62
CA ARG I 105 52.01 -14.02 -1.65
C ARG I 105 50.74 -14.84 -1.41
N GLN I 106 49.56 -14.23 -1.53
CA GLN I 106 48.33 -14.96 -1.20
C GLN I 106 47.84 -15.84 -2.34
N LEU I 107 48.38 -15.63 -3.55
CA LEU I 107 47.91 -16.35 -4.73
C LEU I 107 47.57 -17.85 -4.55
N PRO I 108 48.49 -18.65 -3.95
CA PRO I 108 48.22 -20.05 -3.60
C PRO I 108 47.04 -20.29 -2.67
N ASN I 109 46.89 -19.44 -1.67
CA ASN I 109 45.73 -19.53 -0.80
C ASN I 109 44.45 -19.15 -1.51
N LEU I 110 44.57 -18.29 -2.51
CA LEU I 110 43.42 -17.99 -3.33
C LEU I 110 43.02 -19.21 -4.15
N LEU I 111 43.99 -19.77 -4.85
CA LEU I 111 43.73 -20.90 -5.72
C LEU I 111 43.07 -21.99 -4.89
N ARG I 112 43.64 -22.22 -3.73
CA ARG I 112 43.18 -23.24 -2.79
C ARG I 112 41.69 -23.19 -2.47
N GLY I 113 41.11 -21.99 -2.54
CA GLY I 113 39.71 -21.77 -2.20
C GLY I 113 38.74 -22.49 -3.10
N TYR I 114 39.14 -22.60 -4.37
CA TYR I 114 38.33 -23.29 -5.38
C TYR I 114 38.41 -24.78 -5.23
N GLU I 115 37.42 -25.47 -5.80
CA GLU I 115 37.48 -26.93 -5.94
C GLU I 115 38.31 -27.37 -7.14
N HIS I 116 38.19 -26.67 -8.25
CA HIS I 116 38.88 -27.10 -9.45
C HIS I 116 39.83 -26.03 -9.91
N ILE I 117 41.08 -26.43 -10.07
CA ILE I 117 42.14 -25.51 -10.50
C ILE I 117 42.90 -26.13 -11.66
N ARG I 118 43.28 -25.32 -12.65
CA ARG I 118 44.23 -25.79 -13.67
C ARG I 118 45.02 -24.67 -14.30
N LEU I 119 46.28 -24.90 -14.58
CA LEU I 119 47.06 -23.95 -15.37
C LEU I 119 46.40 -24.02 -16.73
N SER I 120 46.58 -23.02 -17.59
CA SER I 120 45.88 -23.03 -18.89
C SER I 120 46.72 -23.71 -19.93
N THR I 121 46.26 -23.66 -21.18
CA THR I 121 47.14 -24.02 -22.29
C THR I 121 47.27 -22.83 -23.18
N HIS I 122 48.29 -22.87 -24.01
CA HIS I 122 48.73 -21.71 -24.76
C HIS I 122 48.97 -20.55 -23.81
N ASN I 123 48.62 -19.36 -24.29
CA ASN I 123 49.09 -18.12 -23.70
C ASN I 123 48.01 -17.06 -23.90
N VAL I 124 47.82 -16.16 -22.96
CA VAL I 124 46.74 -15.18 -23.12
C VAL I 124 47.17 -14.07 -24.00
N ILE I 125 48.50 -14.06 -24.40
CA ILE I 125 49.00 -12.98 -25.25
C ILE I 125 50.39 -13.26 -25.81
N ASN I 126 50.61 -12.89 -27.06
CA ASN I 126 51.91 -13.03 -27.69
C ASN I 126 52.84 -11.90 -27.24
N ALA I 127 53.85 -12.25 -26.47
CA ALA I 127 54.77 -11.26 -25.90
C ALA I 127 55.62 -10.59 -26.96
N GLU I 128 56.09 -11.37 -27.92
CA GLU I 128 57.05 -10.81 -28.90
C GLU I 128 56.41 -9.76 -29.80
N ASN I 129 55.10 -9.88 -30.05
CA ASN I 129 54.39 -8.98 -30.98
C ASN I 129 53.70 -7.88 -30.16
N ALA I 130 54.00 -7.79 -28.87
CA ALA I 130 53.18 -6.89 -28.06
C ALA I 130 53.50 -5.45 -28.45
N PRO I 131 52.67 -4.51 -28.00
CA PRO I 131 52.86 -3.10 -28.31
C PRO I 131 54.13 -2.54 -27.67
N GLY I 132 54.91 -1.80 -28.43
CA GLY I 132 56.15 -1.22 -27.94
C GLY I 132 57.36 -1.70 -28.71
N GLY I 133 57.12 -2.40 -29.81
CA GLY I 133 58.20 -2.92 -30.63
C GLY I 133 58.49 -4.37 -30.37
N PRO I 134 58.97 -5.08 -31.38
CA PRO I 134 59.29 -6.50 -31.25
C PRO I 134 60.15 -6.78 -30.03
N TYR I 135 59.82 -7.85 -29.30
CA TYR I 135 60.58 -8.22 -28.09
C TYR I 135 61.29 -9.56 -28.16
N LYS I 136 62.55 -9.57 -27.84
CA LYS I 136 63.15 -10.85 -27.50
C LYS I 136 62.66 -11.25 -26.12
N ILE I 137 62.53 -12.54 -25.86
CA ILE I 137 62.06 -12.98 -24.57
C ILE I 137 63.20 -13.37 -23.65
N GLY I 138 63.24 -12.72 -22.49
CA GLY I 138 64.32 -12.91 -21.55
C GLY I 138 64.18 -14.12 -20.64
N THR I 139 65.33 -14.74 -20.39
CA THR I 139 65.47 -15.88 -19.47
C THR I 139 66.68 -15.64 -18.58
N SER I 140 66.73 -16.34 -17.47
CA SER I 140 67.81 -16.15 -16.55
C SER I 140 68.17 -17.48 -15.92
N GLY I 141 69.47 -17.69 -15.62
CA GLY I 141 69.87 -18.77 -14.74
C GLY I 141 69.12 -18.49 -13.43
N SER I 142 69.13 -19.46 -12.53
CA SER I 142 68.24 -19.44 -11.33
C SER I 142 66.85 -19.93 -11.70
N CYS I 143 66.58 -20.03 -13.00
CA CYS I 143 65.33 -20.57 -13.49
C CYS I 143 65.60 -21.67 -14.49
N PRO I 144 66.13 -22.79 -14.03
CA PRO I 144 66.45 -23.92 -14.91
C PRO I 144 65.19 -24.68 -15.34
N ASN I 145 65.24 -25.33 -16.49
CA ASN I 145 64.10 -26.08 -17.00
C ASN I 145 64.41 -27.56 -17.15
N ILE I 146 63.41 -28.33 -17.55
CA ILE I 146 63.59 -29.78 -17.73
C ILE I 146 65.02 -30.13 -18.10
N THR I 147 65.58 -29.30 -18.95
CA THR I 147 66.88 -29.61 -19.47
C THR I 147 67.80 -29.07 -18.40
N ASN I 148 68.15 -27.79 -18.51
CA ASN I 148 68.86 -27.02 -17.52
C ASN I 148 69.28 -25.84 -18.32
N GLY I 149 69.67 -24.77 -17.67
CA GLY I 149 70.00 -23.59 -18.42
C GLY I 149 68.83 -22.64 -18.37
N ASN I 150 69.02 -21.48 -18.98
CA ASN I 150 68.14 -20.35 -18.76
C ASN I 150 66.67 -20.54 -19.16
N GLY I 151 65.79 -19.97 -18.34
CA GLY I 151 64.36 -20.12 -18.47
C GLY I 151 63.69 -19.03 -17.66
N PHE I 152 62.41 -19.21 -17.38
CA PHE I 152 61.63 -18.25 -16.57
C PHE I 152 60.34 -18.91 -16.06
N PHE I 153 59.51 -18.15 -15.36
CA PHE I 153 58.19 -18.62 -14.97
C PHE I 153 57.28 -18.88 -16.18
N ALA I 154 56.55 -20.00 -16.13
CA ALA I 154 55.64 -20.37 -17.19
C ALA I 154 54.66 -19.24 -17.33
N THR I 155 54.23 -18.81 -16.16
CA THR I 155 53.19 -17.83 -15.94
C THR I 155 53.34 -16.49 -16.69
N MET I 156 54.57 -16.09 -17.01
CA MET I 156 54.77 -14.83 -17.72
C MET I 156 56.01 -14.80 -18.60
N ALA I 157 56.02 -13.84 -19.52
CA ALA I 157 57.11 -13.63 -20.46
C ALA I 157 57.81 -12.30 -20.23
N TRP I 158 59.13 -12.33 -20.17
CA TRP I 158 59.89 -11.16 -19.81
C TRP I 158 60.30 -10.40 -21.07
N ALA I 159 59.67 -9.27 -21.32
CA ALA I 159 59.79 -8.65 -22.63
C ALA I 159 60.95 -7.68 -22.72
N VAL I 160 61.99 -8.10 -23.43
CA VAL I 160 63.19 -7.30 -23.58
C VAL I 160 63.29 -6.80 -25.01
N PRO I 161 63.41 -5.49 -25.19
CA PRO I 161 63.13 -5.02 -26.54
C PRO I 161 64.18 -5.36 -27.60
N LYS I 162 64.10 -6.57 -28.16
CA LYS I 162 64.89 -7.02 -29.31
C LYS I 162 66.34 -6.61 -29.19
N ASN I 163 66.84 -5.90 -30.18
CA ASN I 163 68.20 -5.39 -30.15
C ASN I 163 68.18 -3.91 -30.47
N ASP I 164 69.36 -3.33 -30.67
CA ASP I 164 69.56 -1.87 -30.63
C ASP I 164 68.44 -1.08 -31.32
N LYS I 165 68.33 -1.22 -32.64
CA LYS I 165 67.11 -0.91 -33.38
C LYS I 165 66.37 0.38 -32.97
N ASN I 166 65.10 0.18 -32.62
CA ASN I 166 64.24 1.20 -32.03
C ASN I 166 64.20 1.20 -30.49
N LYS I 167 65.13 0.48 -29.84
CA LYS I 167 65.18 0.44 -28.35
C LYS I 167 65.40 1.80 -27.67
N THR I 168 64.38 2.17 -26.88
CA THR I 168 64.23 3.50 -26.29
C THR I 168 63.07 3.49 -25.28
N ALA I 169 62.80 4.64 -24.69
CA ALA I 169 61.72 4.71 -23.72
C ALA I 169 60.43 5.00 -24.43
N THR I 170 59.33 4.39 -23.98
CA THR I 170 58.00 4.71 -24.53
C THR I 170 57.09 5.23 -23.44
N ASN I 171 56.03 5.90 -23.88
CA ASN I 171 54.93 6.27 -23.01
C ASN I 171 54.14 4.98 -22.78
N PRO I 172 53.27 4.96 -21.76
CA PRO I 172 52.58 3.70 -21.47
C PRO I 172 51.87 3.08 -22.66
N LEU I 173 52.12 1.80 -22.85
CA LEU I 173 51.40 1.01 -23.83
C LEU I 173 50.27 0.29 -23.08
N THR I 174 49.13 0.10 -23.74
CA THR I 174 48.00 -0.55 -23.10
C THR I 174 47.74 -1.91 -23.74
N ILE I 175 47.25 -2.84 -22.94
CA ILE I 175 47.05 -4.18 -23.43
C ILE I 175 45.83 -4.83 -22.83
N GLU I 176 45.09 -5.55 -23.68
CA GLU I 176 43.89 -6.24 -23.26
C GLU I 176 44.31 -7.66 -22.92
N VAL I 177 43.73 -8.20 -21.85
CA VAL I 177 43.96 -9.58 -21.53
C VAL I 177 42.67 -10.35 -21.76
N PRO I 178 42.64 -11.14 -22.83
CA PRO I 178 41.54 -12.00 -23.28
C PRO I 178 41.05 -12.97 -22.22
N TYR I 179 39.85 -13.50 -22.36
CA TYR I 179 39.33 -14.37 -21.32
C TYR I 179 39.87 -15.85 -21.28
N ILE I 180 39.96 -16.56 -22.38
CA ILE I 180 40.76 -17.80 -22.46
C ILE I 180 40.30 -19.04 -21.68
N CYS I 181 39.42 -18.89 -20.67
CA CYS I 181 38.98 -20.03 -19.88
C CYS I 181 37.60 -20.39 -20.36
N THR I 182 36.99 -21.38 -19.73
CA THR I 182 35.69 -21.87 -20.20
C THR I 182 34.48 -21.34 -19.38
N GLU I 183 33.26 -21.65 -19.83
CA GLU I 183 32.09 -21.69 -18.96
C GLU I 183 32.02 -20.62 -17.88
N GLY I 184 31.89 -21.12 -16.65
CA GLY I 184 31.82 -20.34 -15.42
C GLY I 184 33.11 -20.33 -14.60
N GLU I 185 34.25 -20.50 -15.26
CA GLU I 185 35.55 -20.44 -14.58
C GLU I 185 36.06 -19.02 -14.33
N ASP I 186 36.72 -18.80 -13.18
CA ASP I 186 37.41 -17.55 -12.92
C ASP I 186 38.78 -17.65 -13.58
N GLN I 187 39.26 -16.55 -14.12
CA GLN I 187 40.55 -16.60 -14.81
C GLN I 187 41.53 -15.69 -14.06
N ILE I 188 42.54 -16.27 -13.41
CA ILE I 188 43.52 -15.49 -12.64
C ILE I 188 44.81 -15.24 -13.41
N THR I 189 45.08 -13.97 -13.67
CA THR I 189 46.16 -13.63 -14.56
C THR I 189 47.34 -13.17 -13.77
N VAL I 190 48.51 -13.75 -14.02
CA VAL I 190 49.70 -13.34 -13.28
C VAL I 190 50.60 -12.48 -14.17
N TRP I 191 51.11 -11.37 -13.65
CA TRP I 191 51.93 -10.43 -14.45
C TRP I 191 52.90 -9.65 -13.54
N GLY I 192 53.73 -8.79 -14.11
CA GLY I 192 54.61 -8.00 -13.27
C GLY I 192 55.68 -7.27 -14.04
N PHE I 193 56.77 -6.88 -13.38
CA PHE I 193 57.84 -6.16 -14.06
C PHE I 193 59.24 -6.31 -13.43
N HIS I 194 60.23 -5.71 -14.06
CA HIS I 194 61.61 -5.96 -13.73
C HIS I 194 62.44 -4.66 -13.78
N SER I 195 63.22 -4.37 -12.71
CA SER I 195 64.20 -3.27 -12.69
C SER I 195 65.68 -3.73 -12.49
N ASP I 196 66.64 -2.81 -12.54
CA ASP I 196 68.06 -3.19 -12.53
C ASP I 196 69.01 -2.04 -12.17
N ASN I 197 70.31 -2.28 -12.35
CA ASN I 197 71.33 -1.24 -12.26
C ASN I 197 70.91 -0.09 -13.15
N GLU I 198 71.30 1.13 -12.76
CA GLU I 198 71.10 2.26 -13.63
C GLU I 198 71.71 2.07 -15.02
N THR I 199 72.91 1.50 -15.08
CA THR I 199 73.59 1.24 -16.36
C THR I 199 73.03 0.02 -17.07
N GLN I 200 72.71 -1.01 -16.30
CA GLN I 200 72.04 -2.19 -16.84
C GLN I 200 70.69 -1.84 -17.47
N MET I 201 69.98 -0.88 -16.88
CA MET I 201 68.68 -0.48 -17.40
C MET I 201 68.85 0.11 -18.78
N ALA I 202 69.90 0.91 -18.96
CA ALA I 202 70.16 1.54 -20.25
C ALA I 202 70.75 0.56 -21.24
N LYS I 203 71.32 -0.54 -20.73
CA LYS I 203 71.82 -1.58 -21.61
C LYS I 203 70.65 -2.41 -22.15
N LEU I 204 69.75 -2.80 -21.25
CA LEU I 204 68.64 -3.68 -21.59
C LEU I 204 67.58 -2.96 -22.44
N TYR I 205 66.86 -2.04 -21.78
CA TYR I 205 65.87 -1.18 -22.41
C TYR I 205 66.53 0.16 -22.74
N GLY I 206 65.83 1.09 -23.34
CA GLY I 206 66.49 2.32 -23.73
C GLY I 206 66.61 3.37 -22.63
N ASP I 207 66.27 3.02 -21.39
CA ASP I 207 65.90 4.05 -20.41
C ASP I 207 66.42 3.87 -18.99
N SER I 208 66.94 4.95 -18.41
CA SER I 208 67.42 4.96 -17.01
C SER I 208 66.38 5.20 -15.92
N LYS I 209 65.43 6.12 -16.19
CA LYS I 209 64.41 6.57 -15.23
C LYS I 209 63.38 5.48 -14.89
N PRO I 210 62.61 5.67 -13.81
CA PRO I 210 61.68 4.58 -13.45
C PRO I 210 60.52 4.45 -14.42
N GLN I 211 59.95 3.26 -14.46
CA GLN I 211 58.87 2.92 -15.38
C GLN I 211 57.61 2.67 -14.54
N LYS I 212 56.42 2.91 -15.12
CA LYS I 212 55.20 2.86 -14.33
C LYS I 212 54.16 1.90 -14.92
N PHE I 213 53.35 1.27 -14.05
CA PHE I 213 52.48 0.14 -14.45
C PHE I 213 51.05 0.18 -13.88
N THR I 214 50.07 -0.35 -14.64
CA THR I 214 48.66 -0.34 -14.20
C THR I 214 47.85 -1.59 -14.52
N SER I 215 47.14 -2.14 -13.54
CA SER I 215 46.25 -3.27 -13.84
C SER I 215 44.77 -2.89 -13.61
N SER I 216 43.89 -3.21 -14.53
CA SER I 216 42.47 -3.03 -14.26
C SER I 216 41.62 -4.22 -14.66
N ALA I 217 41.01 -4.86 -13.68
CA ALA I 217 40.09 -5.96 -13.96
C ALA I 217 38.81 -5.89 -13.15
N ASN I 218 37.72 -5.68 -13.90
CA ASN I 218 36.37 -5.57 -13.37
C ASN I 218 36.25 -4.85 -12.01
N GLY I 219 36.56 -3.56 -12.06
CA GLY I 219 36.37 -2.70 -10.92
C GLY I 219 37.59 -2.51 -10.08
N VAL I 220 38.54 -3.44 -10.17
CA VAL I 220 39.72 -3.34 -9.33
C VAL I 220 40.94 -2.78 -10.07
N THR I 221 41.36 -1.60 -9.64
CA THR I 221 42.42 -0.89 -10.31
C THR I 221 43.63 -0.89 -9.40
N THR I 222 44.82 -1.18 -9.95
CA THR I 222 46.10 -1.00 -9.21
C THR I 222 47.22 -0.29 -10.01
N HIS I 223 48.10 0.38 -9.28
CA HIS I 223 49.15 1.19 -9.89
C HIS I 223 50.46 0.91 -9.19
N TYR I 224 51.55 0.81 -9.97
CA TYR I 224 52.91 0.52 -9.46
C TYR I 224 53.94 1.48 -10.09
N VAL I 225 55.02 1.77 -9.36
CA VAL I 225 56.16 2.46 -9.97
C VAL I 225 57.52 1.84 -9.54
N SER I 226 58.44 1.71 -10.51
CA SER I 226 59.66 0.96 -10.30
C SER I 226 60.72 1.68 -9.44
N GLN I 227 61.62 0.85 -8.90
CA GLN I 227 62.83 1.28 -8.19
C GLN I 227 64.03 1.16 -9.12
N ILE I 228 64.90 2.16 -9.12
CA ILE I 228 66.10 2.06 -9.95
C ILE I 228 67.35 1.56 -9.17
N GLY I 229 67.73 2.31 -8.16
CA GLY I 229 68.90 1.94 -7.38
C GLY I 229 68.72 0.69 -6.53
N GLY I 230 69.67 0.50 -5.63
CA GLY I 230 69.81 -0.73 -4.84
C GLY I 230 68.58 -1.26 -4.12
N PHE I 231 68.38 -2.54 -4.34
CA PHE I 231 67.21 -3.22 -3.87
C PHE I 231 67.58 -3.92 -2.59
N PRO I 232 66.60 -4.51 -1.92
CA PRO I 232 66.76 -5.46 -0.82
C PRO I 232 67.66 -6.65 -1.16
N ASN I 233 68.35 -7.20 -0.17
CA ASN I 233 69.10 -8.42 -0.43
C ASN I 233 68.15 -9.52 -0.93
N GLN I 234 68.56 -10.29 -1.92
CA GLN I 234 67.76 -11.31 -2.61
C GLN I 234 67.20 -12.31 -1.63
N THR I 235 66.00 -12.81 -1.84
CA THR I 235 65.52 -13.77 -0.89
C THR I 235 64.52 -14.71 -1.49
N GLU I 236 64.54 -15.92 -0.96
CA GLU I 236 63.68 -16.99 -1.42
C GLU I 236 63.90 -17.29 -2.91
N ASP I 237 65.06 -16.91 -3.42
CA ASP I 237 65.34 -17.00 -4.86
C ASP I 237 66.06 -18.29 -5.16
N GLY I 238 66.48 -18.44 -6.41
CA GLY I 238 67.14 -19.64 -6.88
C GLY I 238 68.61 -19.74 -6.51
N GLY I 239 69.16 -18.65 -6.00
CA GLY I 239 70.50 -18.65 -5.43
C GLY I 239 71.60 -17.93 -6.18
N LEU I 240 71.39 -17.62 -7.45
CA LEU I 240 72.40 -16.88 -8.20
C LEU I 240 72.20 -15.38 -8.02
N PRO I 241 73.31 -14.67 -7.80
CA PRO I 241 73.28 -13.22 -7.61
C PRO I 241 72.94 -12.50 -8.89
N GLN I 242 71.95 -11.61 -8.81
CA GLN I 242 71.56 -10.75 -9.92
C GLN I 242 71.45 -9.31 -9.43
N SER I 243 71.66 -8.36 -10.33
CA SER I 243 71.61 -6.97 -9.93
C SER I 243 70.21 -6.42 -9.84
N GLY I 244 69.29 -7.06 -10.55
CA GLY I 244 67.92 -6.59 -10.64
C GLY I 244 66.92 -7.40 -9.84
N ARG I 245 65.71 -6.86 -9.72
CA ARG I 245 64.65 -7.58 -9.06
C ARG I 245 63.36 -7.55 -9.84
N ILE I 246 62.36 -8.24 -9.30
CA ILE I 246 61.13 -8.50 -10.03
C ILE I 246 59.97 -8.25 -9.08
N VAL I 247 58.93 -7.55 -9.59
CA VAL I 247 57.66 -7.40 -8.88
C VAL I 247 56.53 -8.17 -9.57
N VAL I 248 55.81 -8.99 -8.79
CA VAL I 248 54.79 -9.87 -9.35
C VAL I 248 53.48 -9.63 -8.63
N ASP I 249 52.42 -9.49 -9.43
CA ASP I 249 51.05 -9.28 -8.96
C ASP I 249 50.15 -10.21 -9.75
N TYR I 250 49.02 -10.55 -9.19
CA TYR I 250 48.01 -11.22 -9.96
C TYR I 250 46.75 -10.34 -10.05
N MET I 251 45.92 -10.54 -11.09
CA MET I 251 44.61 -9.88 -11.25
C MET I 251 43.53 -10.90 -11.63
N VAL I 252 42.44 -10.95 -10.85
CA VAL I 252 41.38 -11.92 -11.09
C VAL I 252 40.43 -11.32 -12.10
N GLN I 253 40.02 -12.11 -13.07
CA GLN I 253 39.04 -11.70 -14.07
C GLN I 253 37.76 -12.51 -13.92
N LYS I 254 36.67 -11.82 -13.60
CA LYS I 254 35.38 -12.46 -13.37
C LYS I 254 35.03 -13.47 -14.45
N SER I 255 33.83 -14.03 -14.35
CA SER I 255 33.35 -15.03 -15.30
C SER I 255 32.93 -14.39 -16.61
N GLY I 256 33.84 -14.38 -17.58
CA GLY I 256 33.58 -13.82 -18.88
C GLY I 256 34.32 -12.53 -19.15
N LYS I 257 34.66 -11.75 -18.12
CA LYS I 257 35.11 -10.39 -18.39
C LYS I 257 36.59 -10.33 -18.78
N THR I 258 36.96 -9.37 -19.60
CA THR I 258 38.34 -9.14 -19.99
C THR I 258 39.06 -8.23 -19.01
N GLY I 259 40.34 -7.93 -19.27
CA GLY I 259 41.20 -7.21 -18.33
C GLY I 259 42.27 -6.38 -19.01
N THR I 260 42.87 -5.44 -18.28
CA THR I 260 43.78 -4.47 -18.90
C THR I 260 45.07 -4.27 -18.12
N ILE I 261 46.16 -4.00 -18.83
CA ILE I 261 47.45 -3.72 -18.19
C ILE I 261 48.14 -2.61 -18.97
N THR I 262 48.73 -1.65 -18.29
CA THR I 262 49.49 -0.66 -19.01
C THR I 262 50.88 -0.72 -18.49
N TYR I 263 51.83 -0.44 -19.36
CA TYR I 263 53.22 -0.70 -19.05
C TYR I 263 54.22 0.13 -19.86
N GLN I 264 55.43 0.22 -19.32
CA GLN I 264 56.57 0.80 -20.01
C GLN I 264 57.64 -0.29 -19.97
N ARG I 265 58.90 0.06 -20.27
CA ARG I 265 60.00 -0.92 -20.33
C ARG I 265 60.17 -1.85 -19.11
N GLY I 266 60.38 -3.13 -19.40
CA GLY I 266 60.56 -4.15 -18.37
C GLY I 266 59.33 -4.92 -17.96
N ILE I 267 58.32 -4.89 -18.80
CA ILE I 267 57.10 -5.58 -18.47
C ILE I 267 57.27 -7.11 -18.55
N LEU I 268 56.68 -7.84 -17.60
CA LEU I 268 56.44 -9.28 -17.80
C LEU I 268 54.97 -9.49 -18.18
N LEU I 269 54.72 -9.77 -19.46
CA LEU I 269 53.37 -9.92 -19.97
C LEU I 269 52.90 -11.31 -19.62
N PRO I 270 51.65 -11.45 -19.16
CA PRO I 270 51.24 -12.79 -18.68
C PRO I 270 51.18 -13.80 -19.83
N GLN I 271 51.63 -15.04 -19.61
CA GLN I 271 51.48 -16.05 -20.62
C GLN I 271 50.47 -17.11 -20.19
N LYS I 272 50.89 -18.12 -19.43
CA LYS I 272 49.90 -19.12 -18.98
C LYS I 272 49.11 -18.48 -17.85
N VAL I 273 47.93 -19.02 -17.58
CA VAL I 273 46.97 -18.31 -16.74
C VAL I 273 46.10 -19.26 -15.91
N TRP I 274 45.79 -18.92 -14.66
CA TRP I 274 45.02 -19.86 -13.84
C TRP I 274 43.53 -19.97 -14.18
N CYS I 275 43.00 -21.19 -14.27
CA CYS I 275 41.57 -21.39 -14.54
C CYS I 275 40.87 -22.21 -13.47
N ALA I 276 39.99 -21.54 -12.72
CA ALA I 276 39.42 -22.13 -11.51
C ALA I 276 37.88 -22.12 -11.51
N SER I 277 37.27 -23.12 -10.86
CA SER I 277 35.81 -23.16 -10.70
C SER I 277 35.48 -23.98 -9.47
N GLY I 278 34.22 -24.09 -9.07
CA GLY I 278 33.89 -24.85 -7.88
C GLY I 278 34.37 -24.20 -6.60
N ARG I 279 33.97 -24.72 -5.45
CA ARG I 279 34.55 -24.17 -4.23
C ARG I 279 34.82 -25.20 -3.14
N SER I 280 36.00 -25.05 -2.54
CA SER I 280 36.49 -25.98 -1.55
C SER I 280 36.44 -25.38 -0.16
N LYS I 281 36.13 -26.20 0.83
CA LYS I 281 35.93 -25.66 2.17
C LYS I 281 37.25 -25.69 2.92
N VAL I 282 37.83 -24.49 3.07
CA VAL I 282 39.18 -24.31 3.56
C VAL I 282 39.24 -24.19 5.09
N ILE I 283 40.18 -24.90 5.69
CA ILE I 283 40.41 -24.74 7.12
C ILE I 283 41.90 -24.51 7.39
N LYS I 284 42.21 -23.93 8.59
CA LYS I 284 43.60 -23.65 8.93
C LYS I 284 44.23 -24.83 9.66
N GLY I 285 44.96 -25.65 8.92
CA GLY I 285 45.62 -26.82 9.48
C GLY I 285 47.12 -26.79 9.26
N SER I 286 47.79 -27.87 9.66
CA SER I 286 49.24 -27.98 9.50
C SER I 286 49.65 -29.41 9.19
N LEU I 287 50.15 -29.62 7.97
CA LEU I 287 50.59 -30.94 7.54
C LEU I 287 51.66 -31.49 8.47
N PRO I 288 51.89 -32.80 8.38
CA PRO I 288 51.16 -33.65 7.45
C PRO I 288 49.79 -34.10 7.95
N LEU I 289 48.91 -34.48 7.02
CA LEU I 289 47.61 -35.06 7.33
C LEU I 289 47.81 -36.52 7.66
N ILE I 290 47.54 -36.91 8.90
CA ILE I 290 47.80 -38.28 9.29
C ILE I 290 46.53 -39.11 9.53
N GLY I 291 46.22 -40.18 8.77
CA GLY I 291 45.05 -41.00 9.04
C GLY I 291 43.71 -40.41 8.62
N GLU I 292 42.65 -40.91 9.24
CA GLU I 292 41.31 -40.39 9.00
C GLU I 292 40.72 -39.87 10.29
N ALA I 293 39.84 -38.88 10.15
CA ALA I 293 39.07 -38.38 11.27
C ALA I 293 37.63 -38.14 10.80
N ASP I 294 36.68 -38.15 11.72
CA ASP I 294 35.35 -37.72 11.38
C ASP I 294 35.40 -36.22 11.11
N CYS I 295 36.12 -35.50 11.99
CA CYS I 295 36.07 -34.05 12.08
C CYS I 295 37.45 -33.40 11.99
N LEU I 296 37.53 -32.22 11.39
CA LEU I 296 38.77 -31.43 11.41
C LEU I 296 38.56 -30.09 12.08
N HIS I 297 39.12 -29.92 13.28
CA HIS I 297 38.95 -28.72 14.10
C HIS I 297 40.20 -27.85 13.97
N GLU I 298 40.02 -26.55 13.79
CA GLU I 298 41.15 -25.66 13.49
C GLU I 298 42.15 -25.63 14.65
N LYS I 299 41.61 -25.73 15.87
CA LYS I 299 42.40 -25.82 17.11
C LYS I 299 42.86 -27.22 17.47
N TYR I 300 41.97 -28.20 17.36
CA TYR I 300 42.25 -29.55 17.83
C TYR I 300 42.72 -30.57 16.79
N GLY I 301 42.86 -30.17 15.52
CA GLY I 301 43.15 -31.10 14.42
C GLY I 301 42.12 -32.21 14.24
N GLY I 302 42.59 -33.43 13.98
CA GLY I 302 41.71 -34.58 13.81
C GLY I 302 40.86 -34.92 15.01
N LEU I 303 39.64 -35.36 14.77
CA LEU I 303 38.68 -35.57 15.85
C LEU I 303 37.74 -36.71 15.43
N ASN I 304 37.30 -37.50 16.40
CA ASN I 304 36.27 -38.51 16.10
C ASN I 304 35.00 -38.23 16.89
N LYS I 305 33.84 -38.41 16.26
CA LYS I 305 32.62 -37.96 16.93
C LYS I 305 32.18 -38.98 17.97
N SER I 306 32.13 -38.53 19.22
CA SER I 306 31.89 -39.40 20.36
C SER I 306 30.54 -39.14 21.02
N LYS I 307 30.46 -38.04 21.74
CA LYS I 307 29.21 -37.53 22.26
C LYS I 307 28.70 -36.46 21.29
N PRO I 308 27.37 -36.15 21.33
CA PRO I 308 26.78 -35.12 20.45
C PRO I 308 27.42 -33.73 20.58
N TYR I 309 27.79 -33.32 21.79
CA TYR I 309 28.38 -32.00 21.99
C TYR I 309 29.74 -32.03 22.69
N TYR I 310 30.49 -30.92 22.57
CA TYR I 310 31.77 -30.78 23.26
C TYR I 310 32.00 -29.42 23.94
N THR I 311 32.77 -29.41 25.03
CA THR I 311 33.20 -28.17 25.69
C THR I 311 34.63 -27.91 25.32
N GLY I 312 35.01 -26.65 25.19
CA GLY I 312 36.40 -26.36 24.89
C GLY I 312 36.61 -25.13 24.06
N GLU I 313 37.78 -24.99 23.46
CA GLU I 313 38.08 -23.86 22.60
C GLU I 313 37.27 -24.05 21.33
N HIS I 314 36.51 -23.03 20.93
CA HIS I 314 35.71 -23.11 19.71
C HIS I 314 36.47 -22.47 18.55
N ALA I 315 36.51 -23.18 17.41
CA ALA I 315 36.91 -22.57 16.15
C ALA I 315 36.25 -23.23 14.94
N LYS I 316 36.68 -22.81 13.76
CA LYS I 316 36.16 -23.33 12.52
C LYS I 316 36.42 -24.82 12.44
N ALA I 317 35.41 -25.62 12.08
CA ALA I 317 35.62 -27.06 11.95
C ALA I 317 34.80 -27.67 10.86
N ILE I 318 35.38 -28.59 10.06
CA ILE I 318 34.60 -29.26 9.01
C ILE I 318 34.45 -30.76 9.19
N GLY I 319 33.38 -31.32 8.62
CA GLY I 319 33.12 -32.74 8.77
C GLY I 319 32.04 -33.08 9.78
N ASN I 320 31.95 -34.35 10.13
CA ASN I 320 30.95 -34.79 11.08
C ASN I 320 31.50 -34.41 12.42
N CYS I 321 30.84 -33.47 13.08
CA CYS I 321 31.42 -32.85 14.26
C CYS I 321 30.46 -32.92 15.41
N PRO I 322 31.01 -32.87 16.63
CA PRO I 322 30.17 -32.58 17.79
C PRO I 322 29.91 -31.07 17.80
N ILE I 323 28.83 -30.65 18.46
CA ILE I 323 28.48 -29.23 18.54
C ILE I 323 29.10 -28.60 19.80
N TRP I 324 29.60 -27.37 19.65
CA TRP I 324 30.18 -26.65 20.77
C TRP I 324 29.12 -26.15 21.76
N VAL I 325 29.41 -26.31 23.05
CA VAL I 325 28.49 -25.87 24.10
C VAL I 325 29.26 -25.07 25.18
N LYS I 326 28.58 -24.08 25.76
CA LYS I 326 29.13 -23.25 26.85
C LYS I 326 29.60 -24.06 28.07
N THR I 327 28.74 -24.98 28.52
CA THR I 327 28.95 -25.72 29.75
C THR I 327 28.80 -27.22 29.48
N PRO I 328 29.55 -28.07 30.21
CA PRO I 328 29.32 -29.51 30.11
C PRO I 328 27.92 -29.89 30.62
N LEU I 329 27.14 -30.58 29.79
CA LEU I 329 25.73 -30.78 30.10
C LEU I 329 25.42 -32.23 30.41
N LYS I 330 24.49 -32.43 31.32
CA LYS I 330 24.14 -33.78 31.75
C LYS I 330 22.66 -34.02 31.53
N LEU I 331 22.33 -35.16 30.94
CA LEU I 331 20.93 -35.60 30.91
C LEU I 331 20.68 -36.46 32.14
N ALA I 332 19.53 -36.30 32.78
CA ALA I 332 19.31 -37.02 34.02
C ALA I 332 18.93 -38.48 33.78
N ASN I 333 19.70 -39.44 34.33
CA ASN I 333 19.39 -40.88 34.27
C ASN I 333 19.23 -41.47 35.68
N GLY I 334 18.05 -41.33 36.30
CA GLY I 334 17.92 -41.56 37.73
C GLY I 334 16.73 -40.93 38.42
N THR I 335 16.82 -40.78 39.74
CA THR I 335 15.75 -40.19 40.54
C THR I 335 16.25 -38.98 41.34
N LYS I 336 15.34 -38.17 41.84
CA LYS I 336 15.70 -37.06 42.72
C LYS I 336 16.25 -37.63 44.02
N TYR I 337 17.21 -36.93 44.62
CA TYR I 337 17.80 -37.39 45.87
C TYR I 337 16.74 -37.44 46.98
N ARG I 338 16.63 -38.61 47.60
CA ARG I 338 15.69 -38.82 48.68
C ARG I 338 16.40 -39.22 49.96
N PRO I 339 16.29 -38.41 51.03
CA PRO I 339 16.84 -38.82 52.32
C PRO I 339 16.07 -40.01 52.93
N PRO I 340 16.80 -41.01 53.46
CA PRO I 340 16.18 -42.23 54.01
C PRO I 340 15.28 -41.95 55.21
N ALA I 341 14.28 -42.79 55.45
CA ALA I 341 13.39 -42.62 56.59
C ALA I 341 12.89 -43.95 57.18
N GLY J 1 7.93 -33.94 43.60
CA GLY J 1 7.38 -32.73 43.03
C GLY J 1 6.39 -32.05 43.96
N PHE J 2 5.58 -31.17 43.40
CA PHE J 2 4.55 -30.50 44.17
C PHE J 2 3.48 -31.48 44.63
N PHE J 3 3.22 -32.47 43.78
CA PHE J 3 2.16 -33.45 44.05
C PHE J 3 2.45 -34.24 45.31
N GLY J 4 3.66 -34.77 45.41
CA GLY J 4 4.07 -35.55 46.57
C GLY J 4 3.99 -34.75 47.85
N ALA J 5 4.37 -33.48 47.77
CA ALA J 5 4.34 -32.60 48.94
C ALA J 5 2.90 -32.30 49.39
N ILE J 6 2.02 -32.04 48.44
CA ILE J 6 0.63 -31.73 48.75
C ILE J 6 -0.15 -32.94 49.27
N ALA J 7 -0.13 -34.01 48.49
CA ALA J 7 -1.01 -35.16 48.72
C ALA J 7 -0.66 -35.96 49.95
N GLY J 8 0.55 -35.77 50.45
CA GLY J 8 0.99 -36.47 51.64
C GLY J 8 1.82 -37.71 51.35
N PHE J 9 2.18 -37.89 50.09
CA PHE J 9 3.08 -38.97 49.69
C PHE J 9 4.38 -38.81 50.44
N LEU J 10 5.04 -39.92 50.74
CA LEU J 10 6.18 -39.89 51.63
C LEU J 10 7.30 -38.97 51.16
N GLU J 11 7.68 -38.04 52.03
CA GLU J 11 8.79 -37.15 51.79
C GLU J 11 10.05 -37.95 52.06
N GLY J 12 10.88 -38.10 51.04
CA GLY J 12 12.10 -38.90 51.18
C GLY J 12 11.81 -40.37 50.92
N GLY J 13 12.81 -41.08 50.41
CA GLY J 13 12.68 -42.47 50.04
C GLY J 13 13.42 -43.45 50.95
N TRP J 14 13.33 -44.73 50.60
CA TRP J 14 14.00 -45.79 51.34
C TRP J 14 15.24 -46.23 50.59
N GLU J 15 16.34 -46.42 51.31
CA GLU J 15 17.60 -46.81 50.69
C GLU J 15 17.75 -48.33 50.60
N GLY J 16 16.70 -49.02 51.01
CA GLY J 16 16.70 -50.47 51.00
C GLY J 16 16.67 -51.10 49.62
N MET J 17 16.12 -50.38 48.64
CA MET J 17 15.96 -50.95 47.30
C MET J 17 17.03 -50.44 46.33
N ILE J 18 17.98 -51.31 46.00
CA ILE J 18 18.96 -51.00 44.98
C ILE J 18 18.50 -51.66 43.68
N ALA J 19 17.39 -52.40 43.78
CA ALA J 19 16.89 -53.20 42.68
C ALA J 19 16.33 -52.34 41.54
N GLY J 20 15.62 -51.27 41.91
CA GLY J 20 15.00 -50.39 40.93
C GLY J 20 14.84 -48.97 41.43
N TRP J 21 14.25 -48.11 40.61
CA TRP J 21 14.01 -46.72 41.01
C TRP J 21 12.75 -46.49 41.85
N HIS J 22 11.71 -47.30 41.63
CA HIS J 22 10.45 -47.14 42.35
C HIS J 22 9.91 -48.48 42.87
N GLY J 23 9.20 -48.46 43.99
CA GLY J 23 8.76 -49.70 44.61
C GLY J 23 7.66 -49.60 45.65
N TYR J 24 7.47 -50.68 46.41
CA TYR J 24 6.41 -50.78 47.41
C TYR J 24 6.94 -51.15 48.81
N THR J 25 6.21 -50.73 49.85
CA THR J 25 6.65 -50.95 51.23
C THR J 25 5.58 -51.59 52.13
N SER J 26 6.01 -52.47 53.04
CA SER J 26 5.11 -53.16 53.97
C SER J 26 5.41 -52.79 55.42
N HIS J 27 4.37 -52.52 56.19
CA HIS J 27 4.49 -52.14 57.59
C HIS J 27 3.75 -53.13 58.49
N GLY J 28 4.10 -53.14 59.78
CA GLY J 28 3.43 -53.99 60.75
C GLY J 28 4.36 -54.42 61.87
N ALA J 29 3.92 -55.41 62.66
CA ALA J 29 4.73 -55.93 63.75
C ALA J 29 5.71 -56.98 63.23
N HIS J 30 5.70 -57.19 61.92
CA HIS J 30 6.63 -58.09 61.27
C HIS J 30 7.89 -57.34 60.81
N GLY J 31 7.97 -56.06 61.15
CA GLY J 31 9.05 -55.21 60.68
C GLY J 31 8.64 -54.39 59.47
N VAL J 32 9.61 -53.88 58.72
CA VAL J 32 9.34 -53.07 57.53
C VAL J 32 9.95 -53.70 56.26
N ALA J 33 9.10 -54.15 55.36
CA ALA J 33 9.55 -54.81 54.12
C ALA J 33 9.65 -53.82 52.97
N VAL J 34 10.62 -54.02 52.09
CA VAL J 34 10.82 -53.13 50.95
C VAL J 34 11.03 -53.93 49.65
N ALA J 35 10.33 -53.55 48.59
CA ALA J 35 10.50 -54.20 47.29
C ALA J 35 10.50 -53.20 46.13
N ALA J 36 11.01 -53.63 44.97
CA ALA J 36 11.11 -52.74 43.81
C ALA J 36 10.32 -53.25 42.61
N ASP J 37 9.87 -52.33 41.76
CA ASP J 37 9.15 -52.69 40.53
C ASP J 37 10.00 -52.40 39.28
N LEU J 38 10.29 -53.46 38.52
CA LEU J 38 11.20 -53.35 37.39
C LEU J 38 10.59 -52.71 36.13
N LYS J 39 9.29 -52.91 35.89
CA LYS J 39 8.68 -52.35 34.69
C LYS J 39 8.65 -50.82 34.73
N SER J 40 8.40 -50.26 35.91
CA SER J 40 8.43 -48.81 36.08
C SER J 40 9.81 -48.26 35.78
N THR J 41 10.80 -48.88 36.38
CA THR J 41 12.18 -48.49 36.17
C THR J 41 12.58 -48.61 34.70
N GLN J 42 12.24 -49.75 34.08
CA GLN J 42 12.55 -49.98 32.68
C GLN J 42 11.92 -48.90 31.80
N GLU J 43 10.66 -48.58 32.07
CA GLU J 43 9.94 -47.54 31.35
C GLU J 43 10.66 -46.20 31.46
N ALA J 44 11.04 -45.84 32.68
CA ALA J 44 11.82 -44.62 32.92
C ALA J 44 13.12 -44.60 32.10
N ILE J 45 13.85 -45.70 32.15
CA ILE J 45 15.08 -45.85 31.37
C ILE J 45 14.84 -45.65 29.87
N ASN J 46 13.71 -46.13 29.36
CA ASN J 46 13.36 -45.96 27.95
C ASN J 46 13.03 -44.53 27.58
N LYS J 47 12.24 -43.87 28.44
CA LYS J 47 11.95 -42.45 28.26
C LYS J 47 13.28 -41.75 28.07
N ILE J 48 14.17 -41.95 29.03
CA ILE J 48 15.48 -41.29 29.01
C ILE J 48 16.33 -41.60 27.77
N THR J 49 16.49 -42.88 27.43
CA THR J 49 17.34 -43.24 26.30
C THR J 49 16.79 -42.64 24.98
N LYS J 50 15.48 -42.77 24.78
CA LYS J 50 14.86 -42.22 23.57
C LYS J 50 15.08 -40.70 23.52
N ASN J 51 14.90 -40.08 24.68
CA ASN J 51 15.15 -38.65 24.85
C ASN J 51 16.55 -38.29 24.34
N LEU J 52 17.52 -39.08 24.78
CA LEU J 52 18.91 -38.89 24.39
C LEU J 52 19.12 -38.98 22.89
N ASN J 53 18.53 -40.00 22.27
CA ASN J 53 18.64 -40.12 20.80
C ASN J 53 18.10 -38.88 20.12
N SER J 54 16.96 -38.39 20.62
CA SER J 54 16.35 -37.16 20.12
C SER J 54 17.32 -35.98 20.21
N LEU J 55 18.03 -35.88 21.33
CA LEU J 55 19.06 -34.84 21.49
C LEU J 55 20.25 -35.02 20.58
N SER J 56 20.54 -36.27 20.26
CA SER J 56 21.76 -36.62 19.54
C SER J 56 21.61 -36.50 18.03
N GLU J 57 20.39 -36.43 17.56
CA GLU J 57 20.16 -36.33 16.12
C GLU J 57 20.15 -34.88 15.58
N LEU J 58 20.44 -33.90 16.45
CA LEU J 58 20.54 -32.50 16.05
C LEU J 58 21.70 -32.30 15.05
N GLU J 59 21.46 -31.62 13.94
CA GLU J 59 22.55 -31.34 13.00
C GLU J 59 22.68 -29.87 12.58
N VAL J 60 23.92 -29.40 12.48
CA VAL J 60 24.21 -27.98 12.22
C VAL J 60 25.35 -27.77 11.21
N LYS J 61 25.25 -26.69 10.44
CA LYS J 61 26.17 -26.38 9.34
C LYS J 61 27.59 -26.11 9.79
N ASN J 62 28.53 -26.16 8.87
CA ASN J 62 29.91 -26.34 9.30
C ASN J 62 30.78 -25.17 9.84
N LEU J 63 30.64 -23.94 9.36
CA LEU J 63 31.57 -22.85 9.81
C LEU J 63 33.08 -23.04 9.52
N GLN J 64 33.49 -22.90 8.27
CA GLN J 64 34.89 -22.94 7.88
C GLN J 64 35.34 -21.58 7.35
N ARG J 65 36.60 -21.43 6.99
CA ARG J 65 37.15 -20.18 6.50
C ARG J 65 36.49 -19.93 5.18
N LEU J 66 36.16 -18.67 4.89
CA LEU J 66 35.55 -18.36 3.59
C LEU J 66 36.66 -18.25 2.55
N SER J 67 36.34 -18.60 1.31
CA SER J 67 37.34 -18.92 0.29
C SER J 67 37.94 -17.75 -0.50
N GLY J 68 37.30 -16.59 -0.44
CA GLY J 68 37.84 -15.39 -1.07
C GLY J 68 38.53 -14.43 -0.11
N ALA J 69 38.57 -14.86 1.16
CA ALA J 69 39.06 -14.10 2.34
C ALA J 69 40.39 -13.35 2.14
N MET J 70 41.50 -14.08 2.07
CA MET J 70 42.85 -13.43 1.99
C MET J 70 43.41 -12.62 3.21
N ASP J 71 44.01 -13.32 4.17
CA ASP J 71 44.45 -12.75 5.45
C ASP J 71 45.11 -11.38 5.35
N GLU J 72 45.97 -11.22 4.36
CA GLU J 72 46.75 -9.99 4.27
C GLU J 72 45.89 -8.79 3.84
N LEU J 73 45.11 -9.03 2.80
CA LEU J 73 44.31 -8.01 2.10
C LEU J 73 43.09 -7.56 2.86
N HIS J 74 42.14 -8.49 3.06
CA HIS J 74 40.87 -8.08 3.63
C HIS J 74 40.73 -8.56 5.06
N ASN J 75 41.12 -7.70 5.99
CA ASN J 75 41.11 -8.07 7.38
C ASN J 75 39.77 -7.81 7.97
N GLU J 76 39.18 -6.72 7.51
CA GLU J 76 37.95 -6.21 8.09
C GLU J 76 36.81 -7.20 7.81
N ILE J 77 36.73 -7.63 6.55
CA ILE J 77 35.78 -8.65 6.14
C ILE J 77 35.97 -9.88 7.01
N LEU J 78 37.25 -10.22 7.16
CA LEU J 78 37.68 -11.34 7.99
C LEU J 78 37.25 -11.23 9.50
N GLU J 79 37.29 -10.01 10.01
CA GLU J 79 36.91 -9.72 11.39
C GLU J 79 35.46 -10.01 11.52
N LEU J 80 34.71 -9.59 10.50
CA LEU J 80 33.28 -9.80 10.49
C LEU J 80 32.96 -11.28 10.39
N ASP J 81 33.73 -12.03 9.59
CA ASP J 81 33.60 -13.50 9.52
C ASP J 81 33.67 -14.08 10.95
N GLU J 82 34.78 -13.75 11.62
CA GLU J 82 35.00 -14.15 13.00
C GLU J 82 33.76 -13.86 13.84
N LYS J 83 33.24 -12.64 13.65
CA LYS J 83 32.04 -12.21 14.36
C LYS J 83 30.88 -13.16 14.17
N VAL J 84 30.63 -13.51 12.89
CA VAL J 84 29.47 -14.32 12.57
C VAL J 84 29.63 -15.72 13.13
N ASP J 85 30.86 -16.24 13.11
CA ASP J 85 31.13 -17.54 13.68
C ASP J 85 30.78 -17.54 15.16
N ASP J 86 31.35 -16.58 15.90
CA ASP J 86 31.17 -16.52 17.36
C ASP J 86 29.69 -16.43 17.72
N LEU J 87 29.03 -15.48 17.07
CA LEU J 87 27.57 -15.32 17.20
C LEU J 87 26.79 -16.62 16.99
N ARG J 88 27.16 -17.36 15.94
CA ARG J 88 26.53 -18.64 15.67
C ARG J 88 26.68 -19.59 16.84
N ALA J 89 27.92 -19.81 17.25
CA ALA J 89 28.18 -20.83 18.27
C ALA J 89 27.39 -20.48 19.53
N ASP J 90 27.33 -19.19 19.85
CA ASP J 90 26.62 -18.74 21.03
C ASP J 90 25.16 -19.12 20.96
N THR J 91 24.49 -18.63 19.91
CA THR J 91 23.04 -18.85 19.76
C THR J 91 22.67 -20.32 19.84
N ILE J 92 23.34 -21.12 19.00
CA ILE J 92 23.09 -22.55 18.92
C ILE J 92 23.27 -23.22 20.29
N SER J 93 24.29 -22.77 21.03
CA SER J 93 24.53 -23.25 22.38
C SER J 93 23.33 -22.99 23.28
N SER J 94 22.86 -21.76 23.28
CA SER J 94 21.68 -21.41 24.08
C SER J 94 20.52 -22.34 23.78
N GLN J 95 20.25 -22.52 22.49
CA GLN J 95 19.16 -23.38 22.03
C GLN J 95 19.26 -24.80 22.61
N ILE J 96 20.44 -25.39 22.45
CA ILE J 96 20.71 -26.69 23.02
C ILE J 96 20.45 -26.75 24.54
N GLU J 97 21.01 -25.78 25.27
CA GLU J 97 20.82 -25.71 26.72
C GLU J 97 19.35 -25.77 27.05
N LEU J 98 18.57 -25.00 26.31
CA LEU J 98 17.11 -25.03 26.47
C LEU J 98 16.53 -26.43 26.29
N ALA J 99 16.82 -27.03 25.14
CA ALA J 99 16.32 -28.38 24.85
C ALA J 99 16.59 -29.35 26.00
N VAL J 100 17.82 -29.31 26.50
CA VAL J 100 18.20 -30.16 27.62
C VAL J 100 17.36 -29.83 28.86
N LEU J 101 17.31 -28.55 29.23
CA LEU J 101 16.59 -28.08 30.41
C LEU J 101 15.15 -28.60 30.43
N LEU J 102 14.47 -28.40 29.32
CA LEU J 102 13.13 -28.93 29.14
C LEU J 102 13.07 -30.44 29.36
N SER J 103 13.99 -31.14 28.70
CA SER J 103 14.06 -32.60 28.79
C SER J 103 14.18 -33.12 30.24
N ASN J 104 15.10 -32.51 30.99
CA ASN J 104 15.32 -32.84 32.39
C ASN J 104 14.09 -32.54 33.24
N GLU J 105 13.47 -31.41 32.96
CA GLU J 105 12.21 -31.05 33.62
C GLU J 105 11.19 -32.17 33.48
N GLY J 106 11.01 -32.65 32.26
CA GLY J 106 10.12 -33.78 32.01
C GLY J 106 10.49 -35.01 32.82
N ILE J 107 11.75 -35.43 32.69
CA ILE J 107 12.26 -36.61 33.41
C ILE J 107 12.02 -36.60 34.91
N ILE J 108 12.25 -35.45 35.54
CA ILE J 108 12.06 -35.33 36.99
C ILE J 108 10.58 -35.15 37.43
N ASN J 109 9.82 -34.35 36.69
CA ASN J 109 8.41 -34.19 37.05
C ASN J 109 7.61 -35.48 36.89
N SER J 110 7.97 -36.30 35.89
CA SER J 110 7.25 -37.54 35.63
C SER J 110 7.29 -38.56 36.79
N GLU J 111 8.24 -38.37 37.70
CA GLU J 111 8.52 -39.38 38.73
C GLU J 111 7.39 -39.52 39.76
N ASP J 112 6.65 -38.45 40.01
CA ASP J 112 5.49 -38.54 40.89
C ASP J 112 4.41 -39.36 40.21
N GLU J 113 4.23 -39.09 38.93
CA GLU J 113 3.22 -39.78 38.13
C GLU J 113 3.50 -41.29 38.04
N HIS J 114 4.77 -41.67 37.94
CA HIS J 114 5.15 -43.09 38.02
C HIS J 114 4.53 -43.75 39.25
N LEU J 115 4.78 -43.13 40.40
CA LEU J 115 4.26 -43.58 41.69
C LEU J 115 2.74 -43.68 41.64
N LEU J 116 2.13 -42.69 41.00
CA LEU J 116 0.68 -42.63 40.86
C LEU J 116 0.12 -43.80 40.03
N ALA J 117 0.93 -44.33 39.11
CA ALA J 117 0.55 -45.51 38.33
C ALA J 117 0.76 -46.80 39.12
N LEU J 118 1.89 -46.85 39.83
CA LEU J 118 2.19 -47.97 40.73
C LEU J 118 1.04 -48.18 41.71
N GLU J 119 0.47 -47.08 42.18
CA GLU J 119 -0.72 -47.11 43.02
C GLU J 119 -1.85 -47.93 42.40
N ARG J 120 -2.14 -47.64 41.13
CA ARG J 120 -3.22 -48.30 40.41
C ARG J 120 -2.92 -49.78 40.15
N LYS J 121 -1.64 -50.12 39.93
CA LYS J 121 -1.29 -51.53 39.75
C LYS J 121 -1.44 -52.33 41.05
N LEU J 122 -1.13 -51.69 42.17
CA LEU J 122 -1.28 -52.32 43.48
C LEU J 122 -2.75 -52.54 43.82
N LYS J 123 -3.56 -51.51 43.56
CA LYS J 123 -4.99 -51.59 43.80
C LYS J 123 -5.59 -52.75 43.04
N LYS J 124 -5.02 -53.02 41.86
CA LYS J 124 -5.50 -54.08 40.98
C LYS J 124 -5.57 -55.42 41.70
N MET J 125 -4.47 -55.85 42.31
CA MET J 125 -4.54 -57.11 43.01
C MET J 125 -4.68 -56.82 44.50
N LEU J 126 -5.94 -56.71 44.91
CA LEU J 126 -6.34 -56.76 46.30
C LEU J 126 -7.70 -57.44 46.43
N GLY J 127 -8.67 -56.79 45.82
CA GLY J 127 -10.08 -56.99 46.10
C GLY J 127 -10.45 -55.78 46.92
N PRO J 128 -11.74 -55.62 47.27
CA PRO J 128 -12.02 -54.53 48.20
C PRO J 128 -11.71 -54.97 49.64
N SER J 129 -10.54 -55.56 49.83
CA SER J 129 -10.09 -56.03 51.13
C SER J 129 -9.29 -54.93 51.78
N ALA J 130 -9.00 -53.90 51.00
CA ALA J 130 -8.26 -52.75 51.47
C ALA J 130 -8.96 -51.47 51.03
N VAL J 131 -8.79 -50.42 51.82
CA VAL J 131 -9.41 -49.14 51.51
C VAL J 131 -8.37 -48.19 50.91
N GLU J 132 -8.79 -47.36 49.97
CA GLU J 132 -7.90 -46.36 49.41
C GLU J 132 -7.72 -45.26 50.42
N ILE J 133 -6.48 -45.07 50.86
CA ILE J 133 -6.15 -44.03 51.83
C ILE J 133 -5.99 -42.67 51.15
N GLY J 134 -5.52 -42.70 49.90
CA GLY J 134 -5.26 -41.47 49.17
C GLY J 134 -3.84 -41.01 49.41
N ASN J 135 -3.20 -41.62 50.39
CA ASN J 135 -1.82 -41.33 50.74
C ASN J 135 -0.90 -42.10 49.80
N GLY J 136 -1.51 -42.85 48.89
CA GLY J 136 -0.78 -43.76 48.04
C GLY J 136 -0.67 -45.09 48.77
N CYS J 137 -1.49 -45.23 49.80
CA CYS J 137 -1.44 -46.40 50.68
C CYS J 137 -2.78 -47.11 50.76
N PHE J 138 -2.73 -48.36 51.24
CA PHE J 138 -3.93 -49.13 51.48
C PHE J 138 -3.79 -49.82 52.83
N GLU J 139 -4.91 -50.21 53.43
CA GLU J 139 -4.88 -50.99 54.66
C GLU J 139 -5.43 -52.39 54.39
N THR J 140 -4.53 -53.38 54.38
CA THR J 140 -4.92 -54.76 54.14
C THR J 140 -5.32 -55.46 55.44
N LYS J 141 -6.31 -56.34 55.34
CA LYS J 141 -6.86 -57.02 56.51
C LYS J 141 -5.91 -58.10 57.07
N HIS J 142 -4.97 -58.54 56.23
CA HIS J 142 -3.97 -59.53 56.64
C HIS J 142 -2.61 -58.86 56.83
N LYS J 143 -1.61 -59.67 57.17
CA LYS J 143 -0.24 -59.16 57.30
C LYS J 143 0.64 -59.60 56.12
N CYS J 144 1.57 -58.74 55.72
CA CYS J 144 2.40 -59.05 54.56
C CYS J 144 3.89 -58.93 54.86
N ASN J 145 4.54 -60.11 54.76
CA ASN J 145 5.99 -60.17 54.95
C ASN J 145 6.72 -60.06 53.60
N GLN J 146 8.07 -60.16 53.68
CA GLN J 146 8.91 -59.92 52.51
C GLN J 146 8.57 -60.84 51.32
N THR J 147 8.45 -62.14 51.60
CA THR J 147 8.13 -63.11 50.56
C THR J 147 6.77 -62.82 49.94
N CYS J 148 5.87 -62.31 50.77
CA CYS J 148 4.53 -61.92 50.32
C CYS J 148 4.59 -60.71 49.41
N LEU J 149 5.52 -59.81 49.68
CA LEU J 149 5.66 -58.55 48.93
C LEU J 149 6.36 -58.75 47.59
N ASP J 150 7.36 -59.63 47.55
CA ASP J 150 8.04 -59.95 46.30
C ASP J 150 7.08 -60.52 45.25
N ARG J 151 6.03 -61.19 45.72
CA ARG J 151 5.01 -61.76 44.85
C ARG J 151 4.07 -60.69 44.27
N ILE J 152 3.91 -59.57 44.98
CA ILE J 152 3.15 -58.44 44.45
C ILE J 152 4.01 -57.64 43.47
N ALA J 153 5.31 -57.54 43.79
CA ALA J 153 6.27 -56.90 42.90
C ALA J 153 6.37 -57.65 41.58
N ALA J 154 6.33 -58.97 41.65
CA ALA J 154 6.36 -59.82 40.46
C ALA J 154 5.01 -59.84 39.74
N GLY J 155 3.98 -59.33 40.41
CA GLY J 155 2.64 -59.27 39.85
C GLY J 155 1.90 -60.60 39.96
N THR J 156 2.50 -61.54 40.69
CA THR J 156 1.94 -62.88 40.84
C THR J 156 1.00 -62.99 42.04
N PHE J 157 0.75 -61.87 42.71
CA PHE J 157 -0.08 -61.89 43.89
C PHE J 157 -1.57 -61.93 43.54
N ASP J 158 -2.22 -63.00 43.97
CA ASP J 158 -3.66 -63.09 43.96
C ASP J 158 -4.02 -63.80 45.25
N ALA J 159 -4.82 -63.16 46.10
CA ALA J 159 -5.09 -63.79 47.39
C ALA J 159 -6.45 -64.47 47.48
N GLY J 160 -6.41 -65.80 47.34
CA GLY J 160 -7.41 -66.67 47.91
C GLY J 160 -6.68 -67.38 49.04
N GLU J 161 -5.36 -67.21 49.06
CA GLU J 161 -4.46 -67.78 50.06
C GLU J 161 -4.75 -67.16 51.42
N PHE J 162 -4.66 -65.84 51.49
CA PHE J 162 -5.38 -65.09 52.51
C PHE J 162 -6.73 -64.96 51.83
N SER J 163 -7.80 -65.53 52.40
CA SER J 163 -9.02 -65.64 51.61
C SER J 163 -9.87 -64.40 51.82
N LEU J 164 -9.91 -63.58 50.77
CA LEU J 164 -10.59 -62.31 50.73
C LEU J 164 -11.06 -62.13 49.27
N PRO J 165 -12.09 -61.30 49.04
CA PRO J 165 -12.69 -61.17 47.71
C PRO J 165 -11.66 -60.92 46.61
N THR J 166 -11.78 -61.66 45.51
CA THR J 166 -10.82 -61.57 44.41
C THR J 166 -11.37 -60.75 43.26
N PHE J 167 -10.50 -59.93 42.66
CA PHE J 167 -10.85 -59.28 41.41
C PHE J 167 -10.51 -60.26 40.29
N ASP J 168 -11.53 -60.68 39.56
CA ASP J 168 -11.40 -61.76 38.59
C ASP J 168 -10.63 -61.33 37.34
N SER J 169 -9.98 -62.28 36.70
CA SER J 169 -9.15 -62.01 35.53
C SER J 169 -9.61 -62.79 34.30
N ASP K 1 -20.74 -58.16 34.97
CA ASP K 1 -20.31 -57.51 33.75
C ASP K 1 -19.27 -56.41 34.04
N ARG K 2 -18.28 -56.30 33.17
CA ARG K 2 -17.17 -55.37 33.36
C ARG K 2 -17.18 -54.24 32.33
N ILE K 3 -16.94 -53.01 32.80
CA ILE K 3 -16.90 -51.84 31.93
C ILE K 3 -15.56 -51.08 32.01
N CYS K 4 -14.83 -51.03 30.90
CA CYS K 4 -13.49 -50.44 30.86
C CYS K 4 -13.38 -49.20 29.97
N THR K 5 -12.18 -48.62 29.94
CA THR K 5 -11.86 -47.48 29.07
C THR K 5 -10.89 -47.92 27.98
N GLY K 6 -11.04 -47.37 26.78
CA GLY K 6 -10.17 -47.70 25.66
C GLY K 6 -10.06 -46.64 24.58
N ILE K 7 -9.04 -46.76 23.73
CA ILE K 7 -8.84 -45.84 22.61
C ILE K 7 -8.97 -46.55 21.24
N THR K 8 -8.88 -45.78 20.15
CA THR K 8 -9.18 -46.30 18.81
C THR K 8 -8.04 -47.11 18.20
N SER K 9 -8.40 -48.03 17.31
CA SER K 9 -7.48 -48.69 16.40
C SER K 9 -7.91 -48.41 14.96
N SER K 10 -6.96 -48.04 14.10
CA SER K 10 -7.25 -47.78 12.70
C SER K 10 -5.96 -47.74 11.88
N ASN K 11 -6.11 -47.54 10.57
CA ASN K 11 -4.96 -47.42 9.66
C ASN K 11 -4.10 -46.22 10.06
N SER K 12 -2.81 -46.46 10.24
CA SER K 12 -1.92 -45.42 10.74
C SER K 12 -0.63 -45.27 9.92
N PRO K 13 -0.76 -44.77 8.67
CA PRO K 13 0.35 -44.61 7.74
C PRO K 13 1.32 -43.46 8.06
N HIS K 14 0.85 -42.42 8.74
CA HIS K 14 1.65 -41.22 8.96
C HIS K 14 2.61 -41.35 10.14
N VAL K 15 3.84 -40.88 9.97
CA VAL K 15 4.84 -41.01 11.02
C VAL K 15 5.21 -39.65 11.67
N VAL K 16 5.37 -39.65 12.99
CA VAL K 16 5.78 -38.42 13.71
C VAL K 16 6.89 -38.66 14.77
N LYS K 17 7.66 -37.60 15.05
CA LYS K 17 8.82 -37.66 15.93
C LYS K 17 8.48 -37.15 17.33
N THR K 18 8.83 -37.94 18.33
CA THR K 18 8.60 -37.57 19.74
C THR K 18 9.85 -37.82 20.57
N ALA K 19 10.07 -36.98 21.59
CA ALA K 19 11.26 -37.07 22.42
C ALA K 19 11.29 -38.34 23.28
N THR K 20 10.16 -38.64 23.92
CA THR K 20 10.06 -39.79 24.80
C THR K 20 9.79 -41.17 24.12
N GLN K 21 8.91 -41.21 23.11
CA GLN K 21 8.48 -42.47 22.52
C GLN K 21 9.23 -42.86 21.26
N GLY K 22 10.15 -42.02 20.81
CA GLY K 22 10.80 -42.22 19.52
C GLY K 22 9.84 -41.96 18.39
N GLU K 23 10.16 -42.48 17.20
CA GLU K 23 9.35 -42.24 16.02
C GLU K 23 8.13 -43.15 16.00
N VAL K 24 6.92 -42.58 15.98
CA VAL K 24 5.68 -43.39 16.03
C VAL K 24 4.72 -43.24 14.83
N ASN K 25 4.00 -44.34 14.52
CA ASN K 25 2.92 -44.28 13.53
C ASN K 25 1.64 -43.76 14.19
N VAL K 26 0.87 -42.95 13.45
CA VAL K 26 -0.24 -42.17 14.00
C VAL K 26 -1.47 -42.08 13.07
N THR K 27 -2.67 -42.01 13.66
CA THR K 27 -3.94 -41.94 12.93
C THR K 27 -4.00 -40.90 11.81
N GLY K 28 -3.69 -39.65 12.14
CA GLY K 28 -3.70 -38.57 11.16
C GLY K 28 -2.67 -37.50 11.48
N VAL K 29 -2.41 -36.62 10.51
CA VAL K 29 -1.45 -35.54 10.70
C VAL K 29 -1.86 -34.26 9.97
N ILE K 30 -1.44 -33.13 10.52
CA ILE K 30 -1.59 -31.85 9.84
C ILE K 30 -0.23 -31.41 9.30
N PRO K 31 -0.06 -31.44 7.96
CA PRO K 31 1.24 -31.05 7.40
C PRO K 31 1.47 -29.54 7.51
N LEU K 32 2.67 -29.18 7.96
CA LEU K 32 3.07 -27.79 8.13
C LEU K 32 3.94 -27.29 6.97
N THR K 33 4.12 -28.15 5.97
CA THR K 33 5.12 -27.95 4.93
C THR K 33 4.53 -27.97 3.50
N THR K 34 5.29 -27.40 2.57
CA THR K 34 4.94 -27.34 1.15
C THR K 34 6.23 -27.28 0.40
N THR K 35 6.30 -27.86 -0.79
CA THR K 35 7.42 -27.54 -1.65
C THR K 35 6.88 -26.69 -2.79
N PRO K 36 7.15 -25.38 -2.76
CA PRO K 36 6.55 -24.47 -3.74
C PRO K 36 7.10 -24.70 -5.15
N THR K 37 6.42 -24.16 -6.17
CA THR K 37 6.80 -24.37 -7.57
C THR K 37 7.20 -23.09 -8.31
N LYS K 38 8.34 -23.18 -9.01
CA LYS K 38 8.96 -22.03 -9.67
C LYS K 38 7.95 -21.36 -10.58
N SER K 39 7.76 -20.06 -10.37
CA SER K 39 6.87 -19.26 -11.17
C SER K 39 7.58 -17.98 -11.58
N HIS K 40 6.88 -17.11 -12.29
CA HIS K 40 7.48 -15.87 -12.76
C HIS K 40 7.42 -14.85 -11.64
N PHE K 41 8.03 -13.69 -11.85
CA PHE K 41 8.09 -12.69 -10.79
C PHE K 41 6.88 -11.73 -10.81
N ALA K 42 6.45 -11.32 -9.62
CA ALA K 42 5.25 -10.51 -9.49
C ALA K 42 5.46 -9.20 -8.73
N ASN K 43 4.38 -8.49 -8.51
CA ASN K 43 4.44 -7.30 -7.68
C ASN K 43 4.23 -7.74 -6.24
N LEU K 44 5.02 -7.18 -5.36
CA LEU K 44 4.89 -7.52 -3.96
C LEU K 44 3.63 -6.86 -3.38
N LYS K 45 2.87 -7.61 -2.59
CA LYS K 45 1.57 -7.20 -2.10
C LYS K 45 1.52 -5.77 -1.58
N GLY K 46 2.09 -5.53 -0.41
CA GLY K 46 1.84 -4.26 0.25
C GLY K 46 2.58 -3.07 -0.32
N THR K 47 3.45 -3.33 -1.29
CA THR K 47 4.59 -2.46 -1.51
C THR K 47 4.91 -2.04 -2.97
N GLU K 48 5.54 -0.87 -3.12
CA GLU K 48 6.13 -0.48 -4.38
C GLU K 48 7.02 -1.61 -4.82
N THR K 49 7.10 -1.86 -6.13
CA THR K 49 8.15 -2.76 -6.63
C THR K 49 8.86 -2.21 -7.88
N ARG K 50 10.14 -1.87 -7.79
CA ARG K 50 10.84 -1.21 -8.88
C ARG K 50 11.53 -2.21 -9.79
N GLY K 51 11.06 -2.37 -11.02
CA GLY K 51 11.90 -3.12 -11.94
C GLY K 51 12.95 -2.33 -12.69
N LYS K 52 12.45 -1.36 -13.44
CA LYS K 52 13.22 -0.62 -14.43
C LYS K 52 13.42 0.73 -13.80
N LEU K 53 14.55 1.37 -14.07
CA LEU K 53 14.91 2.54 -13.27
C LEU K 53 13.87 3.58 -13.45
N CYS K 54 13.71 4.01 -14.70
CA CYS K 54 12.50 4.71 -15.07
C CYS K 54 11.80 3.92 -16.16
N PRO K 55 10.56 3.49 -15.90
CA PRO K 55 9.82 2.99 -17.07
C PRO K 55 9.44 4.25 -17.87
N LYS K 56 8.82 4.14 -19.05
CA LYS K 56 8.47 5.33 -19.82
C LYS K 56 9.67 6.08 -20.43
N CYS K 57 10.88 5.64 -20.13
CA CYS K 57 12.00 6.04 -20.97
C CYS K 57 12.21 4.78 -21.80
N LEU K 58 11.72 4.82 -23.03
CA LEU K 58 11.54 3.60 -23.82
C LEU K 58 12.71 3.41 -24.80
N ASN K 59 13.17 2.12 -24.98
CA ASN K 59 14.40 1.93 -25.77
C ASN K 59 15.64 2.47 -25.06
N CYS K 60 15.46 2.39 -23.75
CA CYS K 60 16.46 2.88 -22.81
C CYS K 60 16.61 1.79 -21.78
N THR K 61 17.87 1.39 -21.50
CA THR K 61 18.13 0.46 -20.41
C THR K 61 18.50 1.23 -19.15
N ASP K 62 18.63 0.54 -18.04
CA ASP K 62 18.90 1.24 -16.79
C ASP K 62 20.22 1.99 -16.87
N LEU K 63 21.21 1.36 -17.51
CA LEU K 63 22.51 1.99 -17.64
C LEU K 63 22.39 3.28 -18.45
N ASP K 64 21.55 3.25 -19.47
CA ASP K 64 21.35 4.41 -20.29
C ASP K 64 20.79 5.55 -19.49
N VAL K 65 19.76 5.27 -18.69
CA VAL K 65 19.12 6.27 -17.80
C VAL K 65 20.19 6.85 -16.87
N ALA K 66 20.92 5.95 -16.20
CA ALA K 66 21.99 6.26 -15.26
C ALA K 66 23.11 7.16 -15.82
N LEU K 67 23.58 6.86 -17.02
CA LEU K 67 24.56 7.70 -17.70
C LEU K 67 24.00 9.05 -18.21
N GLY K 68 22.67 9.17 -18.22
CA GLY K 68 22.03 10.36 -18.72
C GLY K 68 22.21 10.51 -20.22
N ARG K 69 21.95 9.44 -20.97
CA ARG K 69 21.96 9.46 -22.43
C ARG K 69 20.77 10.26 -22.94
N PRO K 70 21.00 11.19 -23.89
CA PRO K 70 19.96 12.09 -24.41
C PRO K 70 18.68 11.33 -24.76
N LYS K 71 17.54 11.91 -24.42
CA LYS K 71 16.21 11.30 -24.59
C LYS K 71 15.94 10.18 -23.58
N CYS K 72 16.94 9.72 -22.84
CA CYS K 72 16.59 8.93 -21.67
C CYS K 72 16.72 9.82 -20.44
N THR K 73 15.59 10.41 -20.06
CA THR K 73 15.43 11.11 -18.80
C THR K 73 13.98 11.12 -18.46
N GLY K 74 13.68 11.04 -17.17
CA GLY K 74 12.30 10.91 -16.76
C GLY K 74 12.21 10.75 -15.26
N LYS K 75 10.98 10.61 -14.77
CA LYS K 75 10.86 10.46 -13.35
C LYS K 75 11.23 9.05 -13.00
N ILE K 76 12.27 8.95 -12.17
CA ILE K 76 12.60 7.68 -11.57
C ILE K 76 11.87 7.71 -10.25
N PRO K 77 10.77 6.95 -10.16
CA PRO K 77 9.89 6.92 -9.00
C PRO K 77 10.59 6.17 -7.86
N SER K 78 9.96 6.09 -6.70
CA SER K 78 10.65 5.51 -5.56
C SER K 78 10.09 4.14 -5.13
N ALA K 79 10.93 3.29 -4.55
CA ALA K 79 10.47 1.96 -4.16
C ALA K 79 11.10 1.50 -2.86
N ARG K 80 10.33 0.80 -2.05
CA ARG K 80 10.84 0.18 -0.83
C ARG K 80 11.37 -1.21 -1.18
N VAL K 81 11.08 -1.65 -2.40
CA VAL K 81 11.59 -2.91 -2.96
C VAL K 81 12.05 -2.74 -4.40
N SER K 82 13.22 -3.23 -4.74
CA SER K 82 13.63 -3.19 -6.14
C SER K 82 14.10 -4.56 -6.58
N ILE K 83 14.02 -4.77 -7.89
CA ILE K 83 14.45 -6.03 -8.48
C ILE K 83 15.64 -5.80 -9.39
N LEU K 84 16.68 -6.63 -9.24
CA LEU K 84 17.89 -6.53 -10.01
C LEU K 84 17.80 -7.58 -11.11
N HIS K 85 17.46 -7.09 -12.31
CA HIS K 85 17.31 -7.93 -13.49
C HIS K 85 18.60 -8.11 -14.29
N GLU K 86 19.38 -7.04 -14.39
CA GLU K 86 20.61 -7.08 -15.18
C GLU K 86 21.89 -7.24 -14.32
N VAL K 87 22.49 -8.43 -14.39
CA VAL K 87 23.66 -8.68 -13.58
C VAL K 87 24.89 -8.06 -14.22
N ARG K 88 24.88 -7.91 -15.54
CA ARG K 88 25.90 -7.12 -16.19
C ARG K 88 25.23 -6.16 -17.13
N PRO K 89 24.77 -5.03 -16.60
CA PRO K 89 23.99 -4.04 -17.35
C PRO K 89 24.71 -3.47 -18.57
N VAL K 90 23.91 -2.96 -19.51
CA VAL K 90 24.31 -2.64 -20.87
C VAL K 90 23.77 -1.28 -21.39
N THR K 91 24.56 -0.57 -22.19
CA THR K 91 24.09 0.64 -22.87
C THR K 91 23.41 0.25 -24.16
N SER K 92 22.35 0.99 -24.51
CA SER K 92 21.57 0.78 -25.73
C SER K 92 21.98 1.77 -26.83
N GLY K 93 22.93 2.64 -26.53
CA GLY K 93 23.31 3.64 -27.51
C GLY K 93 24.29 4.71 -27.03
N CYS K 94 24.20 5.86 -27.67
CA CYS K 94 25.16 6.94 -27.57
C CYS K 94 26.59 6.58 -28.04
N PHE K 95 27.60 7.13 -27.36
CA PHE K 95 28.99 7.08 -27.82
C PHE K 95 29.64 5.81 -27.29
N PRO K 96 30.60 5.23 -28.04
CA PRO K 96 31.22 3.97 -27.61
C PRO K 96 32.01 4.07 -26.31
N ILE K 97 31.66 3.21 -25.36
CA ILE K 97 32.30 3.20 -24.05
C ILE K 97 33.09 1.89 -23.89
N MET K 98 34.31 1.93 -23.36
CA MET K 98 34.97 0.68 -23.06
C MET K 98 34.58 0.38 -21.62
N HIS K 99 33.61 -0.50 -21.46
CA HIS K 99 32.88 -0.57 -20.20
C HIS K 99 33.64 -1.28 -19.13
N ASP K 100 34.45 -2.24 -19.56
CA ASP K 100 35.00 -3.19 -18.64
C ASP K 100 36.28 -2.67 -17.97
N ARG K 101 36.69 -1.47 -18.37
CA ARG K 101 37.89 -0.87 -17.82
C ARG K 101 37.65 -0.12 -16.50
N THR K 102 36.40 -0.05 -16.06
CA THR K 102 36.03 0.61 -14.80
C THR K 102 34.79 -0.06 -14.21
N LYS K 103 34.35 0.43 -13.07
CA LYS K 103 33.26 -0.27 -12.41
C LYS K 103 31.89 0.13 -12.97
N ILE K 104 31.92 0.98 -14.01
CA ILE K 104 30.75 1.78 -14.47
C ILE K 104 29.43 0.98 -14.66
N ARG K 105 29.59 -0.22 -15.16
CA ARG K 105 28.47 -1.11 -15.38
C ARG K 105 27.55 -1.29 -14.19
N GLN K 106 28.05 -1.17 -12.97
CA GLN K 106 27.20 -1.46 -11.82
C GLN K 106 26.35 -0.27 -11.41
N LEU K 107 26.70 0.90 -11.94
CA LEU K 107 26.06 2.13 -11.49
C LEU K 107 24.54 2.03 -11.28
N PRO K 108 23.79 1.49 -12.26
CA PRO K 108 22.35 1.26 -12.12
C PRO K 108 21.97 0.38 -10.93
N ASN K 109 22.72 -0.71 -10.74
CA ASN K 109 22.44 -1.56 -9.60
C ASN K 109 22.76 -0.88 -8.28
N LEU K 110 23.69 0.07 -8.34
CA LEU K 110 23.97 0.84 -7.16
C LEU K 110 22.79 1.75 -6.89
N LEU K 111 22.36 2.51 -7.90
CA LEU K 111 21.23 3.45 -7.74
C LEU K 111 20.01 2.71 -7.20
N ARG K 112 19.76 1.55 -7.81
CA ARG K 112 18.67 0.67 -7.43
C ARG K 112 18.57 0.34 -5.94
N GLY K 113 19.70 0.35 -5.23
CA GLY K 113 19.74 -0.01 -3.82
C GLY K 113 19.02 0.97 -2.91
N TYR K 114 19.04 2.24 -3.30
CA TYR K 114 18.36 3.28 -2.55
C TYR K 114 16.86 3.25 -2.78
N GLU K 115 16.13 3.87 -1.85
CA GLU K 115 14.69 4.12 -2.03
C GLU K 115 14.45 5.33 -2.90
N HIS K 116 15.19 6.40 -2.70
CA HIS K 116 14.92 7.59 -3.45
C HIS K 116 16.09 8.00 -4.31
N ILE K 117 15.81 8.21 -5.59
CA ILE K 117 16.86 8.54 -6.55
C ILE K 117 16.43 9.72 -7.38
N ARG K 118 17.33 10.67 -7.66
CA ARG K 118 17.00 11.73 -8.64
C ARG K 118 18.24 12.26 -9.32
N LEU K 119 18.15 12.56 -10.61
CA LEU K 119 19.21 13.25 -11.32
C LEU K 119 19.18 14.63 -10.66
N SER K 120 20.24 15.40 -10.79
CA SER K 120 20.26 16.70 -10.09
C SER K 120 19.68 17.84 -10.93
N THR K 121 19.79 19.06 -10.44
CA THR K 121 19.59 20.18 -11.34
C THR K 121 20.85 20.99 -11.36
N HIS K 122 20.97 21.81 -12.39
CA HIS K 122 22.21 22.48 -12.71
C HIS K 122 23.34 21.47 -12.84
N ASN K 123 24.51 21.89 -12.40
CA ASN K 123 25.73 21.22 -12.79
C ASN K 123 26.71 21.31 -11.61
N VAL K 124 27.56 20.30 -11.38
CA VAL K 124 28.42 20.38 -10.23
C VAL K 124 29.62 21.21 -10.54
N ILE K 125 29.79 21.59 -11.83
CA ILE K 125 30.95 22.37 -12.22
C ILE K 125 30.84 22.92 -13.63
N ASN K 126 31.33 24.15 -13.81
CA ASN K 126 31.34 24.78 -15.12
C ASN K 126 32.52 24.25 -15.94
N ALA K 127 32.20 23.50 -16.99
CA ALA K 127 33.23 22.87 -17.82
C ALA K 127 34.05 23.86 -18.60
N GLU K 128 33.39 24.88 -19.14
CA GLU K 128 34.09 25.81 -20.03
C GLU K 128 35.15 26.64 -19.30
N ASN K 129 34.93 26.91 -18.01
CA ASN K 129 35.81 27.76 -17.21
C ASN K 129 36.79 26.88 -16.43
N ALA K 130 36.83 25.58 -16.72
CA ALA K 130 37.58 24.70 -15.84
C ALA K 130 39.07 24.99 -16.02
N PRO K 131 39.89 24.48 -15.11
CA PRO K 131 41.34 24.69 -15.16
C PRO K 131 41.96 24.00 -16.38
N GLY K 132 42.83 24.72 -17.10
CA GLY K 132 43.48 24.18 -18.28
C GLY K 132 43.17 24.97 -19.53
N GLY K 133 42.53 26.12 -19.35
CA GLY K 133 42.16 26.99 -20.46
C GLY K 133 40.72 26.81 -20.88
N PRO K 134 40.14 27.88 -21.42
CA PRO K 134 38.74 27.85 -21.87
C PRO K 134 38.46 26.65 -22.76
N TYR K 135 37.31 26.00 -22.53
CA TYR K 135 36.92 24.81 -23.32
C TYR K 135 35.66 24.98 -24.14
N LYS K 136 35.71 24.67 -25.42
CA LYS K 136 34.47 24.45 -26.12
C LYS K 136 33.94 23.09 -25.69
N ILE K 137 32.62 22.93 -25.67
CA ILE K 137 32.07 21.66 -25.25
C ILE K 137 31.73 20.74 -26.41
N GLY K 138 32.29 19.54 -26.38
CA GLY K 138 32.14 18.61 -27.48
C GLY K 138 30.87 17.80 -27.46
N THR K 139 30.31 17.59 -28.66
CA THR K 139 29.15 16.76 -28.89
C THR K 139 29.40 15.88 -30.10
N SER K 140 28.65 14.80 -30.21
CA SER K 140 28.85 13.85 -31.29
C SER K 140 27.50 13.33 -31.78
N GLY K 141 27.39 13.04 -33.08
CA GLY K 141 26.30 12.22 -33.55
C GLY K 141 26.42 10.89 -32.81
N SER K 142 25.41 10.03 -32.93
CA SER K 142 25.24 8.87 -32.03
C SER K 142 24.67 9.28 -30.68
N CYS K 143 24.68 10.58 -30.40
CA CYS K 143 24.05 11.11 -29.20
C CYS K 143 23.05 12.19 -29.58
N PRO K 144 21.94 11.81 -30.20
CA PRO K 144 20.91 12.76 -30.60
C PRO K 144 20.09 13.25 -29.42
N ASN K 145 19.52 14.45 -29.53
CA ASN K 145 18.71 15.02 -28.47
C ASN K 145 17.28 15.26 -28.91
N ILE K 146 16.44 15.72 -27.98
CA ILE K 146 15.04 15.99 -28.27
C ILE K 146 14.85 16.38 -29.73
N THR K 147 15.80 17.21 -30.20
CA THR K 147 15.65 17.74 -31.55
C THR K 147 16.16 16.62 -32.44
N ASN K 148 17.46 16.64 -32.71
CA ASN K 148 18.24 15.57 -33.31
C ASN K 148 19.50 16.29 -33.63
N GLY K 149 20.56 15.57 -33.90
CA GLY K 149 21.82 16.23 -34.11
C GLY K 149 22.67 16.10 -32.87
N ASN K 150 23.86 16.65 -32.95
CA ASN K 150 24.90 16.37 -31.98
C ASN K 150 24.61 16.79 -30.53
N GLY K 151 25.04 15.93 -29.61
CA GLY K 151 24.78 16.04 -28.18
C GLY K 151 25.76 15.16 -27.41
N PHE K 152 25.44 14.90 -26.14
CA PHE K 152 26.27 14.03 -25.29
C PHE K 152 25.48 13.58 -24.08
N PHE K 153 26.13 12.88 -23.16
CA PHE K 153 25.50 12.51 -21.90
C PHE K 153 25.22 13.76 -21.09
N ALA K 154 24.04 13.79 -20.46
CA ALA K 154 23.66 14.89 -19.59
C ALA K 154 24.68 14.92 -18.48
N THR K 155 24.99 13.72 -18.02
CA THR K 155 25.85 13.42 -16.89
C THR K 155 27.25 14.06 -16.91
N MET K 156 27.81 14.31 -18.09
CA MET K 156 29.12 14.95 -18.17
C MET K 156 29.35 15.84 -19.38
N ALA K 157 30.36 16.70 -19.30
CA ALA K 157 30.69 17.63 -20.38
C ALA K 157 32.06 17.30 -20.96
N TRP K 158 32.14 17.22 -22.27
CA TRP K 158 33.36 16.79 -22.94
C TRP K 158 34.22 18.00 -23.29
N ALA K 159 35.29 18.19 -22.56
CA ALA K 159 35.97 19.48 -22.62
C ALA K 159 37.08 19.50 -23.68
N VAL K 160 36.80 20.21 -24.76
CA VAL K 160 37.73 20.27 -25.87
C VAL K 160 38.34 21.65 -25.94
N PRO K 161 39.67 21.73 -25.92
CA PRO K 161 40.22 23.06 -25.60
C PRO K 161 40.04 24.10 -26.69
N LYS K 162 38.88 24.74 -26.70
CA LYS K 162 38.60 25.92 -27.51
C LYS K 162 39.13 25.76 -28.92
N ASN K 163 39.95 26.71 -29.36
CA ASN K 163 40.55 26.62 -30.67
C ASN K 163 42.05 26.84 -30.51
N ASP K 164 42.75 26.99 -31.63
CA ASP K 164 44.21 26.86 -31.70
C ASP K 164 44.96 27.50 -30.52
N LYS K 165 44.90 28.83 -30.42
CA LYS K 165 45.15 29.56 -29.16
C LYS K 165 46.33 29.04 -28.31
N ASN K 166 46.00 28.73 -27.07
CA ASN K 166 46.89 28.09 -26.12
C ASN K 166 46.77 26.53 -26.08
N LYS K 167 46.10 25.94 -27.07
CA LYS K 167 45.96 24.46 -27.14
C LYS K 167 47.29 23.68 -27.20
N THR K 168 47.51 22.85 -26.18
CA THR K 168 48.77 22.19 -25.93
C THR K 168 48.55 21.19 -24.79
N ALA K 169 49.62 20.50 -24.39
CA ALA K 169 49.56 19.54 -23.29
C ALA K 169 49.82 20.24 -21.96
N THR K 170 49.09 19.83 -20.93
CA THR K 170 49.30 20.37 -19.59
C THR K 170 49.64 19.26 -18.64
N ASN K 171 50.24 19.64 -17.53
CA ASN K 171 50.45 18.74 -16.42
C ASN K 171 49.09 18.59 -15.77
N PRO K 172 48.92 17.59 -14.88
CA PRO K 172 47.60 17.39 -14.30
C PRO K 172 46.99 18.64 -13.62
N LEU K 173 45.73 18.91 -13.94
CA LEU K 173 44.99 19.97 -13.30
C LEU K 173 44.15 19.25 -12.28
N THR K 174 43.89 19.93 -11.17
CA THR K 174 43.11 19.33 -10.10
C THR K 174 41.77 20.04 -10.01
N ILE K 175 40.73 19.33 -9.60
CA ILE K 175 39.42 19.92 -9.48
C ILE K 175 38.63 19.38 -8.32
N GLU K 176 37.95 20.28 -7.63
CA GLU K 176 37.10 19.90 -6.53
C GLU K 176 35.68 19.68 -7.07
N VAL K 177 35.01 18.65 -6.56
CA VAL K 177 33.62 18.42 -6.93
C VAL K 177 32.76 18.70 -5.71
N PRO K 178 32.05 19.83 -5.72
CA PRO K 178 31.16 20.36 -4.68
C PRO K 178 30.06 19.37 -4.32
N TYR K 179 29.43 19.55 -3.15
CA TYR K 179 28.42 18.58 -2.71
C TYR K 179 26.99 18.63 -3.34
N ILE K 180 26.38 19.80 -3.50
CA ILE K 180 25.24 19.96 -4.44
C ILE K 180 23.90 19.24 -4.10
N CYS K 181 23.92 18.23 -3.25
CA CYS K 181 22.69 17.53 -2.90
C CYS K 181 22.23 18.02 -1.57
N THR K 182 21.17 17.43 -1.04
CA THR K 182 20.59 17.97 0.19
C THR K 182 20.94 17.13 1.44
N GLU K 183 20.57 17.61 2.63
CA GLU K 183 20.37 16.75 3.81
C GLU K 183 21.33 15.60 3.97
N GLY K 184 20.73 14.42 4.06
CA GLY K 184 21.39 13.13 4.17
C GLY K 184 21.46 12.30 2.90
N GLU K 185 21.44 12.96 1.75
CA GLU K 185 21.58 12.28 0.47
C GLU K 185 23.04 11.92 0.13
N ASP K 186 23.23 10.75 -0.51
CA ASP K 186 24.53 10.39 -1.10
C ASP K 186 24.62 11.03 -2.48
N GLN K 187 25.80 11.53 -2.85
CA GLN K 187 25.92 12.21 -4.13
C GLN K 187 26.82 11.38 -5.04
N ILE K 188 26.28 10.77 -6.09
CA ILE K 188 27.11 9.93 -6.99
C ILE K 188 27.53 10.71 -8.23
N THR K 189 28.82 10.90 -8.40
CA THR K 189 29.33 11.75 -9.45
C THR K 189 29.81 10.93 -10.63
N VAL K 190 29.31 11.22 -11.84
CA VAL K 190 29.77 10.48 -13.01
C VAL K 190 30.78 11.29 -13.86
N TRP K 191 31.92 10.68 -14.21
CA TRP K 191 32.97 11.36 -14.96
C TRP K 191 33.78 10.38 -15.83
N GLY K 192 34.74 10.88 -16.60
CA GLY K 192 35.49 10.01 -17.48
C GLY K 192 36.39 10.75 -18.46
N PHE K 193 36.85 10.06 -19.49
CA PHE K 193 37.74 10.68 -20.48
C PHE K 193 37.65 10.05 -21.88
N HIS K 194 38.40 10.61 -22.82
CA HIS K 194 38.24 10.29 -24.23
C HIS K 194 39.61 10.23 -24.93
N SER K 195 39.87 9.18 -25.72
CA SER K 195 41.09 9.13 -26.56
C SER K 195 40.76 8.91 -28.02
N ASP K 196 41.76 8.89 -28.91
CA ASP K 196 41.48 8.90 -30.36
C ASP K 196 42.68 8.46 -31.22
N ASN K 197 42.57 8.66 -32.52
CA ASN K 197 43.70 8.50 -33.45
C ASN K 197 44.87 9.29 -32.93
N GLU K 198 46.09 8.83 -33.21
CA GLU K 198 47.26 9.62 -32.90
C GLU K 198 47.20 11.03 -33.51
N THR K 199 46.74 11.12 -34.75
CA THR K 199 46.64 12.41 -35.46
C THR K 199 45.43 13.21 -35.01
N GLN K 200 44.33 12.52 -34.77
CA GLN K 200 43.13 13.15 -34.22
C GLN K 200 43.39 13.75 -32.84
N MET K 201 44.23 13.08 -32.06
CA MET K 201 44.60 13.56 -30.73
C MET K 201 45.32 14.91 -30.84
N ALA K 202 46.20 15.04 -31.82
CA ALA K 202 46.93 16.28 -31.99
C ALA K 202 46.05 17.33 -32.68
N LYS K 203 45.00 16.89 -33.35
CA LYS K 203 44.07 17.84 -33.94
C LYS K 203 43.20 18.45 -32.84
N LEU K 204 42.66 17.59 -31.97
CA LEU K 204 41.70 17.98 -30.94
C LEU K 204 42.34 18.78 -29.82
N TYR K 205 43.17 18.09 -29.03
CA TYR K 205 43.97 18.65 -27.95
C TYR K 205 45.38 18.88 -28.49
N GLY K 206 46.28 19.41 -27.68
CA GLY K 206 47.60 19.70 -28.22
C GLY K 206 48.59 18.55 -28.31
N ASP K 207 48.14 17.32 -28.02
CA ASP K 207 49.05 16.28 -27.54
C ASP K 207 48.82 14.86 -28.08
N SER K 208 49.90 14.21 -28.52
CA SER K 208 49.84 12.82 -28.99
C SER K 208 49.94 11.72 -27.91
N LYS K 209 50.76 11.94 -26.88
CA LYS K 209 51.03 10.94 -25.84
C LYS K 209 49.81 10.66 -24.95
N PRO K 210 49.86 9.57 -24.15
CA PRO K 210 48.70 9.30 -23.27
C PRO K 210 48.55 10.29 -22.12
N GLN K 211 47.32 10.41 -21.66
CA GLN K 211 46.93 11.35 -20.63
C GLN K 211 46.50 10.53 -19.43
N LYS K 212 46.65 11.08 -18.22
CA LYS K 212 46.46 10.30 -17.00
C LYS K 212 45.47 10.96 -16.03
N PHE K 213 44.72 10.15 -15.28
CA PHE K 213 43.57 10.66 -14.52
C PHE K 213 43.45 10.08 -13.09
N THR K 214 42.87 10.87 -12.18
CA THR K 214 42.69 10.44 -10.77
C THR K 214 41.37 10.86 -10.10
N SER K 215 40.71 9.94 -9.41
CA SER K 215 39.53 10.32 -8.64
C SER K 215 39.73 10.05 -7.16
N SER K 216 39.42 11.01 -6.30
CA SER K 216 39.45 10.73 -4.87
C SER K 216 38.25 11.23 -4.10
N ALA K 217 37.49 10.27 -3.57
CA ALA K 217 36.34 10.61 -2.75
C ALA K 217 36.28 9.79 -1.48
N ASN K 218 36.44 10.52 -0.37
CA ASN K 218 36.37 10.00 0.99
C ASN K 218 36.98 8.62 1.17
N GLY K 219 38.28 8.58 0.97
CA GLY K 219 39.05 7.39 1.25
C GLY K 219 39.29 6.54 0.03
N VAL K 220 38.45 6.70 -0.98
CA VAL K 220 38.58 5.85 -2.18
C VAL K 220 39.29 6.53 -3.35
N THR K 221 40.49 6.05 -3.62
CA THR K 221 41.34 6.62 -4.63
C THR K 221 41.34 5.69 -5.85
N THR K 222 41.22 6.25 -7.07
CA THR K 222 41.45 5.48 -8.30
C THR K 222 42.29 6.22 -9.36
N HIS K 223 43.03 5.44 -10.15
CA HIS K 223 43.95 5.97 -11.15
C HIS K 223 43.76 5.31 -12.50
N TYR K 224 43.86 6.11 -13.56
CA TYR K 224 43.63 5.67 -14.93
C TYR K 224 44.72 6.21 -15.88
N VAL K 225 45.01 5.45 -16.94
CA VAL K 225 45.82 6.01 -18.02
C VAL K 225 45.34 5.61 -19.44
N SER K 226 45.35 6.59 -20.36
CA SER K 226 44.69 6.41 -21.65
C SER K 226 45.44 5.53 -22.63
N GLN K 227 44.67 5.06 -23.62
CA GLN K 227 45.15 4.30 -24.79
C GLN K 227 45.20 5.21 -26.00
N ILE K 228 46.26 5.16 -26.78
CA ILE K 228 46.32 6.00 -27.96
C ILE K 228 45.90 5.22 -29.22
N GLY K 229 46.60 4.16 -29.55
CA GLY K 229 46.28 3.42 -30.75
C GLY K 229 44.95 2.65 -30.71
N GLY K 230 44.77 1.79 -31.69
CA GLY K 230 43.52 1.09 -31.95
C GLY K 230 42.85 0.43 -30.77
N PHE K 231 41.56 0.69 -30.69
CA PHE K 231 40.76 0.27 -29.57
C PHE K 231 39.99 -0.96 -30.01
N PRO K 232 39.27 -1.59 -29.09
CA PRO K 232 38.26 -2.62 -29.33
C PRO K 232 37.18 -2.19 -30.30
N ASN K 233 36.66 -3.13 -31.07
CA ASN K 233 35.53 -2.80 -31.91
C ASN K 233 34.38 -2.22 -31.05
N GLN K 234 33.74 -1.19 -31.54
CA GLN K 234 32.71 -0.43 -30.83
C GLN K 234 31.59 -1.36 -30.40
N THR K 235 31.01 -1.10 -29.24
CA THR K 235 29.92 -1.94 -28.81
C THR K 235 28.93 -1.27 -27.88
N GLU K 236 27.70 -1.73 -27.99
CA GLU K 236 26.57 -1.18 -27.27
C GLU K 236 26.43 0.32 -27.53
N ASP K 237 26.93 0.78 -28.66
CA ASP K 237 26.97 2.21 -28.94
C ASP K 237 25.79 2.63 -29.80
N GLY K 238 25.78 3.90 -30.19
CA GLY K 238 24.66 4.46 -30.93
C GLY K 238 24.68 4.09 -32.40
N GLY K 239 25.78 3.51 -32.84
CA GLY K 239 25.85 2.92 -34.17
C GLY K 239 26.71 3.61 -35.23
N LEU K 240 27.10 4.85 -35.00
CA LEU K 240 27.97 5.54 -35.95
C LEU K 240 29.43 5.25 -35.62
N PRO K 241 30.22 4.97 -36.64
CA PRO K 241 31.64 4.68 -36.50
C PRO K 241 32.41 5.92 -36.07
N GLN K 242 33.22 5.79 -35.03
CA GLN K 242 34.13 6.84 -34.56
C GLN K 242 35.50 6.23 -34.33
N SER K 243 36.53 7.05 -34.45
CA SER K 243 37.88 6.57 -34.28
C SER K 243 38.29 6.47 -32.82
N GLY K 244 37.60 7.23 -31.96
CA GLY K 244 37.96 7.28 -30.55
C GLY K 244 37.03 6.51 -29.62
N ARG K 245 37.44 6.37 -28.37
CA ARG K 245 36.57 5.78 -27.38
C ARG K 245 36.55 6.54 -26.08
N ILE K 246 35.72 6.06 -25.18
CA ILE K 246 35.42 6.79 -23.97
C ILE K 246 35.50 5.84 -22.78
N VAL K 247 36.11 6.31 -21.68
CA VAL K 247 36.09 5.61 -20.39
C VAL K 247 35.25 6.36 -19.34
N VAL K 248 34.35 5.64 -18.69
CA VAL K 248 33.44 6.28 -17.74
C VAL K 248 33.49 5.56 -16.43
N ASP K 249 33.56 6.34 -15.35
CA ASP K 249 33.63 5.85 -13.99
C ASP K 249 32.71 6.74 -13.18
N TYR K 250 32.23 6.21 -12.06
CA TYR K 250 31.53 7.05 -11.11
C TYR K 250 32.31 7.06 -9.79
N MET K 251 32.08 8.09 -8.97
CA MET K 251 32.65 8.18 -7.61
C MET K 251 31.59 8.62 -6.59
N VAL K 252 31.37 7.84 -5.54
CA VAL K 252 30.35 8.18 -4.56
C VAL K 252 30.92 9.19 -3.59
N GLN K 253 30.15 10.17 -3.24
CA GLN K 253 30.54 11.14 -2.23
C GLN K 253 29.62 11.05 -1.02
N LYS K 254 30.19 10.70 0.13
CA LYS K 254 29.41 10.51 1.36
C LYS K 254 28.45 11.65 1.61
N SER K 255 27.78 11.60 2.77
CA SER K 255 26.82 12.63 3.14
C SER K 255 27.51 13.89 3.63
N GLY K 256 27.67 14.85 2.73
CA GLY K 256 28.30 16.10 3.05
C GLY K 256 29.65 16.29 2.42
N LYS K 257 30.41 15.21 2.18
CA LYS K 257 31.81 15.34 1.81
C LYS K 257 32.05 15.65 0.32
N THR K 258 33.05 16.49 0.08
CA THR K 258 33.46 16.85 -1.28
C THR K 258 34.37 15.79 -1.92
N GLY K 259 34.73 16.01 -3.19
CA GLY K 259 35.47 15.02 -3.97
C GLY K 259 36.46 15.66 -4.93
N THR K 260 37.41 14.88 -5.46
CA THR K 260 38.47 15.45 -6.28
C THR K 260 38.74 14.66 -7.55
N ILE K 261 39.18 15.35 -8.60
CA ILE K 261 39.50 14.71 -9.89
C ILE K 261 40.72 15.39 -10.46
N THR K 262 41.69 14.64 -10.95
CA THR K 262 42.80 15.29 -11.60
C THR K 262 42.84 14.78 -13.00
N TYR K 263 43.26 15.63 -13.93
CA TYR K 263 43.10 15.31 -15.34
C TYR K 263 44.06 16.04 -16.26
N GLN K 264 44.24 15.49 -17.45
CA GLN K 264 44.98 16.12 -18.55
C GLN K 264 43.99 16.14 -19.72
N ARG K 265 44.45 16.43 -20.94
CA ARG K 265 43.55 16.59 -22.11
C ARG K 265 42.57 15.44 -22.37
N GLY K 266 41.33 15.80 -22.69
CA GLY K 266 40.30 14.81 -23.00
C GLY K 266 39.33 14.50 -21.88
N ILE K 267 39.30 15.36 -20.88
CA ILE K 267 38.52 15.07 -19.69
C ILE K 267 37.02 15.27 -19.95
N LEU K 268 36.19 14.37 -19.43
CA LEU K 268 34.77 14.66 -19.32
C LEU K 268 34.46 15.06 -17.87
N LEU K 269 34.25 16.36 -17.64
CA LEU K 269 34.02 16.88 -16.28
C LEU K 269 32.59 16.59 -15.95
N PRO K 270 32.30 16.18 -14.71
CA PRO K 270 30.90 15.79 -14.43
C PRO K 270 29.94 16.98 -14.49
N GLN K 271 28.75 16.84 -15.07
CA GLN K 271 27.81 17.94 -14.99
C GLN K 271 26.61 17.59 -14.10
N LYS K 272 25.60 16.87 -14.60
CA LYS K 272 24.50 16.51 -13.72
C LYS K 272 24.99 15.34 -12.87
N VAL K 273 24.37 15.12 -11.71
CA VAL K 273 24.92 14.24 -10.68
C VAL K 273 23.86 13.46 -9.88
N TRP K 274 24.03 12.18 -9.62
CA TRP K 274 22.96 11.44 -8.94
C TRP K 274 22.75 11.83 -7.47
N CYS K 275 21.49 11.95 -7.03
CA CYS K 275 21.20 12.26 -5.62
C CYS K 275 20.25 11.26 -4.99
N ALA K 276 20.75 10.53 -4.01
CA ALA K 276 20.05 9.34 -3.51
C ALA K 276 19.96 9.29 -1.99
N SER K 277 18.88 8.69 -1.48
CA SER K 277 18.68 8.58 -0.04
C SER K 277 17.80 7.38 0.20
N GLY K 278 17.51 7.02 1.45
CA GLY K 278 16.62 5.90 1.74
C GLY K 278 17.24 4.57 1.31
N ARG K 279 16.61 3.46 1.65
CA ARG K 279 17.09 2.20 1.09
C ARG K 279 16.00 1.21 0.72
N SER K 280 16.19 0.61 -0.44
CA SER K 280 15.27 -0.35 -1.02
C SER K 280 15.79 -1.80 -0.95
N LYS K 281 14.88 -2.73 -0.68
CA LYS K 281 15.31 -4.09 -0.41
C LYS K 281 15.32 -4.83 -1.71
N VAL K 282 16.52 -5.06 -2.21
CA VAL K 282 16.73 -5.56 -3.56
C VAL K 282 16.77 -7.07 -3.60
N ILE K 283 16.14 -7.65 -4.61
CA ILE K 283 16.24 -9.08 -4.79
C ILE K 283 16.60 -9.37 -6.25
N LYS K 284 17.07 -10.59 -6.54
CA LYS K 284 17.45 -10.96 -7.90
C LYS K 284 16.28 -11.60 -8.65
N GLY K 285 15.58 -10.81 -9.44
CA GLY K 285 14.45 -11.30 -10.21
C GLY K 285 14.61 -11.07 -11.70
N SER K 286 13.58 -11.40 -12.46
CA SER K 286 13.61 -11.25 -13.91
C SER K 286 12.25 -10.83 -14.46
N LEU K 287 12.18 -9.61 -14.95
CA LEU K 287 10.93 -9.08 -15.52
C LEU K 287 10.41 -9.97 -16.63
N PRO K 288 9.14 -9.79 -16.98
CA PRO K 288 8.29 -8.79 -16.32
C PRO K 288 7.69 -9.26 -15.00
N LEU K 289 7.30 -8.31 -14.16
CA LEU K 289 6.58 -8.57 -12.91
C LEU K 289 5.13 -8.79 -13.24
N ILE K 290 4.63 -10.01 -13.03
CA ILE K 290 3.26 -10.31 -13.39
C ILE K 290 2.31 -10.48 -12.21
N GLY K 291 1.31 -9.63 -12.00
CA GLY K 291 0.36 -9.83 -10.93
C GLY K 291 0.86 -9.46 -9.54
N GLU K 292 0.22 -10.04 -8.53
CA GLU K 292 0.61 -9.87 -7.13
C GLU K 292 0.99 -11.21 -6.52
N ALA K 293 1.91 -11.15 -5.56
CA ALA K 293 2.26 -12.29 -4.75
C ALA K 293 2.42 -11.81 -3.31
N ASP K 294 2.29 -12.74 -2.36
CA ASP K 294 2.60 -12.41 -0.96
C ASP K 294 4.11 -12.23 -0.84
N CYS K 295 4.82 -13.15 -1.50
CA CYS K 295 6.26 -13.35 -1.33
C CYS K 295 7.03 -13.33 -2.64
N LEU K 296 8.26 -12.83 -2.62
CA LEU K 296 9.12 -12.89 -3.80
C LEU K 296 10.39 -13.65 -3.47
N HIS K 297 10.53 -14.84 -4.04
CA HIS K 297 11.65 -15.76 -3.77
C HIS K 297 12.66 -15.68 -4.92
N GLU K 298 13.95 -15.66 -4.62
CA GLU K 298 14.95 -15.40 -5.66
C GLU K 298 14.99 -16.56 -6.63
N LYS K 299 14.72 -17.75 -6.11
CA LYS K 299 14.61 -18.97 -6.92
C LYS K 299 13.24 -19.23 -7.51
N TYR K 300 12.19 -19.04 -6.72
CA TYR K 300 10.83 -19.41 -7.11
C TYR K 300 9.95 -18.31 -7.69
N GLY K 301 10.45 -17.08 -7.82
CA GLY K 301 9.61 -15.94 -8.20
C GLY K 301 8.44 -15.68 -7.25
N GLY K 302 7.28 -15.34 -7.81
CA GLY K 302 6.07 -15.10 -7.03
C GLY K 302 5.57 -16.28 -6.21
N LEU K 303 5.03 -15.99 -5.03
CA LEU K 303 4.68 -17.01 -4.07
C LEU K 303 3.48 -16.50 -3.26
N ASN K 304 2.60 -17.42 -2.89
CA ASN K 304 1.52 -17.04 -1.96
C ASN K 304 1.63 -17.85 -0.67
N LYS K 305 1.42 -17.20 0.48
CA LYS K 305 1.70 -17.90 1.73
C LYS K 305 0.58 -18.87 2.08
N SER K 306 0.93 -20.16 2.13
CA SER K 306 -0.04 -21.24 2.30
C SER K 306 0.07 -21.89 3.70
N LYS K 307 1.09 -22.70 3.88
CA LYS K 307 1.43 -23.25 5.17
C LYS K 307 2.52 -22.36 5.76
N PRO K 308 2.71 -22.40 7.10
CA PRO K 308 3.73 -21.59 7.78
C PRO K 308 5.17 -21.83 7.29
N TYR K 309 5.50 -23.07 6.94
CA TYR K 309 6.86 -23.38 6.46
C TYR K 309 6.90 -24.11 5.11
N TYR K 310 8.06 -24.07 4.47
CA TYR K 310 8.26 -24.75 3.20
C TYR K 310 9.59 -25.50 3.10
N THR K 311 9.61 -26.58 2.32
CA THR K 311 10.83 -27.32 2.00
C THR K 311 11.26 -26.99 0.57
N GLY K 312 12.56 -26.98 0.32
CA GLY K 312 13.01 -26.71 -1.03
C GLY K 312 14.32 -25.96 -1.10
N GLU K 313 14.59 -25.37 -2.26
CA GLU K 313 15.77 -24.56 -2.48
C GLU K 313 15.62 -23.28 -1.67
N HIS K 314 16.59 -22.97 -0.82
CA HIS K 314 16.53 -21.75 -0.04
C HIS K 314 17.31 -20.63 -0.72
N ALA K 315 16.69 -19.45 -0.79
CA ALA K 315 17.40 -18.22 -1.17
C ALA K 315 16.75 -16.97 -0.57
N LYS K 316 17.29 -15.81 -0.96
CA LYS K 316 16.82 -14.54 -0.43
C LYS K 316 15.38 -14.40 -0.85
N ALA K 317 14.52 -13.99 0.08
CA ALA K 317 13.11 -13.76 -0.26
C ALA K 317 12.51 -12.58 0.51
N ILE K 318 11.70 -11.75 -0.14
CA ILE K 318 11.04 -10.62 0.56
C ILE K 318 9.54 -10.70 0.57
N GLY K 319 8.93 -10.08 1.59
CA GLY K 319 7.49 -10.10 1.75
C GLY K 319 6.99 -11.07 2.79
N ASN K 320 5.68 -11.31 2.78
CA ASN K 320 5.09 -12.25 3.72
C ASN K 320 5.42 -13.63 3.17
N CYS K 321 6.26 -14.36 3.89
CA CYS K 321 6.87 -15.58 3.37
C CYS K 321 6.65 -16.74 4.31
N PRO K 322 6.65 -17.96 3.76
CA PRO K 322 6.74 -19.13 4.62
C PRO K 322 8.19 -19.26 5.05
N ILE K 323 8.47 -19.94 6.16
CA ILE K 323 9.85 -20.11 6.65
C ILE K 323 10.45 -21.39 6.09
N TRP K 324 11.72 -21.33 5.67
CA TRP K 324 12.42 -22.51 5.16
C TRP K 324 12.76 -23.55 6.25
N VAL K 325 12.55 -24.82 5.94
CA VAL K 325 12.80 -25.90 6.88
C VAL K 325 13.58 -27.05 6.19
N LYS K 326 14.45 -27.72 6.96
CA LYS K 326 15.27 -28.84 6.48
C LYS K 326 14.42 -30.01 5.95
N THR K 327 13.43 -30.39 6.74
CA THR K 327 12.61 -31.57 6.44
C THR K 327 11.12 -31.20 6.47
N PRO K 328 10.29 -31.88 5.63
CA PRO K 328 8.84 -31.66 5.73
C PRO K 328 8.31 -32.13 7.08
N LEU K 329 7.64 -31.24 7.81
CA LEU K 329 7.27 -31.52 9.20
C LEU K 329 5.76 -31.74 9.35
N LYS K 330 5.40 -32.63 10.27
CA LYS K 330 4.00 -32.95 10.50
C LYS K 330 3.64 -32.73 11.96
N LEU K 331 2.54 -32.04 12.19
CA LEU K 331 1.99 -31.95 13.54
C LEU K 331 1.02 -33.11 13.72
N ALA K 332 1.02 -33.76 14.88
CA ALA K 332 0.20 -34.96 15.03
C ALA K 332 -1.27 -34.61 15.27
N ASN K 333 -2.18 -35.09 14.40
CA ASN K 333 -3.64 -34.94 14.59
C ASN K 333 -4.33 -36.31 14.68
N GLY K 334 -4.39 -36.90 15.88
CA GLY K 334 -4.74 -38.32 16.01
C GLY K 334 -4.26 -39.05 17.26
N THR K 335 -4.18 -40.38 17.16
CA THR K 335 -3.72 -41.23 18.27
C THR K 335 -2.54 -42.11 17.86
N LYS K 336 -1.85 -42.67 18.86
CA LYS K 336 -0.79 -43.63 18.59
C LYS K 336 -1.39 -44.88 17.97
N TYR K 337 -0.66 -45.53 17.07
CA TYR K 337 -1.15 -46.75 16.45
C TYR K 337 -1.37 -47.85 17.48
N ARG K 338 -2.58 -48.38 17.50
CA ARG K 338 -2.95 -49.46 18.41
C ARG K 338 -3.38 -50.71 17.66
N PRO K 339 -2.65 -51.82 17.84
CA PRO K 339 -3.11 -53.09 17.24
C PRO K 339 -4.41 -53.57 17.90
N PRO K 340 -5.39 -54.03 17.10
CA PRO K 340 -6.68 -54.49 17.61
C PRO K 340 -6.56 -55.72 18.51
N ALA K 341 -7.51 -55.91 19.44
CA ALA K 341 -7.49 -57.07 20.32
C ALA K 341 -8.90 -57.54 20.70
N GLY L 1 1.36 -44.44 26.93
CA GLY L 1 2.57 -43.96 27.56
C GLY L 1 3.08 -44.94 28.61
N PHE L 2 3.94 -44.45 29.50
CA PHE L 2 4.47 -45.28 30.59
C PHE L 2 3.38 -45.64 31.58
N PHE L 3 2.44 -44.71 31.77
CA PHE L 3 1.36 -44.88 32.73
C PHE L 3 0.50 -46.09 32.37
N GLY L 4 0.06 -46.16 31.12
CA GLY L 4 -0.77 -47.25 30.65
C GLY L 4 -0.10 -48.59 30.79
N ALA L 5 1.20 -48.62 30.53
CA ALA L 5 1.97 -49.86 30.63
C ALA L 5 2.11 -50.32 32.08
N ILE L 6 2.37 -49.38 32.98
CA ILE L 6 2.54 -49.69 34.41
C ILE L 6 1.25 -50.10 35.10
N ALA L 7 0.25 -49.22 35.00
CA ALA L 7 -0.98 -49.36 35.78
C ALA L 7 -1.85 -50.54 35.35
N GLY L 8 -1.62 -51.05 34.15
CA GLY L 8 -2.36 -52.20 33.65
C GLY L 8 -3.50 -51.81 32.75
N PHE L 9 -3.54 -50.53 32.36
CA PHE L 9 -4.51 -50.06 31.38
C PHE L 9 -4.31 -50.84 30.09
N LEU L 10 -5.40 -51.04 29.34
CA LEU L 10 -5.34 -51.96 28.21
C LEU L 10 -4.30 -51.57 27.17
N GLU L 11 -3.42 -52.52 26.87
CA GLU L 11 -2.43 -52.37 25.83
C GLU L 11 -3.15 -52.59 24.51
N GLY L 12 -3.15 -51.57 23.66
CA GLY L 12 -3.84 -51.65 22.39
C GLY L 12 -5.29 -51.27 22.55
N GLY L 13 -5.87 -50.70 21.49
CA GLY L 13 -7.24 -50.22 21.51
C GLY L 13 -8.22 -51.05 20.69
N TRP L 14 -9.48 -50.61 20.69
CA TRP L 14 -10.55 -51.26 19.94
C TRP L 14 -10.82 -50.48 18.65
N GLU L 15 -10.99 -51.20 17.55
CA GLU L 15 -11.23 -50.55 16.26
C GLU L 15 -12.70 -50.32 16.00
N GLY L 16 -13.52 -50.64 16.99
CA GLY L 16 -14.96 -50.53 16.86
C GLY L 16 -15.47 -49.10 16.83
N MET L 17 -14.72 -48.19 17.43
CA MET L 17 -15.18 -46.81 17.55
C MET L 17 -14.52 -45.90 16.52
N ILE L 18 -15.29 -45.51 15.50
CA ILE L 18 -14.83 -44.52 14.54
C ILE L 18 -15.41 -43.17 14.94
N ALA L 19 -16.24 -43.20 15.98
CA ALA L 19 -16.95 -42.01 16.43
C ALA L 19 -16.04 -40.96 17.06
N GLY L 20 -15.08 -41.40 17.85
CA GLY L 20 -14.18 -40.50 18.53
C GLY L 20 -12.83 -41.12 18.81
N TRP L 21 -11.95 -40.37 19.47
CA TRP L 21 -10.61 -40.88 19.82
C TRP L 21 -10.56 -41.73 21.09
N HIS L 22 -11.42 -41.43 22.07
CA HIS L 22 -11.41 -42.15 23.35
C HIS L 22 -12.83 -42.54 23.78
N GLY L 23 -12.96 -43.65 24.49
CA GLY L 23 -14.28 -44.16 24.84
C GLY L 23 -14.35 -45.20 25.94
N TYR L 24 -15.50 -45.87 26.03
CA TYR L 24 -15.77 -46.86 27.08
C TYR L 24 -16.22 -48.21 26.52
N THR L 25 -15.96 -49.29 27.28
CA THR L 25 -16.27 -50.65 26.83
C THR L 25 -17.06 -51.48 27.85
N SER L 26 -17.97 -52.31 27.35
CA SER L 26 -18.80 -53.18 28.20
C SER L 26 -18.54 -54.66 27.93
N HIS L 27 -18.41 -55.44 29.00
CA HIS L 27 -18.14 -56.87 28.91
C HIS L 27 -19.24 -57.68 29.56
N GLY L 28 -19.33 -58.96 29.23
CA GLY L 28 -20.32 -59.85 29.83
C GLY L 28 -20.76 -60.94 28.88
N ALA L 29 -21.84 -61.63 29.22
CA ALA L 29 -22.40 -62.69 28.37
C ALA L 29 -23.31 -62.10 27.33
N HIS L 30 -23.41 -60.77 27.31
CA HIS L 30 -24.18 -60.04 26.30
C HIS L 30 -23.29 -59.66 25.11
N GLY L 31 -22.05 -60.11 25.13
CA GLY L 31 -21.09 -59.73 24.12
C GLY L 31 -20.21 -58.60 24.60
N VAL L 32 -19.57 -57.89 23.67
CA VAL L 32 -18.69 -56.77 24.00
C VAL L 32 -19.14 -55.46 23.34
N ALA L 33 -19.59 -54.51 24.15
CA ALA L 33 -20.10 -53.24 23.64
C ALA L 33 -19.01 -52.18 23.62
N VAL L 34 -19.04 -51.29 22.63
CA VAL L 34 -18.05 -50.22 22.50
C VAL L 34 -18.72 -48.87 22.23
N ALA L 35 -18.30 -47.83 22.96
CA ALA L 35 -18.84 -46.48 22.73
C ALA L 35 -17.75 -45.41 22.81
N ALA L 36 -18.04 -44.23 22.26
CA ALA L 36 -17.07 -43.12 22.23
C ALA L 36 -17.55 -41.87 22.97
N ASP L 37 -16.59 -41.11 23.51
CA ASP L 37 -16.91 -39.85 24.19
C ASP L 37 -16.46 -38.64 23.36
N LEU L 38 -17.41 -37.79 23.00
CA LEU L 38 -17.14 -36.68 22.08
C LEU L 38 -16.45 -35.47 22.72
N LYS L 39 -16.73 -35.20 24.00
CA LYS L 39 -16.12 -34.05 24.66
C LYS L 39 -14.61 -34.22 24.82
N SER L 40 -14.16 -35.43 25.13
CA SER L 40 -12.73 -35.74 25.21
C SER L 40 -12.04 -35.47 23.88
N THR L 41 -12.61 -36.05 22.83
CA THR L 41 -12.10 -35.89 21.47
C THR L 41 -12.08 -34.42 21.07
N GLN L 42 -13.18 -33.71 21.31
CA GLN L 42 -13.27 -32.29 20.98
C GLN L 42 -12.19 -31.49 21.70
N GLU L 43 -11.98 -31.79 22.99
CA GLU L 43 -10.95 -31.12 23.78
C GLU L 43 -9.57 -31.35 23.19
N ALA L 44 -9.28 -32.61 22.84
CA ALA L 44 -8.03 -32.96 22.16
C ALA L 44 -7.83 -32.14 20.88
N ILE L 45 -8.87 -32.13 20.04
CA ILE L 45 -8.86 -31.35 18.80
C ILE L 45 -8.57 -29.87 19.04
N ASN L 46 -9.10 -29.31 20.13
CA ASN L 46 -8.84 -27.91 20.49
C ASN L 46 -7.40 -27.66 20.94
N LYS L 47 -6.89 -28.56 21.79
CA LYS L 47 -5.49 -28.51 22.19
C LYS L 47 -4.66 -28.39 20.92
N ILE L 48 -4.88 -29.33 20.01
CA ILE L 48 -4.13 -29.37 18.77
C ILE L 48 -4.26 -28.12 17.89
N THR L 49 -5.48 -27.67 17.64
CA THR L 49 -5.68 -26.52 16.76
C THR L 49 -5.03 -25.25 17.33
N LYS L 50 -5.22 -25.01 18.62
CA LYS L 50 -4.61 -23.86 19.29
C LYS L 50 -3.09 -23.93 19.20
N ASN L 51 -2.57 -25.14 19.44
CA ASN L 51 -1.15 -25.44 19.28
C ASN L 51 -0.63 -25.00 17.92
N LEU L 52 -1.37 -25.39 16.89
CA LEU L 52 -1.04 -25.00 15.52
C LEU L 52 -1.00 -23.50 15.31
N ASN L 53 -2.01 -22.79 15.82
CA ASN L 53 -2.01 -21.32 15.68
C ASN L 53 -0.76 -20.73 16.31
N SER L 54 -0.43 -21.26 17.49
CA SER L 54 0.80 -20.86 18.19
C SER L 54 2.05 -21.05 17.33
N LEU L 55 2.14 -22.19 16.66
CA LEU L 55 3.25 -22.43 15.73
C LEU L 55 3.23 -21.50 14.53
N SER L 56 2.03 -21.11 14.11
CA SER L 56 1.84 -20.38 12.86
C SER L 56 2.04 -18.88 13.02
N GLU L 57 2.06 -18.40 14.25
CA GLU L 57 2.27 -16.98 14.47
C GLU L 57 3.75 -16.56 14.59
N LEU L 58 4.66 -17.50 14.36
CA LEU L 58 6.12 -17.23 14.36
C LEU L 58 6.51 -16.29 13.22
N GLU L 59 7.23 -15.20 13.54
CA GLU L 59 7.67 -14.27 12.50
C GLU L 59 9.18 -13.97 12.49
N VAL L 60 9.77 -13.96 11.28
CA VAL L 60 11.22 -13.83 11.10
C VAL L 60 11.61 -12.87 9.96
N LYS L 61 12.74 -12.18 10.15
CA LYS L 61 13.20 -11.10 9.27
C LYS L 61 13.51 -11.60 7.86
N ASN L 62 13.64 -10.68 6.91
CA ASN L 62 13.53 -11.10 5.52
C ASN L 62 14.70 -11.75 4.75
N LEU L 63 15.96 -11.37 4.98
CA LEU L 63 17.07 -11.93 4.16
C LEU L 63 17.07 -11.63 2.63
N GLN L 64 17.36 -10.39 2.25
CA GLN L 64 17.44 -10.03 0.86
C GLN L 64 18.87 -9.60 0.55
N ARG L 65 19.17 -9.32 -0.72
CA ARG L 65 20.50 -8.91 -1.16
C ARG L 65 20.83 -7.60 -0.46
N LEU L 66 22.07 -7.42 -0.03
CA LEU L 66 22.42 -6.13 0.57
C LEU L 66 22.71 -5.13 -0.53
N SER L 67 22.43 -3.85 -0.27
CA SER L 67 22.25 -2.83 -1.32
C SER L 67 23.53 -2.13 -1.81
N GLY L 68 24.64 -2.26 -1.07
CA GLY L 68 25.92 -1.72 -1.52
C GLY L 68 26.84 -2.78 -2.12
N ALA L 69 26.33 -4.02 -2.18
CA ALA L 69 27.05 -5.24 -2.60
C ALA L 69 27.89 -5.12 -3.87
N MET L 70 27.28 -4.99 -5.04
CA MET L 70 28.01 -5.00 -6.33
C MET L 70 28.73 -6.28 -6.81
N ASP L 71 28.01 -7.20 -7.46
CA ASP L 71 28.52 -8.53 -7.84
C ASP L 71 29.94 -8.56 -8.39
N GLU L 72 30.26 -7.60 -9.26
CA GLU L 72 31.56 -7.58 -9.92
C GLU L 72 32.71 -7.25 -8.95
N LEU L 73 32.53 -6.17 -8.21
CA LEU L 73 33.52 -5.56 -7.34
C LEU L 73 33.75 -6.36 -6.11
N HIS L 74 32.76 -6.44 -5.23
CA HIS L 74 33.01 -7.04 -3.94
C HIS L 74 32.40 -8.43 -3.83
N ASN L 75 33.19 -9.44 -4.15
CA ASN L 75 32.70 -10.81 -4.13
C ASN L 75 32.83 -11.41 -2.78
N GLU L 76 33.89 -11.01 -2.09
CA GLU L 76 34.28 -11.61 -0.83
C GLU L 76 33.24 -11.25 0.21
N ILE L 77 32.93 -9.96 0.28
CA ILE L 77 31.85 -9.45 1.12
C ILE L 77 30.59 -10.24 0.85
N LEU L 78 30.33 -10.41 -0.45
CA LEU L 78 29.14 -11.09 -0.95
C LEU L 78 29.07 -12.56 -0.52
N GLU L 79 30.25 -13.21 -0.46
CA GLU L 79 30.41 -14.60 -0.06
C GLU L 79 30.03 -14.72 1.38
N LEU L 80 30.49 -13.73 2.13
CA LEU L 80 30.14 -13.67 3.54
C LEU L 80 28.65 -13.45 3.71
N ASP L 81 28.05 -12.60 2.87
CA ASP L 81 26.59 -12.42 2.90
C ASP L 81 25.92 -13.80 2.80
N GLU L 82 26.27 -14.50 1.74
CA GLU L 82 25.75 -15.84 1.49
C GLU L 82 25.87 -16.69 2.74
N LYS L 83 27.06 -16.62 3.36
CA LYS L 83 27.33 -17.35 4.59
C LYS L 83 26.32 -17.04 5.70
N VAL L 84 26.08 -15.76 5.93
CA VAL L 84 25.19 -15.35 7.01
C VAL L 84 23.78 -15.82 6.73
N ASP L 85 23.37 -15.74 5.46
CA ASP L 85 22.05 -16.24 5.04
C ASP L 85 21.91 -17.72 5.39
N ASP L 86 22.83 -18.53 4.89
CA ASP L 86 22.72 -19.96 5.11
C ASP L 86 22.67 -20.31 6.58
N LEU L 87 23.56 -19.69 7.33
CA LEU L 87 23.62 -19.91 8.77
C LEU L 87 22.31 -19.57 9.46
N ARG L 88 21.72 -18.45 9.07
CA ARG L 88 20.39 -18.08 9.56
C ARG L 88 19.35 -19.17 9.34
N ALA L 89 19.19 -19.54 8.08
CA ALA L 89 18.15 -20.51 7.73
C ALA L 89 18.31 -21.78 8.55
N ASP L 90 19.56 -22.21 8.70
CA ASP L 90 19.86 -23.42 9.47
C ASP L 90 19.39 -23.30 10.92
N THR L 91 19.90 -22.29 11.63
CA THR L 91 19.58 -22.10 13.04
C THR L 91 18.08 -22.07 13.28
N ILE L 92 17.41 -21.18 12.53
CA ILE L 92 15.96 -20.96 12.66
C ILE L 92 15.18 -22.25 12.45
N SER L 93 15.64 -23.04 11.45
CA SER L 93 15.07 -24.35 11.19
C SER L 93 15.16 -25.25 12.40
N SER L 94 16.35 -25.34 12.99
CA SER L 94 16.53 -26.16 14.18
C SER L 94 15.57 -25.76 15.29
N GLN L 95 15.48 -24.45 15.52
CA GLN L 95 14.56 -23.91 16.52
C GLN L 95 13.11 -24.37 16.32
N ILE L 96 12.63 -24.19 15.09
CA ILE L 96 11.31 -24.67 14.71
C ILE L 96 11.11 -26.17 14.95
N GLU L 97 12.04 -26.99 14.47
CA GLU L 97 11.98 -28.44 14.69
C GLU L 97 11.78 -28.76 16.15
N LEU L 98 12.54 -28.08 17.01
CA LEU L 98 12.38 -28.23 18.45
C LEU L 98 10.96 -27.91 18.92
N ALA L 99 10.47 -26.72 18.58
CA ALA L 99 9.10 -26.31 18.97
C ALA L 99 8.06 -27.37 18.62
N VAL L 100 8.17 -27.90 17.40
CA VAL L 100 7.28 -28.95 16.95
C VAL L 100 7.43 -30.22 17.80
N LEU L 101 8.67 -30.70 17.94
CA LEU L 101 8.96 -31.90 18.72
C LEU L 101 8.35 -31.85 20.11
N LEU L 102 8.60 -30.76 20.82
CA LEU L 102 7.97 -30.52 22.12
C LEU L 102 6.46 -30.62 22.04
N SER L 103 5.88 -29.88 21.10
CA SER L 103 4.44 -29.85 20.92
C SER L 103 3.83 -31.25 20.75
N ASN L 104 4.43 -32.07 19.88
CA ASN L 104 3.99 -33.43 19.63
C ASN L 104 4.10 -34.29 20.86
N GLU L 105 5.20 -34.11 21.59
CA GLU L 105 5.41 -34.79 22.86
C GLU L 105 4.22 -34.55 23.80
N GLY L 106 3.83 -33.28 23.92
CA GLY L 106 2.68 -32.94 24.73
C GLY L 106 1.41 -33.64 24.27
N ILE L 107 1.10 -33.48 22.98
CA ILE L 107 -0.08 -34.09 22.37
C ILE L 107 -0.21 -35.60 22.61
N ILE L 108 0.90 -36.33 22.50
CA ILE L 108 0.89 -37.79 22.69
C ILE L 108 0.88 -38.23 24.17
N ASN L 109 1.68 -37.55 24.99
CA ASN L 109 1.70 -37.90 26.40
C ASN L 109 0.36 -37.64 27.09
N SER L 110 -0.32 -36.59 26.66
CA SER L 110 -1.58 -36.22 27.29
C SER L 110 -2.69 -37.28 27.16
N GLU L 111 -2.48 -38.23 26.25
CA GLU L 111 -3.55 -39.17 25.90
C GLU L 111 -3.87 -40.18 27.00
N ASP L 112 -2.89 -40.52 27.82
CA ASP L 112 -3.17 -41.38 28.97
C ASP L 112 -4.02 -40.61 29.97
N GLU L 113 -3.65 -39.35 30.20
CA GLU L 113 -4.35 -38.49 31.14
C GLU L 113 -5.82 -38.27 30.75
N HIS L 114 -6.08 -38.16 29.44
CA HIS L 114 -7.47 -38.10 28.95
C HIS L 114 -8.27 -39.28 29.51
N LEU L 115 -7.73 -40.48 29.31
CA LEU L 115 -8.33 -41.72 29.80
C LEU L 115 -8.56 -41.64 31.30
N LEU L 116 -7.57 -41.07 32.00
CA LEU L 116 -7.62 -40.94 33.45
C LEU L 116 -8.75 -40.01 33.92
N ALA L 117 -9.14 -39.05 33.07
CA ALA L 117 -10.27 -38.18 33.34
C ALA L 117 -11.60 -38.86 33.03
N LEU L 118 -11.62 -39.58 31.91
CA LEU L 118 -12.78 -40.38 31.51
C LEU L 118 -13.17 -41.33 32.63
N GLU L 119 -12.16 -41.89 33.29
CA GLU L 119 -12.35 -42.72 34.48
C GLU L 119 -13.20 -42.00 35.54
N ARG L 120 -12.83 -40.76 35.84
CA ARG L 120 -13.52 -39.97 36.86
C ARG L 120 -14.95 -39.60 36.45
N LYS L 121 -15.16 -39.38 35.15
CA LYS L 121 -16.53 -39.08 34.67
C LYS L 121 -17.44 -40.30 34.75
N LEU L 122 -16.87 -41.48 34.50
CA LEU L 122 -17.61 -42.74 34.61
C LEU L 122 -17.97 -43.04 36.06
N LYS L 123 -16.99 -42.87 36.94
CA LYS L 123 -17.21 -43.08 38.38
C LYS L 123 -18.34 -42.20 38.89
N LYS L 124 -18.48 -41.02 38.30
CA LYS L 124 -19.51 -40.04 38.68
C LYS L 124 -20.90 -40.65 38.63
N MET L 125 -21.28 -41.24 37.50
CA MET L 125 -22.60 -41.84 37.47
C MET L 125 -22.45 -43.34 37.64
N LEU L 126 -22.51 -43.75 38.89
CA LEU L 126 -22.69 -45.13 39.29
C LEU L 126 -23.49 -45.18 40.60
N GLY L 127 -22.85 -44.63 41.62
CA GLY L 127 -23.19 -44.88 43.01
C GLY L 127 -22.08 -45.80 43.48
N PRO L 128 -22.05 -46.14 44.78
CA PRO L 128 -21.07 -47.16 45.14
C PRO L 128 -21.61 -48.55 44.82
N SER L 129 -22.11 -48.71 43.59
CA SER L 129 -22.65 -49.97 43.11
C SER L 129 -21.54 -50.71 42.40
N ALA L 130 -20.42 -50.02 42.19
CA ALA L 130 -19.27 -50.61 41.56
C ALA L 130 -18.01 -50.27 42.36
N VAL L 131 -17.02 -51.13 42.28
CA VAL L 131 -15.77 -50.93 42.99
C VAL L 131 -14.71 -50.41 42.03
N GLU L 132 -13.83 -49.54 42.53
CA GLU L 132 -12.73 -49.06 41.71
C GLU L 132 -11.70 -50.18 41.62
N ILE L 133 -11.45 -50.64 40.41
CA ILE L 133 -10.47 -51.70 40.18
C ILE L 133 -9.04 -51.13 40.13
N GLY L 134 -8.93 -49.89 39.65
CA GLY L 134 -7.63 -49.26 39.49
C GLY L 134 -7.08 -49.54 38.10
N ASN L 135 -7.71 -50.49 37.42
CA ASN L 135 -7.35 -50.87 36.06
C ASN L 135 -7.96 -49.88 35.09
N GLY L 136 -8.68 -48.91 35.63
CA GLY L 136 -9.46 -47.99 34.83
C GLY L 136 -10.83 -48.60 34.62
N CYS L 137 -11.11 -49.63 35.43
CA CYS L 137 -12.33 -50.40 35.27
C CYS L 137 -13.16 -50.42 36.55
N PHE L 138 -14.42 -50.78 36.41
CA PHE L 138 -15.32 -50.95 37.55
C PHE L 138 -16.09 -52.24 37.35
N GLU L 139 -16.62 -52.79 38.43
CA GLU L 139 -17.51 -53.94 38.33
C GLU L 139 -18.92 -53.57 38.76
N THR L 140 -19.82 -53.49 37.79
CA THR L 140 -21.21 -53.12 38.08
C THR L 140 -22.04 -54.36 38.42
N LYS L 141 -22.98 -54.19 39.33
CA LYS L 141 -23.81 -55.29 39.82
C LYS L 141 -24.84 -55.75 38.80
N HIS L 142 -25.14 -54.90 37.83
CA HIS L 142 -26.07 -55.23 36.74
C HIS L 142 -25.31 -55.48 35.44
N LYS L 143 -26.05 -55.75 34.37
CA LYS L 143 -25.45 -55.95 33.06
C LYS L 143 -25.71 -54.74 32.16
N CYS L 144 -24.76 -54.43 31.29
CA CYS L 144 -24.90 -53.25 30.43
C CYS L 144 -24.70 -53.57 28.95
N ASN L 145 -25.82 -53.39 28.21
CA ASN L 145 -25.77 -53.58 26.76
C ASN L 145 -25.50 -52.26 26.04
N GLN L 146 -25.47 -52.34 24.68
CA GLN L 146 -25.08 -51.20 23.86
C GLN L 146 -25.92 -49.95 24.13
N THR L 147 -27.25 -50.10 24.15
CA THR L 147 -28.17 -48.99 24.38
C THR L 147 -27.95 -48.38 25.77
N CYS L 148 -27.58 -49.24 26.72
CA CYS L 148 -27.26 -48.82 28.07
C CYS L 148 -25.97 -48.00 28.11
N LEU L 149 -25.03 -48.35 27.24
CA LEU L 149 -23.71 -47.71 27.20
C LEU L 149 -23.73 -46.35 26.49
N ASP L 150 -24.52 -46.26 25.42
CA ASP L 150 -24.68 -44.99 24.70
C ASP L 150 -25.23 -43.89 25.62
N ARG L 151 -26.03 -44.30 26.61
CA ARG L 151 -26.59 -43.37 27.59
C ARG L 151 -25.56 -42.87 28.60
N ILE L 152 -24.52 -43.67 28.85
CA ILE L 152 -23.42 -43.23 29.70
C ILE L 152 -22.48 -42.34 28.91
N ALA L 153 -22.31 -42.66 27.63
CA ALA L 153 -21.50 -41.85 26.72
C ALA L 153 -22.13 -40.45 26.55
N ALA L 154 -23.45 -40.42 26.49
CA ALA L 154 -24.19 -39.16 26.37
C ALA L 154 -24.26 -38.43 27.72
N GLY L 155 -23.90 -39.13 28.79
CA GLY L 155 -23.92 -38.56 30.13
C GLY L 155 -25.29 -38.55 30.75
N THR L 156 -26.25 -39.22 30.09
CA THR L 156 -27.63 -39.24 30.55
C THR L 156 -27.92 -40.41 31.49
N PHE L 157 -26.88 -41.17 31.82
CA PHE L 157 -27.06 -42.35 32.66
C PHE L 157 -27.20 -42.00 34.13
N ASP L 158 -28.35 -42.32 34.69
CA ASP L 158 -28.56 -42.30 36.12
C ASP L 158 -29.39 -43.53 36.43
N ALA L 159 -28.89 -44.42 37.28
CA ALA L 159 -29.63 -45.66 37.48
C ALA L 159 -30.43 -45.67 38.78
N GLY L 160 -31.73 -45.43 38.63
CA GLY L 160 -32.74 -45.91 39.54
C GLY L 160 -33.48 -46.98 38.77
N GLU L 161 -33.18 -47.02 37.47
CA GLU L 161 -33.79 -47.98 36.54
C GLU L 161 -33.31 -49.39 36.89
N PHE L 162 -31.99 -49.57 36.91
CA PHE L 162 -31.38 -50.63 37.69
C PHE L 162 -31.29 -49.95 39.04
N SER L 163 -32.02 -50.46 40.06
CA SER L 163 -32.18 -49.67 41.27
C SER L 163 -31.04 -49.96 42.22
N LEU L 164 -30.14 -48.97 42.31
CA LEU L 164 -28.93 -49.03 43.11
C LEU L 164 -28.68 -47.60 43.58
N PRO L 165 -27.92 -47.43 44.68
CA PRO L 165 -27.73 -46.10 45.27
C PRO L 165 -27.32 -45.04 44.25
N THR L 166 -27.97 -43.89 44.31
CA THR L 166 -27.71 -42.80 43.36
C THR L 166 -26.84 -41.72 43.98
N PHE L 167 -25.91 -41.19 43.19
CA PHE L 167 -25.18 -39.99 43.58
C PHE L 167 -26.03 -38.79 43.15
N ASP L 168 -26.46 -38.02 44.13
CA ASP L 168 -27.45 -36.98 43.90
C ASP L 168 -26.86 -35.77 43.16
N SER L 169 -27.70 -35.06 42.43
CA SER L 169 -27.25 -33.93 41.62
C SER L 169 -27.97 -32.64 42.01
#